data_2IPA
#
_entry.id   2IPA
#
loop_
_entity.id
_entity.type
_entity.pdbx_description
1 polymer Thioredoxin
2 polymer 'Protein arsC'
#
loop_
_entity_poly.entity_id
_entity_poly.type
_entity_poly.pdbx_seq_one_letter_code
_entity_poly.pdbx_strand_id
1 'polypeptide(L)'
;MAIVKATDQSFSAETSEGVVLADFWAPWCGPSKMIAPVLEELDQEMGDKLKIVKIDVDENQETAGKYGVMSIPTLLVLKD
GEVVETSVGFKPKEALQELVNKHL
;
A
2 'polypeptide(L)'
;MENKIIYFLSTGNSARSQMAEGWAKQYLGDEWKVYSAGIEAHGLNPNAVKAMKEVGIDISNQTSDIIDSDILNNADLVVT
LSGDAADKCPMTPPHVKREHWGFDDPARAQGTEEEKWAFFQRVRDEIGNRLKEFAETGK
;
B
#
# COMPACT_ATOMS: atom_id res chain seq x y z
N MET A 1 0.37 19.68 -22.42
CA MET A 1 1.50 20.38 -23.07
C MET A 1 2.71 19.46 -23.19
N ALA A 2 3.19 18.90 -22.07
CA ALA A 2 4.16 17.82 -22.01
C ALA A 2 3.86 17.01 -20.75
N ILE A 3 4.53 15.85 -20.60
CA ILE A 3 4.61 15.16 -19.32
C ILE A 3 5.71 15.90 -18.57
N VAL A 4 5.31 16.84 -17.71
CA VAL A 4 6.18 17.55 -16.79
C VAL A 4 6.59 16.57 -15.67
N LYS A 5 7.61 16.91 -14.89
CA LYS A 5 8.05 16.15 -13.73
C LYS A 5 8.08 17.10 -12.53
N ALA A 6 7.72 16.60 -11.35
CA ALA A 6 7.64 17.37 -10.12
C ALA A 6 8.56 16.76 -9.06
N THR A 7 8.65 17.44 -7.92
CA THR A 7 9.43 17.08 -6.75
C THR A 7 8.80 17.83 -5.55
N ASP A 8 9.49 17.81 -4.41
CA ASP A 8 9.03 18.14 -3.06
C ASP A 8 8.15 19.38 -2.94
N GLN A 9 8.43 20.42 -3.72
CA GLN A 9 7.68 21.67 -3.74
C GLN A 9 7.29 22.08 -5.17
N SER A 10 8.02 21.63 -6.18
CA SER A 10 7.72 21.95 -7.58
C SER A 10 6.38 21.37 -8.04
N PHE A 11 5.81 20.38 -7.32
CA PHE A 11 4.43 19.96 -7.52
C PHE A 11 3.52 21.20 -7.51
N SER A 12 3.55 21.96 -6.42
CA SER A 12 2.67 23.11 -6.22
C SER A 12 2.94 24.18 -7.28
N ALA A 13 4.22 24.44 -7.58
CA ALA A 13 4.60 25.44 -8.58
C ALA A 13 4.05 25.09 -9.97
N GLU A 14 3.73 23.81 -10.24
CA GLU A 14 3.21 23.36 -11.52
C GLU A 14 1.68 23.19 -11.49
N THR A 15 1.03 23.12 -10.32
CA THR A 15 -0.39 22.79 -10.21
C THR A 15 -1.27 23.98 -9.77
N SER A 16 -0.68 25.08 -9.29
CA SER A 16 -1.42 26.25 -8.80
C SER A 16 -2.26 26.97 -9.87
N GLU A 17 -2.12 26.67 -11.16
CA GLU A 17 -2.83 27.34 -12.26
C GLU A 17 -3.24 26.29 -13.29
N GLY A 18 -4.28 26.59 -14.07
CA GLY A 18 -4.81 25.70 -15.09
C GLY A 18 -5.51 24.49 -14.47
N VAL A 19 -5.62 23.41 -15.27
CA VAL A 19 -6.11 22.11 -14.84
C VAL A 19 -4.97 21.14 -15.15
N VAL A 20 -4.65 20.28 -14.18
CA VAL A 20 -3.37 19.59 -14.14
C VAL A 20 -3.61 18.19 -13.60
N LEU A 21 -3.01 17.18 -14.23
CA LEU A 21 -3.16 15.78 -13.88
C LEU A 21 -1.82 15.31 -13.32
N ALA A 22 -1.69 15.25 -11.99
CA ALA A 22 -0.50 14.71 -11.35
C ALA A 22 -0.64 13.19 -11.28
N ASP A 23 0.43 12.47 -11.55
CA ASP A 23 0.50 11.01 -11.60
C ASP A 23 1.72 10.55 -10.81
N PHE A 24 1.68 9.32 -10.27
CA PHE A 24 2.65 8.78 -9.35
C PHE A 24 2.99 7.37 -9.84
N TRP A 25 4.27 7.12 -10.17
CA TRP A 25 4.75 5.90 -10.80
C TRP A 25 6.13 5.57 -10.21
N ALA A 26 6.53 4.30 -10.21
CA ALA A 26 7.89 3.88 -9.86
C ALA A 26 8.08 2.42 -10.28
N PRO A 27 9.32 1.90 -10.33
CA PRO A 27 9.61 0.51 -10.71
C PRO A 27 8.82 -0.58 -9.96
N TRP A 28 8.25 -0.28 -8.79
CA TRP A 28 7.59 -1.24 -7.90
C TRP A 28 6.48 -2.06 -8.58
N CYS A 29 5.83 -1.55 -9.65
CA CYS A 29 4.58 -2.12 -10.17
C CYS A 29 4.59 -2.14 -11.69
N GLY A 30 3.73 -2.99 -12.28
CA GLY A 30 3.53 -3.09 -13.72
C GLY A 30 2.79 -1.87 -14.28
N PRO A 31 1.65 -1.42 -13.70
CA PRO A 31 0.95 -0.21 -14.10
C PRO A 31 1.82 1.03 -14.28
N SER A 32 2.93 1.16 -13.55
CA SER A 32 3.89 2.24 -13.74
C SER A 32 4.38 2.38 -15.18
N LYS A 33 4.38 1.30 -15.97
CA LYS A 33 4.83 1.26 -17.36
C LYS A 33 3.63 1.12 -18.32
N MET A 34 2.40 1.25 -17.85
CA MET A 34 1.19 1.22 -18.66
C MET A 34 0.46 2.56 -18.55
N ILE A 35 0.36 3.12 -17.35
CA ILE A 35 -0.16 4.48 -17.14
C ILE A 35 0.76 5.49 -17.85
N ALA A 36 2.08 5.24 -17.89
CA ALA A 36 3.05 6.13 -18.53
C ALA A 36 2.75 6.33 -20.03
N PRO A 37 2.70 5.29 -20.89
CA PRO A 37 2.35 5.49 -22.29
C PRO A 37 0.92 6.00 -22.44
N VAL A 38 -0.02 5.60 -21.59
CA VAL A 38 -1.38 6.14 -21.59
C VAL A 38 -1.37 7.66 -21.38
N LEU A 39 -0.52 8.20 -20.51
CA LEU A 39 -0.42 9.63 -20.26
C LEU A 39 0.21 10.34 -21.46
N GLU A 40 1.20 9.74 -22.12
CA GLU A 40 1.78 10.32 -23.33
C GLU A 40 0.75 10.30 -24.48
N GLU A 41 -0.08 9.26 -24.56
CA GLU A 41 -1.19 9.17 -25.50
C GLU A 41 -2.29 10.17 -25.15
N LEU A 42 -2.41 10.59 -23.90
CA LEU A 42 -3.36 11.60 -23.45
C LEU A 42 -2.87 12.99 -23.84
N ASP A 43 -1.59 13.29 -23.59
CA ASP A 43 -1.01 14.59 -23.89
C ASP A 43 -1.06 14.89 -25.39
N GLN A 44 -0.75 13.91 -26.24
CA GLN A 44 -0.76 14.14 -27.69
C GLN A 44 -2.18 14.27 -28.27
N GLU A 45 -3.23 13.97 -27.48
CA GLU A 45 -4.62 14.17 -27.90
C GLU A 45 -5.17 15.50 -27.38
N MET A 46 -5.00 15.79 -26.08
CA MET A 46 -5.70 16.89 -25.41
C MET A 46 -4.80 17.69 -24.47
N GLY A 47 -3.48 17.52 -24.58
CA GLY A 47 -2.49 18.35 -23.92
C GLY A 47 -2.58 19.82 -24.34
N ASP A 48 -3.29 20.14 -25.43
CA ASP A 48 -3.65 21.50 -25.82
C ASP A 48 -4.44 22.23 -24.72
N LYS A 49 -5.14 21.50 -23.84
CA LYS A 49 -5.93 22.08 -22.74
C LYS A 49 -5.41 21.65 -21.37
N LEU A 50 -4.50 20.68 -21.28
CA LEU A 50 -4.20 19.94 -20.05
C LEU A 50 -2.69 19.89 -19.84
N LYS A 51 -2.24 20.12 -18.61
CA LYS A 51 -0.87 19.79 -18.19
C LYS A 51 -0.91 18.43 -17.51
N ILE A 52 0.14 17.63 -17.69
CA ILE A 52 0.33 16.37 -17.00
C ILE A 52 1.65 16.52 -16.26
N VAL A 53 1.74 15.98 -15.05
CA VAL A 53 2.93 16.06 -14.21
C VAL A 53 3.12 14.68 -13.57
N LYS A 54 4.36 14.26 -13.33
CA LYS A 54 4.64 12.96 -12.71
C LYS A 54 5.56 13.14 -11.50
N ILE A 55 5.38 12.27 -10.51
CA ILE A 55 6.28 12.06 -9.39
C ILE A 55 6.78 10.63 -9.56
N ASP A 56 8.10 10.47 -9.67
CA ASP A 56 8.76 9.18 -9.51
C ASP A 56 8.76 8.85 -8.02
N VAL A 57 8.00 7.85 -7.58
CA VAL A 57 7.89 7.49 -6.16
C VAL A 57 8.98 6.50 -5.72
N ASP A 58 10.22 6.82 -6.07
CA ASP A 58 11.42 6.39 -5.36
C ASP A 58 12.43 7.54 -5.32
N GLU A 59 12.57 8.28 -6.42
CA GLU A 59 13.48 9.43 -6.52
C GLU A 59 12.90 10.66 -5.81
N ASN A 60 11.59 10.91 -5.93
CA ASN A 60 10.93 12.16 -5.53
C ASN A 60 9.69 11.87 -4.68
N GLN A 61 9.64 10.71 -4.01
CA GLN A 61 8.46 10.24 -3.27
C GLN A 61 8.09 11.12 -2.07
N GLU A 62 8.89 12.14 -1.73
CA GLU A 62 8.64 13.02 -0.59
C GLU A 62 7.28 13.70 -0.73
N THR A 63 6.92 14.20 -1.92
CA THR A 63 5.62 14.84 -2.16
C THR A 63 4.49 13.84 -1.90
N ALA A 64 4.67 12.59 -2.34
CA ALA A 64 3.68 11.55 -2.20
C ALA A 64 3.46 11.24 -0.73
N GLY A 65 4.53 10.95 0.01
CA GLY A 65 4.48 10.64 1.44
C GLY A 65 3.87 11.79 2.24
N LYS A 66 4.22 13.04 1.90
CA LYS A 66 3.68 14.24 2.51
C LYS A 66 2.17 14.31 2.35
N TYR A 67 1.65 14.09 1.13
CA TYR A 67 0.21 14.13 0.87
C TYR A 67 -0.50 12.89 1.46
N GLY A 68 0.23 11.80 1.68
CA GLY A 68 -0.32 10.53 2.16
C GLY A 68 -0.62 9.58 1.01
N VAL A 69 -0.04 9.78 -0.17
CA VAL A 69 0.01 8.76 -1.22
C VAL A 69 1.09 7.74 -0.78
N MET A 70 0.87 6.45 -1.03
CA MET A 70 1.84 5.40 -0.69
C MET A 70 1.72 4.19 -1.64
N SER A 71 1.15 4.38 -2.83
CA SER A 71 0.48 3.31 -3.58
C SER A 71 0.57 3.57 -5.09
N ILE A 72 0.46 2.52 -5.91
CA ILE A 72 0.78 2.57 -7.34
C ILE A 72 -0.37 1.98 -8.17
N PRO A 73 -0.74 2.58 -9.32
CA PRO A 73 -0.49 3.99 -9.63
C PRO A 73 -1.38 4.85 -8.72
N THR A 74 -1.04 6.13 -8.59
CA THR A 74 -1.92 7.11 -7.95
C THR A 74 -1.98 8.33 -8.86
N LEU A 75 -3.11 9.04 -8.82
CA LEU A 75 -3.49 10.09 -9.71
C LEU A 75 -4.22 11.12 -8.85
N LEU A 76 -3.80 12.37 -8.92
CA LEU A 76 -4.41 13.48 -8.21
C LEU A 76 -4.75 14.48 -9.31
N VAL A 77 -6.04 14.73 -9.51
CA VAL A 77 -6.50 15.69 -10.51
C VAL A 77 -6.63 17.01 -9.77
N LEU A 78 -6.00 18.07 -10.26
CA LEU A 78 -6.02 19.39 -9.64
C LEU A 78 -6.53 20.41 -10.64
N LYS A 79 -7.08 21.51 -10.12
CA LYS A 79 -7.26 22.74 -10.87
C LYS A 79 -7.05 23.90 -9.92
N ASP A 80 -6.45 24.98 -10.44
CA ASP A 80 -6.22 26.24 -9.74
C ASP A 80 -5.69 26.07 -8.30
N GLY A 81 -4.85 25.05 -8.07
CA GLY A 81 -4.17 24.83 -6.80
C GLY A 81 -4.93 23.99 -5.78
N GLU A 82 -5.97 23.24 -6.14
CA GLU A 82 -6.62 22.28 -5.25
C GLU A 82 -6.96 20.99 -5.99
N VAL A 83 -6.96 19.86 -5.27
CA VAL A 83 -7.41 18.57 -5.79
C VAL A 83 -8.93 18.63 -5.96
N VAL A 84 -9.44 17.98 -7.01
CA VAL A 84 -10.87 17.89 -7.33
C VAL A 84 -11.30 16.45 -7.66
N GLU A 85 -10.36 15.55 -8.00
CA GLU A 85 -10.60 14.13 -8.15
C GLU A 85 -9.34 13.38 -7.72
N THR A 86 -9.50 12.13 -7.34
CA THR A 86 -8.45 11.31 -6.76
C THR A 86 -8.64 9.89 -7.30
N SER A 87 -7.55 9.18 -7.57
CA SER A 87 -7.56 7.81 -8.05
C SER A 87 -6.31 7.11 -7.56
N VAL A 88 -6.46 5.85 -7.15
CA VAL A 88 -5.44 5.06 -6.48
C VAL A 88 -5.50 3.66 -7.15
N GLY A 89 -5.58 3.63 -8.47
CA GLY A 89 -5.64 2.42 -9.27
C GLY A 89 -5.57 2.75 -10.76
N PHE A 90 -5.13 1.77 -11.57
CA PHE A 90 -4.91 1.89 -13.01
C PHE A 90 -6.22 2.22 -13.75
N LYS A 91 -6.13 2.98 -14.84
CA LYS A 91 -7.22 3.29 -15.77
C LYS A 91 -6.67 3.19 -17.20
N PRO A 92 -7.45 2.68 -18.17
CA PRO A 92 -7.10 2.80 -19.58
C PRO A 92 -7.22 4.25 -20.06
N LYS A 93 -6.69 4.54 -21.25
CA LYS A 93 -6.67 5.88 -21.84
C LYS A 93 -8.03 6.56 -21.84
N GLU A 94 -9.07 5.89 -22.34
CA GLU A 94 -10.38 6.54 -22.48
C GLU A 94 -10.95 6.90 -21.11
N ALA A 95 -10.78 6.01 -20.11
CA ALA A 95 -11.26 6.27 -18.77
C ALA A 95 -10.45 7.37 -18.10
N LEU A 96 -9.13 7.43 -18.32
CA LEU A 96 -8.31 8.47 -17.73
C LEU A 96 -8.62 9.83 -18.36
N GLN A 97 -8.86 9.89 -19.67
CA GLN A 97 -9.22 11.14 -20.31
C GLN A 97 -10.57 11.61 -19.78
N GLU A 98 -11.53 10.70 -19.56
CA GLU A 98 -12.82 11.03 -18.98
C GLU A 98 -12.64 11.58 -17.56
N LEU A 99 -11.79 10.94 -16.74
CA LEU A 99 -11.56 11.32 -15.34
C LEU A 99 -11.17 12.79 -15.21
N VAL A 100 -10.29 13.29 -16.09
CA VAL A 100 -9.88 14.69 -16.07
C VAL A 100 -10.90 15.57 -16.83
N ASN A 101 -11.49 15.07 -17.92
CA ASN A 101 -12.49 15.83 -18.71
C ASN A 101 -13.70 16.24 -17.87
N LYS A 102 -14.03 15.49 -16.81
CA LYS A 102 -15.05 15.85 -15.83
C LYS A 102 -14.84 17.24 -15.19
N HIS A 103 -13.59 17.73 -15.10
CA HIS A 103 -13.25 18.94 -14.34
C HIS A 103 -12.44 19.95 -15.16
N LEU A 104 -11.79 19.50 -16.23
CA LEU A 104 -11.20 20.32 -17.27
C LEU A 104 -12.28 21.18 -17.93
N MET B 1 9.98 3.58 25.60
CA MET B 1 8.83 4.36 25.08
C MET B 1 7.55 3.53 25.18
N GLU B 2 6.56 4.01 25.94
CA GLU B 2 5.23 3.40 25.98
C GLU B 2 4.51 3.75 24.67
N ASN B 3 4.63 2.86 23.68
CA ASN B 3 3.93 2.74 22.39
C ASN B 3 4.97 2.99 21.29
N LYS B 4 5.05 2.05 20.35
CA LYS B 4 5.90 2.07 19.16
C LYS B 4 5.06 1.44 18.07
N ILE B 5 4.67 2.22 17.07
CA ILE B 5 3.73 1.79 16.06
C ILE B 5 4.51 0.99 15.01
N ILE B 6 3.98 -0.17 14.62
CA ILE B 6 4.53 -1.07 13.61
C ILE B 6 3.37 -1.57 12.76
N TYR B 7 3.62 -1.80 11.47
CA TYR B 7 2.58 -2.00 10.47
C TYR B 7 2.83 -3.29 9.69
N PHE B 8 1.77 -4.00 9.32
CA PHE B 8 1.79 -5.06 8.33
C PHE B 8 1.11 -4.52 7.07
N LEU B 9 1.66 -4.86 5.90
CA LEU B 9 1.12 -4.48 4.61
C LEU B 9 1.05 -5.76 3.77
N SER B 10 -0.16 -6.20 3.43
CA SER B 10 -0.36 -7.53 2.88
C SER B 10 -1.65 -7.62 2.07
N THR B 11 -1.63 -8.34 0.94
CA THR B 11 -2.74 -8.45 0.00
C THR B 11 -4.03 -8.84 0.73
N GLY B 12 -5.06 -8.01 0.60
CA GLY B 12 -6.39 -8.20 1.16
C GLY B 12 -6.46 -8.04 2.69
N ASN B 13 -5.32 -8.05 3.39
CA ASN B 13 -5.19 -8.17 4.85
C ASN B 13 -6.07 -9.27 5.44
N SER B 14 -6.44 -10.27 4.64
CA SER B 14 -7.50 -11.21 4.99
C SER B 14 -7.02 -12.18 6.05
N ALA B 15 -5.74 -12.57 6.01
CA ALA B 15 -5.26 -13.76 6.70
C ALA B 15 -3.94 -13.51 7.42
N ARG B 16 -2.84 -13.33 6.68
CA ARG B 16 -1.50 -13.27 7.28
C ARG B 16 -1.40 -12.16 8.31
N SER B 17 -1.90 -10.97 8.02
CA SER B 17 -1.77 -9.87 8.96
C SER B 17 -2.60 -10.13 10.21
N GLN B 18 -3.80 -10.73 10.05
CA GLN B 18 -4.67 -11.07 11.18
C GLN B 18 -3.96 -12.06 12.10
N MET B 19 -3.30 -13.06 11.51
CA MET B 19 -2.47 -14.03 12.20
C MET B 19 -1.29 -13.33 12.88
N ALA B 20 -0.59 -12.46 12.15
CA ALA B 20 0.64 -11.84 12.59
C ALA B 20 0.42 -10.86 13.73
N GLU B 21 -0.68 -10.09 13.74
CA GLU B 21 -0.97 -9.20 14.86
C GLU B 21 -1.35 -10.00 16.11
N GLY B 22 -1.94 -11.19 15.93
CA GLY B 22 -2.19 -12.12 17.02
C GLY B 22 -0.87 -12.62 17.62
N TRP B 23 0.05 -13.09 16.76
CA TRP B 23 1.38 -13.51 17.17
C TRP B 23 2.15 -12.36 17.82
N ALA B 24 2.07 -11.17 17.24
CA ALA B 24 2.78 -9.99 17.72
C ALA B 24 2.43 -9.75 19.18
N LYS B 25 1.15 -9.61 19.51
CA LYS B 25 0.78 -9.13 20.84
C LYS B 25 1.06 -10.13 21.97
N GLN B 26 1.40 -11.39 21.71
CA GLN B 26 1.86 -12.29 22.77
C GLN B 26 3.34 -12.07 23.16
N TYR B 27 4.10 -11.27 22.40
CA TYR B 27 5.51 -10.95 22.67
C TYR B 27 5.81 -9.45 22.64
N LEU B 28 5.01 -8.66 21.91
CA LEU B 28 5.08 -7.21 21.79
C LEU B 28 3.92 -6.67 22.63
N GLY B 29 4.19 -6.34 23.89
CA GLY B 29 3.19 -5.86 24.84
C GLY B 29 2.71 -4.44 24.51
N ASP B 30 2.03 -3.80 25.47
CA ASP B 30 1.49 -2.44 25.36
C ASP B 30 2.56 -1.37 25.03
N GLU B 31 3.83 -1.72 25.23
CA GLU B 31 5.00 -0.98 24.76
C GLU B 31 4.97 -0.75 23.23
N TRP B 32 4.17 -1.52 22.49
CA TRP B 32 4.05 -1.48 21.04
C TRP B 32 2.58 -1.32 20.64
N LYS B 33 2.35 -0.90 19.41
CA LYS B 33 1.03 -0.77 18.78
C LYS B 33 1.19 -1.38 17.40
N VAL B 34 0.25 -2.23 17.00
CA VAL B 34 0.41 -3.13 15.87
C VAL B 34 -0.83 -2.94 15.01
N TYR B 35 -0.63 -2.65 13.72
CA TYR B 35 -1.67 -2.30 12.76
C TYR B 35 -1.41 -3.05 11.45
N SER B 36 -2.44 -3.13 10.60
CA SER B 36 -2.47 -4.02 9.46
C SER B 36 -3.34 -3.40 8.36
N ALA B 37 -2.91 -3.43 7.10
CA ALA B 37 -3.73 -3.00 5.96
C ALA B 37 -3.32 -3.69 4.65
N GLY B 38 -4.03 -3.40 3.57
CA GLY B 38 -3.76 -3.89 2.23
C GLY B 38 -4.70 -3.25 1.21
N ILE B 39 -4.48 -3.57 -0.08
CA ILE B 39 -5.12 -2.96 -1.26
C ILE B 39 -6.60 -2.58 -1.08
N GLU B 40 -7.44 -3.55 -0.69
CA GLU B 40 -8.89 -3.39 -0.52
C GLU B 40 -9.30 -4.04 0.82
N ALA B 41 -8.37 -4.00 1.78
CA ALA B 41 -8.47 -4.68 3.05
C ALA B 41 -9.69 -4.23 3.86
N HIS B 42 -10.25 -5.19 4.60
CA HIS B 42 -11.46 -5.19 5.42
C HIS B 42 -12.03 -6.61 5.34
N GLY B 43 -11.52 -7.50 6.19
CA GLY B 43 -11.91 -8.90 6.25
C GLY B 43 -11.05 -9.68 7.25
N LEU B 44 -11.59 -10.80 7.72
CA LEU B 44 -10.98 -11.69 8.70
C LEU B 44 -11.29 -13.11 8.23
N ASN B 45 -10.35 -13.69 7.48
CA ASN B 45 -10.46 -15.04 6.93
C ASN B 45 -10.46 -16.03 8.08
N PRO B 46 -11.43 -16.96 8.19
CA PRO B 46 -11.46 -17.94 9.27
C PRO B 46 -10.22 -18.84 9.30
N ASN B 47 -9.47 -18.97 8.19
CA ASN B 47 -8.22 -19.70 8.18
C ASN B 47 -7.20 -19.10 9.16
N ALA B 48 -7.15 -17.76 9.29
CA ALA B 48 -6.22 -17.12 10.21
C ALA B 48 -6.71 -17.31 11.64
N VAL B 49 -8.03 -17.29 11.86
CA VAL B 49 -8.60 -17.58 13.16
C VAL B 49 -8.15 -18.99 13.57
N LYS B 50 -8.34 -20.00 12.71
CA LYS B 50 -7.88 -21.36 12.96
C LYS B 50 -6.37 -21.38 13.23
N ALA B 51 -5.58 -20.67 12.42
CA ALA B 51 -4.13 -20.63 12.58
C ALA B 51 -3.74 -20.14 13.98
N MET B 52 -4.43 -19.13 14.53
CA MET B 52 -4.16 -18.66 15.88
C MET B 52 -4.70 -19.61 16.93
N LYS B 53 -5.83 -20.29 16.67
CA LYS B 53 -6.33 -21.34 17.57
C LYS B 53 -5.36 -22.51 17.67
N GLU B 54 -4.53 -22.79 16.64
CA GLU B 54 -3.47 -23.80 16.73
C GLU B 54 -2.50 -23.52 17.88
N VAL B 55 -2.37 -22.25 18.30
CA VAL B 55 -1.44 -21.81 19.34
C VAL B 55 -2.17 -21.13 20.50
N GLY B 56 -3.49 -21.33 20.59
CA GLY B 56 -4.29 -20.88 21.74
C GLY B 56 -4.40 -19.37 21.84
N ILE B 57 -4.46 -18.66 20.71
CA ILE B 57 -4.67 -17.21 20.67
C ILE B 57 -5.98 -17.00 19.93
N ASP B 58 -6.82 -16.10 20.44
CA ASP B 58 -8.10 -15.74 19.84
C ASP B 58 -7.92 -14.45 19.05
N ILE B 59 -8.45 -14.40 17.83
CA ILE B 59 -8.44 -13.20 16.98
C ILE B 59 -9.82 -12.95 16.34
N SER B 60 -10.87 -13.66 16.76
CA SER B 60 -12.20 -13.59 16.15
C SER B 60 -12.82 -12.18 16.21
N ASN B 61 -12.36 -11.34 17.15
CA ASN B 61 -12.79 -9.96 17.32
C ASN B 61 -12.16 -8.99 16.30
N GLN B 62 -11.06 -9.38 15.64
CA GLN B 62 -10.24 -8.45 14.86
C GLN B 62 -10.97 -7.92 13.61
N THR B 63 -10.38 -6.88 13.03
CA THR B 63 -10.89 -6.11 11.89
C THR B 63 -9.72 -5.80 10.95
N SER B 64 -9.95 -5.06 9.88
CA SER B 64 -8.91 -4.46 9.06
C SER B 64 -9.53 -3.31 8.26
N ASP B 65 -8.70 -2.52 7.59
CA ASP B 65 -9.11 -1.37 6.79
C ASP B 65 -8.09 -1.22 5.65
N ILE B 66 -8.41 -0.44 4.62
CA ILE B 66 -7.47 -0.14 3.54
C ILE B 66 -6.25 0.60 4.08
N ILE B 67 -5.20 0.63 3.27
CA ILE B 67 -3.94 1.30 3.57
C ILE B 67 -4.23 2.74 4.07
N ASP B 68 -3.66 3.12 5.22
CA ASP B 68 -3.99 4.40 5.86
C ASP B 68 -2.72 5.06 6.37
N SER B 69 -2.25 5.99 5.56
CA SER B 69 -1.05 6.79 5.71
C SER B 69 -1.01 7.52 7.04
N ASP B 70 -2.15 7.86 7.65
CA ASP B 70 -2.20 8.56 8.93
C ASP B 70 -1.58 7.72 10.05
N ILE B 71 -1.56 6.39 9.88
CA ILE B 71 -0.97 5.47 10.86
C ILE B 71 0.27 4.83 10.24
N LEU B 72 0.28 4.44 8.96
CA LEU B 72 1.46 3.80 8.36
C LEU B 72 2.65 4.76 8.39
N ASN B 73 2.49 6.01 7.95
CA ASN B 73 3.61 6.97 7.96
C ASN B 73 4.04 7.32 9.40
N ASN B 74 3.18 7.08 10.40
CA ASN B 74 3.49 7.27 11.81
C ASN B 74 4.19 6.06 12.42
N ALA B 75 4.22 4.91 11.73
CA ALA B 75 4.93 3.72 12.18
C ALA B 75 6.44 3.96 12.15
N ASP B 76 7.18 3.06 12.81
CA ASP B 76 8.64 2.95 12.70
C ASP B 76 9.04 1.93 11.63
N LEU B 77 8.18 0.94 11.39
CA LEU B 77 8.53 -0.31 10.72
C LEU B 77 7.32 -0.77 9.92
N VAL B 78 7.50 -1.06 8.63
CA VAL B 78 6.51 -1.74 7.80
C VAL B 78 7.06 -3.13 7.47
N VAL B 79 6.33 -4.16 7.91
CA VAL B 79 6.50 -5.52 7.46
C VAL B 79 5.70 -5.64 6.16
N THR B 80 6.34 -5.80 5.01
CA THR B 80 5.66 -6.43 3.88
C THR B 80 5.46 -7.89 4.29
N LEU B 81 4.21 -8.37 4.27
CA LEU B 81 3.84 -9.67 4.81
C LEU B 81 3.27 -10.55 3.69
N SER B 82 3.74 -10.36 2.46
CA SER B 82 3.43 -11.19 1.30
C SER B 82 4.72 -11.35 0.47
N GLY B 83 4.70 -12.30 -0.48
CA GLY B 83 5.63 -12.37 -1.59
C GLY B 83 4.83 -12.23 -2.88
N ASP B 84 4.01 -11.17 -2.96
CA ASP B 84 2.95 -10.98 -3.95
C ASP B 84 2.86 -9.48 -4.32
N ALA B 85 2.28 -9.18 -5.48
CA ALA B 85 2.25 -7.83 -6.06
C ALA B 85 0.83 -7.29 -6.24
N ALA B 86 -0.22 -8.07 -5.96
CA ALA B 86 -1.60 -7.58 -6.07
C ALA B 86 -1.92 -6.54 -4.98
N ASP B 87 -1.05 -6.37 -3.98
CA ASP B 87 -1.24 -5.45 -2.85
C ASP B 87 -1.13 -3.96 -3.19
N LYS B 88 -1.31 -3.57 -4.47
CA LYS B 88 -1.16 -2.19 -4.97
C LYS B 88 0.30 -1.69 -4.90
N CYS B 89 1.26 -2.62 -4.94
CA CYS B 89 2.71 -2.39 -4.93
C CYS B 89 3.17 -1.21 -4.05
N PRO B 90 2.81 -1.14 -2.76
CA PRO B 90 3.02 0.06 -1.95
C PRO B 90 4.49 0.48 -1.92
N MET B 91 4.74 1.78 -1.78
CA MET B 91 6.08 2.37 -1.93
C MET B 91 6.65 2.95 -0.63
N THR B 92 5.90 2.79 0.48
CA THR B 92 6.33 3.00 1.87
C THR B 92 7.24 4.23 2.09
N PRO B 93 6.65 5.42 2.37
CA PRO B 93 7.41 6.67 2.38
C PRO B 93 8.57 6.64 3.39
N PRO B 94 9.66 7.41 3.15
CA PRO B 94 10.93 7.27 3.86
C PRO B 94 10.88 7.72 5.33
N HIS B 95 9.72 8.15 5.83
CA HIS B 95 9.47 8.33 7.25
C HIS B 95 9.59 6.99 8.02
N VAL B 96 9.57 5.84 7.33
CA VAL B 96 9.40 4.53 7.94
C VAL B 96 10.43 3.55 7.35
N LYS B 97 10.96 2.64 8.18
CA LYS B 97 11.82 1.55 7.71
C LYS B 97 10.92 0.46 7.11
N ARG B 98 11.41 -0.32 6.16
CA ARG B 98 10.64 -1.40 5.54
C ARG B 98 11.54 -2.62 5.41
N GLU B 99 10.97 -3.82 5.52
CA GLU B 99 11.58 -5.05 5.06
C GLU B 99 10.43 -6.01 4.70
N HIS B 100 10.68 -7.02 3.87
CA HIS B 100 9.74 -8.09 3.59
C HIS B 100 10.07 -9.29 4.46
N TRP B 101 9.05 -9.83 5.13
CA TRP B 101 9.16 -10.94 6.08
C TRP B 101 8.26 -12.09 5.64
N GLY B 102 7.14 -11.81 4.96
CA GLY B 102 6.34 -12.82 4.30
C GLY B 102 6.98 -13.21 2.96
N PHE B 103 6.59 -14.37 2.42
CA PHE B 103 7.16 -14.93 1.19
C PHE B 103 6.16 -15.79 0.42
N ASP B 104 4.96 -16.02 0.97
CA ASP B 104 3.90 -16.89 0.46
C ASP B 104 2.58 -16.42 1.07
N ASP B 105 1.43 -16.95 0.62
CA ASP B 105 0.11 -16.57 1.11
C ASP B 105 -0.77 -17.80 1.34
N PRO B 106 -1.15 -18.13 2.59
CA PRO B 106 -1.97 -19.29 2.89
C PRO B 106 -3.39 -19.16 2.34
N ALA B 107 -3.87 -17.95 2.03
CA ALA B 107 -5.14 -17.77 1.35
C ALA B 107 -5.11 -18.29 -0.11
N ARG B 108 -3.94 -18.68 -0.63
CA ARG B 108 -3.73 -19.15 -2.00
C ARG B 108 -3.31 -20.62 -2.03
N ALA B 109 -3.55 -21.35 -0.94
CA ALA B 109 -3.33 -22.79 -0.87
C ALA B 109 -4.03 -23.52 -2.02
N GLN B 110 -3.53 -24.70 -2.37
CA GLN B 110 -4.03 -25.51 -3.48
C GLN B 110 -5.52 -25.87 -3.32
N GLY B 111 -6.03 -25.97 -2.09
CA GLY B 111 -7.46 -26.00 -1.82
C GLY B 111 -7.97 -27.36 -1.33
N THR B 112 -7.14 -28.41 -1.36
CA THR B 112 -7.45 -29.64 -0.65
C THR B 112 -7.40 -29.34 0.85
N GLU B 113 -8.09 -30.13 1.68
CA GLU B 113 -8.12 -29.91 3.13
C GLU B 113 -6.70 -29.99 3.70
N GLU B 114 -5.89 -30.92 3.19
CA GLU B 114 -4.52 -31.13 3.63
C GLU B 114 -3.62 -29.97 3.20
N GLU B 115 -3.71 -29.50 1.95
CA GLU B 115 -2.86 -28.40 1.51
C GLU B 115 -3.27 -27.10 2.18
N LYS B 116 -4.57 -26.88 2.42
CA LYS B 116 -5.01 -25.72 3.18
C LYS B 116 -4.34 -25.71 4.55
N TRP B 117 -4.51 -26.75 5.36
CA TRP B 117 -3.91 -26.75 6.70
C TRP B 117 -2.39 -26.64 6.59
N ALA B 118 -1.73 -27.34 5.66
CA ALA B 118 -0.28 -27.27 5.50
C ALA B 118 0.20 -25.85 5.20
N PHE B 119 -0.48 -25.13 4.31
CA PHE B 119 -0.15 -23.75 3.98
C PHE B 119 -0.34 -22.87 5.21
N PHE B 120 -1.46 -22.99 5.93
CA PHE B 120 -1.67 -22.18 7.14
C PHE B 120 -0.52 -22.45 8.10
N GLN B 121 -0.25 -23.72 8.37
CA GLN B 121 0.65 -24.17 9.42
C GLN B 121 2.08 -23.73 9.15
N ARG B 122 2.56 -23.84 7.90
CA ARG B 122 3.92 -23.42 7.56
C ARG B 122 4.07 -21.91 7.76
N VAL B 123 3.11 -21.12 7.25
CA VAL B 123 3.17 -19.68 7.37
C VAL B 123 2.97 -19.28 8.84
N ARG B 124 2.14 -19.98 9.60
CA ARG B 124 1.89 -19.73 11.02
C ARG B 124 3.18 -19.92 11.82
N ASP B 125 3.91 -21.00 11.56
CA ASP B 125 5.19 -21.24 12.23
C ASP B 125 6.20 -20.15 11.87
N GLU B 126 6.26 -19.77 10.59
CA GLU B 126 7.18 -18.75 10.10
C GLU B 126 6.88 -17.40 10.76
N ILE B 127 5.63 -16.93 10.66
CA ILE B 127 5.20 -15.65 11.20
C ILE B 127 5.44 -15.63 12.71
N GLY B 128 5.12 -16.72 13.43
CA GLY B 128 5.32 -16.79 14.86
C GLY B 128 6.78 -16.63 15.23
N ASN B 129 7.66 -17.41 14.59
CA ASN B 129 9.09 -17.29 14.81
C ASN B 129 9.59 -15.88 14.47
N ARG B 130 9.16 -15.31 13.35
CA ARG B 130 9.58 -13.99 12.92
C ARG B 130 9.17 -12.90 13.91
N LEU B 131 7.92 -12.90 14.41
CA LEU B 131 7.50 -11.90 15.38
C LEU B 131 8.24 -12.10 16.71
N LYS B 132 8.49 -13.34 17.10
CA LYS B 132 9.29 -13.63 18.29
C LYS B 132 10.69 -13.06 18.14
N GLU B 133 11.34 -13.27 16.99
CA GLU B 133 12.65 -12.69 16.70
C GLU B 133 12.58 -11.16 16.76
N PHE B 134 11.55 -10.54 16.16
CA PHE B 134 11.42 -9.08 16.17
C PHE B 134 11.34 -8.54 17.59
N ALA B 135 10.66 -9.23 18.52
CA ALA B 135 10.61 -8.82 19.91
C ALA B 135 11.98 -8.88 20.59
N GLU B 136 12.85 -9.81 20.18
CA GLU B 136 14.17 -9.97 20.75
C GLU B 136 15.15 -8.94 20.17
N THR B 137 15.10 -8.69 18.86
CA THR B 137 16.06 -7.82 18.18
C THR B 137 15.66 -6.35 18.27
N GLY B 138 14.34 -6.07 18.25
CA GLY B 138 13.79 -4.75 17.99
C GLY B 138 13.92 -4.32 16.51
N LYS B 139 14.40 -5.23 15.63
CA LYS B 139 14.92 -4.96 14.29
C LYS B 139 15.53 -3.55 14.18
N MET A 1 0.23 20.06 -22.02
CA MET A 1 1.36 20.19 -22.96
C MET A 1 2.62 19.70 -22.26
N ALA A 2 3.19 18.60 -22.75
CA ALA A 2 4.26 17.81 -22.18
C ALA A 2 3.89 17.18 -20.82
N ILE A 3 4.59 16.11 -20.47
CA ILE A 3 4.55 15.50 -19.17
C ILE A 3 5.62 16.22 -18.35
N VAL A 4 5.18 16.98 -17.34
CA VAL A 4 6.02 17.80 -16.46
C VAL A 4 6.48 16.92 -15.28
N LYS A 5 7.43 17.40 -14.49
CA LYS A 5 8.06 16.70 -13.38
C LYS A 5 7.89 17.53 -12.12
N ALA A 6 7.20 16.99 -11.13
CA ALA A 6 7.02 17.58 -9.80
C ALA A 6 8.21 17.21 -8.89
N THR A 7 8.25 17.85 -7.72
CA THR A 7 9.13 17.53 -6.61
C THR A 7 8.46 18.05 -5.31
N ASP A 8 9.15 17.88 -4.19
CA ASP A 8 8.75 18.06 -2.78
C ASP A 8 7.79 19.22 -2.47
N GLN A 9 7.90 20.34 -3.18
CA GLN A 9 7.05 21.51 -3.04
C GLN A 9 6.62 22.06 -4.40
N SER A 10 7.48 21.93 -5.43
CA SER A 10 7.16 22.37 -6.78
C SER A 10 5.93 21.66 -7.36
N PHE A 11 5.51 20.50 -6.83
CA PHE A 11 4.23 19.89 -7.19
C PHE A 11 3.12 20.94 -7.14
N SER A 12 3.03 21.70 -6.04
CA SER A 12 1.98 22.69 -5.87
C SER A 12 2.14 23.80 -6.89
N ALA A 13 3.38 24.27 -7.07
CA ALA A 13 3.63 25.40 -7.94
C ALA A 13 3.26 25.06 -9.39
N GLU A 14 3.50 23.81 -9.80
CA GLU A 14 3.16 23.29 -11.12
C GLU A 14 1.66 23.03 -11.28
N THR A 15 0.86 23.02 -10.21
CA THR A 15 -0.54 22.59 -10.23
C THR A 15 -1.52 23.67 -9.76
N SER A 16 -1.02 24.87 -9.40
CA SER A 16 -1.83 25.94 -8.83
C SER A 16 -2.69 26.65 -9.89
N GLU A 17 -2.59 26.29 -11.17
CA GLU A 17 -3.30 26.93 -12.26
C GLU A 17 -3.76 25.88 -13.29
N GLY A 18 -4.80 26.23 -14.06
CA GLY A 18 -5.39 25.40 -15.10
C GLY A 18 -6.03 24.14 -14.52
N VAL A 19 -6.24 23.16 -15.39
CA VAL A 19 -6.63 21.81 -15.01
C VAL A 19 -5.46 20.92 -15.36
N VAL A 20 -5.08 20.13 -14.38
CA VAL A 20 -3.86 19.38 -14.37
C VAL A 20 -4.14 18.01 -13.75
N LEU A 21 -3.30 17.09 -14.14
CA LEU A 21 -3.38 15.67 -13.85
C LEU A 21 -2.03 15.25 -13.30
N ALA A 22 -1.85 15.30 -11.97
CA ALA A 22 -0.63 14.81 -11.39
C ALA A 22 -0.71 13.29 -11.34
N ASP A 23 0.44 12.63 -11.47
CA ASP A 23 0.55 11.18 -11.57
C ASP A 23 1.77 10.72 -10.78
N PHE A 24 1.71 9.52 -10.22
CA PHE A 24 2.65 8.99 -9.28
C PHE A 24 3.03 7.61 -9.80
N TRP A 25 4.28 7.49 -10.28
CA TRP A 25 4.83 6.30 -10.93
C TRP A 25 6.18 5.99 -10.27
N ALA A 26 6.59 4.73 -10.23
CA ALA A 26 7.95 4.32 -9.84
C ALA A 26 8.11 2.81 -10.07
N PRO A 27 9.35 2.28 -10.09
CA PRO A 27 9.62 0.89 -10.43
C PRO A 27 8.88 -0.19 -9.62
N TRP A 28 8.28 0.15 -8.47
CA TRP A 28 7.44 -0.74 -7.64
C TRP A 28 6.34 -1.45 -8.44
N CYS A 29 5.84 -0.86 -9.52
CA CYS A 29 4.64 -1.36 -10.19
C CYS A 29 4.86 -1.52 -11.70
N GLY A 30 4.23 -2.53 -12.28
CA GLY A 30 4.14 -2.72 -13.73
C GLY A 30 3.37 -1.57 -14.38
N PRO A 31 2.16 -1.22 -13.87
CA PRO A 31 1.42 -0.03 -14.28
C PRO A 31 2.20 1.28 -14.33
N SER A 32 3.28 1.47 -13.58
CA SER A 32 4.12 2.65 -13.74
C SER A 32 4.67 2.79 -15.17
N LYS A 33 4.88 1.66 -15.86
CA LYS A 33 5.35 1.62 -17.24
C LYS A 33 4.18 1.46 -18.23
N MET A 34 2.93 1.57 -17.79
CA MET A 34 1.75 1.50 -18.67
C MET A 34 0.96 2.81 -18.56
N ILE A 35 0.79 3.35 -17.35
CA ILE A 35 0.26 4.69 -17.14
C ILE A 35 1.21 5.71 -17.77
N ALA A 36 2.53 5.47 -17.75
CA ALA A 36 3.51 6.34 -18.39
C ALA A 36 3.19 6.57 -19.89
N PRO A 37 3.17 5.53 -20.74
CA PRO A 37 2.79 5.69 -22.15
C PRO A 37 1.38 6.26 -22.29
N VAL A 38 0.44 5.80 -21.47
CA VAL A 38 -0.94 6.27 -21.52
C VAL A 38 -1.00 7.80 -21.35
N LEU A 39 -0.20 8.36 -20.45
CA LEU A 39 -0.22 9.79 -20.20
C LEU A 39 0.42 10.54 -21.37
N GLU A 40 1.50 10.01 -21.96
CA GLU A 40 2.09 10.66 -23.12
C GLU A 40 1.11 10.58 -24.30
N GLU A 41 0.32 9.51 -24.41
CA GLU A 41 -0.75 9.35 -25.40
C GLU A 41 -1.93 10.27 -25.10
N LEU A 42 -2.14 10.64 -23.84
CA LEU A 42 -3.16 11.59 -23.42
C LEU A 42 -2.74 13.02 -23.76
N ASP A 43 -1.47 13.37 -23.51
CA ASP A 43 -1.03 14.74 -23.67
C ASP A 43 -0.87 15.09 -25.15
N GLN A 44 -0.43 14.14 -25.97
CA GLN A 44 -0.37 14.36 -27.41
C GLN A 44 -1.77 14.47 -28.04
N GLU A 45 -2.82 14.08 -27.30
CA GLU A 45 -4.20 14.04 -27.75
C GLU A 45 -4.93 15.33 -27.34
N MET A 46 -4.82 15.72 -26.07
CA MET A 46 -5.61 16.78 -25.47
C MET A 46 -4.77 17.68 -24.57
N GLY A 47 -3.45 17.60 -24.69
CA GLY A 47 -2.55 18.46 -23.94
C GLY A 47 -2.62 19.93 -24.32
N ASP A 48 -3.44 20.25 -25.32
CA ASP A 48 -3.82 21.61 -25.67
C ASP A 48 -4.66 22.25 -24.57
N LYS A 49 -5.35 21.43 -23.77
CA LYS A 49 -6.26 21.86 -22.73
C LYS A 49 -5.80 21.42 -21.34
N LEU A 50 -4.95 20.39 -21.28
CA LEU A 50 -4.61 19.67 -20.08
C LEU A 50 -3.10 19.66 -19.86
N LYS A 51 -2.67 19.62 -18.61
CA LYS A 51 -1.28 19.51 -18.18
C LYS A 51 -1.13 18.24 -17.34
N ILE A 52 0.04 17.61 -17.35
CA ILE A 52 0.30 16.37 -16.62
C ILE A 52 1.59 16.60 -15.84
N VAL A 53 1.69 16.11 -14.60
CA VAL A 53 2.87 16.30 -13.77
C VAL A 53 3.17 14.98 -13.07
N LYS A 54 4.24 14.27 -13.45
CA LYS A 54 4.62 13.03 -12.79
C LYS A 54 5.45 13.34 -11.55
N ILE A 55 5.37 12.46 -10.55
CA ILE A 55 6.22 12.40 -9.37
C ILE A 55 6.97 11.07 -9.57
N ASP A 56 8.30 11.09 -9.47
CA ASP A 56 9.08 9.86 -9.42
C ASP A 56 9.02 9.38 -7.98
N VAL A 57 8.22 8.36 -7.73
CA VAL A 57 7.88 7.89 -6.41
C VAL A 57 8.97 6.95 -5.83
N ASP A 58 10.21 7.40 -5.90
CA ASP A 58 11.35 6.81 -5.21
C ASP A 58 12.45 7.86 -5.04
N GLU A 59 12.73 8.66 -6.07
CA GLU A 59 13.67 9.75 -6.02
C GLU A 59 13.01 10.99 -5.38
N ASN A 60 11.71 11.19 -5.67
CA ASN A 60 10.94 12.39 -5.39
C ASN A 60 9.59 12.06 -4.75
N GLN A 61 9.52 10.93 -4.06
CA GLN A 61 8.29 10.42 -3.47
C GLN A 61 7.79 11.26 -2.29
N GLU A 62 8.57 12.27 -1.87
CA GLU A 62 8.31 13.14 -0.74
C GLU A 62 6.90 13.70 -0.79
N THR A 63 6.49 14.26 -1.94
CA THR A 63 5.15 14.78 -2.14
C THR A 63 4.08 13.70 -1.90
N ALA A 64 4.37 12.46 -2.29
CA ALA A 64 3.42 11.38 -2.26
C ALA A 64 3.09 11.07 -0.80
N GLY A 65 4.08 10.60 -0.05
CA GLY A 65 4.02 10.43 1.40
C GLY A 65 3.43 11.64 2.13
N LYS A 66 3.85 12.86 1.78
CA LYS A 66 3.37 14.09 2.41
C LYS A 66 1.87 14.27 2.17
N TYR A 67 1.39 14.03 0.94
CA TYR A 67 -0.02 14.19 0.63
C TYR A 67 -0.85 13.10 1.32
N GLY A 68 -0.26 11.92 1.52
CA GLY A 68 -0.94 10.74 2.00
C GLY A 68 -1.20 9.84 0.80
N VAL A 69 -0.12 9.30 0.21
CA VAL A 69 -0.13 8.42 -0.93
C VAL A 69 0.94 7.43 -0.50
N MET A 70 0.63 6.14 -0.52
CA MET A 70 1.63 5.11 -0.23
C MET A 70 1.52 3.94 -1.21
N SER A 71 0.85 4.15 -2.34
CA SER A 71 0.44 3.16 -3.33
C SER A 71 0.67 3.69 -4.74
N ILE A 72 0.74 2.79 -5.72
CA ILE A 72 1.00 3.12 -7.12
C ILE A 72 0.11 2.25 -8.02
N PRO A 73 -0.32 2.74 -9.19
CA PRO A 73 -0.19 4.12 -9.63
C PRO A 73 -1.24 4.98 -8.94
N THR A 74 -0.90 6.24 -8.69
CA THR A 74 -1.86 7.20 -8.14
C THR A 74 -1.96 8.40 -9.09
N LEU A 75 -3.17 8.99 -9.19
CA LEU A 75 -3.46 10.22 -9.92
C LEU A 75 -4.09 11.17 -8.91
N LEU A 76 -3.69 12.43 -8.92
CA LEU A 76 -4.32 13.51 -8.19
C LEU A 76 -4.72 14.52 -9.28
N VAL A 77 -5.99 14.55 -9.63
CA VAL A 77 -6.51 15.46 -10.65
C VAL A 77 -6.84 16.75 -9.91
N LEU A 78 -6.23 17.87 -10.34
CA LEU A 78 -6.29 19.15 -9.66
C LEU A 78 -6.78 20.20 -10.65
N LYS A 79 -7.40 21.26 -10.15
CA LYS A 79 -7.73 22.44 -10.94
C LYS A 79 -7.48 23.64 -10.06
N ASP A 80 -6.89 24.69 -10.63
CA ASP A 80 -6.62 25.98 -10.01
C ASP A 80 -6.05 25.90 -8.57
N GLY A 81 -5.36 24.79 -8.24
CA GLY A 81 -4.69 24.56 -6.96
C GLY A 81 -5.51 23.77 -5.93
N GLU A 82 -6.56 23.07 -6.34
CA GLU A 82 -7.36 22.19 -5.49
C GLU A 82 -7.56 20.83 -6.18
N VAL A 83 -7.55 19.73 -5.40
CA VAL A 83 -7.92 18.42 -5.90
C VAL A 83 -9.41 18.44 -6.24
N VAL A 84 -9.76 17.78 -7.34
CA VAL A 84 -11.12 17.69 -7.85
C VAL A 84 -11.46 16.24 -8.21
N GLU A 85 -10.44 15.39 -8.46
CA GLU A 85 -10.58 13.95 -8.59
C GLU A 85 -9.31 13.28 -8.09
N THR A 86 -9.40 11.99 -7.80
CA THR A 86 -8.32 11.18 -7.27
C THR A 86 -8.52 9.77 -7.84
N SER A 87 -7.44 9.02 -8.06
CA SER A 87 -7.51 7.60 -8.40
C SER A 87 -6.25 6.95 -7.88
N VAL A 88 -6.38 5.70 -7.45
CA VAL A 88 -5.33 4.95 -6.79
C VAL A 88 -5.39 3.54 -7.38
N GLY A 89 -5.06 3.45 -8.67
CA GLY A 89 -5.20 2.28 -9.51
C GLY A 89 -5.04 2.69 -10.98
N PHE A 90 -4.69 1.75 -11.84
CA PHE A 90 -4.44 2.02 -13.25
C PHE A 90 -5.76 2.24 -14.00
N LYS A 91 -5.68 2.93 -15.15
CA LYS A 91 -6.81 3.15 -16.07
C LYS A 91 -6.25 3.15 -17.50
N PRO A 92 -6.96 2.64 -18.52
CA PRO A 92 -6.55 2.77 -19.91
C PRO A 92 -6.69 4.22 -20.39
N LYS A 93 -6.09 4.54 -21.54
CA LYS A 93 -6.06 5.88 -22.17
C LYS A 93 -7.43 6.55 -22.18
N GLU A 94 -8.48 5.83 -22.61
CA GLU A 94 -9.79 6.44 -22.73
C GLU A 94 -10.38 6.76 -21.35
N ALA A 95 -10.26 5.84 -20.40
CA ALA A 95 -10.75 6.07 -19.05
C ALA A 95 -9.95 7.18 -18.35
N LEU A 96 -8.66 7.29 -18.67
CA LEU A 96 -7.79 8.35 -18.18
C LEU A 96 -8.29 9.70 -18.67
N GLN A 97 -8.50 9.81 -19.98
CA GLN A 97 -8.91 11.05 -20.61
C GLN A 97 -10.31 11.40 -20.11
N GLU A 98 -11.20 10.43 -19.94
CA GLU A 98 -12.52 10.66 -19.37
C GLU A 98 -12.43 11.21 -17.94
N LEU A 99 -11.58 10.61 -17.11
CA LEU A 99 -11.45 10.93 -15.69
C LEU A 99 -11.11 12.40 -15.49
N VAL A 100 -10.23 12.95 -16.32
CA VAL A 100 -9.89 14.37 -16.20
C VAL A 100 -10.86 15.22 -17.05
N ASN A 101 -11.25 14.78 -18.25
CA ASN A 101 -12.11 15.56 -19.17
C ASN A 101 -13.42 15.95 -18.51
N LYS A 102 -13.97 15.09 -17.64
CA LYS A 102 -15.24 15.35 -16.96
C LYS A 102 -15.17 16.50 -15.94
N HIS A 103 -13.98 17.06 -15.67
CA HIS A 103 -13.80 18.23 -14.80
C HIS A 103 -13.01 19.35 -15.50
N LEU A 104 -12.15 19.00 -16.46
CA LEU A 104 -11.44 19.89 -17.36
C LEU A 104 -12.43 20.80 -18.08
N MET B 1 11.60 3.05 25.01
CA MET B 1 10.42 3.94 24.85
C MET B 1 9.16 3.08 24.71
N GLU B 2 8.21 3.22 25.64
CA GLU B 2 6.91 2.56 25.52
C GLU B 2 6.07 3.30 24.47
N ASN B 3 5.30 2.53 23.72
CA ASN B 3 4.55 2.88 22.51
C ASN B 3 5.50 3.29 21.40
N LYS B 4 5.39 2.49 20.34
CA LYS B 4 6.15 2.49 19.11
C LYS B 4 5.29 1.64 18.18
N ILE B 5 5.09 2.10 16.96
CA ILE B 5 4.11 1.51 16.06
C ILE B 5 4.85 0.72 15.00
N ILE B 6 4.27 -0.40 14.60
CA ILE B 6 4.80 -1.32 13.61
C ILE B 6 3.59 -1.83 12.82
N TYR B 7 3.79 -2.04 11.52
CA TYR B 7 2.71 -2.30 10.58
C TYR B 7 3.01 -3.50 9.70
N PHE B 8 1.98 -4.26 9.37
CA PHE B 8 2.05 -5.31 8.35
C PHE B 8 1.35 -4.76 7.11
N LEU B 9 1.86 -5.11 5.94
CA LEU B 9 1.33 -4.68 4.66
C LEU B 9 1.17 -5.98 3.88
N SER B 10 -0.07 -6.34 3.58
CA SER B 10 -0.43 -7.65 3.06
C SER B 10 -1.54 -7.54 2.03
N THR B 11 -1.42 -8.25 0.91
CA THR B 11 -2.44 -8.36 -0.13
C THR B 11 -3.81 -8.70 0.48
N GLY B 12 -4.77 -7.76 0.39
CA GLY B 12 -6.13 -7.93 0.88
C GLY B 12 -6.23 -8.02 2.41
N ASN B 13 -5.13 -7.76 3.12
CA ASN B 13 -4.90 -7.78 4.58
C ASN B 13 -6.06 -8.31 5.43
N SER B 14 -6.33 -9.62 5.35
CA SER B 14 -7.45 -10.25 6.07
C SER B 14 -7.11 -11.65 6.62
N ALA B 15 -5.86 -12.12 6.51
CA ALA B 15 -5.44 -13.44 7.01
C ALA B 15 -4.00 -13.44 7.52
N ARG B 16 -2.99 -13.31 6.66
CA ARG B 16 -1.58 -13.21 7.06
C ARG B 16 -1.42 -12.20 8.19
N SER B 17 -1.93 -11.01 7.94
CA SER B 17 -1.92 -9.87 8.83
C SER B 17 -2.53 -10.20 10.18
N GLN B 18 -3.76 -10.75 10.18
CA GLN B 18 -4.48 -11.12 11.38
C GLN B 18 -3.64 -12.02 12.26
N MET B 19 -3.10 -13.06 11.62
CA MET B 19 -2.33 -14.07 12.32
C MET B 19 -1.09 -13.41 12.92
N ALA B 20 -0.44 -12.53 12.16
CA ALA B 20 0.71 -11.78 12.60
C ALA B 20 0.38 -10.84 13.76
N GLU B 21 -0.80 -10.21 13.81
CA GLU B 21 -1.13 -9.30 14.90
C GLU B 21 -1.16 -10.05 16.23
N GLY B 22 -1.81 -11.23 16.24
CA GLY B 22 -1.91 -12.01 17.47
C GLY B 22 -0.56 -12.61 17.84
N TRP B 23 0.17 -13.16 16.87
CA TRP B 23 1.54 -13.65 17.09
C TRP B 23 2.44 -12.55 17.62
N ALA B 24 2.30 -11.33 17.11
CA ALA B 24 3.11 -10.22 17.54
C ALA B 24 2.82 -9.94 19.00
N LYS B 25 1.55 -9.79 19.38
CA LYS B 25 1.21 -9.31 20.71
C LYS B 25 1.62 -10.27 21.82
N GLN B 26 1.76 -11.57 21.52
CA GLN B 26 2.28 -12.53 22.50
C GLN B 26 3.77 -12.33 22.82
N TYR B 27 4.51 -11.56 21.99
CA TYR B 27 5.94 -11.29 22.16
C TYR B 27 6.27 -9.79 22.17
N LEU B 28 5.33 -8.93 21.79
CA LEU B 28 5.45 -7.49 21.66
C LEU B 28 4.32 -6.94 22.53
N GLY B 29 4.59 -6.80 23.82
CA GLY B 29 3.62 -6.37 24.84
C GLY B 29 3.10 -4.96 24.62
N ASP B 30 2.44 -4.39 25.64
CA ASP B 30 1.86 -3.03 25.60
C ASP B 30 2.89 -1.93 25.29
N GLU B 31 4.18 -2.25 25.45
CA GLU B 31 5.32 -1.45 25.01
C GLU B 31 5.28 -1.14 23.50
N TRP B 32 4.55 -1.93 22.69
CA TRP B 32 4.50 -1.82 21.24
C TRP B 32 3.04 -1.73 20.80
N LYS B 33 2.79 -1.27 19.58
CA LYS B 33 1.46 -1.23 18.97
C LYS B 33 1.57 -1.78 17.56
N VAL B 34 0.62 -2.64 17.20
CA VAL B 34 0.66 -3.44 15.99
C VAL B 34 -0.65 -3.14 15.24
N TYR B 35 -0.53 -2.87 13.94
CA TYR B 35 -1.64 -2.58 13.03
C TYR B 35 -1.30 -3.21 11.66
N SER B 36 -2.26 -3.22 10.74
CA SER B 36 -2.06 -3.82 9.43
C SER B 36 -3.05 -3.26 8.41
N ALA B 37 -2.71 -3.27 7.12
CA ALA B 37 -3.55 -2.78 6.04
C ALA B 37 -3.16 -3.37 4.68
N GLY B 38 -4.00 -3.15 3.66
CA GLY B 38 -3.76 -3.66 2.30
C GLY B 38 -4.72 -3.06 1.27
N ILE B 39 -4.63 -3.52 0.02
CA ILE B 39 -5.35 -2.98 -1.13
C ILE B 39 -6.87 -2.83 -0.93
N GLU B 40 -7.54 -3.93 -0.60
CA GLU B 40 -9.00 -4.06 -0.55
C GLU B 40 -9.40 -4.74 0.78
N ALA B 41 -8.56 -4.51 1.78
CA ALA B 41 -8.59 -5.11 3.09
C ALA B 41 -9.77 -4.63 3.94
N HIS B 42 -10.09 -5.46 4.95
CA HIS B 42 -11.07 -5.30 6.03
C HIS B 42 -11.76 -6.66 6.12
N GLY B 43 -11.19 -7.58 6.88
CA GLY B 43 -11.65 -8.96 6.92
C GLY B 43 -10.87 -9.77 7.95
N LEU B 44 -11.45 -10.88 8.36
CA LEU B 44 -10.93 -11.76 9.42
C LEU B 44 -11.17 -13.18 8.94
N ASN B 45 -10.27 -13.70 8.10
CA ASN B 45 -10.46 -15.03 7.52
C ASN B 45 -10.48 -16.07 8.66
N PRO B 46 -11.48 -16.96 8.75
CA PRO B 46 -11.52 -17.98 9.80
C PRO B 46 -10.29 -18.89 9.79
N ASN B 47 -9.57 -19.04 8.68
CA ASN B 47 -8.30 -19.76 8.64
C ASN B 47 -7.25 -19.07 9.52
N ALA B 48 -7.24 -17.74 9.58
CA ALA B 48 -6.30 -17.00 10.41
C ALA B 48 -6.69 -17.12 11.89
N VAL B 49 -8.00 -17.15 12.15
CA VAL B 49 -8.49 -17.39 13.50
C VAL B 49 -8.03 -18.79 13.94
N LYS B 50 -8.27 -19.82 13.11
CA LYS B 50 -7.86 -21.18 13.40
C LYS B 50 -6.36 -21.27 13.59
N ALA B 51 -5.58 -20.61 12.72
CA ALA B 51 -4.13 -20.55 12.81
C ALA B 51 -3.65 -19.98 14.15
N MET B 52 -4.41 -19.08 14.78
CA MET B 52 -4.08 -18.53 16.08
C MET B 52 -4.52 -19.47 17.20
N LYS B 53 -5.67 -20.14 17.05
CA LYS B 53 -6.13 -21.15 18.00
C LYS B 53 -5.17 -22.34 18.04
N GLU B 54 -4.39 -22.62 16.99
CA GLU B 54 -3.33 -23.64 17.02
C GLU B 54 -2.34 -23.40 18.17
N VAL B 55 -2.11 -22.13 18.52
CA VAL B 55 -1.20 -21.70 19.58
C VAL B 55 -1.99 -21.00 20.72
N GLY B 56 -3.30 -21.19 20.74
CA GLY B 56 -4.18 -20.71 21.81
C GLY B 56 -4.21 -19.19 21.93
N ILE B 57 -4.13 -18.45 20.82
CA ILE B 57 -4.29 -16.99 20.83
C ILE B 57 -5.67 -16.76 20.22
N ASP B 58 -6.49 -15.91 20.86
CA ASP B 58 -7.77 -15.52 20.28
C ASP B 58 -7.59 -14.26 19.44
N ILE B 59 -8.21 -14.26 18.26
CA ILE B 59 -8.33 -13.08 17.41
C ILE B 59 -9.76 -12.91 16.93
N SER B 60 -10.75 -13.51 17.59
CA SER B 60 -12.16 -13.37 17.25
C SER B 60 -12.71 -11.95 17.58
N ASN B 61 -11.80 -10.98 17.62
CA ASN B 61 -11.90 -9.61 18.08
C ASN B 61 -11.05 -8.67 17.19
N GLN B 62 -10.28 -9.20 16.23
CA GLN B 62 -9.42 -8.42 15.35
C GLN B 62 -10.19 -8.00 14.09
N THR B 63 -9.77 -6.90 13.49
CA THR B 63 -10.33 -6.29 12.29
C THR B 63 -9.18 -5.90 11.34
N SER B 64 -9.47 -5.25 10.22
CA SER B 64 -8.48 -4.62 9.35
C SER B 64 -9.16 -3.51 8.55
N ASP B 65 -8.43 -2.85 7.65
CA ASP B 65 -8.87 -1.70 6.86
C ASP B 65 -7.89 -1.53 5.70
N ILE B 66 -8.22 -0.74 4.68
CA ILE B 66 -7.35 -0.45 3.56
C ILE B 66 -6.14 0.41 3.99
N ILE B 67 -5.14 0.51 3.10
CA ILE B 67 -3.93 1.31 3.34
C ILE B 67 -4.33 2.70 3.85
N ASP B 68 -3.70 3.14 4.94
CA ASP B 68 -4.00 4.43 5.56
C ASP B 68 -2.73 5.01 6.15
N SER B 69 -2.13 5.91 5.36
CA SER B 69 -0.94 6.66 5.69
C SER B 69 -0.98 7.34 7.07
N ASP B 70 -2.15 7.67 7.62
CA ASP B 70 -2.26 8.33 8.92
C ASP B 70 -1.69 7.49 10.06
N ILE B 71 -1.51 6.18 9.85
CA ILE B 71 -0.94 5.27 10.82
C ILE B 71 0.17 4.46 10.15
N LEU B 72 0.06 4.13 8.86
CA LEU B 72 1.10 3.43 8.11
C LEU B 72 2.37 4.28 8.08
N ASN B 73 2.30 5.51 7.52
CA ASN B 73 3.46 6.42 7.47
C ASN B 73 3.91 6.80 8.90
N ASN B 74 2.99 6.72 9.86
CA ASN B 74 3.19 7.05 11.27
C ASN B 74 4.00 5.99 12.02
N ALA B 75 4.00 4.74 11.52
CA ALA B 75 4.75 3.63 12.08
C ALA B 75 6.25 3.89 12.05
N ASP B 76 6.99 2.97 12.67
CA ASP B 76 8.46 2.89 12.58
C ASP B 76 8.88 1.90 11.50
N LEU B 77 8.11 0.82 11.30
CA LEU B 77 8.41 -0.29 10.42
C LEU B 77 7.15 -0.72 9.68
N VAL B 78 7.31 -1.03 8.40
CA VAL B 78 6.34 -1.65 7.53
C VAL B 78 6.98 -2.97 7.12
N VAL B 79 6.63 -4.06 7.81
CA VAL B 79 7.04 -5.37 7.35
C VAL B 79 6.05 -5.75 6.24
N THR B 80 6.55 -5.88 5.01
CA THR B 80 5.74 -6.47 3.94
C THR B 80 5.68 -7.96 4.30
N LEU B 81 4.50 -8.59 4.29
CA LEU B 81 4.36 -9.93 4.87
C LEU B 81 3.57 -10.93 4.03
N SER B 82 3.17 -10.61 2.80
CA SER B 82 2.23 -11.44 2.06
C SER B 82 2.29 -11.26 0.54
N GLY B 83 2.80 -10.11 0.06
CA GLY B 83 2.87 -9.74 -1.34
C GLY B 83 3.03 -8.22 -1.40
N ASP B 84 3.16 -7.66 -2.59
CA ASP B 84 3.34 -6.22 -2.78
C ASP B 84 2.64 -5.72 -4.04
N ALA B 85 2.84 -6.40 -5.18
CA ALA B 85 2.28 -5.96 -6.45
C ALA B 85 0.75 -5.96 -6.40
N ALA B 86 0.14 -7.10 -6.07
CA ALA B 86 -1.32 -7.21 -5.91
C ALA B 86 -1.81 -6.32 -4.77
N ASP B 87 -0.96 -6.00 -3.79
CA ASP B 87 -1.30 -5.15 -2.66
C ASP B 87 -1.32 -3.65 -3.02
N LYS B 88 -1.26 -3.31 -4.31
CA LYS B 88 -1.33 -1.96 -4.91
C LYS B 88 0.07 -1.34 -5.05
N CYS B 89 1.06 -2.20 -5.33
CA CYS B 89 2.50 -1.90 -5.34
C CYS B 89 2.91 -0.82 -4.33
N PRO B 90 2.60 -0.94 -3.03
CA PRO B 90 2.88 0.13 -2.09
C PRO B 90 4.32 0.61 -2.18
N MET B 91 4.52 1.93 -2.18
CA MET B 91 5.84 2.52 -2.43
C MET B 91 6.57 2.99 -1.17
N THR B 92 6.00 2.70 0.01
CA THR B 92 6.51 3.01 1.35
C THR B 92 7.19 4.39 1.47
N PRO B 93 6.47 5.46 1.88
CA PRO B 93 7.04 6.78 2.04
C PRO B 93 8.22 6.68 3.03
N PRO B 94 9.35 7.40 2.83
CA PRO B 94 10.60 7.20 3.55
C PRO B 94 10.57 7.43 5.08
N HIS B 95 9.43 7.80 5.65
CA HIS B 95 9.26 7.95 7.09
C HIS B 95 9.28 6.60 7.84
N VAL B 96 9.27 5.46 7.14
CA VAL B 96 9.22 4.13 7.72
C VAL B 96 10.33 3.23 7.16
N LYS B 97 10.87 2.35 8.00
CA LYS B 97 11.75 1.27 7.55
C LYS B 97 10.85 0.24 6.86
N ARG B 98 11.36 -0.53 5.91
CA ARG B 98 10.63 -1.66 5.35
C ARG B 98 11.60 -2.77 4.99
N GLU B 99 11.16 -4.00 5.19
CA GLU B 99 11.80 -5.22 4.73
C GLU B 99 10.63 -6.20 4.53
N HIS B 100 10.71 -7.05 3.51
CA HIS B 100 9.75 -8.13 3.31
C HIS B 100 10.16 -9.32 4.18
N TRP B 101 9.22 -9.84 4.97
CA TRP B 101 9.41 -11.02 5.81
C TRP B 101 8.54 -12.18 5.30
N GLY B 102 7.58 -11.91 4.39
CA GLY B 102 6.73 -12.90 3.75
C GLY B 102 6.20 -12.32 2.44
N PHE B 103 5.73 -13.19 1.55
CA PHE B 103 5.36 -12.86 0.18
C PHE B 103 4.38 -13.92 -0.39
N ASP B 104 3.63 -14.58 0.49
CA ASP B 104 2.64 -15.61 0.24
C ASP B 104 1.59 -15.49 1.33
N ASP B 105 0.40 -16.05 1.15
CA ASP B 105 -0.71 -15.87 2.10
C ASP B 105 -1.58 -17.14 2.11
N PRO B 106 -2.05 -17.60 3.28
CA PRO B 106 -2.70 -18.89 3.40
C PRO B 106 -4.14 -18.89 2.89
N ALA B 107 -4.81 -17.74 2.76
CA ALA B 107 -6.09 -17.66 2.08
C ALA B 107 -5.94 -17.93 0.57
N ARG B 108 -4.70 -18.11 0.09
CA ARG B 108 -4.40 -18.46 -1.30
C ARG B 108 -4.15 -19.96 -1.45
N ALA B 109 -4.35 -20.74 -0.38
CA ALA B 109 -4.25 -22.18 -0.43
C ALA B 109 -5.06 -22.74 -1.58
N GLN B 110 -4.63 -23.90 -2.07
CA GLN B 110 -5.21 -24.51 -3.25
C GLN B 110 -6.72 -24.65 -3.08
N GLY B 111 -7.16 -25.09 -1.90
CA GLY B 111 -8.57 -25.06 -1.56
C GLY B 111 -9.07 -26.25 -0.79
N THR B 112 -8.33 -27.35 -0.85
CA THR B 112 -8.67 -28.57 -0.14
C THR B 112 -8.48 -28.34 1.35
N GLU B 113 -9.02 -29.25 2.15
CA GLU B 113 -8.92 -29.15 3.60
C GLU B 113 -7.45 -29.22 4.02
N GLU B 114 -6.71 -30.14 3.38
CA GLU B 114 -5.31 -30.37 3.61
C GLU B 114 -4.52 -29.17 3.10
N GLU B 115 -4.82 -28.58 1.93
CA GLU B 115 -3.96 -27.54 1.40
C GLU B 115 -4.20 -26.24 2.18
N LYS B 116 -5.43 -25.97 2.60
CA LYS B 116 -5.73 -24.88 3.53
C LYS B 116 -4.89 -25.01 4.79
N TRP B 117 -5.00 -26.15 5.48
CA TRP B 117 -4.27 -26.30 6.72
C TRP B 117 -2.77 -26.27 6.46
N ALA B 118 -2.32 -26.91 5.39
CA ALA B 118 -0.92 -26.97 5.02
C ALA B 118 -0.33 -25.58 4.80
N PHE B 119 -1.05 -24.70 4.09
CA PHE B 119 -0.60 -23.34 3.90
C PHE B 119 -0.56 -22.62 5.25
N PHE B 120 -1.64 -22.70 6.05
CA PHE B 120 -1.68 -21.92 7.28
C PHE B 120 -0.73 -22.46 8.35
N GLN B 121 -0.41 -23.76 8.35
CA GLN B 121 0.58 -24.36 9.23
C GLN B 121 1.96 -23.78 8.92
N ARG B 122 2.36 -23.80 7.64
CA ARG B 122 3.65 -23.25 7.22
C ARG B 122 3.72 -21.77 7.57
N VAL B 123 2.70 -21.01 7.17
CA VAL B 123 2.68 -19.57 7.41
C VAL B 123 2.73 -19.30 8.92
N ARG B 124 1.97 -20.02 9.76
CA ARG B 124 1.95 -19.83 11.20
C ARG B 124 3.34 -19.96 11.80
N ASP B 125 4.09 -21.00 11.42
CA ASP B 125 5.44 -21.20 11.93
C ASP B 125 6.35 -20.04 11.54
N GLU B 126 6.27 -19.60 10.28
CA GLU B 126 7.10 -18.52 9.76
C GLU B 126 6.77 -17.20 10.47
N ILE B 127 5.48 -16.83 10.51
CA ILE B 127 5.00 -15.59 11.12
C ILE B 127 5.40 -15.54 12.60
N GLY B 128 5.22 -16.64 13.34
CA GLY B 128 5.51 -16.64 14.76
C GLY B 128 7.00 -16.47 15.00
N ASN B 129 7.85 -17.18 14.24
CA ASN B 129 9.29 -17.00 14.36
C ASN B 129 9.70 -15.56 14.04
N ARG B 130 9.22 -15.02 12.92
CA ARG B 130 9.59 -13.68 12.47
C ARG B 130 9.23 -12.63 13.52
N LEU B 131 8.03 -12.71 14.12
CA LEU B 131 7.62 -11.74 15.13
C LEU B 131 8.37 -11.93 16.44
N LYS B 132 8.65 -13.18 16.82
CA LYS B 132 9.34 -13.50 18.06
C LYS B 132 10.78 -13.00 18.00
N GLU B 133 11.51 -13.31 16.94
CA GLU B 133 12.86 -12.79 16.77
C GLU B 133 12.84 -11.28 16.68
N PHE B 134 11.86 -10.68 16.02
CA PHE B 134 11.75 -9.22 15.99
C PHE B 134 11.71 -8.62 17.39
N ALA B 135 11.01 -9.28 18.32
CA ALA B 135 10.98 -8.87 19.72
C ALA B 135 12.37 -8.91 20.37
N GLU B 136 13.23 -9.83 19.94
CA GLU B 136 14.57 -10.06 20.47
C GLU B 136 15.62 -9.17 19.80
N THR B 137 15.57 -9.14 18.46
CA THR B 137 16.53 -8.57 17.55
C THR B 137 16.30 -7.06 17.38
N GLY B 138 15.05 -6.61 17.55
CA GLY B 138 14.60 -5.27 17.20
C GLY B 138 14.74 -5.01 15.69
N LYS B 139 14.89 -6.08 14.90
CA LYS B 139 15.25 -6.11 13.48
C LYS B 139 16.10 -4.89 13.08
N MET A 1 0.46 19.58 -22.56
CA MET A 1 1.74 20.30 -22.70
C MET A 1 2.87 19.28 -22.90
N ALA A 2 3.24 18.56 -21.83
CA ALA A 2 4.13 17.42 -21.85
C ALA A 2 3.83 16.59 -20.60
N ILE A 3 4.43 15.42 -20.50
CA ILE A 3 4.46 14.62 -19.30
C ILE A 3 5.68 15.17 -18.55
N VAL A 4 5.41 16.09 -17.63
CA VAL A 4 6.41 16.78 -16.80
C VAL A 4 6.79 15.85 -15.64
N LYS A 5 7.85 16.20 -14.90
CA LYS A 5 8.36 15.43 -13.77
C LYS A 5 8.41 16.35 -12.55
N ALA A 6 7.55 16.08 -11.57
CA ALA A 6 7.49 16.78 -10.30
C ALA A 6 8.59 16.26 -9.35
N THR A 7 8.72 16.94 -8.21
CA THR A 7 9.50 16.56 -7.04
C THR A 7 8.85 17.30 -5.84
N ASP A 8 9.45 17.18 -4.65
CA ASP A 8 8.94 17.60 -3.34
C ASP A 8 8.20 18.95 -3.31
N GLN A 9 8.66 19.93 -4.08
CA GLN A 9 8.11 21.29 -4.11
C GLN A 9 7.82 21.74 -5.54
N SER A 10 8.57 21.26 -6.53
CA SER A 10 8.28 21.52 -7.94
C SER A 10 6.91 20.95 -8.35
N PHE A 11 6.36 19.95 -7.63
CA PHE A 11 4.97 19.52 -7.82
C PHE A 11 4.07 20.74 -7.73
N SER A 12 4.14 21.49 -6.64
CA SER A 12 3.28 22.65 -6.44
C SER A 12 3.53 23.69 -7.52
N ALA A 13 4.81 23.95 -7.83
CA ALA A 13 5.17 24.99 -8.76
C ALA A 13 4.59 24.71 -10.16
N GLU A 14 4.55 23.44 -10.56
CA GLU A 14 4.00 23.01 -11.83
C GLU A 14 2.47 22.90 -11.82
N THR A 15 1.82 22.93 -10.66
CA THR A 15 0.39 22.62 -10.53
C THR A 15 -0.45 23.79 -10.02
N SER A 16 0.17 24.91 -9.66
CA SER A 16 -0.52 26.05 -9.05
C SER A 16 -1.39 26.84 -10.04
N GLU A 17 -1.36 26.50 -11.32
CA GLU A 17 -2.08 27.21 -12.38
C GLU A 17 -2.62 26.20 -13.39
N GLY A 18 -3.69 26.61 -14.10
CA GLY A 18 -4.36 25.80 -15.12
C GLY A 18 -5.04 24.59 -14.53
N VAL A 19 -5.37 23.64 -15.40
CA VAL A 19 -5.83 22.31 -15.03
C VAL A 19 -4.72 21.35 -15.40
N VAL A 20 -4.42 20.50 -14.43
CA VAL A 20 -3.26 19.66 -14.43
C VAL A 20 -3.66 18.32 -13.80
N LEU A 21 -2.99 17.29 -14.27
CA LEU A 21 -3.20 15.91 -13.84
C LEU A 21 -1.86 15.36 -13.36
N ALA A 22 -1.65 15.31 -12.06
CA ALA A 22 -0.48 14.67 -11.52
C ALA A 22 -0.75 13.18 -11.41
N ASP A 23 0.30 12.38 -11.57
CA ASP A 23 0.23 10.93 -11.63
C ASP A 23 1.47 10.39 -10.90
N PHE A 24 1.37 9.21 -10.29
CA PHE A 24 2.35 8.67 -9.38
C PHE A 24 2.64 7.25 -9.84
N TRP A 25 3.88 7.02 -10.28
CA TRP A 25 4.34 5.81 -10.96
C TRP A 25 5.71 5.43 -10.38
N ALA A 26 6.09 4.15 -10.44
CA ALA A 26 7.45 3.69 -10.12
C ALA A 26 7.55 2.20 -10.43
N PRO A 27 8.76 1.64 -10.57
CA PRO A 27 8.96 0.25 -10.98
C PRO A 27 8.24 -0.84 -10.17
N TRP A 28 7.78 -0.56 -8.94
CA TRP A 28 7.16 -1.53 -8.04
C TRP A 28 5.99 -2.30 -8.67
N CYS A 29 5.20 -1.68 -9.57
CA CYS A 29 3.95 -2.26 -10.03
C CYS A 29 3.79 -2.19 -11.54
N GLY A 30 2.87 -2.99 -12.08
CA GLY A 30 2.55 -3.05 -13.50
C GLY A 30 1.92 -1.78 -14.04
N PRO A 31 0.87 -1.20 -13.40
CA PRO A 31 0.23 0.04 -13.86
C PRO A 31 1.18 1.19 -14.14
N SER A 32 2.34 1.28 -13.50
CA SER A 32 3.34 2.28 -13.80
C SER A 32 3.81 2.27 -15.25
N LYS A 33 3.65 1.14 -15.95
CA LYS A 33 4.01 0.99 -17.35
C LYS A 33 2.75 0.87 -18.24
N MET A 34 1.56 1.16 -17.71
CA MET A 34 0.30 1.14 -18.46
C MET A 34 -0.37 2.51 -18.38
N ILE A 35 -0.41 3.13 -17.19
CA ILE A 35 -0.82 4.51 -17.03
C ILE A 35 0.17 5.43 -17.76
N ALA A 36 1.46 5.08 -17.79
CA ALA A 36 2.48 5.85 -18.51
C ALA A 36 2.14 6.04 -20.00
N PRO A 37 1.96 4.97 -20.80
CA PRO A 37 1.55 5.10 -22.19
C PRO A 37 0.20 5.82 -22.31
N VAL A 38 -0.75 5.50 -21.44
CA VAL A 38 -2.07 6.14 -21.44
C VAL A 38 -1.93 7.67 -21.33
N LEU A 39 -1.00 8.16 -20.51
CA LEU A 39 -0.83 9.58 -20.31
C LEU A 39 -0.18 10.22 -21.53
N GLU A 40 0.83 9.58 -22.13
CA GLU A 40 1.45 10.11 -23.33
C GLU A 40 0.43 10.12 -24.48
N GLU A 41 -0.48 9.14 -24.53
CA GLU A 41 -1.61 9.08 -25.44
C GLU A 41 -2.68 10.11 -25.11
N LEU A 42 -2.73 10.63 -23.88
CA LEU A 42 -3.64 11.69 -23.49
C LEU A 42 -3.07 13.05 -23.87
N ASP A 43 -1.77 13.26 -23.67
CA ASP A 43 -1.14 14.55 -23.91
C ASP A 43 -1.16 14.89 -25.39
N GLN A 44 -0.96 13.89 -26.24
CA GLN A 44 -1.04 14.08 -27.68
C GLN A 44 -2.48 14.28 -28.18
N GLU A 45 -3.49 14.17 -27.31
CA GLU A 45 -4.90 14.25 -27.63
C GLU A 45 -5.51 15.56 -27.14
N MET A 46 -5.16 15.98 -25.93
CA MET A 46 -5.76 17.15 -25.29
C MET A 46 -4.74 17.97 -24.51
N GLY A 47 -3.46 17.76 -24.76
CA GLY A 47 -2.40 18.53 -24.12
C GLY A 47 -2.40 20.01 -24.52
N ASP A 48 -3.29 20.39 -25.43
CA ASP A 48 -3.57 21.77 -25.76
C ASP A 48 -4.24 22.50 -24.61
N LYS A 49 -4.90 21.76 -23.71
CA LYS A 49 -5.69 22.33 -22.63
C LYS A 49 -5.22 21.88 -21.24
N LEU A 50 -4.34 20.87 -21.18
CA LEU A 50 -3.98 20.17 -19.96
C LEU A 50 -2.49 19.89 -19.89
N LYS A 51 -1.94 19.85 -18.66
CA LYS A 51 -0.57 19.45 -18.34
C LYS A 51 -0.62 18.15 -17.52
N ILE A 52 0.37 17.27 -17.64
CA ILE A 52 0.50 16.07 -16.82
C ILE A 52 1.82 16.19 -16.07
N VAL A 53 1.88 15.74 -14.82
CA VAL A 53 3.10 15.82 -14.03
C VAL A 53 3.26 14.49 -13.28
N LYS A 54 4.24 13.68 -13.65
CA LYS A 54 4.49 12.42 -12.97
C LYS A 54 5.36 12.66 -11.74
N ILE A 55 5.21 11.83 -10.73
CA ILE A 55 6.03 11.73 -9.54
C ILE A 55 6.57 10.30 -9.62
N ASP A 56 7.90 10.14 -9.67
CA ASP A 56 8.53 8.84 -9.52
C ASP A 56 8.50 8.49 -8.04
N VAL A 57 7.63 7.56 -7.63
CA VAL A 57 7.47 7.17 -6.24
C VAL A 57 8.55 6.21 -5.71
N ASP A 58 9.81 6.58 -5.94
CA ASP A 58 10.98 5.98 -5.32
C ASP A 58 12.13 7.00 -5.34
N GLU A 59 12.31 7.73 -6.45
CA GLU A 59 13.31 8.78 -6.57
C GLU A 59 12.79 10.12 -6.03
N ASN A 60 11.49 10.38 -6.19
CA ASN A 60 10.85 11.68 -5.93
C ASN A 60 9.56 11.50 -5.12
N GLN A 61 9.50 10.43 -4.32
CA GLN A 61 8.30 9.99 -3.65
C GLN A 61 7.89 10.92 -2.50
N GLU A 62 8.71 11.92 -2.17
CA GLU A 62 8.55 12.84 -1.07
C GLU A 62 7.17 13.51 -1.13
N THR A 63 6.75 14.02 -2.30
CA THR A 63 5.43 14.60 -2.48
C THR A 63 4.34 13.61 -2.11
N ALA A 64 4.52 12.35 -2.51
CA ALA A 64 3.52 11.32 -2.39
C ALA A 64 3.29 11.03 -0.89
N GLY A 65 4.32 10.52 -0.22
CA GLY A 65 4.34 10.33 1.22
C GLY A 65 3.81 11.52 2.00
N LYS A 66 4.21 12.75 1.63
CA LYS A 66 3.76 13.98 2.28
C LYS A 66 2.25 14.17 2.12
N TYR A 67 1.71 13.96 0.92
CA TYR A 67 0.28 14.16 0.66
C TYR A 67 -0.56 13.06 1.29
N GLY A 68 0.02 11.89 1.57
CA GLY A 68 -0.71 10.72 2.05
C GLY A 68 -1.03 9.85 0.85
N VAL A 69 0.01 9.33 0.21
CA VAL A 69 -0.01 8.55 -1.01
C VAL A 69 1.12 7.58 -0.74
N MET A 70 0.87 6.29 -0.92
CA MET A 70 1.87 5.26 -0.66
C MET A 70 1.63 4.06 -1.58
N SER A 71 0.96 4.27 -2.70
CA SER A 71 0.43 3.25 -3.59
C SER A 71 0.71 3.55 -5.04
N ILE A 72 0.62 2.53 -5.90
CA ILE A 72 0.75 2.68 -7.34
C ILE A 72 -0.47 2.06 -8.03
N PRO A 73 -1.06 2.70 -9.05
CA PRO A 73 -0.82 4.07 -9.45
C PRO A 73 -1.68 4.98 -8.59
N THR A 74 -1.17 6.17 -8.27
CA THR A 74 -1.98 7.22 -7.66
C THR A 74 -2.05 8.39 -8.65
N LEU A 75 -3.12 9.16 -8.61
CA LEU A 75 -3.42 10.18 -9.59
C LEU A 75 -4.17 11.27 -8.85
N LEU A 76 -3.65 12.51 -8.91
CA LEU A 76 -4.18 13.67 -8.22
C LEU A 76 -4.46 14.69 -9.33
N VAL A 77 -5.73 14.92 -9.67
CA VAL A 77 -6.11 15.97 -10.62
C VAL A 77 -6.28 17.25 -9.82
N LEU A 78 -5.67 18.35 -10.29
CA LEU A 78 -5.73 19.65 -9.64
C LEU A 78 -6.14 20.71 -10.65
N LYS A 79 -6.66 21.83 -10.15
CA LYS A 79 -6.90 23.02 -10.94
C LYS A 79 -6.62 24.22 -10.06
N ASP A 80 -5.98 25.22 -10.64
CA ASP A 80 -5.55 26.46 -10.01
C ASP A 80 -4.88 26.26 -8.62
N GLY A 81 -4.24 25.11 -8.41
CA GLY A 81 -3.43 24.81 -7.24
C GLY A 81 -4.10 23.98 -6.14
N GLU A 82 -5.27 23.41 -6.41
CA GLU A 82 -6.00 22.56 -5.47
C GLU A 82 -6.51 21.29 -6.14
N VAL A 83 -6.52 20.18 -5.38
CA VAL A 83 -7.03 18.89 -5.84
C VAL A 83 -8.54 19.01 -6.00
N VAL A 84 -9.04 18.44 -7.09
CA VAL A 84 -10.46 18.38 -7.42
C VAL A 84 -10.89 16.95 -7.79
N GLU A 85 -9.95 16.07 -8.16
CA GLU A 85 -10.21 14.66 -8.33
C GLU A 85 -8.99 13.85 -7.91
N THR A 86 -9.23 12.58 -7.61
CA THR A 86 -8.25 11.69 -7.02
C THR A 86 -8.56 10.27 -7.48
N SER A 87 -7.53 9.44 -7.62
CA SER A 87 -7.68 8.01 -7.85
C SER A 87 -6.43 7.30 -7.31
N VAL A 88 -6.63 6.09 -6.81
CA VAL A 88 -5.61 5.24 -6.21
C VAL A 88 -5.85 3.86 -6.85
N GLY A 89 -5.62 3.84 -8.17
CA GLY A 89 -5.97 2.76 -9.07
C GLY A 89 -5.93 3.26 -10.51
N PHE A 90 -5.80 2.34 -11.47
CA PHE A 90 -5.63 2.67 -12.88
C PHE A 90 -6.94 3.13 -13.54
N LYS A 91 -6.84 3.68 -14.75
CA LYS A 91 -7.96 4.07 -15.60
C LYS A 91 -7.49 3.95 -17.07
N PRO A 92 -8.33 3.48 -18.01
CA PRO A 92 -7.99 3.48 -19.43
C PRO A 92 -7.97 4.92 -19.98
N LYS A 93 -7.41 5.11 -21.17
CA LYS A 93 -7.24 6.42 -21.83
C LYS A 93 -8.51 7.25 -21.81
N GLU A 94 -9.66 6.67 -22.18
CA GLU A 94 -10.89 7.42 -22.26
C GLU A 94 -11.35 7.86 -20.87
N ALA A 95 -11.28 6.97 -19.89
CA ALA A 95 -11.67 7.29 -18.53
C ALA A 95 -10.70 8.30 -17.91
N LEU A 96 -9.42 8.28 -18.32
CA LEU A 96 -8.43 9.24 -17.92
C LEU A 96 -8.83 10.63 -18.42
N GLN A 97 -9.11 10.72 -19.72
CA GLN A 97 -9.49 12.00 -20.31
C GLN A 97 -10.81 12.46 -19.70
N GLU A 98 -11.73 11.55 -19.39
CA GLU A 98 -12.98 11.89 -18.71
C GLU A 98 -12.70 12.46 -17.31
N LEU A 99 -11.83 11.82 -16.54
CA LEU A 99 -11.53 12.19 -15.16
C LEU A 99 -11.11 13.65 -15.08
N VAL A 100 -10.31 14.11 -16.03
CA VAL A 100 -9.88 15.51 -16.04
C VAL A 100 -10.86 16.40 -16.80
N ASN A 101 -11.39 15.97 -17.95
CA ASN A 101 -12.24 16.80 -18.80
C ASN A 101 -13.45 17.33 -18.03
N LYS A 102 -13.98 16.55 -17.08
CA LYS A 102 -15.13 16.94 -16.29
C LYS A 102 -14.85 18.07 -15.30
N HIS A 103 -13.60 18.52 -15.14
CA HIS A 103 -13.19 19.65 -14.29
C HIS A 103 -12.34 20.68 -15.05
N LEU A 104 -11.70 20.26 -16.14
CA LEU A 104 -10.98 21.08 -17.11
C LEU A 104 -11.92 22.15 -17.66
N MET B 1 9.51 1.71 26.61
CA MET B 1 8.56 2.60 25.87
C MET B 1 7.12 2.20 26.18
N GLU B 2 6.14 3.04 25.82
CA GLU B 2 4.74 2.90 26.22
C GLU B 2 3.83 3.24 25.02
N ASN B 3 4.23 2.76 23.84
CA ASN B 3 3.66 2.84 22.49
C ASN B 3 4.77 3.28 21.55
N LYS B 4 4.84 2.55 20.44
CA LYS B 4 5.59 2.77 19.22
C LYS B 4 4.81 1.94 18.20
N ILE B 5 4.72 2.39 16.95
CA ILE B 5 3.80 1.78 16.02
C ILE B 5 4.57 0.96 15.01
N ILE B 6 4.02 -0.20 14.68
CA ILE B 6 4.52 -1.13 13.68
C ILE B 6 3.29 -1.55 12.86
N TYR B 7 3.46 -1.66 11.55
CA TYR B 7 2.37 -1.84 10.61
C TYR B 7 2.72 -2.97 9.66
N PHE B 8 1.72 -3.72 9.18
CA PHE B 8 1.95 -4.78 8.20
C PHE B 8 1.19 -4.48 6.91
N LEU B 9 1.69 -5.04 5.81
CA LEU B 9 1.08 -4.93 4.47
C LEU B 9 1.04 -6.32 3.86
N SER B 10 -0.11 -6.70 3.30
CA SER B 10 -0.28 -7.88 2.48
C SER B 10 -1.58 -7.71 1.70
N THR B 11 -1.73 -8.41 0.57
CA THR B 11 -2.88 -8.33 -0.33
C THR B 11 -4.20 -8.41 0.45
N GLY B 12 -4.92 -7.30 0.57
CA GLY B 12 -6.21 -7.23 1.24
C GLY B 12 -6.14 -7.55 2.73
N ASN B 13 -4.95 -7.52 3.32
CA ASN B 13 -4.59 -7.91 4.70
C ASN B 13 -5.28 -9.15 5.25
N SER B 14 -5.71 -10.03 4.35
CA SER B 14 -6.18 -11.34 4.70
C SER B 14 -5.01 -12.14 5.29
N ALA B 15 -5.36 -13.28 5.86
CA ALA B 15 -4.49 -14.35 6.33
C ALA B 15 -3.30 -13.85 7.16
N ARG B 16 -2.16 -13.63 6.50
CA ARG B 16 -0.85 -13.37 7.11
C ARG B 16 -0.95 -12.21 8.10
N SER B 17 -1.53 -11.08 7.73
CA SER B 17 -1.55 -9.91 8.60
C SER B 17 -2.40 -10.15 9.85
N GLN B 18 -3.58 -10.78 9.71
CA GLN B 18 -4.47 -11.10 10.83
C GLN B 18 -3.73 -12.00 11.83
N MET B 19 -3.12 -13.05 11.28
CA MET B 19 -2.43 -14.07 12.02
C MET B 19 -1.21 -13.45 12.71
N ALA B 20 -0.50 -12.57 12.02
CA ALA B 20 0.73 -11.96 12.49
C ALA B 20 0.44 -10.99 13.61
N GLU B 21 -0.66 -10.25 13.56
CA GLU B 21 -0.92 -9.25 14.58
C GLU B 21 -1.37 -9.93 15.88
N GLY B 22 -2.05 -11.08 15.79
CA GLY B 22 -2.34 -11.89 16.96
C GLY B 22 -1.05 -12.51 17.52
N TRP B 23 -0.21 -13.09 16.65
CA TRP B 23 1.11 -13.60 17.02
C TRP B 23 1.96 -12.54 17.69
N ALA B 24 1.96 -11.32 17.17
CA ALA B 24 2.78 -10.24 17.67
C ALA B 24 2.31 -9.84 19.05
N LYS B 25 1.01 -9.59 19.23
CA LYS B 25 0.50 -8.97 20.44
C LYS B 25 0.67 -9.84 21.67
N GLN B 26 0.84 -11.16 21.55
CA GLN B 26 1.16 -11.94 22.73
C GLN B 26 2.55 -11.61 23.33
N TYR B 27 3.44 -10.90 22.60
CA TYR B 27 4.73 -10.43 23.13
C TYR B 27 4.88 -8.91 23.03
N LEU B 28 4.42 -8.32 21.92
CA LEU B 28 4.47 -6.89 21.62
C LEU B 28 3.31 -6.27 22.38
N GLY B 29 3.53 -6.14 23.70
CA GLY B 29 2.61 -5.58 24.67
C GLY B 29 2.32 -4.10 24.44
N ASP B 30 1.78 -3.41 25.45
CA ASP B 30 1.41 -1.99 25.39
C ASP B 30 2.59 -1.06 25.08
N GLU B 31 3.81 -1.59 25.18
CA GLU B 31 5.02 -0.92 24.70
C GLU B 31 4.92 -0.61 23.19
N TRP B 32 4.10 -1.35 22.45
CA TRP B 32 3.90 -1.27 21.02
C TRP B 32 2.41 -1.11 20.69
N LYS B 33 2.12 -0.85 19.42
CA LYS B 33 0.81 -0.88 18.80
C LYS B 33 1.03 -1.50 17.44
N VAL B 34 0.24 -2.52 17.11
CA VAL B 34 0.42 -3.35 15.93
C VAL B 34 -0.88 -3.26 15.15
N TYR B 35 -0.78 -2.95 13.86
CA TYR B 35 -1.89 -2.73 12.94
C TYR B 35 -1.50 -3.30 11.57
N SER B 36 -2.46 -3.40 10.65
CA SER B 36 -2.18 -3.79 9.28
C SER B 36 -3.25 -3.25 8.33
N ALA B 37 -2.93 -3.23 7.03
CA ALA B 37 -3.79 -2.74 5.96
C ALA B 37 -3.36 -3.40 4.64
N GLY B 38 -4.06 -3.09 3.55
CA GLY B 38 -3.76 -3.59 2.23
C GLY B 38 -4.70 -2.97 1.21
N ILE B 39 -4.57 -3.39 -0.05
CA ILE B 39 -5.28 -2.87 -1.22
C ILE B 39 -6.80 -2.72 -1.03
N GLU B 40 -7.43 -3.82 -0.60
CA GLU B 40 -8.89 -4.02 -0.55
C GLU B 40 -9.24 -4.55 0.86
N ALA B 41 -8.38 -4.20 1.82
CA ALA B 41 -8.37 -4.74 3.17
C ALA B 41 -9.56 -4.27 4.00
N HIS B 42 -9.96 -5.15 4.93
CA HIS B 42 -11.08 -5.12 5.87
C HIS B 42 -11.69 -6.53 5.77
N GLY B 43 -11.25 -7.45 6.62
CA GLY B 43 -11.60 -8.85 6.51
C GLY B 43 -11.07 -9.65 7.69
N LEU B 44 -11.42 -10.94 7.73
CA LEU B 44 -10.90 -11.93 8.66
C LEU B 44 -11.02 -13.28 7.97
N ASN B 45 -9.90 -13.80 7.46
CA ASN B 45 -9.87 -15.10 6.80
C ASN B 45 -10.00 -16.19 7.88
N PRO B 46 -10.96 -17.13 7.80
CA PRO B 46 -11.05 -18.22 8.77
C PRO B 46 -9.79 -19.10 8.79
N ASN B 47 -8.98 -19.12 7.72
CA ASN B 47 -7.68 -19.74 7.74
C ASN B 47 -6.78 -19.12 8.80
N ALA B 48 -6.86 -17.80 9.00
CA ALA B 48 -6.01 -17.08 9.94
C ALA B 48 -6.47 -17.41 11.35
N VAL B 49 -7.79 -17.49 11.52
CA VAL B 49 -8.39 -17.92 12.79
C VAL B 49 -7.81 -19.31 13.12
N LYS B 50 -7.96 -20.29 12.22
CA LYS B 50 -7.45 -21.64 12.44
C LYS B 50 -5.95 -21.62 12.73
N ALA B 51 -5.19 -20.86 11.96
CA ALA B 51 -3.75 -20.71 12.12
C ALA B 51 -3.35 -20.22 13.53
N MET B 52 -4.19 -19.40 14.17
CA MET B 52 -3.97 -18.90 15.51
C MET B 52 -4.43 -19.93 16.54
N LYS B 53 -5.56 -20.63 16.30
CA LYS B 53 -6.03 -21.65 17.23
C LYS B 53 -5.00 -22.77 17.38
N GLU B 54 -4.19 -23.06 16.35
CA GLU B 54 -3.13 -24.08 16.42
C GLU B 54 -2.18 -23.81 17.60
N VAL B 55 -1.97 -22.54 17.94
CA VAL B 55 -1.06 -22.09 18.99
C VAL B 55 -1.85 -21.42 20.15
N GLY B 56 -3.17 -21.62 20.17
CA GLY B 56 -4.04 -21.18 21.24
C GLY B 56 -4.16 -19.66 21.32
N ILE B 57 -4.13 -18.94 20.19
CA ILE B 57 -4.46 -17.52 20.17
C ILE B 57 -5.83 -17.43 19.49
N ASP B 58 -6.64 -16.45 19.88
CA ASP B 58 -7.96 -16.22 19.31
C ASP B 58 -8.00 -14.85 18.67
N ILE B 59 -8.56 -14.78 17.47
CA ILE B 59 -8.74 -13.56 16.68
C ILE B 59 -10.12 -13.53 16.04
N SER B 60 -11.10 -14.27 16.58
CA SER B 60 -12.42 -14.42 15.97
C SER B 60 -13.26 -13.11 15.96
N ASN B 61 -12.63 -11.95 16.20
CA ASN B 61 -13.25 -10.65 16.35
C ASN B 61 -12.40 -9.54 15.69
N GLN B 62 -11.39 -9.85 14.86
CA GLN B 62 -10.63 -8.85 14.11
C GLN B 62 -11.52 -7.91 13.28
N THR B 63 -10.90 -6.80 12.92
CA THR B 63 -11.37 -5.81 11.95
C THR B 63 -10.10 -5.23 11.32
N SER B 64 -10.22 -4.59 10.15
CA SER B 64 -9.09 -4.03 9.39
C SER B 64 -9.63 -2.94 8.45
N ASP B 65 -8.79 -2.40 7.56
CA ASP B 65 -9.08 -1.26 6.71
C ASP B 65 -8.06 -1.20 5.56
N ILE B 66 -8.36 -0.44 4.51
CA ILE B 66 -7.45 -0.20 3.39
C ILE B 66 -6.23 0.62 3.84
N ILE B 67 -5.17 0.66 3.00
CA ILE B 67 -3.95 1.39 3.29
C ILE B 67 -4.27 2.84 3.72
N ASP B 68 -3.72 3.26 4.85
CA ASP B 68 -4.04 4.55 5.46
C ASP B 68 -2.78 5.15 6.08
N SER B 69 -2.24 6.14 5.38
CA SER B 69 -1.07 6.89 5.75
C SER B 69 -1.16 7.49 7.16
N ASP B 70 -2.35 7.75 7.70
CA ASP B 70 -2.51 8.40 9.01
C ASP B 70 -1.94 7.55 10.15
N ILE B 71 -1.73 6.25 9.91
CA ILE B 71 -1.20 5.31 10.89
C ILE B 71 -0.02 4.55 10.26
N LEU B 72 -0.09 4.19 8.97
CA LEU B 72 0.98 3.45 8.33
C LEU B 72 2.20 4.33 8.11
N ASN B 73 2.03 5.53 7.52
CA ASN B 73 3.13 6.49 7.43
C ASN B 73 3.56 6.97 8.84
N ASN B 74 2.66 6.89 9.81
CA ASN B 74 2.88 7.22 11.21
C ASN B 74 3.73 6.17 11.93
N ALA B 75 3.75 4.92 11.42
CA ALA B 75 4.51 3.81 11.96
C ALA B 75 6.02 4.08 11.97
N ASP B 76 6.73 3.24 12.70
CA ASP B 76 8.20 3.17 12.67
C ASP B 76 8.67 2.20 11.60
N LEU B 77 7.93 1.12 11.35
CA LEU B 77 8.32 0.00 10.51
C LEU B 77 7.10 -0.59 9.79
N VAL B 78 7.28 -0.95 8.52
CA VAL B 78 6.32 -1.66 7.68
C VAL B 78 6.87 -3.06 7.41
N VAL B 79 6.23 -4.06 8.00
CA VAL B 79 6.58 -5.46 7.81
C VAL B 79 5.72 -5.95 6.64
N THR B 80 6.32 -6.06 5.45
CA THR B 80 5.64 -6.73 4.35
C THR B 80 5.59 -8.23 4.66
N LEU B 81 4.40 -8.82 4.58
CA LEU B 81 4.12 -10.19 5.03
C LEU B 81 3.28 -10.91 3.98
N SER B 82 3.82 -11.12 2.78
CA SER B 82 3.18 -11.96 1.78
C SER B 82 4.23 -12.55 0.82
N GLY B 83 3.75 -13.31 -0.15
CA GLY B 83 4.47 -13.86 -1.29
C GLY B 83 3.62 -13.65 -2.54
N ASP B 84 2.92 -12.51 -2.59
CA ASP B 84 1.97 -12.08 -3.62
C ASP B 84 2.10 -10.57 -3.76
N ALA B 85 1.73 -10.01 -4.92
CA ALA B 85 1.99 -8.61 -5.28
C ALA B 85 0.73 -7.86 -5.72
N ALA B 86 -0.48 -8.42 -5.53
CA ALA B 86 -1.72 -7.71 -5.84
C ALA B 86 -1.96 -6.52 -4.90
N ASP B 87 -1.19 -6.35 -3.82
CA ASP B 87 -1.42 -5.40 -2.73
C ASP B 87 -1.31 -3.89 -3.10
N LYS B 88 -1.42 -3.50 -4.38
CA LYS B 88 -1.23 -2.13 -4.89
C LYS B 88 0.26 -1.71 -4.85
N CYS B 89 1.17 -2.70 -4.82
CA CYS B 89 2.62 -2.59 -4.68
C CYS B 89 3.07 -1.35 -3.88
N PRO B 90 2.61 -1.16 -2.63
CA PRO B 90 2.79 0.09 -1.90
C PRO B 90 4.26 0.53 -1.85
N MET B 91 4.51 1.81 -2.15
CA MET B 91 5.88 2.32 -2.22
C MET B 91 6.47 2.76 -0.87
N THR B 92 5.74 2.56 0.24
CA THR B 92 6.15 2.78 1.63
C THR B 92 6.96 4.08 1.83
N PRO B 93 6.32 5.20 2.20
CA PRO B 93 6.97 6.50 2.19
C PRO B 93 8.19 6.50 3.15
N PRO B 94 9.30 7.20 2.80
CA PRO B 94 10.58 7.12 3.49
C PRO B 94 10.58 7.60 4.95
N HIS B 95 9.44 8.10 5.45
CA HIS B 95 9.23 8.38 6.86
C HIS B 95 9.29 7.09 7.72
N VAL B 96 9.28 5.90 7.10
CA VAL B 96 9.12 4.62 7.78
C VAL B 96 10.19 3.64 7.29
N LYS B 97 10.70 2.79 8.20
CA LYS B 97 11.57 1.66 7.87
C LYS B 97 10.70 0.57 7.21
N ARG B 98 11.29 -0.36 6.45
CA ARG B 98 10.54 -1.49 5.89
C ARG B 98 11.43 -2.71 5.84
N GLU B 99 10.83 -3.89 6.03
CA GLU B 99 11.47 -5.18 5.81
C GLU B 99 10.38 -6.14 5.32
N HIS B 100 10.77 -7.21 4.61
CA HIS B 100 9.88 -8.24 4.09
C HIS B 100 10.22 -9.56 4.79
N TRP B 101 9.20 -10.30 5.27
CA TRP B 101 9.40 -11.56 5.99
C TRP B 101 8.36 -12.63 5.63
N GLY B 102 7.42 -12.36 4.73
CA GLY B 102 6.37 -13.32 4.38
C GLY B 102 6.91 -14.41 3.46
N PHE B 103 7.37 -13.99 2.27
CA PHE B 103 7.88 -14.81 1.16
C PHE B 103 7.01 -16.02 0.78
N ASP B 104 5.77 -16.09 1.25
CA ASP B 104 4.79 -17.14 1.01
C ASP B 104 3.41 -16.53 1.34
N ASP B 105 2.33 -17.14 0.87
CA ASP B 105 0.96 -16.67 1.11
C ASP B 105 0.02 -17.88 1.33
N PRO B 106 -0.42 -18.13 2.58
CA PRO B 106 -1.28 -19.25 2.94
C PRO B 106 -2.75 -19.03 2.55
N ALA B 107 -3.15 -17.81 2.15
CA ALA B 107 -4.46 -17.54 1.57
C ALA B 107 -4.58 -18.15 0.17
N ARG B 108 -3.55 -18.83 -0.33
CA ARG B 108 -3.50 -19.35 -1.69
C ARG B 108 -3.31 -20.85 -1.60
N ALA B 109 -2.20 -21.28 -0.98
CA ALA B 109 -1.77 -22.67 -0.89
C ALA B 109 -1.91 -23.45 -2.19
N GLN B 110 -1.71 -24.77 -2.10
CA GLN B 110 -2.12 -25.68 -3.14
C GLN B 110 -3.53 -26.01 -2.67
N GLY B 111 -4.46 -26.07 -3.61
CA GLY B 111 -5.87 -26.14 -3.28
C GLY B 111 -6.36 -27.54 -2.96
N THR B 112 -5.76 -28.21 -1.98
CA THR B 112 -6.24 -29.46 -1.41
C THR B 112 -6.46 -29.20 0.08
N GLU B 113 -7.20 -30.08 0.75
CA GLU B 113 -7.54 -29.86 2.13
C GLU B 113 -6.29 -29.92 3.01
N GLU B 114 -5.40 -30.84 2.68
CA GLU B 114 -4.16 -31.07 3.38
C GLU B 114 -3.20 -29.96 3.04
N GLU B 115 -3.09 -29.52 1.79
CA GLU B 115 -2.07 -28.55 1.44
C GLU B 115 -2.50 -27.17 1.93
N LYS B 116 -3.80 -26.88 1.98
CA LYS B 116 -4.30 -25.68 2.64
C LYS B 116 -3.81 -25.64 4.07
N TRP B 117 -4.14 -26.66 4.87
CA TRP B 117 -3.73 -26.72 6.27
C TRP B 117 -2.19 -26.66 6.34
N ALA B 118 -1.50 -27.38 5.46
CA ALA B 118 -0.05 -27.42 5.42
C ALA B 118 0.57 -26.04 5.21
N PHE B 119 0.02 -25.24 4.30
CA PHE B 119 0.47 -23.87 4.10
C PHE B 119 0.16 -23.02 5.33
N PHE B 120 -1.03 -23.14 5.93
CA PHE B 120 -1.36 -22.37 7.12
C PHE B 120 -0.35 -22.68 8.22
N GLN B 121 -0.08 -23.97 8.45
CA GLN B 121 0.80 -24.43 9.50
C GLN B 121 2.24 -23.99 9.25
N ARG B 122 2.72 -24.10 8.01
CA ARG B 122 4.08 -23.69 7.67
C ARG B 122 4.24 -22.21 7.97
N VAL B 123 3.34 -21.39 7.41
CA VAL B 123 3.45 -19.94 7.50
C VAL B 123 3.25 -19.51 8.95
N ARG B 124 2.31 -20.09 9.71
CA ARG B 124 2.06 -19.64 11.08
C ARG B 124 3.24 -19.88 11.98
N ASP B 125 3.94 -20.99 11.80
CA ASP B 125 5.12 -21.27 12.61
C ASP B 125 6.24 -20.26 12.32
N GLU B 126 6.44 -19.92 11.04
CA GLU B 126 7.43 -18.94 10.63
C GLU B 126 7.05 -17.55 11.15
N ILE B 127 5.80 -17.12 10.95
CA ILE B 127 5.28 -15.83 11.40
C ILE B 127 5.47 -15.72 12.91
N GLY B 128 5.11 -16.73 13.70
CA GLY B 128 5.22 -16.64 15.15
C GLY B 128 6.66 -16.43 15.59
N ASN B 129 7.59 -17.20 15.03
CA ASN B 129 9.00 -17.10 15.37
C ASN B 129 9.58 -15.75 14.96
N ARG B 130 9.24 -15.28 13.77
CA ARG B 130 9.66 -13.95 13.30
C ARG B 130 9.09 -12.88 14.20
N LEU B 131 7.78 -12.91 14.52
CA LEU B 131 7.17 -11.86 15.31
C LEU B 131 7.75 -11.83 16.73
N LYS B 132 8.13 -12.98 17.28
CA LYS B 132 8.81 -13.05 18.56
C LYS B 132 10.13 -12.28 18.50
N GLU B 133 10.87 -12.34 17.39
CA GLU B 133 12.11 -11.60 17.28
C GLU B 133 11.88 -10.10 17.39
N PHE B 134 10.79 -9.51 16.89
CA PHE B 134 10.65 -8.05 17.00
C PHE B 134 10.59 -7.66 18.47
N ALA B 135 9.94 -8.50 19.29
CA ALA B 135 9.86 -8.29 20.72
C ALA B 135 11.25 -8.33 21.36
N GLU B 136 12.13 -9.20 20.85
CA GLU B 136 13.46 -9.47 21.40
C GLU B 136 14.50 -8.44 20.92
N THR B 137 14.46 -8.14 19.62
CA THR B 137 15.45 -7.39 18.87
C THR B 137 15.10 -5.88 18.84
N GLY B 138 13.82 -5.54 19.06
CA GLY B 138 13.30 -4.20 18.82
C GLY B 138 13.42 -3.80 17.34
N LYS B 139 13.55 -4.82 16.48
CA LYS B 139 13.88 -4.76 15.07
C LYS B 139 14.77 -3.57 14.72
N MET A 1 0.43 20.22 -22.41
CA MET A 1 1.72 20.86 -22.71
C MET A 1 2.78 19.79 -22.94
N ALA A 2 3.20 19.08 -21.89
CA ALA A 2 4.09 17.93 -21.93
C ALA A 2 3.83 17.12 -20.67
N ILE A 3 4.42 15.93 -20.60
CA ILE A 3 4.46 15.15 -19.38
C ILE A 3 5.66 15.75 -18.62
N VAL A 4 5.36 16.63 -17.67
CA VAL A 4 6.31 17.31 -16.80
C VAL A 4 6.67 16.32 -15.68
N LYS A 5 7.67 16.66 -14.87
CA LYS A 5 8.08 15.91 -13.70
C LYS A 5 8.07 16.85 -12.50
N ALA A 6 7.42 16.43 -11.43
CA ALA A 6 7.35 17.13 -10.16
C ALA A 6 8.44 16.59 -9.22
N THR A 7 8.53 17.18 -8.03
CA THR A 7 9.31 16.72 -6.90
C THR A 7 8.71 17.40 -5.66
N ASP A 8 9.36 17.23 -4.50
CA ASP A 8 8.94 17.57 -3.13
C ASP A 8 8.14 18.87 -2.96
N GLN A 9 8.48 19.91 -3.73
CA GLN A 9 7.83 21.22 -3.68
C GLN A 9 7.49 21.73 -5.09
N SER A 10 8.27 21.35 -6.11
CA SER A 10 7.99 21.69 -7.49
C SER A 10 6.64 21.14 -7.97
N PHE A 11 6.09 20.09 -7.33
CA PHE A 11 4.72 19.63 -7.56
C PHE A 11 3.78 20.82 -7.43
N SER A 12 3.82 21.54 -6.31
CA SER A 12 2.93 22.66 -6.08
C SER A 12 3.14 23.73 -7.14
N ALA A 13 4.40 24.03 -7.44
CA ALA A 13 4.74 25.10 -8.36
C ALA A 13 4.17 24.84 -9.76
N GLU A 14 4.16 23.58 -10.18
CA GLU A 14 3.63 23.15 -11.47
C GLU A 14 2.10 23.00 -11.47
N THR A 15 1.44 22.98 -10.31
CA THR A 15 0.02 22.62 -10.18
C THR A 15 -0.84 23.78 -9.64
N SER A 16 -0.23 24.91 -9.27
CA SER A 16 -0.92 26.02 -8.62
C SER A 16 -1.82 26.82 -9.57
N GLU A 17 -1.76 26.56 -10.87
CA GLU A 17 -2.51 27.27 -11.89
C GLU A 17 -2.99 26.29 -12.97
N GLY A 18 -4.08 26.63 -13.65
CA GLY A 18 -4.69 25.82 -14.68
C GLY A 18 -5.29 24.54 -14.10
N VAL A 19 -5.51 23.55 -14.97
CA VAL A 19 -5.90 22.20 -14.58
C VAL A 19 -4.74 21.30 -14.96
N VAL A 20 -4.33 20.50 -13.98
CA VAL A 20 -3.10 19.73 -14.02
C VAL A 20 -3.40 18.34 -13.46
N LEU A 21 -3.14 17.33 -14.28
CA LEU A 21 -3.26 15.92 -13.92
C LEU A 21 -1.90 15.44 -13.40
N ALA A 22 -1.70 15.34 -12.09
CA ALA A 22 -0.49 14.74 -11.57
C ALA A 22 -0.67 13.23 -11.53
N ASP A 23 0.44 12.51 -11.69
CA ASP A 23 0.49 11.05 -11.80
C ASP A 23 1.69 10.52 -11.03
N PHE A 24 1.59 9.30 -10.51
CA PHE A 24 2.52 8.72 -9.57
C PHE A 24 2.83 7.32 -10.10
N TRP A 25 4.07 7.11 -10.52
CA TRP A 25 4.56 5.91 -11.20
C TRP A 25 5.87 5.50 -10.52
N ALA A 26 6.25 4.23 -10.55
CA ALA A 26 7.58 3.78 -10.12
C ALA A 26 7.81 2.31 -10.52
N PRO A 27 9.08 1.84 -10.48
CA PRO A 27 9.43 0.45 -10.77
C PRO A 27 8.67 -0.63 -10.01
N TRP A 28 8.01 -0.31 -8.88
CA TRP A 28 7.26 -1.26 -8.05
C TRP A 28 6.13 -1.98 -8.80
N CYS A 29 5.66 -1.47 -9.94
CA CYS A 29 4.46 -1.99 -10.57
C CYS A 29 4.50 -1.97 -12.10
N GLY A 30 3.62 -2.77 -12.70
CA GLY A 30 3.40 -2.82 -14.15
C GLY A 30 2.61 -1.62 -14.66
N PRO A 31 1.50 -1.19 -14.03
CA PRO A 31 0.77 0.01 -14.41
C PRO A 31 1.62 1.27 -14.57
N SER A 32 2.76 1.38 -13.87
CA SER A 32 3.71 2.47 -14.05
C SER A 32 4.27 2.57 -15.48
N LYS A 33 4.15 1.52 -16.28
CA LYS A 33 4.55 1.49 -17.68
C LYS A 33 3.34 1.33 -18.61
N MET A 34 2.11 1.48 -18.11
CA MET A 34 0.88 1.42 -18.90
C MET A 34 0.12 2.74 -18.75
N ILE A 35 0.00 3.28 -17.53
CA ILE A 35 -0.51 4.62 -17.29
C ILE A 35 0.41 5.65 -17.98
N ALA A 36 1.73 5.39 -17.99
CA ALA A 36 2.72 6.28 -18.58
C ALA A 36 2.43 6.55 -20.06
N PRO A 37 2.35 5.55 -20.96
CA PRO A 37 1.97 5.76 -22.34
C PRO A 37 0.58 6.37 -22.46
N VAL A 38 -0.37 5.94 -21.64
CA VAL A 38 -1.73 6.46 -21.60
C VAL A 38 -1.74 7.97 -21.36
N LEU A 39 -0.83 8.49 -20.54
CA LEU A 39 -0.71 9.93 -20.29
C LEU A 39 -0.12 10.64 -21.52
N GLU A 40 0.89 10.06 -22.15
CA GLU A 40 1.48 10.67 -23.34
C GLU A 40 0.43 10.70 -24.48
N GLU A 41 -0.42 9.67 -24.57
CA GLU A 41 -1.54 9.60 -25.50
C GLU A 41 -2.62 10.63 -25.18
N LEU A 42 -2.75 11.02 -23.91
CA LEU A 42 -3.68 12.05 -23.50
C LEU A 42 -3.13 13.42 -23.84
N ASP A 43 -1.86 13.69 -23.55
CA ASP A 43 -1.30 15.01 -23.71
C ASP A 43 -1.15 15.36 -25.19
N GLN A 44 -0.79 14.37 -26.01
CA GLN A 44 -0.70 14.60 -27.44
C GLN A 44 -2.07 14.85 -28.07
N GLU A 45 -3.18 14.64 -27.34
CA GLU A 45 -4.51 14.85 -27.81
C GLU A 45 -5.10 16.15 -27.25
N MET A 46 -5.05 16.33 -25.93
CA MET A 46 -5.74 17.41 -25.23
C MET A 46 -4.80 18.20 -24.33
N GLY A 47 -3.50 18.05 -24.51
CA GLY A 47 -2.49 18.89 -23.87
C GLY A 47 -2.57 20.35 -24.27
N ASP A 48 -3.42 20.69 -25.24
CA ASP A 48 -3.75 22.07 -25.57
C ASP A 48 -4.47 22.76 -24.41
N LYS A 49 -5.09 21.97 -23.53
CA LYS A 49 -5.89 22.45 -22.42
C LYS A 49 -5.37 21.96 -21.07
N LEU A 50 -4.49 20.96 -21.05
CA LEU A 50 -4.08 20.23 -19.86
C LEU A 50 -2.56 20.18 -19.71
N LYS A 51 -2.10 20.12 -18.47
CA LYS A 51 -0.70 19.83 -18.13
C LYS A 51 -0.73 18.49 -17.39
N ILE A 52 0.31 17.68 -17.53
CA ILE A 52 0.46 16.42 -16.81
C ILE A 52 1.78 16.50 -16.07
N VAL A 53 1.86 15.97 -14.85
CA VAL A 53 3.09 16.06 -14.05
C VAL A 53 3.30 14.72 -13.33
N LYS A 54 4.35 13.97 -13.67
CA LYS A 54 4.61 12.69 -13.02
C LYS A 54 5.47 12.90 -11.77
N ILE A 55 5.39 11.98 -10.82
CA ILE A 55 6.21 11.85 -9.64
C ILE A 55 6.75 10.42 -9.75
N ASP A 56 8.07 10.27 -9.65
CA ASP A 56 8.72 8.97 -9.54
C ASP A 56 8.67 8.59 -8.06
N VAL A 57 7.79 7.65 -7.70
CA VAL A 57 7.59 7.24 -6.31
C VAL A 57 8.67 6.30 -5.77
N ASP A 58 9.92 6.67 -5.99
CA ASP A 58 11.11 6.09 -5.37
C ASP A 58 12.21 7.14 -5.33
N GLU A 59 12.41 7.90 -6.41
CA GLU A 59 13.42 8.95 -6.49
C GLU A 59 12.92 10.24 -5.82
N ASN A 60 11.66 10.60 -6.07
CA ASN A 60 11.06 11.86 -5.62
C ASN A 60 9.68 11.64 -5.03
N GLN A 61 9.55 10.51 -4.30
CA GLN A 61 8.31 10.05 -3.71
C GLN A 61 7.83 10.93 -2.55
N GLU A 62 8.61 11.93 -2.16
CA GLU A 62 8.38 12.80 -1.03
C GLU A 62 7.00 13.45 -1.11
N THR A 63 6.62 14.00 -2.27
CA THR A 63 5.28 14.56 -2.49
C THR A 63 4.20 13.51 -2.25
N ALA A 64 4.44 12.29 -2.71
CA ALA A 64 3.46 11.22 -2.68
C ALA A 64 3.19 10.83 -1.24
N GLY A 65 4.25 10.47 -0.51
CA GLY A 65 4.21 10.26 0.94
C GLY A 65 3.55 11.42 1.69
N LYS A 66 3.89 12.67 1.36
CA LYS A 66 3.34 13.87 1.98
C LYS A 66 1.82 13.94 1.79
N TYR A 67 1.33 13.61 0.59
CA TYR A 67 -0.08 13.55 0.27
C TYR A 67 -0.75 12.24 0.75
N GLY A 68 0.01 11.29 1.28
CA GLY A 68 -0.50 10.00 1.73
C GLY A 68 -0.97 9.17 0.54
N VAL A 69 -0.07 8.87 -0.39
CA VAL A 69 -0.42 8.20 -1.65
C VAL A 69 -0.10 6.72 -1.43
N MET A 70 1.19 6.44 -1.26
CA MET A 70 1.80 5.19 -0.91
C MET A 70 1.53 4.04 -1.87
N SER A 71 0.87 4.27 -3.00
CA SER A 71 0.38 3.21 -3.85
C SER A 71 0.47 3.55 -5.34
N ILE A 72 0.45 2.52 -6.19
CA ILE A 72 0.68 2.68 -7.63
C ILE A 72 -0.47 2.00 -8.40
N PRO A 73 -0.95 2.58 -9.51
CA PRO A 73 -0.66 3.93 -9.97
C PRO A 73 -1.60 4.86 -9.20
N THR A 74 -1.17 6.10 -9.00
CA THR A 74 -2.04 7.12 -8.42
C THR A 74 -2.11 8.33 -9.35
N LEU A 75 -3.27 8.99 -9.37
CA LEU A 75 -3.52 10.26 -10.02
C LEU A 75 -4.05 11.20 -8.94
N LEU A 76 -3.57 12.44 -8.95
CA LEU A 76 -4.10 13.54 -8.17
C LEU A 76 -4.45 14.58 -9.24
N VAL A 77 -5.73 14.79 -9.51
CA VAL A 77 -6.17 15.80 -10.45
C VAL A 77 -6.28 17.10 -9.64
N LEU A 78 -5.66 18.18 -10.12
CA LEU A 78 -5.67 19.47 -9.44
C LEU A 78 -6.22 20.53 -10.39
N LYS A 79 -6.84 21.57 -9.83
CA LYS A 79 -7.23 22.77 -10.55
C LYS A 79 -6.88 23.94 -9.64
N ASP A 80 -6.30 24.98 -10.22
CA ASP A 80 -5.93 26.25 -9.58
C ASP A 80 -5.28 26.09 -8.19
N GLY A 81 -4.56 24.98 -7.97
CA GLY A 81 -3.76 24.74 -6.76
C GLY A 81 -4.44 23.93 -5.67
N GLU A 82 -5.54 23.25 -5.98
CA GLU A 82 -6.21 22.32 -5.08
C GLU A 82 -6.48 20.99 -5.80
N VAL A 83 -6.39 19.88 -5.07
CA VAL A 83 -6.83 18.56 -5.56
C VAL A 83 -8.35 18.62 -5.65
N VAL A 84 -8.88 18.13 -6.77
CA VAL A 84 -10.30 18.13 -7.08
C VAL A 84 -10.77 16.71 -7.41
N GLU A 85 -9.86 15.82 -7.84
CA GLU A 85 -10.13 14.41 -8.03
C GLU A 85 -8.89 13.58 -7.70
N THR A 86 -9.11 12.29 -7.56
CA THR A 86 -8.13 11.32 -7.11
C THR A 86 -8.49 9.98 -7.74
N SER A 87 -7.48 9.15 -8.01
CA SER A 87 -7.67 7.76 -8.40
C SER A 87 -6.43 6.98 -7.99
N VAL A 88 -6.62 5.78 -7.47
CA VAL A 88 -5.59 4.97 -6.85
C VAL A 88 -5.76 3.56 -7.43
N GLY A 89 -5.47 3.45 -8.72
CA GLY A 89 -5.71 2.29 -9.56
C GLY A 89 -5.60 2.69 -11.03
N PHE A 90 -5.31 1.71 -11.90
CA PHE A 90 -5.16 1.94 -13.34
C PHE A 90 -6.49 2.39 -13.95
N LYS A 91 -6.42 3.23 -15.00
CA LYS A 91 -7.55 3.60 -15.84
C LYS A 91 -7.05 3.66 -17.29
N PRO A 92 -7.83 3.23 -18.30
CA PRO A 92 -7.46 3.38 -19.70
C PRO A 92 -7.53 4.86 -20.12
N LYS A 93 -6.94 5.18 -21.27
CA LYS A 93 -6.86 6.51 -21.87
C LYS A 93 -8.19 7.27 -21.83
N GLU A 94 -9.29 6.63 -22.23
CA GLU A 94 -10.58 7.31 -22.28
C GLU A 94 -11.08 7.65 -20.88
N ALA A 95 -10.96 6.73 -19.94
CA ALA A 95 -11.38 6.96 -18.57
C ALA A 95 -10.49 8.02 -17.91
N LEU A 96 -9.20 8.04 -18.27
CA LEU A 96 -8.25 9.05 -17.84
C LEU A 96 -8.74 10.42 -18.27
N GLN A 97 -9.04 10.57 -19.56
CA GLN A 97 -9.42 11.84 -20.12
C GLN A 97 -10.76 12.27 -19.55
N GLU A 98 -11.70 11.35 -19.35
CA GLU A 98 -12.97 11.68 -18.71
C GLU A 98 -12.75 12.22 -17.29
N LEU A 99 -11.91 11.56 -16.51
CA LEU A 99 -11.64 11.87 -15.10
C LEU A 99 -11.14 13.29 -14.93
N VAL A 100 -10.30 13.77 -15.84
CA VAL A 100 -9.80 15.14 -15.79
C VAL A 100 -10.74 16.10 -16.52
N ASN A 101 -11.28 15.71 -17.69
CA ASN A 101 -12.11 16.56 -18.54
C ASN A 101 -13.35 17.07 -17.78
N LYS A 102 -13.89 16.26 -16.86
CA LYS A 102 -15.06 16.65 -16.08
C LYS A 102 -14.79 17.78 -15.08
N HIS A 103 -13.53 18.23 -14.91
CA HIS A 103 -13.14 19.36 -14.05
C HIS A 103 -12.30 20.40 -14.81
N LEU A 104 -11.58 19.99 -15.85
CA LEU A 104 -10.89 20.83 -16.82
C LEU A 104 -11.95 21.69 -17.52
N MET B 1 10.65 3.92 23.90
CA MET B 1 9.37 4.65 24.11
C MET B 1 8.27 3.63 24.39
N GLU B 2 7.32 3.95 25.26
CA GLU B 2 6.27 3.03 25.73
C GLU B 2 5.05 2.99 24.78
N ASN B 3 5.27 3.43 23.53
CA ASN B 3 4.41 3.32 22.39
C ASN B 3 5.38 3.45 21.24
N LYS B 4 5.24 2.50 20.34
CA LYS B 4 5.95 2.31 19.10
C LYS B 4 4.98 1.53 18.22
N ILE B 5 5.04 1.74 16.91
CA ILE B 5 4.02 1.25 15.99
C ILE B 5 4.71 0.36 14.95
N ILE B 6 3.99 -0.66 14.50
CA ILE B 6 4.44 -1.55 13.43
C ILE B 6 3.22 -1.80 12.53
N TYR B 7 3.44 -1.92 11.23
CA TYR B 7 2.40 -2.00 10.21
C TYR B 7 2.74 -3.17 9.31
N PHE B 8 1.75 -3.93 8.87
CA PHE B 8 1.96 -5.06 7.96
C PHE B 8 1.23 -4.76 6.65
N LEU B 9 1.80 -5.19 5.53
CA LEU B 9 1.21 -5.03 4.21
C LEU B 9 1.04 -6.42 3.64
N SER B 10 -0.21 -6.85 3.43
CA SER B 10 -0.55 -8.19 2.98
C SER B 10 -1.64 -8.08 1.92
N THR B 11 -1.51 -8.84 0.83
CA THR B 11 -2.52 -8.90 -0.22
C THR B 11 -3.89 -9.23 0.40
N GLY B 12 -4.86 -8.31 0.21
CA GLY B 12 -6.23 -8.42 0.70
C GLY B 12 -6.38 -8.41 2.24
N ASN B 13 -5.28 -8.30 2.97
CA ASN B 13 -5.16 -8.47 4.43
C ASN B 13 -5.93 -9.71 4.95
N SER B 14 -6.12 -10.73 4.10
CA SER B 14 -7.01 -11.84 4.36
C SER B 14 -6.57 -12.77 5.48
N ALA B 15 -5.26 -13.13 5.55
CA ALA B 15 -4.80 -14.18 6.44
C ALA B 15 -3.46 -13.90 7.12
N ARG B 16 -2.34 -13.74 6.40
CA ARG B 16 -1.03 -13.60 7.07
C ARG B 16 -1.04 -12.46 8.08
N SER B 17 -1.58 -11.32 7.68
CA SER B 17 -1.77 -10.14 8.50
C SER B 17 -2.48 -10.46 9.81
N GLN B 18 -3.61 -11.17 9.72
CA GLN B 18 -4.45 -11.52 10.84
C GLN B 18 -3.70 -12.39 11.82
N MET B 19 -3.04 -13.40 11.28
CA MET B 19 -2.29 -14.35 12.04
C MET B 19 -1.15 -13.61 12.76
N ALA B 20 -0.45 -12.73 12.03
CA ALA B 20 0.68 -11.99 12.53
C ALA B 20 0.27 -11.02 13.60
N GLU B 21 -0.86 -10.32 13.49
CA GLU B 21 -1.22 -9.32 14.49
C GLU B 21 -1.72 -10.01 15.77
N GLY B 22 -2.29 -11.21 15.65
CA GLY B 22 -2.60 -12.04 16.80
C GLY B 22 -1.30 -12.51 17.48
N TRP B 23 -0.37 -13.07 16.70
CA TRP B 23 0.95 -13.46 17.17
C TRP B 23 1.68 -12.29 17.82
N ALA B 24 1.55 -11.10 17.23
CA ALA B 24 2.27 -9.93 17.63
C ALA B 24 1.92 -9.61 19.06
N LYS B 25 0.63 -9.49 19.40
CA LYS B 25 0.24 -8.96 20.70
C LYS B 25 0.67 -9.85 21.86
N GLN B 26 0.91 -11.14 21.64
CA GLN B 26 1.42 -12.01 22.70
C GLN B 26 2.92 -11.76 23.03
N TYR B 27 3.66 -11.03 22.19
CA TYR B 27 5.08 -10.71 22.39
C TYR B 27 5.39 -9.20 22.30
N LEU B 28 4.48 -8.42 21.73
CA LEU B 28 4.57 -7.00 21.48
C LEU B 28 3.37 -6.41 22.22
N GLY B 29 3.50 -6.30 23.54
CA GLY B 29 2.44 -5.95 24.48
C GLY B 29 1.92 -4.52 24.31
N ASP B 30 1.25 -3.97 25.32
CA ASP B 30 0.67 -2.62 25.29
C ASP B 30 1.70 -1.52 25.01
N GLU B 31 2.98 -1.82 25.26
CA GLU B 31 4.16 -1.04 24.89
C GLU B 31 4.26 -0.80 23.36
N TRP B 32 3.54 -1.57 22.55
CA TRP B 32 3.54 -1.53 21.10
C TRP B 32 2.10 -1.41 20.60
N LYS B 33 1.93 -0.91 19.38
CA LYS B 33 0.67 -0.90 18.66
C LYS B 33 0.91 -1.55 17.30
N VAL B 34 -0.06 -2.32 16.82
CA VAL B 34 0.10 -3.18 15.66
C VAL B 34 -1.10 -2.94 14.74
N TYR B 35 -0.84 -2.84 13.44
CA TYR B 35 -1.83 -2.60 12.40
C TYR B 35 -1.48 -3.45 11.19
N SER B 36 -2.45 -3.73 10.32
CA SER B 36 -2.23 -4.44 9.07
C SER B 36 -3.20 -3.92 8.02
N ALA B 37 -2.81 -3.95 6.74
CA ALA B 37 -3.55 -3.38 5.64
C ALA B 37 -3.22 -4.06 4.31
N GLY B 38 -3.96 -3.71 3.26
CA GLY B 38 -3.77 -4.22 1.90
C GLY B 38 -4.59 -3.44 0.88
N ILE B 39 -4.59 -3.92 -0.36
CA ILE B 39 -5.17 -3.27 -1.55
C ILE B 39 -6.63 -2.86 -1.38
N GLU B 40 -7.49 -3.83 -1.07
CA GLU B 40 -8.95 -3.69 -0.94
C GLU B 40 -9.37 -4.37 0.36
N ALA B 41 -8.43 -4.39 1.31
CA ALA B 41 -8.47 -5.11 2.55
C ALA B 41 -9.64 -4.69 3.43
N HIS B 42 -10.13 -5.67 4.20
CA HIS B 42 -11.22 -5.68 5.18
C HIS B 42 -11.84 -7.09 5.03
N GLY B 43 -11.09 -8.14 5.38
CA GLY B 43 -11.50 -9.53 5.26
C GLY B 43 -10.68 -10.37 6.21
N LEU B 44 -11.24 -11.48 6.67
CA LEU B 44 -10.72 -12.31 7.73
C LEU B 44 -10.94 -13.75 7.31
N ASN B 45 -9.89 -14.41 6.80
CA ASN B 45 -10.03 -15.79 6.39
C ASN B 45 -10.16 -16.66 7.66
N PRO B 46 -11.17 -17.55 7.77
CA PRO B 46 -11.30 -18.43 8.92
C PRO B 46 -10.10 -19.35 9.10
N ASN B 47 -9.30 -19.61 8.06
CA ASN B 47 -8.04 -20.35 8.20
C ASN B 47 -7.05 -19.60 9.10
N ALA B 48 -7.03 -18.27 9.03
CA ALA B 48 -6.15 -17.46 9.87
C ALA B 48 -6.66 -17.48 11.30
N VAL B 49 -7.99 -17.43 11.47
CA VAL B 49 -8.61 -17.57 12.79
C VAL B 49 -8.16 -18.90 13.39
N LYS B 50 -8.33 -20.00 12.64
CA LYS B 50 -7.93 -21.34 13.07
C LYS B 50 -6.43 -21.38 13.39
N ALA B 51 -5.60 -20.76 12.55
CA ALA B 51 -4.17 -20.66 12.76
C ALA B 51 -3.82 -20.05 14.12
N MET B 52 -4.64 -19.14 14.66
CA MET B 52 -4.41 -18.56 15.97
C MET B 52 -4.99 -19.43 17.07
N LYS B 53 -6.11 -20.12 16.84
CA LYS B 53 -6.62 -21.10 17.81
C LYS B 53 -5.64 -22.25 18.00
N GLU B 54 -4.75 -22.54 17.03
CA GLU B 54 -3.69 -23.55 17.20
C GLU B 54 -2.81 -23.24 18.42
N VAL B 55 -2.63 -21.95 18.75
CA VAL B 55 -1.80 -21.46 19.84
C VAL B 55 -2.63 -20.72 20.89
N GLY B 56 -3.96 -20.87 20.85
CA GLY B 56 -4.87 -20.30 21.83
C GLY B 56 -4.86 -18.77 21.83
N ILE B 57 -4.82 -18.14 20.65
CA ILE B 57 -5.00 -16.69 20.52
C ILE B 57 -6.28 -16.54 19.70
N ASP B 58 -7.06 -15.49 19.95
CA ASP B 58 -8.36 -15.29 19.33
C ASP B 58 -8.36 -13.98 18.54
N ILE B 59 -8.90 -14.05 17.33
CA ILE B 59 -9.05 -12.97 16.36
C ILE B 59 -10.38 -13.12 15.63
N SER B 60 -11.39 -13.76 16.21
CA SER B 60 -12.65 -14.03 15.53
C SER B 60 -13.47 -12.75 15.23
N ASN B 61 -12.88 -11.55 15.33
CA ASN B 61 -13.54 -10.26 15.29
C ASN B 61 -12.62 -9.16 14.70
N GLN B 62 -11.61 -9.47 13.87
CA GLN B 62 -10.79 -8.45 13.20
C GLN B 62 -11.61 -7.34 12.52
N THR B 63 -11.00 -6.16 12.46
CA THR B 63 -11.56 -4.90 11.97
C THR B 63 -10.63 -4.26 10.92
N SER B 64 -10.07 -5.09 10.03
CA SER B 64 -9.10 -4.68 9.01
C SER B 64 -9.65 -3.63 8.03
N ASP B 65 -8.77 -3.10 7.17
CA ASP B 65 -9.02 -1.94 6.32
C ASP B 65 -7.93 -1.85 5.24
N ILE B 66 -8.11 -0.99 4.23
CA ILE B 66 -7.13 -0.68 3.20
C ILE B 66 -5.89 0.02 3.76
N ILE B 67 -4.85 0.17 2.93
CA ILE B 67 -3.67 0.97 3.26
C ILE B 67 -4.11 2.33 3.79
N ASP B 68 -3.52 2.74 4.90
CA ASP B 68 -3.88 3.97 5.61
C ASP B 68 -2.59 4.64 6.07
N SER B 69 -2.17 5.57 5.24
CA SER B 69 -1.03 6.45 5.43
C SER B 69 -0.91 7.05 6.82
N ASP B 70 -2.02 7.30 7.52
CA ASP B 70 -1.99 8.04 8.77
C ASP B 70 -1.35 7.20 9.88
N ILE B 71 -1.36 5.87 9.71
CA ILE B 71 -0.70 4.95 10.62
C ILE B 71 0.55 4.38 9.94
N LEU B 72 0.52 4.06 8.64
CA LEU B 72 1.67 3.46 7.96
C LEU B 72 2.87 4.40 8.02
N ASN B 73 2.71 5.66 7.64
CA ASN B 73 3.83 6.62 7.66
C ASN B 73 4.39 6.82 9.08
N ASN B 74 3.53 6.66 10.09
CA ASN B 74 3.85 6.86 11.50
C ASN B 74 4.46 5.61 12.15
N ALA B 75 4.42 4.46 11.48
CA ALA B 75 5.00 3.23 11.99
C ALA B 75 6.52 3.34 12.09
N ASP B 76 7.13 2.34 12.72
CA ASP B 76 8.58 2.16 12.79
C ASP B 76 9.06 1.04 11.86
N LEU B 77 8.14 0.22 11.34
CA LEU B 77 8.41 -0.81 10.34
C LEU B 77 7.15 -1.04 9.52
N VAL B 78 7.35 -1.33 8.23
CA VAL B 78 6.34 -1.82 7.31
C VAL B 78 6.82 -3.21 6.94
N VAL B 79 6.23 -4.21 7.58
CA VAL B 79 6.54 -5.60 7.33
C VAL B 79 5.77 -5.97 6.06
N THR B 80 6.46 -6.05 4.91
CA THR B 80 5.80 -6.63 3.75
C THR B 80 5.57 -8.09 4.14
N LEU B 81 4.32 -8.54 4.19
CA LEU B 81 3.93 -9.81 4.80
C LEU B 81 2.96 -10.58 3.91
N SER B 82 3.33 -10.80 2.64
CA SER B 82 2.63 -11.72 1.74
C SER B 82 3.53 -11.96 0.52
N GLY B 83 3.12 -12.85 -0.39
CA GLY B 83 3.81 -13.08 -1.65
C GLY B 83 2.87 -13.33 -2.82
N ASP B 84 1.56 -13.17 -2.65
CA ASP B 84 0.62 -13.18 -3.78
C ASP B 84 0.82 -11.92 -4.66
N ALA B 85 1.43 -10.87 -4.08
CA ALA B 85 1.91 -9.66 -4.73
C ALA B 85 0.82 -8.97 -5.55
N ALA B 86 -0.38 -8.86 -4.98
CA ALA B 86 -1.47 -8.05 -5.53
C ALA B 86 -1.85 -6.92 -4.56
N ASP B 87 -1.03 -6.69 -3.53
CA ASP B 87 -1.19 -5.70 -2.45
C ASP B 87 -1.12 -4.22 -2.86
N LYS B 88 -1.33 -3.89 -4.15
CA LYS B 88 -1.25 -2.52 -4.71
C LYS B 88 0.19 -1.97 -4.74
N CYS B 89 1.19 -2.88 -4.82
CA CYS B 89 2.63 -2.60 -4.93
C CYS B 89 3.06 -1.33 -4.16
N PRO B 90 2.66 -1.15 -2.88
CA PRO B 90 2.82 0.11 -2.18
C PRO B 90 4.26 0.61 -2.18
N MET B 91 4.48 1.90 -2.43
CA MET B 91 5.84 2.46 -2.44
C MET B 91 6.39 2.82 -1.05
N THR B 92 5.62 2.64 0.05
CA THR B 92 6.08 2.81 1.45
C THR B 92 6.89 4.09 1.66
N PRO B 93 6.25 5.23 1.94
CA PRO B 93 6.92 6.53 1.95
C PRO B 93 8.08 6.53 2.97
N PRO B 94 9.21 7.21 2.68
CA PRO B 94 10.47 7.10 3.44
C PRO B 94 10.44 7.60 4.89
N HIS B 95 9.26 7.97 5.40
CA HIS B 95 9.04 8.28 6.81
C HIS B 95 9.26 7.06 7.71
N VAL B 96 9.37 5.84 7.16
CA VAL B 96 9.41 4.59 7.92
C VAL B 96 10.31 3.54 7.23
N LYS B 97 10.86 2.61 8.03
CA LYS B 97 11.65 1.46 7.59
C LYS B 97 10.73 0.40 6.98
N ARG B 98 11.24 -0.48 6.12
CA ARG B 98 10.49 -1.60 5.56
C ARG B 98 11.44 -2.78 5.38
N GLU B 99 10.94 -3.99 5.59
CA GLU B 99 11.62 -5.22 5.25
C GLU B 99 10.54 -6.25 4.95
N HIS B 100 10.83 -7.15 4.01
CA HIS B 100 9.94 -8.23 3.60
C HIS B 100 10.13 -9.44 4.51
N TRP B 101 9.02 -10.02 4.96
CA TRP B 101 8.96 -11.19 5.82
C TRP B 101 7.80 -12.12 5.38
N GLY B 102 7.41 -12.04 4.11
CA GLY B 102 6.49 -12.97 3.47
C GLY B 102 6.91 -13.16 2.02
N PHE B 103 6.52 -14.31 1.46
CA PHE B 103 6.82 -14.76 0.09
C PHE B 103 5.76 -15.81 -0.33
N ASP B 104 4.62 -15.80 0.37
CA ASP B 104 3.52 -16.75 0.36
C ASP B 104 2.40 -16.11 1.16
N ASP B 105 1.23 -16.75 1.22
CA ASP B 105 0.14 -16.42 2.13
C ASP B 105 -0.74 -17.68 2.17
N PRO B 106 -1.26 -18.12 3.33
CA PRO B 106 -1.92 -19.41 3.44
C PRO B 106 -3.31 -19.42 2.80
N ALA B 107 -3.92 -18.25 2.53
CA ALA B 107 -5.13 -18.15 1.71
C ALA B 107 -4.81 -18.46 0.23
N ARG B 108 -3.57 -18.88 -0.07
CA ARG B 108 -3.12 -19.27 -1.41
C ARG B 108 -2.59 -20.71 -1.41
N ALA B 109 -2.88 -21.44 -0.32
CA ALA B 109 -2.66 -22.87 -0.25
C ALA B 109 -3.24 -23.56 -1.47
N GLN B 110 -2.72 -24.76 -1.75
CA GLN B 110 -3.04 -25.45 -3.00
C GLN B 110 -4.55 -25.70 -3.12
N GLY B 111 -5.21 -25.94 -1.98
CA GLY B 111 -6.66 -25.95 -1.91
C GLY B 111 -7.28 -27.20 -1.31
N THR B 112 -6.49 -28.26 -1.19
CA THR B 112 -6.92 -29.46 -0.48
C THR B 112 -6.98 -29.13 1.00
N GLU B 113 -7.67 -29.96 1.78
CA GLU B 113 -7.82 -29.70 3.20
C GLU B 113 -6.46 -29.78 3.89
N GLU B 114 -5.65 -30.75 3.48
CA GLU B 114 -4.31 -30.96 3.96
C GLU B 114 -3.44 -29.80 3.52
N GLU B 115 -3.53 -29.30 2.28
CA GLU B 115 -2.61 -28.26 1.85
C GLU B 115 -2.99 -26.94 2.50
N LYS B 116 -4.28 -26.68 2.75
CA LYS B 116 -4.71 -25.53 3.55
C LYS B 116 -4.07 -25.57 4.92
N TRP B 117 -4.26 -26.66 5.66
CA TRP B 117 -3.71 -26.72 7.00
C TRP B 117 -2.19 -26.70 6.94
N ALA B 118 -1.59 -27.37 5.98
CA ALA B 118 -0.15 -27.46 5.82
C ALA B 118 0.47 -26.09 5.55
N PHE B 119 -0.17 -25.27 4.71
CA PHE B 119 0.29 -23.91 4.50
C PHE B 119 0.13 -23.14 5.80
N PHE B 120 -1.04 -23.17 6.43
CA PHE B 120 -1.25 -22.29 7.58
C PHE B 120 -0.43 -22.70 8.79
N GLN B 121 -0.14 -24.00 9.00
CA GLN B 121 0.69 -24.42 10.12
C GLN B 121 2.16 -24.06 9.90
N ARG B 122 2.67 -24.24 8.67
CA ARG B 122 4.01 -23.85 8.26
C ARG B 122 4.19 -22.35 8.47
N VAL B 123 3.27 -21.58 7.87
CA VAL B 123 3.32 -20.13 7.91
C VAL B 123 3.16 -19.65 9.36
N ARG B 124 2.31 -20.27 10.18
CA ARG B 124 2.13 -19.91 11.60
C ARG B 124 3.44 -19.99 12.36
N ASP B 125 4.21 -21.06 12.19
CA ASP B 125 5.48 -21.21 12.89
C ASP B 125 6.43 -20.07 12.51
N GLU B 126 6.55 -19.75 11.22
CA GLU B 126 7.45 -18.69 10.78
C GLU B 126 6.93 -17.30 11.21
N ILE B 127 5.63 -17.05 11.10
CA ILE B 127 5.02 -15.78 11.47
C ILE B 127 5.28 -15.52 12.96
N GLY B 128 5.04 -16.48 13.85
CA GLY B 128 5.31 -16.30 15.26
C GLY B 128 6.80 -16.06 15.52
N ASN B 129 7.69 -16.76 14.80
CA ASN B 129 9.13 -16.56 14.89
C ASN B 129 9.53 -15.12 14.53
N ARG B 130 9.07 -14.60 13.39
CA ARG B 130 9.44 -13.25 12.98
C ARG B 130 8.79 -12.20 13.87
N LEU B 131 7.59 -12.43 14.38
CA LEU B 131 6.97 -11.51 15.33
C LEU B 131 7.71 -11.51 16.66
N LYS B 132 8.20 -12.66 17.11
CA LYS B 132 9.09 -12.73 18.27
C LYS B 132 10.32 -11.88 18.03
N GLU B 133 10.90 -11.88 16.82
CA GLU B 133 12.13 -11.13 16.62
C GLU B 133 11.97 -9.66 16.91
N PHE B 134 10.85 -8.99 16.63
CA PHE B 134 10.82 -7.56 16.91
C PHE B 134 10.90 -7.30 18.41
N ALA B 135 10.27 -8.18 19.20
CA ALA B 135 10.36 -8.13 20.65
C ALA B 135 11.81 -8.37 21.13
N GLU B 136 12.60 -9.14 20.36
CA GLU B 136 13.93 -9.59 20.73
C GLU B 136 15.03 -8.63 20.25
N THR B 137 14.86 -8.09 19.04
CA THR B 137 15.85 -7.33 18.29
C THR B 137 15.57 -5.82 18.37
N GLY B 138 14.35 -5.44 18.74
CA GLY B 138 13.87 -4.06 18.68
C GLY B 138 13.97 -3.50 17.25
N LYS B 139 13.80 -4.34 16.23
CA LYS B 139 13.99 -3.98 14.82
C LYS B 139 13.17 -2.73 14.46
N MET A 1 0.70 21.18 -22.56
CA MET A 1 1.05 20.07 -23.48
C MET A 1 2.44 19.52 -23.12
N ALA A 2 2.55 18.79 -22.00
CA ALA A 2 3.77 18.14 -21.54
C ALA A 2 3.46 17.20 -20.39
N ILE A 3 4.30 16.17 -20.24
CA ILE A 3 4.35 15.29 -19.09
C ILE A 3 5.55 15.85 -18.31
N VAL A 4 5.25 16.73 -17.34
CA VAL A 4 6.23 17.33 -16.43
C VAL A 4 6.59 16.27 -15.38
N LYS A 5 7.65 16.50 -14.60
CA LYS A 5 7.99 15.70 -13.44
C LYS A 5 8.16 16.64 -12.25
N ALA A 6 7.32 16.44 -11.23
CA ALA A 6 7.35 17.18 -9.98
C ALA A 6 8.45 16.62 -9.06
N THR A 7 8.61 17.27 -7.90
CA THR A 7 9.40 16.84 -6.77
C THR A 7 8.79 17.52 -5.52
N ASP A 8 9.44 17.38 -4.38
CA ASP A 8 9.03 17.72 -3.01
C ASP A 8 8.24 19.03 -2.84
N GLN A 9 8.54 20.06 -3.64
CA GLN A 9 7.91 21.38 -3.58
C GLN A 9 7.51 21.89 -4.97
N SER A 10 8.13 21.36 -6.04
CA SER A 10 7.66 21.62 -7.39
C SER A 10 6.20 21.15 -7.52
N PHE A 11 5.80 20.03 -6.89
CA PHE A 11 4.38 19.75 -6.79
C PHE A 11 3.87 20.77 -5.79
N SER A 12 2.89 21.51 -6.25
CA SER A 12 2.26 22.72 -5.72
C SER A 12 2.54 23.81 -6.74
N ALA A 13 3.82 24.11 -6.96
CA ALA A 13 4.20 25.20 -7.84
C ALA A 13 3.75 24.92 -9.28
N GLU A 14 3.90 23.66 -9.71
CA GLU A 14 3.55 23.17 -11.02
C GLU A 14 2.03 22.89 -11.14
N THR A 15 1.26 22.94 -10.05
CA THR A 15 -0.12 22.48 -10.00
C THR A 15 -1.11 23.55 -9.52
N SER A 16 -0.64 24.75 -9.16
CA SER A 16 -1.46 25.79 -8.54
C SER A 16 -2.46 26.44 -9.51
N GLU A 17 -2.34 26.19 -10.80
CA GLU A 17 -3.13 26.86 -11.82
C GLU A 17 -3.53 25.88 -12.93
N GLY A 18 -4.61 26.19 -13.64
CA GLY A 18 -5.17 25.37 -14.69
C GLY A 18 -5.75 24.07 -14.12
N VAL A 19 -5.87 23.06 -14.97
CA VAL A 19 -6.22 21.71 -14.59
C VAL A 19 -5.01 20.84 -14.92
N VAL A 20 -4.53 20.14 -13.89
CA VAL A 20 -3.28 19.44 -13.90
C VAL A 20 -3.52 18.03 -13.36
N LEU A 21 -3.29 17.06 -14.22
CA LEU A 21 -3.44 15.64 -13.93
C LEU A 21 -2.11 15.16 -13.36
N ALA A 22 -1.93 15.18 -12.04
CA ALA A 22 -0.72 14.64 -11.44
C ALA A 22 -0.84 13.13 -11.36
N ASP A 23 0.29 12.44 -11.47
CA ASP A 23 0.37 10.99 -11.57
C ASP A 23 1.60 10.51 -10.80
N PHE A 24 1.54 9.29 -10.26
CA PHE A 24 2.50 8.75 -9.33
C PHE A 24 2.84 7.36 -9.85
N TRP A 25 4.07 7.20 -10.34
CA TRP A 25 4.56 6.02 -11.05
C TRP A 25 5.90 5.62 -10.41
N ALA A 26 6.28 4.35 -10.47
CA ALA A 26 7.61 3.90 -10.09
C ALA A 26 7.83 2.44 -10.53
N PRO A 27 9.09 1.97 -10.61
CA PRO A 27 9.42 0.60 -10.97
C PRO A 27 8.72 -0.51 -10.14
N TRP A 28 8.12 -0.20 -8.98
CA TRP A 28 7.51 -1.19 -8.11
C TRP A 28 6.36 -1.97 -8.76
N CYS A 29 5.64 -1.39 -9.73
CA CYS A 29 4.41 -1.96 -10.25
C CYS A 29 4.30 -1.84 -11.78
N GLY A 30 3.53 -2.75 -12.38
CA GLY A 30 3.27 -2.80 -13.81
C GLY A 30 2.58 -1.55 -14.37
N PRO A 31 1.47 -1.06 -13.78
CA PRO A 31 0.79 0.13 -14.27
C PRO A 31 1.66 1.37 -14.45
N SER A 32 2.79 1.50 -13.76
CA SER A 32 3.73 2.58 -13.99
C SER A 32 4.29 2.62 -15.40
N LYS A 33 4.23 1.50 -16.13
CA LYS A 33 4.62 1.42 -17.54
C LYS A 33 3.40 1.34 -18.48
N MET A 34 2.18 1.51 -17.96
CA MET A 34 0.95 1.47 -18.77
C MET A 34 0.24 2.82 -18.67
N ILE A 35 0.13 3.39 -17.45
CA ILE A 35 -0.34 4.75 -17.24
C ILE A 35 0.63 5.74 -17.94
N ALA A 36 1.93 5.42 -17.95
CA ALA A 36 2.96 6.23 -18.59
C ALA A 36 2.64 6.50 -20.09
N PRO A 37 2.54 5.48 -20.95
CA PRO A 37 2.17 5.68 -22.35
C PRO A 37 0.79 6.32 -22.48
N VAL A 38 -0.17 5.92 -21.65
CA VAL A 38 -1.52 6.45 -21.66
C VAL A 38 -1.50 7.98 -21.48
N LEU A 39 -0.68 8.50 -20.56
CA LEU A 39 -0.59 9.93 -20.31
C LEU A 39 -0.02 10.63 -21.54
N GLU A 40 1.03 10.09 -22.15
CA GLU A 40 1.66 10.73 -23.29
C GLU A 40 0.70 10.72 -24.50
N GLU A 41 -0.08 9.66 -24.68
CA GLU A 41 -1.09 9.52 -25.73
C GLU A 41 -2.26 10.50 -25.52
N LEU A 42 -2.59 10.77 -24.27
CA LEU A 42 -3.60 11.74 -23.87
C LEU A 42 -3.09 13.16 -24.10
N ASP A 43 -1.86 13.46 -23.71
CA ASP A 43 -1.35 14.82 -23.78
C ASP A 43 -1.11 15.25 -25.21
N GLN A 44 -0.66 14.34 -26.07
CA GLN A 44 -0.49 14.64 -27.48
C GLN A 44 -1.84 14.85 -28.19
N GLU A 45 -2.97 14.60 -27.52
CA GLU A 45 -4.29 14.76 -28.06
C GLU A 45 -4.98 16.01 -27.52
N MET A 46 -4.94 16.24 -26.20
CA MET A 46 -5.68 17.33 -25.55
C MET A 46 -4.81 18.08 -24.55
N GLY A 47 -3.50 17.96 -24.65
CA GLY A 47 -2.55 18.77 -23.89
C GLY A 47 -2.60 20.25 -24.23
N ASP A 48 -3.37 20.61 -25.25
CA ASP A 48 -3.68 22.01 -25.54
C ASP A 48 -4.48 22.64 -24.41
N LYS A 49 -5.18 21.81 -23.63
CA LYS A 49 -6.01 22.21 -22.52
C LYS A 49 -5.47 21.67 -21.18
N LEU A 50 -4.73 20.57 -21.23
CA LEU A 50 -4.32 19.78 -20.07
C LEU A 50 -2.82 19.92 -19.78
N LYS A 51 -2.44 19.77 -18.52
CA LYS A 51 -1.05 19.62 -18.09
C LYS A 51 -0.98 18.34 -17.27
N ILE A 52 0.15 17.63 -17.29
CA ILE A 52 0.37 16.42 -16.49
C ILE A 52 1.68 16.62 -15.74
N VAL A 53 1.75 16.13 -14.50
CA VAL A 53 2.98 16.20 -13.70
C VAL A 53 3.14 14.86 -12.99
N LYS A 54 4.15 14.08 -13.38
CA LYS A 54 4.42 12.79 -12.75
C LYS A 54 5.26 13.00 -11.50
N ILE A 55 5.24 12.03 -10.60
CA ILE A 55 6.10 11.92 -9.42
C ILE A 55 6.66 10.50 -9.54
N ASP A 56 7.98 10.38 -9.58
CA ASP A 56 8.66 9.09 -9.47
C ASP A 56 8.64 8.71 -7.99
N VAL A 57 7.81 7.73 -7.60
CA VAL A 57 7.66 7.33 -6.20
C VAL A 57 8.78 6.42 -5.68
N ASP A 58 10.02 6.83 -5.93
CA ASP A 58 11.24 6.30 -5.34
C ASP A 58 12.30 7.39 -5.35
N GLU A 59 12.47 8.10 -6.47
CA GLU A 59 13.43 9.20 -6.61
C GLU A 59 12.86 10.49 -6.01
N ASN A 60 11.56 10.72 -6.15
CA ASN A 60 10.87 11.98 -5.84
C ASN A 60 9.60 11.71 -5.03
N GLN A 61 9.62 10.63 -4.24
CA GLN A 61 8.42 10.12 -3.58
C GLN A 61 7.97 11.01 -2.41
N GLU A 62 8.74 12.03 -2.06
CA GLU A 62 8.53 12.93 -0.94
C GLU A 62 7.13 13.54 -1.01
N THR A 63 6.71 14.06 -2.17
CA THR A 63 5.36 14.59 -2.38
C THR A 63 4.30 13.54 -2.06
N ALA A 64 4.55 12.31 -2.46
CA ALA A 64 3.59 11.23 -2.40
C ALA A 64 3.37 10.84 -0.94
N GLY A 65 4.45 10.47 -0.25
CA GLY A 65 4.46 10.27 1.19
C GLY A 65 3.86 11.44 1.98
N LYS A 66 4.17 12.69 1.60
CA LYS A 66 3.66 13.89 2.25
C LYS A 66 2.14 13.98 2.12
N TYR A 67 1.60 13.69 0.94
CA TYR A 67 0.16 13.70 0.71
C TYR A 67 -0.50 12.50 1.41
N GLY A 68 0.23 11.38 1.52
CA GLY A 68 -0.28 10.11 1.97
C GLY A 68 -0.77 9.34 0.74
N VAL A 69 0.16 8.91 -0.12
CA VAL A 69 -0.19 8.23 -1.38
C VAL A 69 0.14 6.76 -1.16
N MET A 70 1.43 6.48 -1.02
CA MET A 70 2.02 5.19 -0.68
C MET A 70 1.69 4.07 -1.66
N SER A 71 1.03 4.32 -2.78
CA SER A 71 0.48 3.28 -3.63
C SER A 71 0.58 3.60 -5.12
N ILE A 72 0.47 2.58 -5.99
CA ILE A 72 0.76 2.72 -7.41
C ILE A 72 -0.40 2.08 -8.23
N PRO A 73 -0.85 2.69 -9.34
CA PRO A 73 -0.55 4.03 -9.77
C PRO A 73 -1.49 4.96 -9.00
N THR A 74 -1.00 6.08 -8.52
CA THR A 74 -1.87 7.08 -7.91
C THR A 74 -1.98 8.27 -8.86
N LEU A 75 -3.12 8.94 -8.80
CA LEU A 75 -3.53 9.99 -9.72
C LEU A 75 -4.23 11.03 -8.86
N LEU A 76 -3.76 12.27 -8.90
CA LEU A 76 -4.35 13.39 -8.18
C LEU A 76 -4.71 14.40 -9.27
N VAL A 77 -6.00 14.52 -9.59
CA VAL A 77 -6.47 15.52 -10.55
C VAL A 77 -6.60 16.82 -9.76
N LEU A 78 -5.70 17.78 -10.01
CA LEU A 78 -5.75 19.09 -9.39
C LEU A 78 -6.35 20.09 -10.36
N LYS A 79 -7.03 21.09 -9.82
CA LYS A 79 -7.62 22.18 -10.56
C LYS A 79 -7.52 23.41 -9.68
N ASP A 80 -7.02 24.48 -10.27
CA ASP A 80 -6.74 25.78 -9.64
C ASP A 80 -6.06 25.65 -8.26
N GLY A 81 -5.25 24.59 -8.06
CA GLY A 81 -4.40 24.42 -6.90
C GLY A 81 -4.94 23.52 -5.80
N GLU A 82 -6.05 22.83 -6.04
CA GLU A 82 -6.65 21.87 -5.12
C GLU A 82 -7.02 20.59 -5.86
N VAL A 83 -7.03 19.45 -5.16
CA VAL A 83 -7.47 18.18 -5.73
C VAL A 83 -8.99 18.25 -5.90
N VAL A 84 -9.46 17.85 -7.08
CA VAL A 84 -10.86 17.80 -7.44
C VAL A 84 -11.28 16.36 -7.78
N GLU A 85 -10.34 15.49 -8.17
CA GLU A 85 -10.56 14.05 -8.32
C GLU A 85 -9.28 13.30 -7.95
N THR A 86 -9.43 12.01 -7.64
CA THR A 86 -8.38 11.17 -7.11
C THR A 86 -8.61 9.75 -7.63
N SER A 87 -7.54 8.98 -7.83
CA SER A 87 -7.62 7.56 -8.11
C SER A 87 -6.36 6.88 -7.62
N VAL A 88 -6.48 5.61 -7.21
CA VAL A 88 -5.40 4.80 -6.69
C VAL A 88 -5.53 3.44 -7.41
N GLY A 89 -5.37 3.50 -8.72
CA GLY A 89 -5.64 2.40 -9.65
C GLY A 89 -5.56 2.88 -11.09
N PHE A 90 -5.25 1.94 -12.00
CA PHE A 90 -5.05 2.19 -13.42
C PHE A 90 -6.33 2.71 -14.10
N LYS A 91 -6.19 3.30 -15.30
CA LYS A 91 -7.29 3.66 -16.20
C LYS A 91 -6.70 3.71 -17.61
N PRO A 92 -7.40 3.22 -18.65
CA PRO A 92 -6.94 3.34 -20.03
C PRO A 92 -6.99 4.79 -20.52
N LYS A 93 -6.43 5.03 -21.70
CA LYS A 93 -6.38 6.32 -22.42
C LYS A 93 -7.69 7.10 -22.29
N GLU A 94 -8.80 6.48 -22.66
CA GLU A 94 -10.06 7.19 -22.71
C GLU A 94 -10.60 7.48 -21.32
N ALA A 95 -10.52 6.50 -20.40
CA ALA A 95 -11.03 6.70 -19.05
C ALA A 95 -10.22 7.76 -18.31
N LEU A 96 -8.91 7.82 -18.57
CA LEU A 96 -8.03 8.78 -17.92
C LEU A 96 -8.32 10.19 -18.42
N GLN A 97 -8.43 10.34 -19.75
CA GLN A 97 -8.76 11.62 -20.33
C GLN A 97 -10.16 12.05 -19.90
N GLU A 98 -11.08 11.10 -19.75
CA GLU A 98 -12.43 11.37 -19.26
C GLU A 98 -12.39 11.87 -17.82
N LEU A 99 -11.65 11.19 -16.94
CA LEU A 99 -11.57 11.53 -15.53
C LEU A 99 -11.12 12.97 -15.31
N VAL A 100 -10.18 13.46 -16.13
CA VAL A 100 -9.78 14.86 -16.04
C VAL A 100 -10.75 15.77 -16.79
N ASN A 101 -11.29 15.37 -17.94
CA ASN A 101 -12.22 16.16 -18.73
C ASN A 101 -13.49 16.52 -17.96
N LYS A 102 -13.88 15.72 -16.97
CA LYS A 102 -14.98 16.02 -16.04
C LYS A 102 -14.80 17.38 -15.34
N HIS A 103 -13.55 17.85 -15.19
CA HIS A 103 -13.21 19.03 -14.40
C HIS A 103 -12.45 20.08 -15.21
N LEU A 104 -11.72 19.65 -16.24
CA LEU A 104 -11.01 20.47 -17.20
C LEU A 104 -12.06 21.15 -18.08
N MET B 1 10.43 4.85 23.94
CA MET B 1 9.06 5.42 23.96
C MET B 1 8.07 4.30 24.27
N GLU B 2 7.07 4.56 25.13
CA GLU B 2 6.12 3.55 25.60
C GLU B 2 4.95 3.34 24.61
N ASN B 3 5.17 3.71 23.35
CA ASN B 3 4.33 3.43 22.21
C ASN B 3 5.27 3.54 21.03
N LYS B 4 5.23 2.48 20.25
CA LYS B 4 6.04 2.15 19.10
C LYS B 4 5.12 1.39 18.17
N ILE B 5 5.22 1.59 16.86
CA ILE B 5 4.23 1.07 15.91
C ILE B 5 4.96 0.23 14.86
N ILE B 6 4.31 -0.86 14.44
CA ILE B 6 4.75 -1.72 13.35
C ILE B 6 3.53 -2.01 12.46
N TYR B 7 3.78 -2.23 11.17
CA TYR B 7 2.77 -2.32 10.14
C TYR B 7 3.06 -3.56 9.29
N PHE B 8 2.03 -4.15 8.69
CA PHE B 8 2.16 -5.33 7.85
C PHE B 8 1.50 -5.06 6.50
N LEU B 9 2.02 -5.65 5.42
CA LEU B 9 1.46 -5.53 4.07
C LEU B 9 1.39 -6.91 3.43
N SER B 10 0.22 -7.23 2.88
CA SER B 10 -0.06 -8.45 2.14
C SER B 10 -1.06 -8.17 1.01
N THR B 11 -0.97 -8.92 -0.10
CA THR B 11 -1.99 -8.91 -1.13
C THR B 11 -3.32 -9.35 -0.51
N GLY B 12 -4.37 -8.56 -0.77
CA GLY B 12 -5.76 -8.81 -0.34
C GLY B 12 -5.87 -9.22 1.12
N ASN B 13 -5.04 -8.61 1.98
CA ASN B 13 -4.80 -9.00 3.37
C ASN B 13 -6.06 -9.41 4.14
N SER B 14 -6.28 -10.73 4.21
CA SER B 14 -7.41 -11.34 4.88
C SER B 14 -7.00 -12.60 5.64
N ALA B 15 -5.71 -12.94 5.69
CA ALA B 15 -5.20 -14.01 6.53
C ALA B 15 -3.79 -13.77 7.10
N ARG B 16 -2.78 -13.38 6.29
CA ARG B 16 -1.41 -13.25 6.81
C ARG B 16 -1.32 -12.24 7.96
N SER B 17 -1.73 -10.99 7.75
CA SER B 17 -1.46 -9.98 8.77
C SER B 17 -2.38 -10.13 9.98
N GLN B 18 -3.57 -10.71 9.78
CA GLN B 18 -4.51 -11.12 10.83
C GLN B 18 -3.77 -11.97 11.87
N MET B 19 -3.06 -12.96 11.34
CA MET B 19 -2.32 -13.92 12.12
C MET B 19 -1.13 -13.19 12.78
N ALA B 20 -0.41 -12.36 12.02
CA ALA B 20 0.74 -11.62 12.49
C ALA B 20 0.39 -10.69 13.64
N GLU B 21 -0.76 -10.00 13.59
CA GLU B 21 -1.13 -9.04 14.62
C GLU B 21 -1.56 -9.77 15.91
N GLY B 22 -2.19 -10.94 15.77
CA GLY B 22 -2.46 -11.81 16.92
C GLY B 22 -1.15 -12.29 17.54
N TRP B 23 -0.22 -12.80 16.72
CA TRP B 23 1.09 -13.26 17.16
C TRP B 23 1.88 -12.15 17.82
N ALA B 24 1.81 -10.95 17.27
CA ALA B 24 2.58 -9.82 17.74
C ALA B 24 2.23 -9.52 19.18
N LYS B 25 0.93 -9.38 19.48
CA LYS B 25 0.53 -8.87 20.78
C LYS B 25 0.92 -9.76 21.94
N GLN B 26 1.12 -11.07 21.72
CA GLN B 26 1.57 -11.96 22.78
C GLN B 26 3.04 -11.72 23.18
N TYR B 27 3.82 -10.95 22.39
CA TYR B 27 5.21 -10.62 22.68
C TYR B 27 5.49 -9.11 22.64
N LEU B 28 4.51 -8.29 22.21
CA LEU B 28 4.65 -6.87 21.94
C LEU B 28 3.43 -6.24 22.62
N GLY B 29 3.55 -6.02 23.92
CA GLY B 29 2.47 -5.59 24.82
C GLY B 29 2.01 -4.16 24.56
N ASP B 30 1.31 -3.55 25.51
CA ASP B 30 0.74 -2.19 25.40
C ASP B 30 1.79 -1.12 25.07
N GLU B 31 3.06 -1.41 25.36
CA GLU B 31 4.24 -0.64 24.96
C GLU B 31 4.36 -0.49 23.42
N TRP B 32 3.61 -1.26 22.64
CA TRP B 32 3.66 -1.33 21.19
C TRP B 32 2.25 -1.34 20.64
N LYS B 33 2.07 -0.97 19.36
CA LYS B 33 0.82 -1.05 18.63
C LYS B 33 1.12 -1.67 17.27
N VAL B 34 0.15 -2.37 16.71
CA VAL B 34 0.32 -3.20 15.53
C VAL B 34 -0.84 -2.91 14.59
N TYR B 35 -0.60 -2.90 13.27
CA TYR B 35 -1.63 -2.65 12.26
C TYR B 35 -1.34 -3.49 11.02
N SER B 36 -2.37 -3.67 10.18
CA SER B 36 -2.39 -4.59 9.05
C SER B 36 -3.03 -3.90 7.86
N ALA B 37 -2.57 -4.20 6.64
CA ALA B 37 -3.02 -3.52 5.44
C ALA B 37 -2.83 -4.38 4.18
N GLY B 38 -3.51 -3.96 3.12
CA GLY B 38 -3.41 -4.51 1.77
C GLY B 38 -4.31 -3.69 0.84
N ILE B 39 -4.39 -4.10 -0.42
CA ILE B 39 -5.11 -3.38 -1.49
C ILE B 39 -6.60 -3.17 -1.15
N GLU B 40 -7.31 -4.27 -0.89
CA GLU B 40 -8.77 -4.35 -0.72
C GLU B 40 -9.05 -5.16 0.57
N ALA B 41 -8.06 -5.15 1.46
CA ALA B 41 -8.00 -5.89 2.70
C ALA B 41 -9.13 -5.48 3.62
N HIS B 42 -9.99 -6.45 3.97
CA HIS B 42 -11.00 -6.28 5.02
C HIS B 42 -11.53 -7.63 5.51
N GLY B 43 -11.04 -8.75 4.96
CA GLY B 43 -11.51 -10.07 5.33
C GLY B 43 -10.84 -10.53 6.63
N LEU B 44 -11.37 -11.61 7.18
CA LEU B 44 -10.85 -12.26 8.37
C LEU B 44 -11.10 -13.74 8.13
N ASN B 45 -10.25 -14.34 7.29
CA ASN B 45 -10.44 -15.72 6.84
C ASN B 45 -10.44 -16.63 8.08
N PRO B 46 -11.41 -17.54 8.24
CA PRO B 46 -11.43 -18.45 9.38
C PRO B 46 -10.16 -19.30 9.48
N ASN B 47 -9.40 -19.50 8.40
CA ASN B 47 -8.08 -20.14 8.47
C ASN B 47 -7.10 -19.34 9.34
N ALA B 48 -7.15 -18.01 9.30
CA ALA B 48 -6.28 -17.16 10.13
C ALA B 48 -6.75 -17.20 11.58
N VAL B 49 -8.08 -17.21 11.77
CA VAL B 49 -8.65 -17.36 13.11
C VAL B 49 -8.15 -18.68 13.70
N LYS B 50 -8.32 -19.79 12.96
CA LYS B 50 -7.88 -21.11 13.37
C LYS B 50 -6.37 -21.13 13.61
N ALA B 51 -5.57 -20.49 12.74
CA ALA B 51 -4.13 -20.37 12.91
C ALA B 51 -3.75 -19.74 14.25
N MET B 52 -4.57 -18.85 14.81
CA MET B 52 -4.31 -18.27 16.12
C MET B 52 -4.86 -19.15 17.24
N LYS B 53 -5.99 -19.85 17.01
CA LYS B 53 -6.48 -20.85 17.96
C LYS B 53 -5.48 -21.99 18.14
N GLU B 54 -4.61 -22.29 17.15
CA GLU B 54 -3.55 -23.28 17.29
C GLU B 54 -2.63 -22.96 18.48
N VAL B 55 -2.47 -21.68 18.81
CA VAL B 55 -1.63 -21.18 19.90
C VAL B 55 -2.47 -20.47 20.97
N GLY B 56 -3.80 -20.66 20.94
CA GLY B 56 -4.72 -20.15 21.96
C GLY B 56 -4.77 -18.62 21.99
N ILE B 57 -4.75 -17.95 20.83
CA ILE B 57 -4.90 -16.50 20.74
C ILE B 57 -6.21 -16.30 19.97
N ASP B 58 -7.14 -15.52 20.52
CA ASP B 58 -8.38 -15.21 19.80
C ASP B 58 -8.17 -14.00 18.91
N ILE B 59 -8.64 -14.09 17.67
CA ILE B 59 -8.72 -12.96 16.76
C ILE B 59 -10.10 -12.89 16.11
N SER B 60 -11.10 -13.61 16.60
CA SER B 60 -12.46 -13.50 16.08
C SER B 60 -12.98 -12.04 16.23
N ASN B 61 -12.35 -11.28 17.14
CA ASN B 61 -12.59 -9.88 17.41
C ASN B 61 -11.99 -8.92 16.36
N GLN B 62 -11.14 -9.38 15.43
CA GLN B 62 -10.54 -8.52 14.42
C GLN B 62 -11.57 -7.91 13.47
N THR B 63 -11.11 -6.90 12.74
CA THR B 63 -11.90 -6.07 11.81
C THR B 63 -11.24 -5.98 10.43
N SER B 64 -9.91 -5.91 10.37
CA SER B 64 -9.08 -5.72 9.17
C SER B 64 -9.31 -4.35 8.49
N ASP B 65 -8.37 -3.93 7.63
CA ASP B 65 -8.39 -2.63 6.96
C ASP B 65 -7.39 -2.61 5.79
N ILE B 66 -7.57 -1.68 4.85
CA ILE B 66 -6.68 -1.40 3.73
C ILE B 66 -5.45 -0.59 4.17
N ILE B 67 -4.54 -0.30 3.23
CA ILE B 67 -3.44 0.63 3.48
C ILE B 67 -4.03 1.97 3.96
N ASP B 68 -3.43 2.53 5.00
CA ASP B 68 -3.84 3.79 5.62
C ASP B 68 -2.59 4.50 6.10
N SER B 69 -2.21 5.52 5.31
CA SER B 69 -1.09 6.41 5.54
C SER B 69 -1.05 6.98 6.95
N ASP B 70 -2.19 7.17 7.62
CA ASP B 70 -2.24 7.80 8.94
C ASP B 70 -1.50 6.97 9.99
N ILE B 71 -1.32 5.67 9.73
CA ILE B 71 -0.68 4.76 10.66
C ILE B 71 0.57 4.18 10.00
N LEU B 72 0.57 3.91 8.68
CA LEU B 72 1.79 3.43 8.02
C LEU B 72 2.89 4.45 8.19
N ASN B 73 2.65 5.73 7.86
CA ASN B 73 3.69 6.76 7.96
C ASN B 73 4.20 6.91 9.41
N ASN B 74 3.35 6.60 10.39
CA ASN B 74 3.67 6.69 11.82
C ASN B 74 4.35 5.43 12.34
N ALA B 75 4.26 4.29 11.64
CA ALA B 75 5.00 3.09 11.95
C ALA B 75 6.50 3.35 11.92
N ASP B 76 7.23 2.45 12.58
CA ASP B 76 8.69 2.37 12.52
C ASP B 76 9.12 1.44 11.38
N LEU B 77 8.34 0.39 11.10
CA LEU B 77 8.69 -0.70 10.20
C LEU B 77 7.42 -1.20 9.52
N VAL B 78 7.53 -1.49 8.22
CA VAL B 78 6.53 -2.17 7.40
C VAL B 78 7.10 -3.55 7.07
N VAL B 79 6.57 -4.59 7.69
CA VAL B 79 6.91 -5.96 7.34
C VAL B 79 6.09 -6.29 6.09
N THR B 80 6.69 -6.25 4.92
CA THR B 80 6.04 -6.80 3.73
C THR B 80 6.23 -8.30 3.95
N LEU B 81 5.20 -9.00 4.40
CA LEU B 81 5.35 -10.37 4.91
C LEU B 81 4.66 -11.48 4.14
N SER B 82 4.13 -11.21 2.94
CA SER B 82 3.27 -12.17 2.26
C SER B 82 3.60 -12.29 0.78
N GLY B 83 3.23 -11.30 -0.03
CA GLY B 83 3.43 -11.33 -1.47
C GLY B 83 2.75 -10.12 -2.09
N ASP B 84 3.11 -9.84 -3.33
CA ASP B 84 2.77 -8.62 -4.07
C ASP B 84 1.96 -8.93 -5.33
N ALA B 85 1.28 -10.08 -5.33
CA ALA B 85 0.53 -10.59 -6.49
C ALA B 85 -0.57 -9.62 -6.93
N ALA B 86 -1.17 -8.85 -6.01
CA ALA B 86 -2.17 -7.83 -6.34
C ALA B 86 -2.15 -6.63 -5.38
N ASP B 87 -1.23 -6.56 -4.43
CA ASP B 87 -1.17 -5.56 -3.34
C ASP B 87 -1.03 -4.06 -3.74
N LYS B 88 -1.15 -3.68 -5.02
CA LYS B 88 -0.84 -2.35 -5.58
C LYS B 88 0.55 -1.81 -5.21
N CYS B 89 1.52 -2.71 -5.04
CA CYS B 89 2.95 -2.47 -4.87
C CYS B 89 3.29 -1.22 -4.02
N PRO B 90 2.74 -1.08 -2.79
CA PRO B 90 2.83 0.15 -2.03
C PRO B 90 4.28 0.64 -1.89
N MET B 91 4.56 1.91 -2.18
CA MET B 91 5.94 2.40 -2.18
C MET B 91 6.51 2.78 -0.81
N THR B 92 5.77 2.60 0.30
CA THR B 92 6.24 2.76 1.69
C THR B 92 7.07 4.03 1.91
N PRO B 93 6.44 5.19 2.24
CA PRO B 93 7.11 6.48 2.26
C PRO B 93 8.35 6.43 3.19
N PRO B 94 9.47 7.07 2.83
CA PRO B 94 10.79 6.92 3.47
C PRO B 94 10.89 7.34 4.94
N HIS B 95 9.81 7.85 5.55
CA HIS B 95 9.76 8.07 6.99
C HIS B 95 9.79 6.73 7.76
N VAL B 96 9.66 5.59 7.08
CA VAL B 96 9.46 4.27 7.68
C VAL B 96 10.45 3.26 7.09
N LYS B 97 10.94 2.32 7.91
CA LYS B 97 11.76 1.19 7.46
C LYS B 97 10.84 0.15 6.80
N ARG B 98 11.38 -0.70 5.92
CA ARG B 98 10.66 -1.86 5.41
C ARG B 98 11.66 -2.98 5.21
N GLU B 99 11.23 -4.21 5.48
CA GLU B 99 11.96 -5.42 5.14
C GLU B 99 10.94 -6.40 4.59
N HIS B 100 11.32 -7.13 3.54
CA HIS B 100 10.52 -8.16 2.91
C HIS B 100 10.82 -9.50 3.59
N TRP B 101 9.75 -10.25 3.88
CA TRP B 101 9.78 -11.58 4.50
C TRP B 101 8.71 -12.49 3.84
N GLY B 102 8.18 -12.08 2.68
CA GLY B 102 7.08 -12.79 2.01
C GLY B 102 7.51 -14.09 1.35
N PHE B 103 6.52 -14.88 0.97
CA PHE B 103 6.65 -16.12 0.21
C PHE B 103 5.28 -16.52 -0.36
N ASP B 104 4.25 -16.38 0.44
CA ASP B 104 2.88 -16.84 0.20
C ASP B 104 1.92 -16.17 1.18
N ASP B 105 0.62 -16.44 1.02
CA ASP B 105 -0.44 -16.08 1.96
C ASP B 105 -1.39 -17.29 1.99
N PRO B 106 -1.88 -17.72 3.17
CA PRO B 106 -2.61 -18.98 3.28
C PRO B 106 -4.04 -18.90 2.74
N ALA B 107 -4.63 -17.72 2.57
CA ALA B 107 -5.87 -17.56 1.84
C ALA B 107 -5.64 -17.78 0.32
N ARG B 108 -4.44 -18.20 -0.07
CA ARG B 108 -4.08 -18.57 -1.45
C ARG B 108 -3.64 -20.03 -1.52
N ALA B 109 -3.84 -20.79 -0.43
CA ALA B 109 -3.64 -22.22 -0.43
C ALA B 109 -4.36 -22.86 -1.58
N GLN B 110 -3.89 -24.05 -1.98
CA GLN B 110 -4.38 -24.71 -3.17
C GLN B 110 -5.88 -24.95 -3.10
N GLY B 111 -6.39 -25.25 -1.89
CA GLY B 111 -7.80 -25.26 -1.61
C GLY B 111 -8.30 -26.46 -0.84
N THR B 112 -7.54 -27.55 -0.85
CA THR B 112 -7.90 -28.77 -0.15
C THR B 112 -7.76 -28.52 1.35
N GLU B 113 -8.31 -29.44 2.14
CA GLU B 113 -8.25 -29.33 3.59
C GLU B 113 -6.80 -29.37 4.06
N GLU B 114 -6.01 -30.26 3.46
CA GLU B 114 -4.62 -30.44 3.73
C GLU B 114 -3.85 -29.23 3.23
N GLU B 115 -4.13 -28.68 2.04
CA GLU B 115 -3.28 -27.62 1.52
C GLU B 115 -3.58 -26.31 2.25
N LYS B 116 -4.83 -26.06 2.64
CA LYS B 116 -5.18 -24.95 3.54
C LYS B 116 -4.39 -25.04 4.82
N TRP B 117 -4.49 -26.16 5.54
CA TRP B 117 -3.80 -26.27 6.81
C TRP B 117 -2.29 -26.21 6.59
N ALA B 118 -1.79 -26.86 5.54
CA ALA B 118 -0.39 -26.88 5.21
C ALA B 118 0.18 -25.47 4.99
N PHE B 119 -0.55 -24.64 4.23
CA PHE B 119 -0.15 -23.25 4.04
C PHE B 119 -0.17 -22.54 5.39
N PHE B 120 -1.27 -22.63 6.14
CA PHE B 120 -1.37 -21.83 7.36
C PHE B 120 -0.44 -22.32 8.47
N GLN B 121 -0.06 -23.60 8.50
CA GLN B 121 0.93 -24.14 9.42
C GLN B 121 2.30 -23.54 9.11
N ARG B 122 2.72 -23.59 7.84
CA ARG B 122 4.00 -23.03 7.40
C ARG B 122 4.05 -21.54 7.75
N VAL B 123 3.01 -20.81 7.36
CA VAL B 123 2.90 -19.38 7.60
C VAL B 123 2.95 -19.12 9.11
N ARG B 124 2.17 -19.82 9.93
CA ARG B 124 2.05 -19.57 11.37
C ARG B 124 3.40 -19.64 12.06
N ASP B 125 4.17 -20.70 11.80
CA ASP B 125 5.47 -20.85 12.43
C ASP B 125 6.41 -19.70 12.05
N GLU B 126 6.42 -19.31 10.77
CA GLU B 126 7.28 -18.23 10.30
C GLU B 126 6.85 -16.89 10.92
N ILE B 127 5.55 -16.57 10.85
CA ILE B 127 4.96 -15.34 11.37
C ILE B 127 5.29 -15.20 12.87
N GLY B 128 5.08 -16.25 13.66
CA GLY B 128 5.28 -16.17 15.09
C GLY B 128 6.75 -15.95 15.39
N ASN B 129 7.65 -16.65 14.69
CA ASN B 129 9.07 -16.47 14.89
C ASN B 129 9.51 -15.04 14.56
N ARG B 130 9.05 -14.47 13.45
CA ARG B 130 9.49 -13.11 13.09
C ARG B 130 8.93 -12.06 14.02
N LEU B 131 7.69 -12.20 14.51
CA LEU B 131 7.16 -11.21 15.44
C LEU B 131 7.78 -11.38 16.83
N LYS B 132 8.09 -12.60 17.25
CA LYS B 132 8.87 -12.82 18.47
C LYS B 132 10.25 -12.21 18.30
N GLU B 133 10.90 -12.41 17.14
CA GLU B 133 12.17 -11.78 16.86
C GLU B 133 12.06 -10.27 16.91
N PHE B 134 10.99 -9.63 16.44
CA PHE B 134 10.94 -8.18 16.52
C PHE B 134 11.01 -7.72 17.99
N ALA B 135 10.29 -8.40 18.88
CA ALA B 135 10.36 -8.12 20.31
C ALA B 135 11.78 -8.34 20.88
N GLU B 136 12.52 -9.31 20.34
CA GLU B 136 13.84 -9.71 20.83
C GLU B 136 14.97 -8.86 20.24
N THR B 137 14.85 -8.50 18.96
CA THR B 137 15.89 -7.89 18.14
C THR B 137 15.70 -6.38 18.01
N GLY B 138 14.48 -5.89 18.26
CA GLY B 138 14.08 -4.51 17.95
C GLY B 138 14.22 -4.20 16.46
N LYS B 139 14.24 -5.27 15.64
CA LYS B 139 14.56 -5.31 14.23
C LYS B 139 15.58 -4.23 13.83
N MET A 1 -0.02 19.90 -22.00
CA MET A 1 1.08 20.02 -22.97
C MET A 1 2.37 19.54 -22.32
N ALA A 2 2.94 18.45 -22.86
CA ALA A 2 4.04 17.66 -22.31
C ALA A 2 3.70 17.00 -20.96
N ILE A 3 4.49 15.98 -20.62
CA ILE A 3 4.43 15.28 -19.36
C ILE A 3 5.54 15.93 -18.50
N VAL A 4 5.12 16.79 -17.57
CA VAL A 4 5.96 17.48 -16.60
C VAL A 4 6.40 16.45 -15.55
N LYS A 5 7.39 16.80 -14.73
CA LYS A 5 7.79 16.05 -13.54
C LYS A 5 7.88 17.04 -12.39
N ALA A 6 7.31 16.68 -11.24
CA ALA A 6 7.30 17.50 -10.03
C ALA A 6 8.31 16.95 -9.01
N THR A 7 8.45 17.64 -7.89
CA THR A 7 9.35 17.33 -6.78
C THR A 7 8.62 17.57 -5.47
N ASP A 8 9.38 17.49 -4.38
CA ASP A 8 9.04 17.85 -2.99
C ASP A 8 8.28 19.19 -2.87
N GLN A 9 8.54 20.15 -3.77
CA GLN A 9 7.96 21.49 -3.75
C GLN A 9 7.54 21.99 -5.12
N SER A 10 8.09 21.45 -6.22
CA SER A 10 7.56 21.73 -7.55
C SER A 10 6.10 21.28 -7.59
N PHE A 11 5.72 20.17 -6.92
CA PHE A 11 4.31 19.90 -6.76
C PHE A 11 3.84 20.93 -5.76
N SER A 12 2.85 21.69 -6.20
CA SER A 12 2.23 22.90 -5.66
C SER A 12 2.48 23.98 -6.70
N ALA A 13 3.75 24.28 -6.97
CA ALA A 13 4.11 25.37 -7.86
C ALA A 13 3.62 25.07 -9.28
N GLU A 14 3.76 23.81 -9.70
CA GLU A 14 3.36 23.30 -10.99
C GLU A 14 1.86 22.99 -11.06
N THR A 15 1.13 23.02 -9.94
CA THR A 15 -0.24 22.49 -9.87
C THR A 15 -1.29 23.51 -9.42
N SER A 16 -0.90 24.72 -9.00
CA SER A 16 -1.81 25.71 -8.42
C SER A 16 -2.61 26.48 -9.47
N GLU A 17 -2.39 26.23 -10.77
CA GLU A 17 -3.06 26.94 -11.86
C GLU A 17 -3.42 25.96 -12.97
N GLY A 18 -4.52 26.23 -13.67
CA GLY A 18 -5.09 25.35 -14.68
C GLY A 18 -5.66 24.08 -14.07
N VAL A 19 -6.10 23.16 -14.92
CA VAL A 19 -6.47 21.81 -14.53
C VAL A 19 -5.24 20.95 -14.80
N VAL A 20 -4.84 20.17 -13.80
CA VAL A 20 -3.57 19.46 -13.77
C VAL A 20 -3.80 18.04 -13.27
N LEU A 21 -3.48 17.08 -14.12
CA LEU A 21 -3.43 15.66 -13.81
C LEU A 21 -2.04 15.37 -13.25
N ALA A 22 -1.90 15.12 -11.94
CA ALA A 22 -0.64 14.62 -11.41
C ALA A 22 -0.74 13.11 -11.26
N ASP A 23 0.37 12.44 -11.52
CA ASP A 23 0.49 10.98 -11.56
C ASP A 23 1.75 10.58 -10.81
N PHE A 24 1.77 9.37 -10.27
CA PHE A 24 2.78 8.89 -9.35
C PHE A 24 3.17 7.51 -9.86
N TRP A 25 4.42 7.39 -10.31
CA TRP A 25 4.97 6.24 -11.03
C TRP A 25 6.34 5.91 -10.44
N ALA A 26 6.81 4.67 -10.52
CA ALA A 26 8.18 4.28 -10.19
C ALA A 26 8.42 2.84 -10.64
N PRO A 27 9.68 2.39 -10.75
CA PRO A 27 10.01 1.05 -11.23
C PRO A 27 9.33 -0.13 -10.51
N TRP A 28 8.78 0.07 -9.30
CA TRP A 28 8.21 -0.99 -8.46
C TRP A 28 7.11 -1.82 -9.11
N CYS A 29 6.35 -1.26 -10.07
CA CYS A 29 5.14 -1.92 -10.58
C CYS A 29 5.03 -1.85 -12.10
N GLY A 30 4.23 -2.75 -12.68
CA GLY A 30 3.92 -2.80 -14.09
C GLY A 30 3.16 -1.55 -14.57
N PRO A 31 2.09 -1.11 -13.89
CA PRO A 31 1.35 0.11 -14.23
C PRO A 31 2.21 1.34 -14.47
N SER A 32 3.35 1.49 -13.81
CA SER A 32 4.25 2.61 -14.04
C SER A 32 4.73 2.70 -15.49
N LYS A 33 4.75 1.58 -16.21
CA LYS A 33 5.14 1.50 -17.61
C LYS A 33 3.92 1.35 -18.53
N MET A 34 2.70 1.51 -18.01
CA MET A 34 1.45 1.45 -18.79
C MET A 34 0.70 2.77 -18.66
N ILE A 35 0.60 3.32 -17.44
CA ILE A 35 0.10 4.66 -17.19
C ILE A 35 1.02 5.68 -17.90
N ALA A 36 2.33 5.42 -17.96
CA ALA A 36 3.29 6.27 -18.66
C ALA A 36 2.92 6.48 -20.14
N PRO A 37 2.84 5.44 -20.98
CA PRO A 37 2.40 5.59 -22.36
C PRO A 37 1.00 6.18 -22.45
N VAL A 38 0.08 5.77 -21.56
CA VAL A 38 -1.28 6.28 -21.53
C VAL A 38 -1.28 7.80 -21.39
N LEU A 39 -0.42 8.36 -20.54
CA LEU A 39 -0.39 9.80 -20.33
C LEU A 39 0.19 10.50 -21.55
N GLU A 40 1.23 9.96 -22.19
CA GLU A 40 1.79 10.58 -23.37
C GLU A 40 0.76 10.52 -24.52
N GLU A 41 -0.02 9.45 -24.61
CA GLU A 41 -1.12 9.27 -25.54
C GLU A 41 -2.31 10.18 -25.23
N LEU A 42 -2.46 10.60 -23.98
CA LEU A 42 -3.48 11.53 -23.54
C LEU A 42 -3.07 12.96 -23.88
N ASP A 43 -1.81 13.31 -23.62
CA ASP A 43 -1.36 14.68 -23.78
C ASP A 43 -1.29 15.05 -25.25
N GLN A 44 -0.89 14.12 -26.09
CA GLN A 44 -0.86 14.35 -27.52
C GLN A 44 -2.28 14.47 -28.11
N GLU A 45 -3.33 14.14 -27.35
CA GLU A 45 -4.70 14.23 -27.78
C GLU A 45 -5.39 15.48 -27.23
N MET A 46 -5.25 15.72 -25.92
CA MET A 46 -6.01 16.75 -25.22
C MET A 46 -5.14 17.61 -24.31
N GLY A 47 -3.81 17.55 -24.49
CA GLY A 47 -2.88 18.40 -23.78
C GLY A 47 -2.98 19.87 -24.15
N ASP A 48 -3.84 20.20 -25.12
CA ASP A 48 -4.21 21.56 -25.45
C ASP A 48 -5.04 22.19 -24.33
N LYS A 49 -5.71 21.36 -23.52
CA LYS A 49 -6.58 21.79 -22.45
C LYS A 49 -6.04 21.41 -21.07
N LEU A 50 -5.17 20.40 -21.01
CA LEU A 50 -4.75 19.75 -19.78
C LEU A 50 -3.24 19.81 -19.62
N LYS A 51 -2.78 19.90 -18.37
CA LYS A 51 -1.39 19.73 -17.99
C LYS A 51 -1.28 18.39 -17.29
N ILE A 52 -0.17 17.68 -17.48
CA ILE A 52 0.08 16.40 -16.85
C ILE A 52 1.45 16.52 -16.21
N VAL A 53 1.60 15.97 -15.01
CA VAL A 53 2.80 16.01 -14.18
C VAL A 53 2.98 14.60 -13.61
N LYS A 54 4.21 14.12 -13.51
CA LYS A 54 4.53 12.87 -12.84
C LYS A 54 5.36 13.15 -11.58
N ILE A 55 5.38 12.21 -10.65
CA ILE A 55 6.24 12.17 -9.48
C ILE A 55 6.87 10.80 -9.57
N ASP A 56 8.21 10.73 -9.64
CA ASP A 56 8.95 9.49 -9.52
C ASP A 56 8.94 9.09 -8.04
N VAL A 57 8.16 8.08 -7.66
CA VAL A 57 8.01 7.63 -6.28
C VAL A 57 9.17 6.76 -5.78
N ASP A 58 10.39 7.25 -5.99
CA ASP A 58 11.62 6.75 -5.39
C ASP A 58 12.64 7.89 -5.38
N GLU A 59 12.77 8.64 -6.48
CA GLU A 59 13.68 9.78 -6.59
C GLU A 59 13.05 11.03 -5.94
N ASN A 60 11.73 11.20 -6.09
CA ASN A 60 10.98 12.41 -5.75
C ASN A 60 9.72 12.06 -4.96
N GLN A 61 9.76 10.95 -4.23
CA GLN A 61 8.60 10.38 -3.57
C GLN A 61 8.14 11.20 -2.36
N GLU A 62 8.90 12.24 -1.99
CA GLU A 62 8.68 13.09 -0.83
C GLU A 62 7.26 13.67 -0.85
N THR A 63 6.84 14.23 -1.99
CA THR A 63 5.47 14.74 -2.17
C THR A 63 4.43 13.63 -1.98
N ALA A 64 4.74 12.40 -2.39
CA ALA A 64 3.78 11.31 -2.35
C ALA A 64 3.47 10.98 -0.89
N GLY A 65 4.48 10.52 -0.15
CA GLY A 65 4.42 10.36 1.30
C GLY A 65 3.76 11.55 2.01
N LYS A 66 4.13 12.78 1.66
CA LYS A 66 3.59 14.00 2.26
C LYS A 66 2.08 14.12 2.06
N TYR A 67 1.58 13.81 0.86
CA TYR A 67 0.18 13.90 0.53
C TYR A 67 -0.62 12.65 0.93
N GLY A 68 0.03 11.61 1.44
CA GLY A 68 -0.63 10.37 1.83
C GLY A 68 -0.85 9.51 0.58
N VAL A 69 0.25 9.06 0.00
CA VAL A 69 0.33 8.29 -1.23
C VAL A 69 1.49 7.36 -0.92
N MET A 70 1.30 6.07 -1.17
CA MET A 70 2.32 5.07 -0.92
C MET A 70 2.15 3.91 -1.91
N SER A 71 1.55 4.16 -3.07
CA SER A 71 1.08 3.16 -4.01
C SER A 71 1.32 3.56 -5.46
N ILE A 72 1.30 2.58 -6.38
CA ILE A 72 1.48 2.82 -7.80
C ILE A 72 0.34 2.15 -8.59
N PRO A 73 -0.25 2.81 -9.59
CA PRO A 73 -0.09 4.22 -9.90
C PRO A 73 -1.08 5.00 -9.03
N THR A 74 -0.69 6.19 -8.60
CA THR A 74 -1.63 7.10 -7.93
C THR A 74 -1.84 8.32 -8.82
N LEU A 75 -3.06 8.87 -8.82
CA LEU A 75 -3.41 10.11 -9.50
C LEU A 75 -3.96 11.07 -8.45
N LEU A 76 -3.48 12.31 -8.48
CA LEU A 76 -4.02 13.42 -7.72
C LEU A 76 -4.38 14.43 -8.77
N VAL A 77 -5.67 14.66 -9.00
CA VAL A 77 -6.13 15.53 -10.05
C VAL A 77 -6.51 16.84 -9.38
N LEU A 78 -5.88 17.94 -9.81
CA LEU A 78 -5.95 19.24 -9.18
C LEU A 78 -6.52 20.24 -10.18
N LYS A 79 -7.15 21.30 -9.69
CA LYS A 79 -7.55 22.43 -10.51
C LYS A 79 -7.38 23.69 -9.68
N ASP A 80 -6.71 24.67 -10.27
CA ASP A 80 -6.57 26.06 -9.82
C ASP A 80 -6.28 26.21 -8.32
N GLY A 81 -5.58 25.25 -7.70
CA GLY A 81 -5.17 25.29 -6.30
C GLY A 81 -5.55 24.08 -5.45
N GLU A 82 -6.51 23.26 -5.88
CA GLU A 82 -7.08 22.22 -5.04
C GLU A 82 -7.25 20.89 -5.75
N VAL A 83 -7.15 19.79 -5.00
CA VAL A 83 -7.50 18.45 -5.47
C VAL A 83 -9.02 18.40 -5.70
N VAL A 84 -9.41 17.75 -6.78
CA VAL A 84 -10.78 17.70 -7.30
C VAL A 84 -11.14 16.25 -7.62
N GLU A 85 -10.15 15.40 -7.94
CA GLU A 85 -10.31 13.95 -8.05
C GLU A 85 -9.04 13.30 -7.52
N THR A 86 -9.13 12.05 -7.11
CA THR A 86 -8.04 11.31 -6.47
C THR A 86 -8.35 9.84 -6.76
N SER A 87 -7.36 9.06 -7.20
CA SER A 87 -7.57 7.67 -7.58
C SER A 87 -6.25 6.91 -7.42
N VAL A 88 -6.33 5.62 -7.09
CA VAL A 88 -5.21 4.78 -6.69
C VAL A 88 -5.37 3.42 -7.37
N GLY A 89 -4.94 3.31 -8.62
CA GLY A 89 -5.05 2.10 -9.43
C GLY A 89 -4.88 2.42 -10.91
N PHE A 90 -4.55 1.42 -11.74
CA PHE A 90 -4.36 1.60 -13.17
C PHE A 90 -5.67 1.98 -13.87
N LYS A 91 -5.60 2.82 -14.91
CA LYS A 91 -6.71 3.14 -15.80
C LYS A 91 -6.17 3.13 -17.25
N PRO A 92 -6.92 2.57 -18.22
CA PRO A 92 -6.58 2.72 -19.63
C PRO A 92 -6.81 4.17 -20.07
N LYS A 93 -6.35 4.51 -21.28
CA LYS A 93 -6.40 5.84 -21.89
C LYS A 93 -7.77 6.48 -21.74
N GLU A 94 -8.84 5.77 -22.06
CA GLU A 94 -10.18 6.35 -22.05
C GLU A 94 -10.64 6.65 -20.63
N ALA A 95 -10.39 5.75 -19.68
CA ALA A 95 -10.75 5.96 -18.28
C ALA A 95 -9.95 7.12 -17.69
N LEU A 96 -8.68 7.25 -18.09
CA LEU A 96 -7.82 8.35 -17.67
C LEU A 96 -8.44 9.66 -18.12
N GLN A 97 -8.73 9.76 -19.43
CA GLN A 97 -9.21 10.99 -20.01
C GLN A 97 -10.58 11.32 -19.44
N GLU A 98 -11.44 10.32 -19.20
CA GLU A 98 -12.74 10.53 -18.58
C GLU A 98 -12.60 11.11 -17.17
N LEU A 99 -11.71 10.54 -16.35
CA LEU A 99 -11.54 10.93 -14.96
C LEU A 99 -11.20 12.42 -14.84
N VAL A 100 -10.35 12.92 -15.73
CA VAL A 100 -9.96 14.32 -15.70
C VAL A 100 -10.98 15.19 -16.45
N ASN A 101 -11.48 14.75 -17.61
CA ASN A 101 -12.48 15.46 -18.42
C ASN A 101 -13.75 15.78 -17.63
N LYS A 102 -14.07 14.97 -16.62
CA LYS A 102 -15.19 15.18 -15.68
C LYS A 102 -15.18 16.60 -15.09
N HIS A 103 -14.00 17.20 -14.89
CA HIS A 103 -13.88 18.49 -14.21
C HIS A 103 -12.92 19.48 -14.89
N LEU A 104 -12.18 19.03 -15.92
CA LEU A 104 -11.39 19.84 -16.82
C LEU A 104 -12.41 20.62 -17.66
N MET B 1 7.88 4.01 24.77
CA MET B 1 7.13 4.20 26.03
C MET B 1 5.62 4.19 25.73
N GLU B 2 4.96 3.07 26.00
CA GLU B 2 3.50 2.90 26.00
C GLU B 2 2.84 3.39 24.68
N ASN B 3 3.40 2.94 23.55
CA ASN B 3 2.95 3.03 22.15
C ASN B 3 4.13 3.44 21.27
N LYS B 4 4.27 2.65 20.21
CA LYS B 4 5.09 2.73 19.01
C LYS B 4 4.26 1.97 17.97
N ILE B 5 4.48 2.19 16.67
CA ILE B 5 3.57 1.67 15.66
C ILE B 5 4.36 0.80 14.68
N ILE B 6 3.74 -0.29 14.24
CA ILE B 6 4.29 -1.26 13.30
C ILE B 6 3.13 -1.72 12.41
N TYR B 7 3.43 -2.01 11.14
CA TYR B 7 2.42 -2.26 10.13
C TYR B 7 2.82 -3.46 9.29
N PHE B 8 1.87 -4.37 9.03
CA PHE B 8 2.04 -5.44 8.06
C PHE B 8 1.49 -4.93 6.74
N LEU B 9 2.12 -5.30 5.63
CA LEU B 9 1.68 -4.91 4.30
C LEU B 9 1.69 -6.20 3.47
N SER B 10 0.51 -6.67 3.10
CA SER B 10 0.32 -7.98 2.51
C SER B 10 -0.72 -7.87 1.39
N THR B 11 -0.53 -8.62 0.30
CA THR B 11 -1.39 -8.71 -0.88
C THR B 11 -2.87 -8.79 -0.52
N GLY B 12 -3.53 -7.63 -0.57
CA GLY B 12 -4.96 -7.52 -0.31
C GLY B 12 -5.31 -8.01 1.09
N ASN B 13 -4.41 -7.74 2.05
CA ASN B 13 -4.32 -8.23 3.43
C ASN B 13 -5.48 -9.15 3.83
N SER B 14 -5.12 -10.42 3.84
CA SER B 14 -5.91 -11.55 4.29
C SER B 14 -5.07 -12.21 5.39
N ALA B 15 -5.13 -13.53 5.48
CA ALA B 15 -4.63 -14.33 6.57
C ALA B 15 -3.29 -13.93 7.20
N ARG B 16 -2.23 -13.70 6.41
CA ARG B 16 -0.89 -13.46 6.98
C ARG B 16 -0.93 -12.34 8.00
N SER B 17 -1.49 -11.19 7.62
CA SER B 17 -1.40 -10.01 8.45
C SER B 17 -2.23 -10.19 9.72
N GLN B 18 -3.46 -10.75 9.62
CA GLN B 18 -4.33 -11.01 10.76
C GLN B 18 -3.61 -11.86 11.80
N MET B 19 -3.02 -12.94 11.31
CA MET B 19 -2.33 -13.91 12.10
C MET B 19 -1.12 -13.25 12.77
N ALA B 20 -0.37 -12.44 12.02
CA ALA B 20 0.75 -11.69 12.54
C ALA B 20 0.33 -10.66 13.59
N GLU B 21 -0.88 -10.10 13.54
CA GLU B 21 -1.33 -9.18 14.59
C GLU B 21 -1.44 -9.93 15.92
N GLY B 22 -2.07 -11.11 15.88
CA GLY B 22 -2.20 -11.96 17.05
C GLY B 22 -0.83 -12.39 17.57
N TRP B 23 0.06 -12.85 16.68
CA TRP B 23 1.40 -13.28 17.05
C TRP B 23 2.22 -12.16 17.64
N ALA B 24 2.15 -10.95 17.07
CA ALA B 24 2.87 -9.82 17.59
C ALA B 24 2.40 -9.57 19.01
N LYS B 25 1.09 -9.52 19.24
CA LYS B 25 0.56 -9.07 20.52
C LYS B 25 0.93 -10.02 21.65
N GLN B 26 1.14 -11.32 21.38
CA GLN B 26 1.59 -12.24 22.41
C GLN B 26 3.05 -12.02 22.83
N TYR B 27 3.87 -11.34 22.02
CA TYR B 27 5.29 -11.15 22.26
C TYR B 27 5.70 -9.67 22.42
N LEU B 28 4.80 -8.74 22.10
CA LEU B 28 5.00 -7.31 22.25
C LEU B 28 4.21 -6.90 23.50
N GLY B 29 3.32 -5.93 23.39
CA GLY B 29 2.54 -5.40 24.52
C GLY B 29 1.84 -4.11 24.11
N ASP B 30 1.28 -3.38 25.08
CA ASP B 30 0.75 -2.03 24.90
C ASP B 30 1.86 -1.02 24.51
N GLU B 31 3.11 -1.43 24.72
CA GLU B 31 4.31 -0.76 24.23
C GLU B 31 4.24 -0.54 22.71
N TRP B 32 3.48 -1.36 21.99
CA TRP B 32 3.37 -1.31 20.53
C TRP B 32 1.90 -1.33 20.11
N LYS B 33 1.62 -0.86 18.90
CA LYS B 33 0.32 -0.86 18.25
C LYS B 33 0.56 -1.49 16.89
N VAL B 34 -0.21 -2.53 16.58
CA VAL B 34 0.02 -3.40 15.45
C VAL B 34 -1.17 -3.23 14.50
N TYR B 35 -0.89 -3.08 13.20
CA TYR B 35 -1.87 -2.79 12.16
C TYR B 35 -1.52 -3.59 10.90
N SER B 36 -2.44 -3.63 9.93
CA SER B 36 -2.25 -4.34 8.68
C SER B 36 -2.96 -3.59 7.53
N ALA B 37 -2.42 -3.72 6.31
CA ALA B 37 -2.90 -3.06 5.10
C ALA B 37 -2.59 -3.91 3.87
N GLY B 38 -3.22 -3.56 2.75
CA GLY B 38 -2.98 -4.13 1.44
C GLY B 38 -3.85 -3.46 0.39
N ILE B 39 -3.76 -3.91 -0.86
CA ILE B 39 -4.44 -3.31 -2.02
C ILE B 39 -5.96 -3.16 -1.83
N GLU B 40 -6.63 -4.25 -1.48
CA GLU B 40 -8.08 -4.41 -1.46
C GLU B 40 -8.47 -5.05 -0.11
N ALA B 41 -7.64 -4.79 0.90
CA ALA B 41 -7.68 -5.40 2.21
C ALA B 41 -8.86 -4.91 3.04
N HIS B 42 -9.47 -5.84 3.79
CA HIS B 42 -10.58 -5.70 4.73
C HIS B 42 -11.24 -7.08 4.90
N GLY B 43 -10.46 -8.09 5.31
CA GLY B 43 -10.89 -9.48 5.30
C GLY B 43 -10.23 -10.26 6.43
N LEU B 44 -10.92 -10.37 7.58
CA LEU B 44 -10.51 -11.28 8.64
C LEU B 44 -10.82 -12.70 8.17
N ASN B 45 -9.84 -13.32 7.53
CA ASN B 45 -9.95 -14.68 7.00
C ASN B 45 -10.10 -15.68 8.16
N PRO B 46 -11.12 -16.56 8.18
CA PRO B 46 -11.30 -17.51 9.27
C PRO B 46 -10.15 -18.53 9.38
N ASN B 47 -9.44 -18.85 8.30
CA ASN B 47 -8.25 -19.70 8.40
C ASN B 47 -7.11 -19.03 9.16
N ALA B 48 -7.13 -17.70 9.28
CA ALA B 48 -6.18 -16.96 10.08
C ALA B 48 -6.60 -16.96 11.54
N VAL B 49 -7.91 -16.86 11.80
CA VAL B 49 -8.45 -17.04 13.14
C VAL B 49 -8.05 -18.43 13.64
N LYS B 50 -8.31 -19.48 12.85
CA LYS B 50 -7.95 -20.86 13.18
C LYS B 50 -6.44 -21.01 13.35
N ALA B 51 -5.63 -20.35 12.53
CA ALA B 51 -4.18 -20.30 12.71
C ALA B 51 -3.80 -19.82 14.12
N MET B 52 -4.52 -18.86 14.70
CA MET B 52 -4.25 -18.37 16.05
C MET B 52 -4.75 -19.36 17.09
N LYS B 53 -5.88 -20.03 16.86
CA LYS B 53 -6.37 -21.06 17.77
C LYS B 53 -5.38 -22.22 17.89
N GLU B 54 -4.52 -22.47 16.89
CA GLU B 54 -3.50 -23.51 16.98
C GLU B 54 -2.53 -23.26 18.15
N VAL B 55 -2.36 -22.00 18.56
CA VAL B 55 -1.48 -21.57 19.65
C VAL B 55 -2.28 -20.85 20.75
N GLY B 56 -3.60 -20.98 20.74
CA GLY B 56 -4.49 -20.43 21.77
C GLY B 56 -4.43 -18.90 21.82
N ILE B 57 -4.42 -18.23 20.66
CA ILE B 57 -4.52 -16.76 20.58
C ILE B 57 -5.85 -16.50 19.86
N ASP B 58 -6.45 -15.33 20.08
CA ASP B 58 -7.69 -14.92 19.44
C ASP B 58 -7.48 -13.59 18.71
N ILE B 59 -8.09 -13.48 17.54
CA ILE B 59 -8.13 -12.29 16.70
C ILE B 59 -9.53 -12.10 16.13
N SER B 60 -10.57 -12.67 16.74
CA SER B 60 -11.93 -12.46 16.25
C SER B 60 -12.33 -10.96 16.27
N ASN B 61 -11.56 -10.14 17.02
CA ASN B 61 -11.59 -8.69 17.06
C ASN B 61 -11.22 -8.02 15.72
N GLN B 62 -10.36 -8.63 14.91
CA GLN B 62 -9.76 -8.02 13.74
C GLN B 62 -10.82 -7.65 12.69
N THR B 63 -10.47 -6.72 11.81
CA THR B 63 -11.36 -6.19 10.79
C THR B 63 -10.61 -5.74 9.52
N SER B 64 -9.35 -5.28 9.64
CA SER B 64 -8.49 -4.79 8.56
C SER B 64 -9.07 -3.63 7.72
N ASP B 65 -8.24 -3.09 6.82
CA ASP B 65 -8.51 -1.94 5.95
C ASP B 65 -7.42 -1.90 4.87
N ILE B 66 -7.60 -1.12 3.80
CA ILE B 66 -6.61 -0.91 2.76
C ILE B 66 -5.43 -0.08 3.29
N ILE B 67 -4.40 0.08 2.45
CA ILE B 67 -3.28 0.98 2.72
C ILE B 67 -3.83 2.35 3.16
N ASP B 68 -3.28 2.88 4.26
CA ASP B 68 -3.66 4.19 4.79
C ASP B 68 -2.44 4.83 5.44
N SER B 69 -1.80 5.70 4.66
CA SER B 69 -0.66 6.48 5.05
C SER B 69 -0.83 7.23 6.39
N ASP B 70 -2.06 7.56 6.81
CA ASP B 70 -2.27 8.36 8.03
C ASP B 70 -1.75 7.66 9.27
N ILE B 71 -1.61 6.34 9.22
CA ILE B 71 -1.11 5.52 10.32
C ILE B 71 0.13 4.78 9.83
N LEU B 72 0.15 4.33 8.57
CA LEU B 72 1.28 3.57 8.04
C LEU B 72 2.52 4.45 7.92
N ASN B 73 2.40 5.70 7.45
CA ASN B 73 3.54 6.61 7.45
C ASN B 73 3.98 6.98 8.87
N ASN B 74 3.08 6.86 9.86
CA ASN B 74 3.37 7.07 11.27
C ASN B 74 3.97 5.83 11.94
N ALA B 75 3.93 4.65 11.30
CA ALA B 75 4.66 3.48 11.75
C ALA B 75 6.16 3.76 11.83
N ASP B 76 6.84 2.89 12.57
CA ASP B 76 8.31 2.83 12.61
C ASP B 76 8.84 1.88 11.54
N LEU B 77 8.10 0.80 11.26
CA LEU B 77 8.52 -0.29 10.40
C LEU B 77 7.31 -0.82 9.63
N VAL B 78 7.50 -0.99 8.32
CA VAL B 78 6.58 -1.67 7.43
C VAL B 78 7.16 -3.06 7.22
N VAL B 79 6.55 -4.04 7.87
CA VAL B 79 6.85 -5.44 7.70
C VAL B 79 6.12 -5.85 6.42
N THR B 80 6.83 -5.91 5.28
CA THR B 80 6.24 -6.50 4.08
C THR B 80 6.04 -7.98 4.45
N LEU B 81 4.80 -8.46 4.39
CA LEU B 81 4.40 -9.74 4.95
C LEU B 81 3.52 -10.53 3.97
N SER B 82 4.00 -10.72 2.75
CA SER B 82 3.42 -11.57 1.71
C SER B 82 4.51 -11.74 0.65
N GLY B 83 4.18 -12.28 -0.52
CA GLY B 83 5.12 -12.48 -1.62
C GLY B 83 4.38 -12.58 -2.96
N ASP B 84 3.35 -11.76 -3.18
CA ASP B 84 2.62 -11.69 -4.44
C ASP B 84 2.44 -10.22 -4.82
N ALA B 85 2.83 -9.88 -6.05
CA ALA B 85 2.95 -8.52 -6.56
C ALA B 85 1.61 -7.79 -6.76
N ALA B 86 0.45 -8.44 -6.59
CA ALA B 86 -0.85 -7.77 -6.76
C ALA B 86 -1.05 -6.64 -5.75
N ASP B 87 -0.22 -6.50 -4.71
CA ASP B 87 -0.47 -5.59 -3.58
C ASP B 87 -0.35 -4.08 -3.90
N LYS B 88 -0.37 -3.68 -5.18
CA LYS B 88 -0.25 -2.29 -5.66
C LYS B 88 1.21 -1.78 -5.57
N CYS B 89 2.17 -2.72 -5.55
CA CYS B 89 3.62 -2.53 -5.34
C CYS B 89 3.95 -1.30 -4.47
N PRO B 90 3.42 -1.20 -3.23
CA PRO B 90 3.49 0.02 -2.44
C PRO B 90 4.92 0.55 -2.33
N MET B 91 5.14 1.85 -2.54
CA MET B 91 6.51 2.37 -2.55
C MET B 91 7.11 2.67 -1.16
N THR B 92 6.33 2.52 -0.08
CA THR B 92 6.66 2.82 1.33
C THR B 92 7.39 4.18 1.52
N PRO B 93 6.69 5.23 1.99
CA PRO B 93 7.27 6.57 2.03
C PRO B 93 8.48 6.57 3.00
N PRO B 94 9.54 7.35 2.72
CA PRO B 94 10.82 7.28 3.44
C PRO B 94 10.74 7.68 4.92
N HIS B 95 9.57 8.13 5.38
CA HIS B 95 9.26 8.36 6.79
C HIS B 95 9.36 7.05 7.62
N VAL B 96 9.43 5.87 6.99
CA VAL B 96 9.33 4.58 7.65
C VAL B 96 10.44 3.63 7.17
N LYS B 97 10.90 2.75 8.08
CA LYS B 97 11.79 1.63 7.75
C LYS B 97 10.96 0.53 7.10
N ARG B 98 11.56 -0.37 6.33
CA ARG B 98 10.86 -1.56 5.80
C ARG B 98 11.83 -2.72 5.76
N GLU B 99 11.31 -3.92 6.00
CA GLU B 99 11.98 -5.18 5.77
C GLU B 99 10.89 -6.18 5.40
N HIS B 100 11.25 -7.19 4.60
CA HIS B 100 10.33 -8.18 4.06
C HIS B 100 10.55 -9.54 4.73
N TRP B 101 9.43 -10.22 4.99
CA TRP B 101 9.38 -11.45 5.80
C TRP B 101 8.34 -12.43 5.25
N GLY B 102 7.99 -12.32 3.96
CA GLY B 102 7.05 -13.21 3.29
C GLY B 102 7.55 -13.58 1.90
N PHE B 103 6.94 -14.61 1.35
CA PHE B 103 7.32 -15.28 0.09
C PHE B 103 6.11 -15.96 -0.55
N ASP B 104 5.17 -16.40 0.29
CA ASP B 104 3.89 -17.02 -0.05
C ASP B 104 2.93 -16.74 1.10
N ASP B 105 1.64 -16.95 0.88
CA ASP B 105 0.55 -16.56 1.78
C ASP B 105 -0.50 -17.69 1.78
N PRO B 106 -1.08 -18.05 2.94
CA PRO B 106 -1.91 -19.23 3.06
C PRO B 106 -3.33 -19.04 2.57
N ALA B 107 -3.82 -17.81 2.42
CA ALA B 107 -5.08 -17.53 1.75
C ALA B 107 -4.96 -17.82 0.24
N ARG B 108 -3.78 -18.25 -0.24
CA ARG B 108 -3.51 -18.61 -1.63
C ARG B 108 -3.19 -20.09 -1.77
N ALA B 109 -3.40 -20.87 -0.71
CA ALA B 109 -3.23 -22.31 -0.71
C ALA B 109 -3.94 -22.94 -1.91
N GLN B 110 -3.51 -24.16 -2.24
CA GLN B 110 -3.93 -24.82 -3.46
C GLN B 110 -5.46 -24.92 -3.53
N GLY B 111 -6.09 -25.15 -2.37
CA GLY B 111 -7.53 -25.03 -2.23
C GLY B 111 -8.22 -26.19 -1.54
N THR B 112 -7.52 -27.32 -1.44
CA THR B 112 -8.03 -28.47 -0.72
C THR B 112 -8.05 -28.14 0.77
N GLU B 113 -8.75 -28.96 1.54
CA GLU B 113 -8.84 -28.77 2.97
C GLU B 113 -7.46 -28.92 3.60
N GLU B 114 -6.72 -29.93 3.14
CA GLU B 114 -5.39 -30.24 3.58
C GLU B 114 -4.45 -29.13 3.14
N GLU B 115 -4.53 -28.59 1.91
CA GLU B 115 -3.52 -27.64 1.47
C GLU B 115 -3.78 -26.29 2.14
N LYS B 116 -5.03 -25.91 2.36
CA LYS B 116 -5.38 -24.74 3.15
C LYS B 116 -4.80 -24.84 4.54
N TRP B 117 -5.07 -25.94 5.24
CA TRP B 117 -4.57 -26.10 6.59
C TRP B 117 -3.05 -26.13 6.57
N ALA B 118 -2.47 -26.88 5.65
CA ALA B 118 -1.04 -27.08 5.54
C ALA B 118 -0.31 -25.77 5.29
N PHE B 119 -0.83 -24.92 4.41
CA PHE B 119 -0.23 -23.63 4.16
C PHE B 119 -0.33 -22.80 5.43
N PHE B 120 -1.52 -22.72 6.05
CA PHE B 120 -1.67 -21.84 7.21
C PHE B 120 -0.83 -22.30 8.38
N GLN B 121 -0.72 -23.61 8.62
CA GLN B 121 0.08 -24.14 9.72
C GLN B 121 1.55 -23.79 9.52
N ARG B 122 2.09 -24.02 8.32
CA ARG B 122 3.49 -23.74 8.03
C ARG B 122 3.75 -22.23 8.18
N VAL B 123 2.96 -21.40 7.50
CA VAL B 123 3.17 -19.97 7.50
C VAL B 123 3.02 -19.43 8.93
N ARG B 124 2.11 -19.97 9.75
CA ARG B 124 1.91 -19.56 11.14
C ARG B 124 3.14 -19.79 11.99
N ASP B 125 3.79 -20.94 11.85
CA ASP B 125 5.05 -21.22 12.56
C ASP B 125 6.10 -20.14 12.24
N GLU B 126 6.26 -19.80 10.95
CA GLU B 126 7.23 -18.80 10.54
C GLU B 126 6.82 -17.38 10.96
N ILE B 127 5.53 -17.02 10.83
CA ILE B 127 5.01 -15.71 11.20
C ILE B 127 5.29 -15.45 12.68
N GLY B 128 5.01 -16.43 13.55
CA GLY B 128 5.30 -16.26 14.97
C GLY B 128 6.79 -16.12 15.22
N ASN B 129 7.62 -16.91 14.53
CA ASN B 129 9.07 -16.81 14.65
C ASN B 129 9.60 -15.43 14.26
N ARG B 130 9.13 -14.86 13.15
CA ARG B 130 9.62 -13.55 12.73
C ARG B 130 9.10 -12.45 13.62
N LEU B 131 7.86 -12.54 14.14
CA LEU B 131 7.38 -11.52 15.08
C LEU B 131 8.06 -11.65 16.43
N LYS B 132 8.34 -12.87 16.90
CA LYS B 132 9.08 -13.03 18.15
C LYS B 132 10.50 -12.51 17.97
N GLU B 133 11.12 -12.72 16.80
CA GLU B 133 12.39 -12.08 16.52
C GLU B 133 12.27 -10.57 16.54
N PHE B 134 11.23 -9.96 15.97
CA PHE B 134 11.11 -8.51 16.03
C PHE B 134 11.10 -8.04 17.49
N ALA B 135 10.39 -8.77 18.36
CA ALA B 135 10.34 -8.50 19.79
C ALA B 135 11.72 -8.62 20.46
N GLU B 136 12.56 -9.53 19.97
CA GLU B 136 13.85 -9.86 20.54
C GLU B 136 14.94 -8.93 20.03
N THR B 137 14.89 -8.64 18.73
CA THR B 137 15.93 -7.95 17.99
C THR B 137 15.70 -6.43 18.02
N GLY B 138 14.45 -5.99 18.24
CA GLY B 138 14.05 -4.60 18.09
C GLY B 138 14.49 -4.11 16.72
N LYS B 139 14.06 -4.86 15.70
CA LYS B 139 14.51 -4.76 14.33
C LYS B 139 14.82 -3.34 13.87
N MET A 1 0.54 19.84 -23.63
CA MET A 1 1.70 20.59 -23.11
C MET A 1 2.94 19.68 -23.22
N ALA A 2 3.27 18.95 -22.14
CA ALA A 2 4.28 17.90 -22.07
C ALA A 2 3.97 17.11 -20.80
N ILE A 3 4.60 15.94 -20.64
CA ILE A 3 4.59 15.21 -19.40
C ILE A 3 5.64 15.92 -18.55
N VAL A 4 5.18 16.79 -17.65
CA VAL A 4 5.99 17.54 -16.71
C VAL A 4 6.46 16.57 -15.61
N LYS A 5 7.45 16.99 -14.84
CA LYS A 5 7.91 16.29 -13.65
C LYS A 5 7.78 17.24 -12.46
N ALA A 6 6.95 16.84 -11.49
CA ALA A 6 6.82 17.52 -10.22
C ALA A 6 8.01 17.13 -9.33
N THR A 7 8.11 17.78 -8.17
CA THR A 7 9.02 17.41 -7.09
C THR A 7 8.42 17.96 -5.79
N ASP A 8 9.13 17.77 -4.67
CA ASP A 8 8.74 17.99 -3.26
C ASP A 8 7.84 19.20 -2.98
N GLN A 9 8.05 20.31 -3.69
CA GLN A 9 7.29 21.54 -3.54
C GLN A 9 6.85 22.09 -4.90
N SER A 10 7.63 21.88 -5.97
CA SER A 10 7.25 22.29 -7.32
C SER A 10 5.96 21.61 -7.82
N PHE A 11 5.54 20.48 -7.22
CA PHE A 11 4.23 19.90 -7.46
C PHE A 11 3.16 20.97 -7.30
N SER A 12 3.17 21.71 -6.18
CA SER A 12 2.18 22.74 -5.93
C SER A 12 2.30 23.83 -6.98
N ALA A 13 3.53 24.25 -7.30
CA ALA A 13 3.74 25.37 -8.20
C ALA A 13 3.19 25.05 -9.60
N GLU A 14 3.36 23.81 -10.06
CA GLU A 14 2.86 23.33 -11.34
C GLU A 14 1.34 23.16 -11.35
N THR A 15 0.69 23.02 -10.19
CA THR A 15 -0.72 22.63 -10.08
C THR A 15 -1.60 23.79 -9.58
N SER A 16 -1.01 24.94 -9.25
CA SER A 16 -1.70 26.08 -8.66
C SER A 16 -2.64 26.80 -9.64
N GLU A 17 -2.55 26.50 -10.93
CA GLU A 17 -3.33 27.18 -11.97
C GLU A 17 -3.77 26.18 -13.03
N GLY A 18 -4.95 26.41 -13.60
CA GLY A 18 -5.59 25.53 -14.57
C GLY A 18 -5.98 24.19 -13.96
N VAL A 19 -6.41 23.28 -14.82
CA VAL A 19 -6.62 21.88 -14.44
C VAL A 19 -5.33 21.13 -14.78
N VAL A 20 -4.89 20.32 -13.84
CA VAL A 20 -3.58 19.68 -13.86
C VAL A 20 -3.77 18.28 -13.30
N LEU A 21 -3.54 17.28 -14.14
CA LEU A 21 -3.45 15.90 -13.71
C LEU A 21 -2.05 15.67 -13.15
N ALA A 22 -1.94 15.02 -12.00
CA ALA A 22 -0.67 14.55 -11.48
C ALA A 22 -0.76 13.04 -11.31
N ASP A 23 0.32 12.35 -11.65
CA ASP A 23 0.43 10.90 -11.71
C ASP A 23 1.69 10.47 -10.99
N PHE A 24 1.65 9.28 -10.39
CA PHE A 24 2.66 8.79 -9.48
C PHE A 24 3.03 7.40 -9.98
N TRP A 25 4.27 7.28 -10.50
CA TRP A 25 4.79 6.13 -11.23
C TRP A 25 6.14 5.76 -10.59
N ALA A 26 6.57 4.49 -10.65
CA ALA A 26 7.91 4.09 -10.25
C ALA A 26 8.21 2.62 -10.62
N PRO A 27 9.48 2.19 -10.62
CA PRO A 27 9.89 0.84 -10.99
C PRO A 27 9.27 -0.34 -10.22
N TRP A 28 8.54 -0.11 -9.12
CA TRP A 28 7.88 -1.15 -8.32
C TRP A 28 7.09 -2.13 -9.18
N CYS A 29 6.28 -1.64 -10.14
CA CYS A 29 5.40 -2.52 -10.92
C CYS A 29 5.06 -1.99 -12.31
N GLY A 30 4.53 -2.91 -13.13
CA GLY A 30 4.15 -2.75 -14.52
C GLY A 30 3.30 -1.51 -14.83
N PRO A 31 2.23 -1.17 -14.07
CA PRO A 31 1.40 0.00 -14.35
C PRO A 31 2.17 1.29 -14.53
N SER A 32 3.29 1.51 -13.85
CA SER A 32 4.12 2.69 -14.07
C SER A 32 4.60 2.81 -15.51
N LYS A 33 4.79 1.68 -16.19
CA LYS A 33 5.22 1.62 -17.58
C LYS A 33 4.04 1.43 -18.55
N MET A 34 2.79 1.50 -18.06
CA MET A 34 1.59 1.43 -18.90
C MET A 34 0.81 2.74 -18.77
N ILE A 35 0.66 3.27 -17.55
CA ILE A 35 0.14 4.60 -17.29
C ILE A 35 1.05 5.64 -17.95
N ALA A 36 2.37 5.39 -18.02
CA ALA A 36 3.33 6.28 -18.68
C ALA A 36 2.99 6.50 -20.17
N PRO A 37 2.94 5.47 -21.03
CA PRO A 37 2.54 5.63 -22.41
C PRO A 37 1.13 6.20 -22.52
N VAL A 38 0.21 5.77 -21.65
CA VAL A 38 -1.15 6.28 -21.62
C VAL A 38 -1.15 7.80 -21.43
N LEU A 39 -0.29 8.33 -20.56
CA LEU A 39 -0.25 9.77 -20.31
C LEU A 39 0.34 10.50 -21.51
N GLU A 40 1.37 9.95 -22.18
CA GLU A 40 1.92 10.58 -23.36
C GLU A 40 0.88 10.58 -24.49
N GLU A 41 0.05 9.53 -24.59
CA GLU A 41 -1.06 9.43 -25.52
C GLU A 41 -2.20 10.39 -25.13
N LEU A 42 -2.36 10.67 -23.83
CA LEU A 42 -3.34 11.61 -23.31
C LEU A 42 -2.92 13.04 -23.64
N ASP A 43 -1.64 13.37 -23.47
CA ASP A 43 -1.18 14.75 -23.60
C ASP A 43 -1.14 15.17 -25.06
N GLN A 44 -0.76 14.26 -25.95
CA GLN A 44 -0.79 14.55 -27.38
C GLN A 44 -2.23 14.65 -27.91
N GLU A 45 -3.24 14.19 -27.15
CA GLU A 45 -4.62 14.16 -27.53
C GLU A 45 -5.33 15.43 -27.07
N MET A 46 -5.16 15.78 -25.80
CA MET A 46 -5.94 16.83 -25.13
C MET A 46 -5.07 17.72 -24.25
N GLY A 47 -3.76 17.67 -24.44
CA GLY A 47 -2.83 18.53 -23.71
C GLY A 47 -2.93 20.00 -24.10
N ASP A 48 -3.86 20.32 -25.01
CA ASP A 48 -4.25 21.67 -25.33
C ASP A 48 -5.06 22.30 -24.21
N LYS A 49 -5.72 21.46 -23.39
CA LYS A 49 -6.63 21.88 -22.34
C LYS A 49 -6.11 21.53 -20.95
N LEU A 50 -5.17 20.58 -20.85
CA LEU A 50 -4.75 19.96 -19.60
C LEU A 50 -3.24 19.95 -19.49
N LYS A 51 -2.72 20.11 -18.28
CA LYS A 51 -1.32 19.90 -17.95
C LYS A 51 -1.23 18.53 -17.29
N ILE A 52 -0.16 17.78 -17.53
CA ILE A 52 0.05 16.46 -16.99
C ILE A 52 1.43 16.50 -16.34
N VAL A 53 1.54 15.93 -15.14
CA VAL A 53 2.74 16.00 -14.33
C VAL A 53 2.95 14.60 -13.74
N LYS A 54 4.19 14.16 -13.60
CA LYS A 54 4.52 12.88 -12.96
C LYS A 54 5.37 13.11 -11.72
N ILE A 55 5.34 12.16 -10.78
CA ILE A 55 6.19 12.05 -9.61
C ILE A 55 6.78 10.64 -9.70
N ASP A 56 8.11 10.53 -9.66
CA ASP A 56 8.77 9.23 -9.53
C ASP A 56 8.72 8.82 -8.06
N VAL A 57 7.91 7.84 -7.70
CA VAL A 57 7.72 7.40 -6.32
C VAL A 57 8.79 6.42 -5.83
N ASP A 58 10.07 6.77 -6.04
CA ASP A 58 11.21 6.07 -5.43
C ASP A 58 12.40 7.02 -5.25
N GLU A 59 12.63 7.96 -6.17
CA GLU A 59 13.66 8.97 -6.10
C GLU A 59 13.05 10.32 -5.70
N ASN A 60 11.77 10.55 -6.03
CA ASN A 60 11.10 11.83 -5.93
C ASN A 60 9.76 11.71 -5.20
N GLN A 61 9.66 10.69 -4.35
CA GLN A 61 8.43 10.25 -3.72
C GLN A 61 7.98 11.18 -2.58
N GLU A 62 8.76 12.22 -2.30
CA GLU A 62 8.57 13.11 -1.17
C GLU A 62 7.19 13.76 -1.21
N THR A 63 6.75 14.28 -2.37
CA THR A 63 5.40 14.81 -2.57
C THR A 63 4.33 13.78 -2.21
N ALA A 64 4.58 12.52 -2.58
CA ALA A 64 3.61 11.46 -2.48
C ALA A 64 3.39 11.14 -1.00
N GLY A 65 4.44 10.67 -0.33
CA GLY A 65 4.47 10.52 1.12
C GLY A 65 3.94 11.74 1.90
N LYS A 66 4.28 12.97 1.47
CA LYS A 66 3.80 14.19 2.13
C LYS A 66 2.28 14.29 2.04
N TYR A 67 1.69 14.05 0.86
CA TYR A 67 0.25 14.15 0.69
C TYR A 67 -0.45 13.00 1.44
N GLY A 68 0.19 11.83 1.47
CA GLY A 68 -0.41 10.59 1.94
C GLY A 68 -0.77 9.79 0.70
N VAL A 69 0.25 9.33 -0.02
CA VAL A 69 0.18 8.52 -1.23
C VAL A 69 1.29 7.52 -0.96
N MET A 70 1.01 6.24 -1.16
CA MET A 70 1.97 5.19 -0.87
C MET A 70 1.79 4.03 -1.84
N SER A 71 1.11 4.24 -2.97
CA SER A 71 0.65 3.22 -3.89
C SER A 71 0.95 3.55 -5.34
N ILE A 72 0.92 2.55 -6.23
CA ILE A 72 1.18 2.72 -7.65
C ILE A 72 0.04 2.07 -8.45
N PRO A 73 -0.45 2.68 -9.56
CA PRO A 73 -0.19 4.05 -9.97
C PRO A 73 -1.23 4.92 -9.25
N THR A 74 -0.81 6.05 -8.69
CA THR A 74 -1.76 6.98 -8.06
C THR A 74 -1.97 8.17 -9.00
N LEU A 75 -3.21 8.64 -9.10
CA LEU A 75 -3.57 9.88 -9.77
C LEU A 75 -4.16 10.82 -8.73
N LEU A 76 -3.74 12.07 -8.78
CA LEU A 76 -4.32 13.18 -8.04
C LEU A 76 -4.73 14.14 -9.15
N VAL A 77 -6.03 14.35 -9.35
CA VAL A 77 -6.53 15.35 -10.30
C VAL A 77 -6.68 16.64 -9.52
N LEU A 78 -6.04 17.71 -9.98
CA LEU A 78 -6.04 19.01 -9.31
C LEU A 78 -6.57 20.07 -10.26
N LYS A 79 -7.11 21.15 -9.69
CA LYS A 79 -7.46 22.34 -10.43
C LYS A 79 -7.31 23.53 -9.51
N ASP A 80 -6.81 24.63 -10.07
CA ASP A 80 -6.59 25.91 -9.41
C ASP A 80 -5.92 25.79 -8.02
N GLY A 81 -5.08 24.76 -7.83
CA GLY A 81 -4.24 24.58 -6.65
C GLY A 81 -4.76 23.62 -5.59
N GLU A 82 -5.82 22.87 -5.86
CA GLU A 82 -6.39 21.90 -4.96
C GLU A 82 -6.74 20.59 -5.68
N VAL A 83 -6.68 19.46 -4.96
CA VAL A 83 -7.14 18.16 -5.44
C VAL A 83 -8.66 18.19 -5.46
N VAL A 84 -9.22 17.63 -6.53
CA VAL A 84 -10.65 17.50 -6.75
C VAL A 84 -11.04 16.06 -7.02
N GLU A 85 -10.11 15.19 -7.44
CA GLU A 85 -10.32 13.75 -7.51
C GLU A 85 -9.03 13.04 -7.17
N THR A 86 -9.16 11.82 -6.67
CA THR A 86 -8.06 10.96 -6.29
C THR A 86 -8.45 9.55 -6.75
N SER A 87 -7.50 8.82 -7.33
CA SER A 87 -7.74 7.47 -7.83
C SER A 87 -6.41 6.70 -7.75
N VAL A 88 -6.50 5.39 -7.53
CA VAL A 88 -5.34 4.53 -7.38
C VAL A 88 -5.66 3.25 -8.15
N GLY A 89 -4.95 3.01 -9.25
CA GLY A 89 -5.10 1.82 -10.08
C GLY A 89 -4.89 2.14 -11.55
N PHE A 90 -4.50 1.15 -12.36
CA PHE A 90 -4.30 1.34 -13.79
C PHE A 90 -5.62 1.69 -14.48
N LYS A 91 -5.57 2.58 -15.47
CA LYS A 91 -6.68 2.88 -16.38
C LYS A 91 -6.10 2.95 -17.81
N PRO A 92 -6.81 2.44 -18.82
CA PRO A 92 -6.43 2.65 -20.22
C PRO A 92 -6.64 4.12 -20.60
N LYS A 93 -6.10 4.52 -21.76
CA LYS A 93 -6.15 5.87 -22.33
C LYS A 93 -7.53 6.50 -22.21
N GLU A 94 -8.58 5.80 -22.62
CA GLU A 94 -9.92 6.39 -22.64
C GLU A 94 -10.45 6.61 -21.22
N ALA A 95 -10.27 5.64 -20.32
CA ALA A 95 -10.70 5.78 -18.94
C ALA A 95 -9.93 6.90 -18.26
N LEU A 96 -8.64 7.04 -18.57
CA LEU A 96 -7.80 8.09 -18.04
C LEU A 96 -8.35 9.45 -18.44
N GLN A 97 -8.56 9.64 -19.75
CA GLN A 97 -8.99 10.90 -20.31
C GLN A 97 -10.38 11.24 -19.79
N GLU A 98 -11.26 10.25 -19.66
CA GLU A 98 -12.59 10.44 -19.10
C GLU A 98 -12.51 10.91 -17.64
N LEU A 99 -11.64 10.30 -16.83
CA LEU A 99 -11.54 10.57 -15.39
C LEU A 99 -11.21 12.04 -15.15
N VAL A 100 -10.28 12.60 -15.91
CA VAL A 100 -9.92 14.02 -15.77
C VAL A 100 -10.91 14.91 -16.51
N ASN A 101 -11.44 14.50 -17.67
CA ASN A 101 -12.39 15.29 -18.48
C ASN A 101 -13.62 15.70 -17.67
N LYS A 102 -14.04 14.87 -16.71
CA LYS A 102 -15.16 15.16 -15.80
C LYS A 102 -14.97 16.48 -15.03
N HIS A 103 -13.73 16.92 -14.81
CA HIS A 103 -13.40 18.06 -13.93
C HIS A 103 -12.57 19.12 -14.64
N LEU A 104 -11.96 18.76 -15.77
CA LEU A 104 -11.29 19.64 -16.72
C LEU A 104 -12.34 20.56 -17.35
N MET B 1 9.85 2.66 26.61
CA MET B 1 8.95 3.82 26.72
C MET B 1 7.62 3.49 26.04
N GLU B 2 6.52 3.87 26.68
CA GLU B 2 5.16 3.49 26.31
C GLU B 2 4.84 3.93 24.89
N ASN B 3 4.29 2.99 24.10
CA ASN B 3 3.82 3.08 22.73
C ASN B 3 4.97 3.22 21.74
N LYS B 4 4.93 2.29 20.81
CA LYS B 4 5.80 2.04 19.66
C LYS B 4 4.84 1.50 18.60
N ILE B 5 5.01 1.80 17.32
CA ILE B 5 4.06 1.39 16.30
C ILE B 5 4.80 0.58 15.25
N ILE B 6 4.14 -0.45 14.74
CA ILE B 6 4.62 -1.33 13.68
C ILE B 6 3.41 -1.64 12.80
N TYR B 7 3.63 -1.71 11.48
CA TYR B 7 2.56 -1.79 10.50
C TYR B 7 2.84 -2.97 9.57
N PHE B 8 1.83 -3.74 9.23
CA PHE B 8 1.97 -4.90 8.35
C PHE B 8 1.28 -4.58 7.02
N LEU B 9 1.80 -5.13 5.93
CA LEU B 9 1.39 -4.75 4.60
C LEU B 9 1.35 -6.01 3.73
N SER B 10 0.16 -6.43 3.31
CA SER B 10 -0.01 -7.67 2.55
C SER B 10 -1.31 -7.66 1.75
N THR B 11 -1.33 -8.34 0.60
CA THR B 11 -2.42 -8.34 -0.36
C THR B 11 -3.77 -8.58 0.31
N GLY B 12 -4.68 -7.61 0.16
CA GLY B 12 -6.06 -7.73 0.62
C GLY B 12 -6.19 -7.80 2.14
N ASN B 13 -5.10 -7.48 2.87
CA ASN B 13 -4.89 -7.61 4.32
C ASN B 13 -6.12 -8.00 5.12
N SER B 14 -6.36 -9.32 5.21
CA SER B 14 -7.50 -9.88 5.92
C SER B 14 -7.20 -11.29 6.45
N ALA B 15 -5.97 -11.80 6.35
CA ALA B 15 -5.64 -13.18 6.66
C ALA B 15 -4.33 -13.29 7.43
N ARG B 16 -3.21 -13.50 6.74
CA ARG B 16 -1.92 -13.79 7.39
C ARG B 16 -1.47 -12.64 8.29
N SER B 17 -1.92 -11.43 7.98
CA SER B 17 -1.80 -10.22 8.75
C SER B 17 -2.48 -10.33 10.12
N GLN B 18 -3.72 -10.84 10.15
CA GLN B 18 -4.55 -10.96 11.35
C GLN B 18 -3.86 -11.93 12.31
N MET B 19 -3.42 -13.05 11.71
CA MET B 19 -2.68 -14.07 12.40
C MET B 19 -1.39 -13.46 12.96
N ALA B 20 -0.62 -12.73 12.15
CA ALA B 20 0.64 -12.13 12.57
C ALA B 20 0.43 -11.12 13.68
N GLU B 21 -0.67 -10.35 13.69
CA GLU B 21 -0.87 -9.33 14.71
C GLU B 21 -1.34 -9.97 16.02
N GLY B 22 -2.03 -11.13 15.94
CA GLY B 22 -2.34 -11.95 17.10
C GLY B 22 -1.04 -12.49 17.69
N TRP B 23 -0.17 -13.05 16.83
CA TRP B 23 1.18 -13.48 17.21
C TRP B 23 1.97 -12.35 17.85
N ALA B 24 1.86 -11.14 17.28
CA ALA B 24 2.64 -10.02 17.72
C ALA B 24 2.37 -9.73 19.18
N LYS B 25 1.09 -9.62 19.56
CA LYS B 25 0.74 -9.12 20.88
C LYS B 25 1.18 -10.04 22.02
N GLN B 26 1.41 -11.34 21.75
CA GLN B 26 1.92 -12.23 22.79
C GLN B 26 3.38 -11.92 23.20
N TYR B 27 4.14 -11.13 22.41
CA TYR B 27 5.54 -10.79 22.72
C TYR B 27 5.81 -9.28 22.59
N LEU B 28 5.30 -8.63 21.54
CA LEU B 28 5.25 -7.19 21.35
C LEU B 28 4.08 -6.67 22.18
N GLY B 29 4.29 -6.68 23.49
CA GLY B 29 3.32 -6.38 24.54
C GLY B 29 2.87 -4.92 24.56
N ASP B 30 2.49 -4.43 25.74
CA ASP B 30 1.84 -3.12 25.94
C ASP B 30 2.71 -1.94 25.50
N GLU B 31 4.04 -2.14 25.38
CA GLU B 31 4.94 -1.15 24.79
C GLU B 31 4.62 -0.86 23.32
N TRP B 32 3.90 -1.74 22.63
CA TRP B 32 3.72 -1.69 21.18
C TRP B 32 2.25 -1.59 20.80
N LYS B 33 2.00 -1.14 19.57
CA LYS B 33 0.72 -1.14 18.89
C LYS B 33 1.00 -1.66 17.49
N VAL B 34 0.08 -2.44 16.96
CA VAL B 34 0.26 -3.20 15.73
C VAL B 34 -0.99 -2.93 14.90
N TYR B 35 -0.83 -2.64 13.61
CA TYR B 35 -1.94 -2.57 12.67
C TYR B 35 -1.50 -3.16 11.34
N SER B 36 -2.46 -3.47 10.47
CA SER B 36 -2.24 -4.23 9.25
C SER B 36 -3.19 -3.69 8.18
N ALA B 37 -2.71 -3.50 6.95
CA ALA B 37 -3.46 -2.82 5.90
C ALA B 37 -3.05 -3.34 4.51
N GLY B 38 -3.83 -3.04 3.46
CA GLY B 38 -3.56 -3.52 2.12
C GLY B 38 -4.48 -2.91 1.05
N ILE B 39 -4.40 -3.42 -0.18
CA ILE B 39 -5.05 -2.89 -1.39
C ILE B 39 -6.54 -2.60 -1.19
N GLU B 40 -7.30 -3.62 -0.80
CA GLU B 40 -8.77 -3.60 -0.69
C GLU B 40 -9.19 -4.26 0.64
N ALA B 41 -8.28 -4.12 1.61
CA ALA B 41 -8.31 -4.76 2.92
C ALA B 41 -9.46 -4.27 3.79
N HIS B 42 -9.91 -5.15 4.70
CA HIS B 42 -10.93 -5.02 5.74
C HIS B 42 -11.64 -6.37 5.79
N GLY B 43 -11.22 -7.27 6.66
CA GLY B 43 -11.73 -8.64 6.68
C GLY B 43 -11.10 -9.47 7.80
N LEU B 44 -11.53 -10.72 7.93
CA LEU B 44 -10.98 -11.68 8.88
C LEU B 44 -11.22 -13.08 8.31
N ASN B 45 -10.23 -13.60 7.57
CA ASN B 45 -10.28 -14.93 6.98
C ASN B 45 -10.30 -15.97 8.11
N PRO B 46 -11.24 -16.92 8.14
CA PRO B 46 -11.29 -17.93 9.19
C PRO B 46 -10.04 -18.81 9.23
N ASN B 47 -9.25 -18.92 8.14
CA ASN B 47 -7.96 -19.60 8.20
C ASN B 47 -7.02 -18.91 9.18
N ALA B 48 -7.05 -17.58 9.25
CA ALA B 48 -6.18 -16.82 10.13
C ALA B 48 -6.65 -16.99 11.58
N VAL B 49 -7.97 -17.00 11.77
CA VAL B 49 -8.55 -17.26 13.10
C VAL B 49 -8.05 -18.64 13.55
N LYS B 50 -8.25 -19.66 12.72
CA LYS B 50 -7.88 -21.04 13.02
C LYS B 50 -6.37 -21.16 13.25
N ALA B 51 -5.57 -20.46 12.43
CA ALA B 51 -4.13 -20.38 12.58
C ALA B 51 -3.72 -19.93 13.99
N MET B 52 -4.47 -19.02 14.63
CA MET B 52 -4.15 -18.57 15.97
C MET B 52 -4.68 -19.53 17.02
N LYS B 53 -5.82 -20.17 16.80
CA LYS B 53 -6.30 -21.21 17.71
C LYS B 53 -5.32 -22.39 17.76
N GLU B 54 -4.48 -22.62 16.74
CA GLU B 54 -3.45 -23.66 16.78
C GLU B 54 -2.48 -23.44 17.95
N VAL B 55 -2.24 -22.19 18.34
CA VAL B 55 -1.33 -21.79 19.40
C VAL B 55 -2.07 -21.11 20.56
N GLY B 56 -3.40 -21.23 20.60
CA GLY B 56 -4.22 -20.73 21.68
C GLY B 56 -4.18 -19.21 21.80
N ILE B 57 -4.22 -18.48 20.67
CA ILE B 57 -4.40 -17.03 20.68
C ILE B 57 -5.72 -16.81 19.95
N ASP B 58 -6.48 -15.78 20.34
CA ASP B 58 -7.79 -15.50 19.77
C ASP B 58 -7.77 -14.14 19.10
N ILE B 59 -8.36 -14.09 17.90
CA ILE B 59 -8.49 -12.89 17.07
C ILE B 59 -9.90 -12.83 16.46
N SER B 60 -10.88 -13.59 16.96
CA SER B 60 -12.18 -13.75 16.32
C SER B 60 -12.96 -12.43 16.16
N ASN B 61 -12.51 -11.33 16.78
CA ASN B 61 -13.08 -9.99 16.69
C ASN B 61 -12.35 -9.08 15.69
N GLN B 62 -11.13 -9.44 15.23
CA GLN B 62 -10.31 -8.59 14.39
C GLN B 62 -10.97 -8.17 13.06
N THR B 63 -10.41 -7.11 12.50
CA THR B 63 -10.66 -6.61 11.15
C THR B 63 -9.48 -5.70 10.77
N SER B 64 -9.55 -5.06 9.60
CA SER B 64 -8.52 -4.20 9.04
C SER B 64 -9.16 -3.05 8.26
N ASP B 65 -8.39 -2.40 7.39
CA ASP B 65 -8.74 -1.27 6.54
C ASP B 65 -7.71 -1.22 5.41
N ILE B 66 -7.94 -0.43 4.38
CA ILE B 66 -6.98 -0.19 3.31
C ILE B 66 -5.74 0.55 3.83
N ILE B 67 -4.68 0.61 3.01
CA ILE B 67 -3.44 1.33 3.31
C ILE B 67 -3.81 2.73 3.84
N ASP B 68 -3.25 3.11 4.99
CA ASP B 68 -3.53 4.38 5.61
C ASP B 68 -2.25 4.99 6.13
N SER B 69 -1.74 5.92 5.31
CA SER B 69 -0.58 6.76 5.55
C SER B 69 -0.53 7.36 6.95
N ASP B 70 -1.67 7.67 7.57
CA ASP B 70 -1.73 8.31 8.89
C ASP B 70 -1.11 7.43 9.98
N ILE B 71 -0.92 6.14 9.70
CA ILE B 71 -0.35 5.19 10.64
C ILE B 71 0.84 4.49 9.97
N LEU B 72 0.79 4.16 8.68
CA LEU B 72 1.94 3.51 8.02
C LEU B 72 3.15 4.43 8.07
N ASN B 73 3.03 5.66 7.56
CA ASN B 73 4.13 6.63 7.59
C ASN B 73 4.55 6.96 9.04
N ASN B 74 3.63 6.74 9.99
CA ASN B 74 3.74 7.06 11.41
C ASN B 74 4.44 5.96 12.21
N ALA B 75 4.43 4.72 11.70
CA ALA B 75 5.04 3.57 12.33
C ALA B 75 6.57 3.72 12.43
N ASP B 76 7.19 2.76 13.11
CA ASP B 76 8.65 2.63 13.19
C ASP B 76 9.18 1.61 12.18
N LEU B 77 8.35 0.66 11.74
CA LEU B 77 8.70 -0.39 10.78
C LEU B 77 7.45 -0.81 10.01
N VAL B 78 7.63 -1.09 8.72
CA VAL B 78 6.64 -1.62 7.79
C VAL B 78 7.10 -3.02 7.41
N VAL B 79 6.40 -4.01 7.95
CA VAL B 79 6.66 -5.42 7.71
C VAL B 79 5.85 -5.80 6.47
N THR B 80 6.48 -5.88 5.30
CA THR B 80 5.79 -6.48 4.18
C THR B 80 5.65 -7.96 4.56
N LEU B 81 4.43 -8.50 4.46
CA LEU B 81 4.07 -9.81 5.01
C LEU B 81 3.46 -10.72 3.94
N SER B 82 4.12 -10.82 2.79
CA SER B 82 3.76 -11.71 1.68
C SER B 82 5.00 -11.84 0.78
N GLY B 83 4.90 -12.67 -0.26
CA GLY B 83 5.87 -12.79 -1.35
C GLY B 83 5.14 -12.47 -2.64
N ASP B 84 4.37 -11.37 -2.62
CA ASP B 84 3.42 -10.96 -3.64
C ASP B 84 3.37 -9.43 -3.66
N ALA B 85 2.87 -8.85 -4.74
CA ALA B 85 2.87 -7.41 -5.02
C ALA B 85 1.49 -6.89 -5.46
N ALA B 86 0.45 -7.75 -5.52
CA ALA B 86 -0.92 -7.33 -5.83
C ALA B 86 -1.43 -6.21 -4.92
N ASP B 87 -0.79 -6.01 -3.76
CA ASP B 87 -1.13 -5.04 -2.71
C ASP B 87 -1.03 -3.54 -3.07
N LYS B 88 -1.01 -3.18 -4.37
CA LYS B 88 -0.75 -1.84 -4.96
C LYS B 88 0.75 -1.56 -5.11
N CYS B 89 1.61 -2.59 -5.09
CA CYS B 89 3.08 -2.51 -5.00
C CYS B 89 3.53 -1.30 -4.16
N PRO B 90 3.04 -1.12 -2.92
CA PRO B 90 3.22 0.11 -2.16
C PRO B 90 4.66 0.64 -2.14
N MET B 91 4.83 1.93 -2.39
CA MET B 91 6.16 2.54 -2.38
C MET B 91 6.64 2.98 -1.00
N THR B 92 5.84 2.81 0.08
CA THR B 92 6.24 2.98 1.49
C THR B 92 7.11 4.24 1.73
N PRO B 93 6.50 5.40 2.03
CA PRO B 93 7.20 6.68 2.07
C PRO B 93 8.38 6.60 3.08
N PRO B 94 9.57 7.14 2.76
CA PRO B 94 10.81 6.94 3.52
C PRO B 94 10.83 7.54 4.94
N HIS B 95 9.70 7.99 5.47
CA HIS B 95 9.55 8.43 6.86
C HIS B 95 9.69 7.25 7.84
N VAL B 96 9.73 6.00 7.37
CA VAL B 96 9.70 4.79 8.19
C VAL B 96 10.59 3.71 7.57
N LYS B 97 11.11 2.79 8.41
CA LYS B 97 11.88 1.63 7.97
C LYS B 97 10.95 0.60 7.34
N ARG B 98 11.44 -0.23 6.44
CA ARG B 98 10.68 -1.32 5.84
C ARG B 98 11.59 -2.52 5.66
N GLU B 99 11.05 -3.72 5.83
CA GLU B 99 11.70 -4.97 5.47
C GLU B 99 10.60 -5.99 5.22
N HIS B 100 10.85 -6.96 4.35
CA HIS B 100 9.92 -8.04 4.04
C HIS B 100 10.23 -9.23 4.94
N TRP B 101 9.16 -9.85 5.46
CA TRP B 101 9.21 -10.99 6.36
C TRP B 101 8.10 -11.96 5.96
N GLY B 102 7.92 -12.14 4.66
CA GLY B 102 7.03 -13.10 4.04
C GLY B 102 7.63 -13.53 2.71
N PHE B 103 7.07 -14.60 2.14
CA PHE B 103 7.56 -15.27 0.93
C PHE B 103 6.44 -16.07 0.24
N ASP B 104 5.35 -16.33 0.95
CA ASP B 104 4.17 -17.07 0.51
C ASP B 104 2.99 -16.51 1.30
N ASP B 105 1.76 -16.84 0.92
CA ASP B 105 0.54 -16.26 1.50
C ASP B 105 -0.53 -17.35 1.59
N PRO B 106 -1.00 -17.71 2.80
CA PRO B 106 -1.95 -18.79 3.01
C PRO B 106 -3.36 -18.45 2.54
N ALA B 107 -3.69 -17.17 2.35
CA ALA B 107 -4.93 -16.77 1.68
C ALA B 107 -4.99 -17.23 0.22
N ARG B 108 -3.95 -17.91 -0.27
CA ARG B 108 -3.76 -18.32 -1.67
C ARG B 108 -3.55 -19.83 -1.78
N ALA B 109 -3.81 -20.56 -0.69
CA ALA B 109 -3.72 -22.01 -0.65
C ALA B 109 -4.45 -22.65 -1.82
N GLN B 110 -3.98 -23.85 -2.18
CA GLN B 110 -4.42 -24.52 -3.40
C GLN B 110 -5.93 -24.76 -3.38
N GLY B 111 -6.48 -25.04 -2.20
CA GLY B 111 -7.92 -25.06 -1.99
C GLY B 111 -8.51 -26.37 -1.49
N THR B 112 -7.76 -27.46 -1.58
CA THR B 112 -8.15 -28.71 -0.94
C THR B 112 -7.93 -28.51 0.56
N GLU B 113 -8.74 -29.18 1.38
CA GLU B 113 -8.73 -29.09 2.83
C GLU B 113 -7.32 -29.19 3.40
N GLU B 114 -6.53 -30.10 2.84
CA GLU B 114 -5.19 -30.37 3.30
C GLU B 114 -4.29 -29.21 2.92
N GLU B 115 -4.43 -28.62 1.72
CA GLU B 115 -3.51 -27.59 1.31
C GLU B 115 -3.87 -26.27 1.99
N LYS B 116 -5.15 -26.02 2.26
CA LYS B 116 -5.54 -24.85 3.04
C LYS B 116 -4.95 -24.91 4.43
N TRP B 117 -5.10 -26.05 5.10
CA TRP B 117 -4.52 -26.19 6.43
C TRP B 117 -3.01 -26.12 6.33
N ALA B 118 -2.42 -26.85 5.40
CA ALA B 118 -0.98 -26.95 5.26
C ALA B 118 -0.32 -25.60 4.99
N PHE B 119 -0.92 -24.77 4.13
CA PHE B 119 -0.41 -23.44 3.87
C PHE B 119 -0.48 -22.63 5.16
N PHE B 120 -1.64 -22.62 5.84
CA PHE B 120 -1.78 -21.76 7.00
C PHE B 120 -0.87 -22.22 8.14
N GLN B 121 -0.73 -23.53 8.38
CA GLN B 121 0.11 -24.05 9.43
C GLN B 121 1.57 -23.67 9.19
N ARG B 122 2.09 -23.89 7.98
CA ARG B 122 3.48 -23.63 7.67
C ARG B 122 3.78 -22.14 7.79
N VAL B 123 2.95 -21.29 7.17
CA VAL B 123 3.20 -19.86 7.19
C VAL B 123 3.01 -19.32 8.61
N ARG B 124 2.08 -19.83 9.41
CA ARG B 124 1.86 -19.42 10.79
C ARG B 124 3.10 -19.64 11.65
N ASP B 125 3.74 -20.80 11.52
CA ASP B 125 4.99 -21.09 12.22
C ASP B 125 6.06 -20.06 11.87
N GLU B 126 6.22 -19.74 10.59
CA GLU B 126 7.21 -18.74 10.15
C GLU B 126 6.85 -17.34 10.68
N ILE B 127 5.58 -16.94 10.53
CA ILE B 127 5.05 -15.65 10.96
C ILE B 127 5.35 -15.45 12.44
N GLY B 128 5.04 -16.43 13.29
CA GLY B 128 5.23 -16.30 14.72
C GLY B 128 6.70 -16.16 15.06
N ASN B 129 7.58 -16.95 14.43
CA ASN B 129 9.00 -16.85 14.69
C ASN B 129 9.55 -15.48 14.33
N ARG B 130 9.18 -14.94 13.16
CA ARG B 130 9.66 -13.62 12.76
C ARG B 130 9.10 -12.53 13.66
N LEU B 131 7.84 -12.64 14.09
CA LEU B 131 7.27 -11.67 15.02
C LEU B 131 8.00 -11.70 16.36
N LYS B 132 8.25 -12.90 16.89
CA LYS B 132 8.98 -13.09 18.13
C LYS B 132 10.40 -12.54 17.98
N GLU B 133 11.03 -12.70 16.82
CA GLU B 133 12.35 -12.14 16.60
C GLU B 133 12.35 -10.64 16.75
N PHE B 134 11.34 -9.87 16.33
CA PHE B 134 11.45 -8.42 16.50
C PHE B 134 11.57 -8.03 17.96
N ALA B 135 10.77 -8.71 18.79
CA ALA B 135 10.84 -8.58 20.24
C ALA B 135 12.24 -8.90 20.80
N GLU B 136 12.96 -9.83 20.17
CA GLU B 136 14.27 -10.31 20.61
C GLU B 136 15.40 -9.44 20.07
N THR B 137 15.32 -9.08 18.79
CA THR B 137 16.34 -8.44 17.98
C THR B 137 16.26 -6.91 18.10
N GLY B 138 15.13 -6.38 18.57
CA GLY B 138 14.85 -4.95 18.59
C GLY B 138 14.86 -4.40 17.17
N LYS B 139 14.10 -5.10 16.30
CA LYS B 139 14.07 -4.82 14.88
C LYS B 139 13.70 -3.35 14.64
N MET A 1 1.97 20.54 -23.96
CA MET A 1 2.22 19.11 -24.27
C MET A 1 3.59 18.68 -23.74
N ALA A 2 3.63 18.11 -22.53
CA ALA A 2 4.80 17.45 -21.95
C ALA A 2 4.37 16.63 -20.73
N ILE A 3 5.10 15.54 -20.47
CA ILE A 3 4.99 14.77 -19.24
C ILE A 3 6.05 15.44 -18.34
N VAL A 4 5.59 16.33 -17.48
CA VAL A 4 6.41 17.07 -16.52
C VAL A 4 6.77 16.11 -15.38
N LYS A 5 7.75 16.50 -14.57
CA LYS A 5 8.15 15.80 -13.36
C LYS A 5 7.96 16.75 -12.20
N ALA A 6 7.15 16.32 -11.24
CA ALA A 6 6.98 16.99 -9.97
C ALA A 6 8.09 16.53 -9.02
N THR A 7 8.18 17.16 -7.85
CA THR A 7 8.99 16.77 -6.71
C THR A 7 8.39 17.51 -5.50
N ASP A 8 9.01 17.37 -4.32
CA ASP A 8 8.54 17.79 -2.99
C ASP A 8 7.75 19.11 -2.96
N GLN A 9 8.20 20.13 -3.69
CA GLN A 9 7.59 21.45 -3.71
C GLN A 9 7.24 21.89 -5.14
N SER A 10 8.01 21.42 -6.14
CA SER A 10 7.70 21.69 -7.54
C SER A 10 6.34 21.09 -7.96
N PHE A 11 5.83 20.06 -7.27
CA PHE A 11 4.46 19.58 -7.46
C PHE A 11 3.50 20.75 -7.31
N SER A 12 3.56 21.47 -6.20
CA SER A 12 2.69 22.60 -5.96
C SER A 12 2.91 23.67 -7.02
N ALA A 13 4.17 23.97 -7.34
CA ALA A 13 4.49 25.06 -8.24
C ALA A 13 3.92 24.79 -9.64
N GLU A 14 3.96 23.55 -10.10
CA GLU A 14 3.42 23.13 -11.37
C GLU A 14 1.89 23.05 -11.38
N THR A 15 1.24 22.90 -10.22
CA THR A 15 -0.19 22.60 -10.12
C THR A 15 -1.01 23.80 -9.65
N SER A 16 -0.36 24.92 -9.27
CA SER A 16 -1.02 26.09 -8.70
C SER A 16 -1.84 26.88 -9.74
N GLU A 17 -1.70 26.57 -11.03
CA GLU A 17 -2.37 27.28 -12.11
C GLU A 17 -2.78 26.29 -13.19
N GLY A 18 -3.90 26.57 -13.86
CA GLY A 18 -4.50 25.70 -14.87
C GLY A 18 -5.04 24.41 -14.28
N VAL A 19 -5.51 23.51 -15.14
CA VAL A 19 -5.87 22.15 -14.76
C VAL A 19 -4.63 21.30 -15.02
N VAL A 20 -4.28 20.48 -14.03
CA VAL A 20 -3.04 19.75 -13.99
C VAL A 20 -3.31 18.35 -13.43
N LEU A 21 -3.06 17.36 -14.27
CA LEU A 21 -3.11 15.94 -13.93
C LEU A 21 -1.77 15.60 -13.28
N ALA A 22 -1.77 14.99 -12.08
CA ALA A 22 -0.57 14.44 -11.47
C ALA A 22 -0.75 12.93 -11.31
N ASP A 23 0.31 12.18 -11.59
CA ASP A 23 0.32 10.73 -11.64
C ASP A 23 1.52 10.21 -10.88
N PHE A 24 1.38 9.07 -10.23
CA PHE A 24 2.34 8.52 -9.30
C PHE A 24 2.61 7.11 -9.77
N TRP A 25 3.86 6.88 -10.19
CA TRP A 25 4.33 5.68 -10.86
C TRP A 25 5.64 5.26 -10.17
N ALA A 26 6.00 3.97 -10.27
CA ALA A 26 7.30 3.45 -9.85
C ALA A 26 7.41 1.96 -10.17
N PRO A 27 8.62 1.38 -10.11
CA PRO A 27 8.86 -0.06 -10.22
C PRO A 27 8.02 -0.98 -9.31
N TRP A 28 7.32 -0.45 -8.28
CA TRP A 28 6.47 -1.24 -7.39
C TRP A 28 5.32 -1.94 -8.11
N CYS A 29 4.91 -1.50 -9.32
CA CYS A 29 3.71 -2.02 -9.96
C CYS A 29 3.83 -2.09 -11.47
N GLY A 30 3.08 -3.04 -12.07
CA GLY A 30 2.90 -3.16 -13.51
C GLY A 30 2.16 -1.93 -14.10
N PRO A 31 1.03 -1.47 -13.54
CA PRO A 31 0.36 -0.26 -13.97
C PRO A 31 1.23 0.99 -14.08
N SER A 32 2.32 1.11 -13.33
CA SER A 32 3.27 2.21 -13.50
C SER A 32 3.87 2.26 -14.91
N LYS A 33 3.84 1.15 -15.64
CA LYS A 33 4.31 1.04 -17.02
C LYS A 33 3.14 0.91 -18.01
N MET A 34 1.90 1.17 -17.57
CA MET A 34 0.71 1.18 -18.43
C MET A 34 0.02 2.54 -18.34
N ILE A 35 -0.11 3.09 -17.12
CA ILE A 35 -0.54 4.47 -16.90
C ILE A 35 0.48 5.43 -17.56
N ALA A 36 1.77 5.07 -17.56
CA ALA A 36 2.83 5.86 -18.17
C ALA A 36 2.62 6.08 -19.68
N PRO A 37 2.49 5.03 -20.52
CA PRO A 37 2.17 5.20 -21.93
C PRO A 37 0.84 5.91 -22.12
N VAL A 38 -0.17 5.59 -21.30
CA VAL A 38 -1.45 6.25 -21.31
C VAL A 38 -1.28 7.77 -21.15
N LEU A 39 -0.38 8.21 -20.27
CA LEU A 39 -0.14 9.64 -20.08
C LEU A 39 0.49 10.26 -21.32
N GLU A 40 1.47 9.60 -21.93
CA GLU A 40 2.13 10.16 -23.10
C GLU A 40 1.14 10.20 -24.28
N GLU A 41 0.24 9.23 -24.39
CA GLU A 41 -0.82 9.18 -25.40
C GLU A 41 -1.86 10.28 -25.13
N LEU A 42 -2.20 10.50 -23.86
CA LEU A 42 -3.13 11.52 -23.42
C LEU A 42 -2.58 12.90 -23.72
N ASP A 43 -1.31 13.13 -23.41
CA ASP A 43 -0.71 14.45 -23.52
C ASP A 43 -0.54 14.84 -24.96
N GLN A 44 -0.12 13.92 -25.82
CA GLN A 44 0.03 14.21 -27.23
C GLN A 44 -1.34 14.38 -27.91
N GLU A 45 -2.46 14.13 -27.23
CA GLU A 45 -3.79 14.24 -27.76
C GLU A 45 -4.47 15.52 -27.27
N MET A 46 -4.38 15.81 -25.98
CA MET A 46 -5.12 16.90 -25.34
C MET A 46 -4.26 17.72 -24.40
N GLY A 47 -2.93 17.56 -24.47
CA GLY A 47 -2.01 18.36 -23.67
C GLY A 47 -1.88 19.80 -24.16
N ASP A 48 -2.77 20.21 -25.06
CA ASP A 48 -2.99 21.57 -25.48
C ASP A 48 -3.86 22.29 -24.46
N LYS A 49 -4.70 21.54 -23.73
CA LYS A 49 -5.63 22.06 -22.74
C LYS A 49 -5.18 21.74 -21.31
N LEU A 50 -4.39 20.69 -21.15
CA LEU A 50 -4.04 20.08 -19.87
C LEU A 50 -2.53 20.00 -19.70
N LYS A 51 -2.08 20.10 -18.45
CA LYS A 51 -0.69 19.81 -18.08
C LYS A 51 -0.70 18.45 -17.39
N ILE A 52 0.34 17.65 -17.59
CA ILE A 52 0.46 16.33 -17.02
C ILE A 52 1.82 16.31 -16.31
N VAL A 53 1.86 15.72 -15.12
CA VAL A 53 3.01 15.72 -14.25
C VAL A 53 3.11 14.32 -13.64
N LYS A 54 4.33 13.81 -13.41
CA LYS A 54 4.54 12.52 -12.75
C LYS A 54 5.40 12.69 -11.49
N ILE A 55 5.28 11.74 -10.57
CA ILE A 55 6.09 11.61 -9.37
C ILE A 55 6.62 10.18 -9.46
N ASP A 56 7.93 10.02 -9.34
CA ASP A 56 8.60 8.73 -9.19
C ASP A 56 8.63 8.46 -7.70
N VAL A 57 7.80 7.52 -7.23
CA VAL A 57 7.65 7.22 -5.81
C VAL A 57 8.82 6.41 -5.21
N ASP A 58 10.05 6.71 -5.60
CA ASP A 58 11.27 6.23 -4.96
C ASP A 58 12.34 7.31 -5.05
N GLU A 59 12.42 8.04 -6.18
CA GLU A 59 13.38 9.12 -6.35
C GLU A 59 12.88 10.42 -5.72
N ASN A 60 11.59 10.72 -5.88
CA ASN A 60 11.00 12.00 -5.47
C ASN A 60 9.62 11.81 -4.82
N GLN A 61 9.50 10.71 -4.06
CA GLN A 61 8.26 10.25 -3.46
C GLN A 61 7.78 11.15 -2.31
N GLU A 62 8.58 12.14 -1.91
CA GLU A 62 8.32 13.06 -0.83
C GLU A 62 6.94 13.70 -0.96
N THR A 63 6.56 14.14 -2.17
CA THR A 63 5.23 14.66 -2.45
C THR A 63 4.14 13.66 -2.06
N ALA A 64 4.36 12.40 -2.42
CA ALA A 64 3.38 11.34 -2.32
C ALA A 64 3.16 11.00 -0.86
N GLY A 65 4.22 10.63 -0.16
CA GLY A 65 4.24 10.43 1.29
C GLY A 65 3.65 11.61 2.06
N LYS A 66 4.02 12.85 1.72
CA LYS A 66 3.51 14.05 2.37
C LYS A 66 2.01 14.18 2.17
N TYR A 67 1.52 13.94 0.96
CA TYR A 67 0.09 14.06 0.69
C TYR A 67 -0.67 12.95 1.42
N GLY A 68 -0.05 11.77 1.55
CA GLY A 68 -0.66 10.56 2.06
C GLY A 68 -1.16 9.74 0.88
N VAL A 69 -0.22 9.25 0.04
CA VAL A 69 -0.57 8.49 -1.15
C VAL A 69 -0.31 7.03 -0.79
N MET A 70 0.95 6.73 -0.47
CA MET A 70 1.54 5.46 -0.05
C MET A 70 1.19 4.24 -0.94
N SER A 71 0.54 4.46 -2.08
CA SER A 71 0.00 3.43 -2.96
C SER A 71 0.19 3.78 -4.43
N ILE A 72 0.05 2.80 -5.32
CA ILE A 72 0.32 2.93 -6.76
C ILE A 72 -0.72 2.12 -7.54
N PRO A 73 -1.10 2.52 -8.78
CA PRO A 73 -0.79 3.80 -9.39
C PRO A 73 -1.76 4.82 -8.81
N THR A 74 -1.27 5.99 -8.41
CA THR A 74 -2.15 7.01 -7.83
C THR A 74 -2.24 8.20 -8.78
N LEU A 75 -3.40 8.84 -8.78
CA LEU A 75 -3.75 9.95 -9.66
C LEU A 75 -4.35 11.03 -8.77
N LEU A 76 -3.75 12.21 -8.77
CA LEU A 76 -4.25 13.39 -8.10
C LEU A 76 -4.54 14.36 -9.24
N VAL A 77 -5.81 14.67 -9.49
CA VAL A 77 -6.20 15.63 -10.51
C VAL A 77 -6.39 16.96 -9.79
N LEU A 78 -5.74 18.02 -10.26
CA LEU A 78 -5.73 19.32 -9.60
C LEU A 78 -6.18 20.40 -10.58
N LYS A 79 -6.68 21.51 -10.06
CA LYS A 79 -6.93 22.72 -10.83
C LYS A 79 -6.68 23.91 -9.94
N ASP A 80 -6.06 24.95 -10.48
CA ASP A 80 -5.81 26.24 -9.85
C ASP A 80 -5.28 26.14 -8.40
N GLY A 81 -4.54 25.08 -8.09
CA GLY A 81 -3.86 24.88 -6.81
C GLY A 81 -4.63 24.04 -5.78
N GLU A 82 -5.68 23.34 -6.18
CA GLU A 82 -6.43 22.42 -5.33
C GLU A 82 -6.64 21.09 -6.05
N VAL A 83 -6.70 19.98 -5.29
CA VAL A 83 -7.12 18.69 -5.80
C VAL A 83 -8.63 18.78 -6.03
N VAL A 84 -9.08 18.28 -7.17
CA VAL A 84 -10.48 18.32 -7.61
C VAL A 84 -10.98 16.90 -7.89
N GLU A 85 -10.08 15.94 -8.15
CA GLU A 85 -10.37 14.52 -8.21
C GLU A 85 -9.17 13.73 -7.72
N THR A 86 -9.42 12.52 -7.26
CA THR A 86 -8.43 11.67 -6.62
C THR A 86 -8.82 10.21 -6.91
N SER A 87 -7.87 9.38 -7.32
CA SER A 87 -8.10 7.96 -7.47
C SER A 87 -6.78 7.18 -7.32
N VAL A 88 -6.89 5.88 -7.08
CA VAL A 88 -5.77 4.96 -7.04
C VAL A 88 -6.24 3.69 -7.74
N GLY A 89 -5.62 3.39 -8.89
CA GLY A 89 -5.90 2.21 -9.70
C GLY A 89 -5.74 2.52 -11.18
N PHE A 90 -5.42 1.49 -11.98
CA PHE A 90 -5.23 1.63 -13.41
C PHE A 90 -6.53 2.07 -14.10
N LYS A 91 -6.41 2.94 -15.11
CA LYS A 91 -7.50 3.28 -16.02
C LYS A 91 -6.93 3.25 -17.44
N PRO A 92 -7.66 2.76 -18.44
CA PRO A 92 -7.26 2.87 -19.83
C PRO A 92 -7.28 4.34 -20.27
N LYS A 93 -6.72 4.61 -21.46
CA LYS A 93 -6.55 5.96 -22.02
C LYS A 93 -7.84 6.76 -21.92
N GLU A 94 -8.95 6.18 -22.37
CA GLU A 94 -10.21 6.90 -22.48
C GLU A 94 -10.78 7.22 -21.10
N ALA A 95 -10.75 6.26 -20.16
CA ALA A 95 -11.22 6.48 -18.81
C ALA A 95 -10.40 7.57 -18.13
N LEU A 96 -9.09 7.59 -18.39
CA LEU A 96 -8.22 8.57 -17.79
C LEU A 96 -8.50 9.96 -18.34
N GLN A 97 -8.62 10.09 -19.67
CA GLN A 97 -8.92 11.35 -20.30
C GLN A 97 -10.29 11.84 -19.86
N GLU A 98 -11.25 10.93 -19.68
CA GLU A 98 -12.57 11.28 -19.18
C GLU A 98 -12.49 11.86 -17.77
N LEU A 99 -11.75 11.17 -16.88
CA LEU A 99 -11.64 11.55 -15.47
C LEU A 99 -11.11 12.97 -15.30
N VAL A 100 -10.15 13.37 -16.12
CA VAL A 100 -9.63 14.74 -16.08
C VAL A 100 -10.56 15.69 -16.86
N ASN A 101 -11.08 15.29 -18.02
CA ASN A 101 -11.98 16.11 -18.86
C ASN A 101 -13.20 16.61 -18.08
N LYS A 102 -13.67 15.82 -17.11
CA LYS A 102 -14.78 16.17 -16.22
C LYS A 102 -14.55 17.49 -15.45
N HIS A 103 -13.29 17.90 -15.25
CA HIS A 103 -12.93 19.05 -14.42
C HIS A 103 -12.00 20.03 -15.15
N LEU A 104 -11.37 19.59 -16.24
CA LEU A 104 -10.62 20.37 -17.20
C LEU A 104 -11.57 21.34 -17.90
N MET B 1 9.51 3.29 25.90
CA MET B 1 8.69 4.29 25.19
C MET B 1 7.23 3.84 25.18
N GLU B 2 6.30 4.76 25.46
CA GLU B 2 4.87 4.47 25.43
C GLU B 2 4.39 4.41 23.97
N ASN B 3 4.52 3.21 23.38
CA ASN B 3 4.14 2.81 22.04
C ASN B 3 5.11 3.34 20.99
N LYS B 4 5.50 2.38 20.18
CA LYS B 4 6.28 2.48 18.96
C LYS B 4 5.45 1.73 17.93
N ILE B 5 5.08 2.41 16.85
CA ILE B 5 4.07 1.87 15.95
C ILE B 5 4.73 1.01 14.86
N ILE B 6 4.06 -0.07 14.49
CA ILE B 6 4.51 -1.05 13.52
C ILE B 6 3.27 -1.55 12.76
N TYR B 7 3.40 -1.94 11.50
CA TYR B 7 2.28 -2.23 10.62
C TYR B 7 2.54 -3.46 9.75
N PHE B 8 1.46 -4.08 9.26
CA PHE B 8 1.49 -5.13 8.25
C PHE B 8 0.75 -4.61 7.02
N LEU B 9 1.22 -4.93 5.82
CA LEU B 9 0.50 -4.64 4.58
C LEU B 9 0.38 -5.96 3.81
N SER B 10 -0.87 -6.29 3.46
CA SER B 10 -1.30 -7.58 2.94
C SER B 10 -2.57 -7.37 2.11
N THR B 11 -2.64 -7.99 0.94
CA THR B 11 -3.78 -7.88 0.01
C THR B 11 -5.09 -8.18 0.72
N GLY B 12 -5.99 -7.18 0.75
CA GLY B 12 -7.32 -7.30 1.35
C GLY B 12 -7.29 -7.54 2.87
N ASN B 13 -6.10 -7.52 3.49
CA ASN B 13 -5.81 -7.81 4.89
C ASN B 13 -6.73 -8.88 5.51
N SER B 14 -7.03 -9.92 4.74
CA SER B 14 -8.04 -10.91 5.07
C SER B 14 -7.49 -11.95 6.03
N ALA B 15 -6.25 -12.40 5.83
CA ALA B 15 -5.68 -13.54 6.55
C ALA B 15 -4.28 -13.26 7.08
N ARG B 16 -3.36 -12.86 6.20
CA ARG B 16 -1.92 -12.76 6.48
C ARG B 16 -1.70 -11.97 7.78
N SER B 17 -2.15 -10.71 7.80
CA SER B 17 -1.88 -9.82 8.92
C SER B 17 -2.68 -10.18 10.15
N GLN B 18 -3.87 -10.77 10.00
CA GLN B 18 -4.69 -11.19 11.12
C GLN B 18 -3.87 -12.11 12.02
N MET B 19 -3.20 -13.07 11.39
CA MET B 19 -2.40 -14.02 12.12
C MET B 19 -1.17 -13.32 12.70
N ALA B 20 -0.49 -12.47 11.91
CA ALA B 20 0.73 -11.80 12.35
C ALA B 20 0.49 -10.86 13.52
N GLU B 21 -0.64 -10.15 13.56
CA GLU B 21 -0.96 -9.27 14.66
C GLU B 21 -1.28 -10.07 15.93
N GLY B 22 -1.87 -11.27 15.79
CA GLY B 22 -2.01 -12.19 16.90
C GLY B 22 -0.64 -12.68 17.39
N TRP B 23 0.21 -13.14 16.48
CA TRP B 23 1.58 -13.57 16.75
C TRP B 23 2.41 -12.46 17.39
N ALA B 24 2.15 -11.21 17.03
CA ALA B 24 2.90 -10.07 17.48
C ALA B 24 2.56 -9.71 18.92
N LYS B 25 1.28 -9.51 19.25
CA LYS B 25 0.90 -8.92 20.53
C LYS B 25 1.28 -9.78 21.73
N GLN B 26 1.39 -11.11 21.56
CA GLN B 26 1.89 -11.97 22.62
C GLN B 26 3.35 -11.67 23.02
N TYR B 27 4.12 -10.95 22.19
CA TYR B 27 5.54 -10.65 22.41
C TYR B 27 5.87 -9.15 22.29
N LEU B 28 4.94 -8.33 21.81
CA LEU B 28 5.10 -6.92 21.51
C LEU B 28 4.02 -6.19 22.31
N GLY B 29 4.34 -5.98 23.59
CA GLY B 29 3.48 -5.32 24.58
C GLY B 29 3.32 -3.82 24.30
N ASP B 30 2.86 -3.05 25.30
CA ASP B 30 2.54 -1.62 25.19
C ASP B 30 3.75 -0.74 24.86
N GLU B 31 4.95 -1.31 24.91
CA GLU B 31 6.18 -0.69 24.39
C GLU B 31 6.03 -0.45 22.88
N TRP B 32 5.15 -1.21 22.22
CA TRP B 32 4.90 -1.21 20.80
C TRP B 32 3.40 -0.99 20.58
N LYS B 33 2.97 -0.91 19.32
CA LYS B 33 1.57 -0.92 18.95
C LYS B 33 1.51 -1.39 17.50
N VAL B 34 0.66 -2.36 17.21
CA VAL B 34 0.66 -3.02 15.92
C VAL B 34 -0.71 -2.89 15.27
N TYR B 35 -0.70 -2.72 13.95
CA TYR B 35 -1.87 -2.46 13.11
C TYR B 35 -1.70 -3.22 11.80
N SER B 36 -2.74 -3.28 10.99
CA SER B 36 -2.71 -3.96 9.71
C SER B 36 -3.68 -3.29 8.75
N ALA B 37 -3.40 -3.32 7.44
CA ALA B 37 -4.25 -2.75 6.42
C ALA B 37 -3.94 -3.35 5.04
N GLY B 38 -4.76 -2.99 4.04
CA GLY B 38 -4.54 -3.40 2.66
C GLY B 38 -5.46 -2.70 1.67
N ILE B 39 -5.35 -3.06 0.40
CA ILE B 39 -6.02 -2.46 -0.77
C ILE B 39 -7.50 -2.14 -0.54
N GLU B 40 -8.29 -3.16 -0.22
CA GLU B 40 -9.76 -3.14 -0.09
C GLU B 40 -10.15 -3.86 1.20
N ALA B 41 -9.24 -3.78 2.18
CA ALA B 41 -9.24 -4.52 3.41
C ALA B 41 -10.37 -4.18 4.37
N HIS B 42 -10.96 -5.23 4.94
CA HIS B 42 -11.91 -5.30 6.04
C HIS B 42 -12.30 -6.77 6.04
N GLY B 43 -11.97 -7.53 7.08
CA GLY B 43 -12.21 -8.96 7.08
C GLY B 43 -11.59 -9.65 8.29
N LEU B 44 -11.78 -10.97 8.34
CA LEU B 44 -11.13 -11.91 9.24
C LEU B 44 -11.38 -13.29 8.64
N ASN B 45 -10.43 -13.78 7.82
CA ASN B 45 -10.54 -15.09 7.21
C ASN B 45 -10.50 -16.15 8.32
N PRO B 46 -11.48 -17.07 8.42
CA PRO B 46 -11.47 -18.10 9.45
C PRO B 46 -10.23 -19.01 9.35
N ASN B 47 -9.56 -19.08 8.19
CA ASN B 47 -8.28 -19.78 8.07
C ASN B 47 -7.22 -19.14 8.98
N ALA B 48 -7.21 -17.82 9.12
CA ALA B 48 -6.24 -17.12 9.94
C ALA B 48 -6.61 -17.30 11.41
N VAL B 49 -7.90 -17.32 11.71
CA VAL B 49 -8.38 -17.67 13.06
C VAL B 49 -7.85 -19.05 13.42
N LYS B 50 -8.04 -20.06 12.54
CA LYS B 50 -7.50 -21.40 12.76
C LYS B 50 -5.98 -21.35 12.93
N ALA B 51 -5.29 -20.59 12.08
CA ALA B 51 -3.84 -20.43 12.13
C ALA B 51 -3.35 -19.89 13.49
N MET B 52 -4.20 -19.21 14.27
CA MET B 52 -3.85 -18.69 15.59
C MET B 52 -4.40 -19.55 16.72
N LYS B 53 -5.58 -20.16 16.56
CA LYS B 53 -6.08 -21.16 17.51
C LYS B 53 -5.11 -22.35 17.56
N GLU B 54 -4.37 -22.62 16.48
CA GLU B 54 -3.30 -23.60 16.39
C GLU B 54 -2.26 -23.43 17.51
N VAL B 55 -2.03 -22.18 17.94
CA VAL B 55 -1.05 -21.81 18.94
C VAL B 55 -1.73 -21.13 20.14
N GLY B 56 -3.05 -21.29 20.28
CA GLY B 56 -3.82 -20.82 21.42
C GLY B 56 -3.87 -19.30 21.52
N ILE B 57 -3.96 -18.58 20.40
CA ILE B 57 -4.17 -17.14 20.40
C ILE B 57 -5.54 -16.95 19.74
N ASP B 58 -6.54 -16.60 20.53
CA ASP B 58 -7.86 -16.28 19.99
C ASP B 58 -7.80 -14.91 19.31
N ILE B 59 -8.34 -14.83 18.09
CA ILE B 59 -8.51 -13.60 17.33
C ILE B 59 -9.89 -13.54 16.68
N SER B 60 -10.86 -14.33 17.17
CA SER B 60 -12.18 -14.39 16.56
C SER B 60 -12.89 -13.01 16.56
N ASN B 61 -12.38 -12.08 17.37
CA ASN B 61 -12.80 -10.69 17.51
C ASN B 61 -12.21 -9.73 16.46
N GLN B 62 -11.16 -10.12 15.73
CA GLN B 62 -10.41 -9.20 14.88
C GLN B 62 -11.21 -8.73 13.65
N THR B 63 -10.77 -7.61 13.11
CA THR B 63 -11.27 -6.91 11.94
C THR B 63 -10.09 -6.40 11.10
N SER B 64 -10.33 -5.55 10.09
CA SER B 64 -9.29 -4.81 9.37
C SER B 64 -9.94 -3.58 8.71
N ASP B 65 -9.18 -2.85 7.89
CA ASP B 65 -9.51 -1.55 7.30
C ASP B 65 -8.49 -1.27 6.18
N ILE B 66 -8.80 -0.39 5.24
CA ILE B 66 -7.94 -0.07 4.11
C ILE B 66 -6.68 0.69 4.54
N ILE B 67 -5.69 0.78 3.64
CA ILE B 67 -4.45 1.53 3.87
C ILE B 67 -4.83 2.93 4.38
N ASP B 68 -4.16 3.38 5.44
CA ASP B 68 -4.43 4.66 6.06
C ASP B 68 -3.12 5.29 6.52
N SER B 69 -2.63 6.19 5.67
CA SER B 69 -1.45 7.01 5.88
C SER B 69 -1.36 7.63 7.28
N ASP B 70 -2.49 7.96 7.92
CA ASP B 70 -2.51 8.65 9.22
C ASP B 70 -1.88 7.82 10.33
N ILE B 71 -1.74 6.52 10.13
CA ILE B 71 -1.12 5.60 11.08
C ILE B 71 -0.01 4.81 10.38
N LEU B 72 -0.16 4.48 9.08
CA LEU B 72 0.89 3.76 8.35
C LEU B 72 2.11 4.64 8.18
N ASN B 73 1.98 5.85 7.63
CA ASN B 73 3.11 6.78 7.51
C ASN B 73 3.63 7.17 8.90
N ASN B 74 2.77 7.08 9.91
CA ASN B 74 3.04 7.39 11.30
C ASN B 74 3.87 6.29 11.99
N ALA B 75 3.81 5.06 11.46
CA ALA B 75 4.56 3.91 11.95
C ALA B 75 6.07 4.15 11.91
N ASP B 76 6.80 3.29 12.61
CA ASP B 76 8.25 3.19 12.54
C ASP B 76 8.68 2.12 11.53
N LEU B 77 7.87 1.08 11.31
CA LEU B 77 8.19 -0.07 10.48
C LEU B 77 6.96 -0.60 9.75
N VAL B 78 7.10 -0.87 8.45
CA VAL B 78 6.12 -1.56 7.60
C VAL B 78 6.65 -2.96 7.30
N VAL B 79 5.93 -3.97 7.77
CA VAL B 79 6.17 -5.35 7.45
C VAL B 79 5.37 -5.68 6.20
N THR B 80 6.04 -5.89 5.07
CA THR B 80 5.34 -6.49 3.95
C THR B 80 5.24 -7.98 4.33
N LEU B 81 4.03 -8.51 4.37
CA LEU B 81 3.78 -9.82 4.95
C LEU B 81 3.27 -10.77 3.87
N SER B 82 3.85 -10.65 2.66
CA SER B 82 3.34 -11.29 1.47
C SER B 82 4.44 -11.55 0.45
N GLY B 83 4.15 -12.39 -0.54
CA GLY B 83 4.95 -12.62 -1.75
C GLY B 83 4.03 -12.31 -2.92
N ASP B 84 3.35 -11.15 -2.83
CA ASP B 84 2.25 -10.70 -3.67
C ASP B 84 2.32 -9.17 -3.74
N ALA B 85 1.69 -8.56 -4.75
CA ALA B 85 1.69 -7.13 -5.01
C ALA B 85 0.28 -6.60 -5.31
N ALA B 86 -0.76 -7.45 -5.23
CA ALA B 86 -2.16 -7.06 -5.39
C ALA B 86 -2.58 -5.99 -4.36
N ASP B 87 -1.83 -5.82 -3.26
CA ASP B 87 -2.12 -4.93 -2.14
C ASP B 87 -1.99 -3.42 -2.43
N LYS B 88 -2.39 -2.93 -3.62
CA LYS B 88 -2.20 -1.53 -4.04
C LYS B 88 -0.70 -1.18 -4.17
N CYS B 89 0.17 -2.18 -4.36
CA CYS B 89 1.63 -2.11 -4.49
C CYS B 89 2.21 -0.91 -3.71
N PRO B 90 2.07 -0.89 -2.37
CA PRO B 90 2.37 0.27 -1.55
C PRO B 90 3.82 0.70 -1.74
N MET B 91 4.04 2.00 -1.96
CA MET B 91 5.38 2.50 -2.24
C MET B 91 6.12 2.95 -0.97
N THR B 92 5.50 2.77 0.21
CA THR B 92 6.02 2.99 1.56
C THR B 92 6.83 4.29 1.70
N PRO B 93 6.18 5.41 2.10
CA PRO B 93 6.83 6.71 2.13
C PRO B 93 8.02 6.67 3.14
N PRO B 94 9.11 7.42 2.90
CA PRO B 94 10.38 7.32 3.63
C PRO B 94 10.33 7.71 5.11
N HIS B 95 9.17 8.15 5.59
CA HIS B 95 8.89 8.37 7.00
C HIS B 95 8.99 7.07 7.83
N VAL B 96 9.09 5.91 7.19
CA VAL B 96 8.98 4.58 7.82
C VAL B 96 10.07 3.66 7.26
N LYS B 97 10.63 2.77 8.09
CA LYS B 97 11.51 1.68 7.63
C LYS B 97 10.59 0.61 7.01
N ARG B 98 11.09 -0.22 6.11
CA ARG B 98 10.32 -1.34 5.57
C ARG B 98 11.23 -2.54 5.43
N GLU B 99 10.67 -3.71 5.71
CA GLU B 99 11.25 -5.01 5.45
C GLU B 99 10.06 -5.92 5.09
N HIS B 100 10.33 -7.05 4.41
CA HIS B 100 9.32 -8.08 4.22
C HIS B 100 9.67 -9.27 5.11
N TRP B 101 8.70 -9.73 5.90
CA TRP B 101 8.84 -10.86 6.83
C TRP B 101 7.87 -11.98 6.46
N GLY B 102 7.21 -11.87 5.31
CA GLY B 102 6.42 -12.91 4.67
C GLY B 102 6.80 -12.90 3.19
N PHE B 103 6.49 -13.98 2.49
CA PHE B 103 6.82 -14.19 1.08
C PHE B 103 5.86 -15.23 0.48
N ASP B 104 4.68 -15.37 1.07
CA ASP B 104 3.68 -16.40 0.80
C ASP B 104 2.32 -15.83 1.24
N ASP B 105 1.23 -16.52 0.96
CA ASP B 105 -0.13 -16.12 1.33
C ASP B 105 -0.98 -17.37 1.58
N PRO B 106 -1.47 -17.60 2.81
CA PRO B 106 -2.12 -18.84 3.19
C PRO B 106 -3.49 -18.99 2.52
N ALA B 107 -4.17 -17.88 2.19
CA ALA B 107 -5.44 -17.88 1.47
C ALA B 107 -5.31 -18.41 0.04
N ARG B 108 -4.10 -18.74 -0.41
CA ARG B 108 -3.83 -19.30 -1.75
C ARG B 108 -3.72 -20.82 -1.71
N ALA B 109 -4.00 -21.46 -0.57
CA ALA B 109 -3.93 -22.90 -0.40
C ALA B 109 -4.65 -23.62 -1.55
N GLN B 110 -4.08 -24.75 -1.97
CA GLN B 110 -4.56 -25.51 -3.12
C GLN B 110 -6.04 -25.83 -2.96
N GLY B 111 -6.42 -26.30 -1.78
CA GLY B 111 -7.83 -26.44 -1.45
C GLY B 111 -8.21 -27.75 -0.77
N THR B 112 -7.32 -28.73 -0.84
CA THR B 112 -7.48 -29.96 -0.09
C THR B 112 -7.30 -29.63 1.39
N GLU B 113 -7.76 -30.53 2.26
CA GLU B 113 -7.71 -30.28 3.68
C GLU B 113 -6.27 -30.20 4.16
N GLU B 114 -5.44 -31.09 3.61
CA GLU B 114 -4.02 -31.16 3.86
C GLU B 114 -3.36 -29.92 3.30
N GLU B 115 -3.71 -29.44 2.10
CA GLU B 115 -2.98 -28.32 1.53
C GLU B 115 -3.38 -27.03 2.24
N LYS B 116 -4.64 -26.93 2.70
CA LYS B 116 -5.07 -25.85 3.57
C LYS B 116 -4.22 -25.85 4.82
N TRP B 117 -4.26 -26.92 5.61
CA TRP B 117 -3.54 -26.94 6.86
C TRP B 117 -2.05 -26.74 6.60
N ALA B 118 -1.50 -27.33 5.54
CA ALA B 118 -0.10 -27.20 5.17
C ALA B 118 0.29 -25.75 4.88
N PHE B 119 -0.51 -25.02 4.12
CA PHE B 119 -0.25 -23.61 3.85
C PHE B 119 -0.30 -22.83 5.17
N PHE B 120 -1.35 -23.04 5.96
CA PHE B 120 -1.57 -22.23 7.16
C PHE B 120 -0.45 -22.51 8.17
N GLN B 121 -0.03 -23.77 8.31
CA GLN B 121 1.02 -24.19 9.21
C GLN B 121 2.36 -23.60 8.79
N ARG B 122 2.68 -23.69 7.49
CA ARG B 122 3.94 -23.16 6.97
C ARG B 122 4.01 -21.66 7.24
N VAL B 123 2.96 -20.93 6.89
CA VAL B 123 2.91 -19.49 7.05
C VAL B 123 2.98 -19.12 8.54
N ARG B 124 2.21 -19.76 9.43
CA ARG B 124 2.19 -19.35 10.83
C ARG B 124 3.56 -19.53 11.47
N ASP B 125 4.25 -20.62 11.14
CA ASP B 125 5.57 -20.90 11.71
C ASP B 125 6.57 -19.83 11.30
N GLU B 126 6.55 -19.43 10.03
CA GLU B 126 7.42 -18.39 9.50
C GLU B 126 7.09 -17.05 10.17
N ILE B 127 5.82 -16.62 10.09
CA ILE B 127 5.35 -15.34 10.62
C ILE B 127 5.71 -15.25 12.10
N GLY B 128 5.36 -16.24 12.91
CA GLY B 128 5.58 -16.20 14.34
C GLY B 128 7.06 -16.05 14.68
N ASN B 129 7.95 -16.77 13.98
CA ASN B 129 9.38 -16.64 14.23
C ASN B 129 9.86 -15.22 13.95
N ARG B 130 9.48 -14.63 12.82
CA ARG B 130 9.94 -13.28 12.48
C ARG B 130 9.40 -12.26 13.47
N LEU B 131 8.14 -12.37 13.87
CA LEU B 131 7.57 -11.42 14.83
C LEU B 131 8.21 -11.58 16.20
N LYS B 132 8.53 -12.82 16.62
CA LYS B 132 9.25 -13.04 17.86
C LYS B 132 10.64 -12.42 17.76
N GLU B 133 11.38 -12.64 16.66
CA GLU B 133 12.70 -12.03 16.53
C GLU B 133 12.59 -10.52 16.50
N PHE B 134 11.58 -9.91 15.90
CA PHE B 134 11.50 -8.45 15.92
C PHE B 134 11.42 -7.93 17.37
N ALA B 135 10.67 -8.60 18.22
CA ALA B 135 10.59 -8.29 19.64
C ALA B 135 11.93 -8.44 20.36
N GLU B 136 12.78 -9.36 19.90
CA GLU B 136 14.04 -9.75 20.53
C GLU B 136 15.21 -8.91 20.00
N THR B 137 15.19 -8.60 18.70
CA THR B 137 16.27 -8.01 17.95
C THR B 137 16.07 -6.50 17.76
N GLY B 138 14.87 -5.98 18.02
CA GLY B 138 14.56 -4.56 17.96
C GLY B 138 14.79 -4.01 16.57
N LYS B 139 14.25 -4.72 15.57
CA LYS B 139 14.26 -4.28 14.17
C LYS B 139 13.85 -2.81 14.03
N MET A 1 0.06 20.14 -22.78
CA MET A 1 1.35 20.86 -22.65
C MET A 1 2.49 19.86 -22.77
N ALA A 2 2.82 19.13 -21.70
CA ALA A 2 3.82 18.07 -21.66
C ALA A 2 3.56 17.21 -20.43
N ILE A 3 4.25 16.09 -20.36
CA ILE A 3 4.31 15.25 -19.18
C ILE A 3 5.53 15.82 -18.41
N VAL A 4 5.24 16.74 -17.50
CA VAL A 4 6.19 17.39 -16.60
C VAL A 4 6.55 16.39 -15.49
N LYS A 5 7.56 16.70 -14.67
CA LYS A 5 7.87 15.95 -13.45
C LYS A 5 7.98 16.93 -12.29
N ALA A 6 7.30 16.59 -11.20
CA ALA A 6 7.21 17.36 -9.97
C ALA A 6 8.32 16.92 -8.98
N THR A 7 8.39 17.59 -7.84
CA THR A 7 9.18 17.22 -6.67
C THR A 7 8.46 17.81 -5.44
N ASP A 8 9.06 17.64 -4.25
CA ASP A 8 8.51 17.89 -2.90
C ASP A 8 7.62 19.12 -2.76
N GLN A 9 7.94 20.23 -3.44
CA GLN A 9 7.19 21.48 -3.38
C GLN A 9 6.84 21.99 -4.78
N SER A 10 7.67 21.70 -5.77
CA SER A 10 7.37 22.03 -7.15
C SER A 10 6.10 21.33 -7.67
N PHE A 11 5.64 20.23 -7.06
CA PHE A 11 4.33 19.66 -7.35
C PHE A 11 3.27 20.75 -7.31
N SER A 12 3.19 21.50 -6.21
CA SER A 12 2.20 22.55 -6.09
C SER A 12 2.45 23.63 -7.13
N ALA A 13 3.71 24.04 -7.30
CA ALA A 13 4.03 25.16 -8.17
C ALA A 13 3.64 24.87 -9.62
N GLU A 14 3.77 23.61 -10.04
CA GLU A 14 3.45 23.14 -11.39
C GLU A 14 1.93 22.91 -11.57
N THR A 15 1.13 22.86 -10.50
CA THR A 15 -0.26 22.44 -10.53
C THR A 15 -1.25 23.52 -10.05
N SER A 16 -0.76 24.66 -9.52
CA SER A 16 -1.59 25.67 -8.88
C SER A 16 -2.33 26.57 -9.87
N GLU A 17 -2.15 26.36 -11.18
CA GLU A 17 -2.83 27.11 -12.23
C GLU A 17 -3.21 26.16 -13.36
N GLY A 18 -4.36 26.41 -14.01
CA GLY A 18 -4.88 25.57 -15.07
C GLY A 18 -5.51 24.30 -14.52
N VAL A 19 -5.85 23.39 -15.44
CA VAL A 19 -6.28 22.04 -15.11
C VAL A 19 -5.08 21.14 -15.37
N VAL A 20 -4.60 20.52 -14.29
CA VAL A 20 -3.34 19.82 -14.27
C VAL A 20 -3.59 18.48 -13.60
N LEU A 21 -3.35 17.41 -14.34
CA LEU A 21 -3.41 16.06 -13.82
C LEU A 21 -2.03 15.73 -13.24
N ALA A 22 -1.97 15.08 -12.08
CA ALA A 22 -0.72 14.57 -11.53
C ALA A 22 -0.84 13.06 -11.37
N ASP A 23 0.27 12.35 -11.58
CA ASP A 23 0.32 10.89 -11.63
C ASP A 23 1.59 10.45 -10.90
N PHE A 24 1.52 9.32 -10.21
CA PHE A 24 2.52 8.84 -9.28
C PHE A 24 2.88 7.43 -9.74
N TRP A 25 4.11 7.28 -10.23
CA TRP A 25 4.61 6.09 -10.92
C TRP A 25 5.97 5.72 -10.30
N ALA A 26 6.37 4.45 -10.37
CA ALA A 26 7.73 4.03 -10.01
C ALA A 26 7.96 2.58 -10.46
N PRO A 27 9.21 2.11 -10.54
CA PRO A 27 9.56 0.75 -10.92
C PRO A 27 8.88 -0.38 -10.12
N TRP A 28 8.27 -0.09 -8.96
CA TRP A 28 7.64 -1.10 -8.10
C TRP A 28 6.51 -1.87 -8.78
N CYS A 29 5.85 -1.31 -9.80
CA CYS A 29 4.62 -1.88 -10.34
C CYS A 29 4.57 -1.82 -11.87
N GLY A 30 3.79 -2.72 -12.47
CA GLY A 30 3.55 -2.79 -13.90
C GLY A 30 2.80 -1.57 -14.45
N PRO A 31 1.69 -1.11 -13.83
CA PRO A 31 0.96 0.09 -14.26
C PRO A 31 1.82 1.32 -14.45
N SER A 32 2.94 1.48 -13.74
CA SER A 32 3.86 2.58 -13.94
C SER A 32 4.40 2.67 -15.37
N LYS A 33 4.34 1.57 -16.13
CA LYS A 33 4.79 1.49 -17.52
C LYS A 33 3.60 1.34 -18.48
N MET A 34 2.36 1.51 -18.00
CA MET A 34 1.15 1.45 -18.81
C MET A 34 0.38 2.77 -18.69
N ILE A 35 0.26 3.31 -17.47
CA ILE A 35 -0.24 4.65 -17.23
C ILE A 35 0.69 5.66 -17.91
N ALA A 36 2.01 5.42 -17.88
CA ALA A 36 3.00 6.30 -18.48
C ALA A 36 2.72 6.57 -19.98
N PRO A 37 2.66 5.54 -20.85
CA PRO A 37 2.29 5.72 -22.25
C PRO A 37 0.90 6.34 -22.39
N VAL A 38 -0.06 5.92 -21.56
CA VAL A 38 -1.41 6.47 -21.59
C VAL A 38 -1.40 7.98 -21.40
N LEU A 39 -0.56 8.51 -20.52
CA LEU A 39 -0.47 9.95 -20.31
C LEU A 39 0.11 10.63 -21.54
N GLU A 40 1.15 10.08 -22.15
CA GLU A 40 1.75 10.69 -23.32
C GLU A 40 0.74 10.68 -24.47
N GLU A 41 -0.06 9.63 -24.62
CA GLU A 41 -1.14 9.57 -25.61
C GLU A 41 -2.24 10.58 -25.26
N LEU A 42 -2.54 10.78 -23.97
CA LEU A 42 -3.53 11.73 -23.50
C LEU A 42 -3.10 13.16 -23.85
N ASP A 43 -1.83 13.50 -23.62
CA ASP A 43 -1.34 14.85 -23.92
C ASP A 43 -1.27 15.10 -25.42
N GLN A 44 -0.94 14.07 -26.20
CA GLN A 44 -1.01 14.16 -27.66
C GLN A 44 -2.44 14.41 -28.14
N GLU A 45 -3.43 13.99 -27.36
CA GLU A 45 -4.83 14.00 -27.74
C GLU A 45 -5.51 15.31 -27.35
N MET A 46 -5.23 15.80 -26.15
CA MET A 46 -5.94 16.92 -25.53
C MET A 46 -5.02 17.81 -24.71
N GLY A 47 -3.72 17.71 -24.94
CA GLY A 47 -2.73 18.61 -24.33
C GLY A 47 -2.90 20.08 -24.71
N ASP A 48 -3.78 20.37 -25.65
CA ASP A 48 -4.20 21.72 -25.98
C ASP A 48 -4.93 22.37 -24.79
N LYS A 49 -5.48 21.55 -23.88
CA LYS A 49 -6.30 21.98 -22.77
C LYS A 49 -5.77 21.47 -21.42
N LEU A 50 -4.80 20.54 -21.42
CA LEU A 50 -4.36 19.81 -20.25
C LEU A 50 -2.85 19.89 -20.04
N LYS A 51 -2.44 19.81 -18.78
CA LYS A 51 -1.03 19.65 -18.38
C LYS A 51 -0.96 18.40 -17.50
N ILE A 52 0.17 17.69 -17.50
CA ILE A 52 0.34 16.44 -16.77
C ILE A 52 1.65 16.56 -16.00
N VAL A 53 1.73 16.03 -14.78
CA VAL A 53 2.93 16.10 -13.94
C VAL A 53 3.14 14.75 -13.24
N LYS A 54 4.29 14.11 -13.45
CA LYS A 54 4.64 12.84 -12.81
C LYS A 54 5.28 13.11 -11.45
N ILE A 55 5.20 12.14 -10.56
CA ILE A 55 5.93 12.06 -9.31
C ILE A 55 6.53 10.65 -9.40
N ASP A 56 7.87 10.57 -9.43
CA ASP A 56 8.57 9.30 -9.33
C ASP A 56 8.57 8.89 -7.86
N VAL A 57 7.79 7.88 -7.48
CA VAL A 57 7.64 7.45 -6.09
C VAL A 57 8.79 6.57 -5.58
N ASP A 58 10.01 7.03 -5.82
CA ASP A 58 11.24 6.52 -5.22
C ASP A 58 12.29 7.64 -5.23
N GLU A 59 12.44 8.36 -6.35
CA GLU A 59 13.37 9.48 -6.49
C GLU A 59 12.76 10.76 -5.89
N ASN A 60 11.45 10.94 -6.04
CA ASN A 60 10.72 12.18 -5.74
C ASN A 60 9.46 11.87 -4.95
N GLN A 61 9.50 10.81 -4.14
CA GLN A 61 8.32 10.28 -3.46
C GLN A 61 7.89 11.17 -2.29
N GLU A 62 8.66 12.20 -1.96
CA GLU A 62 8.44 13.10 -0.83
C GLU A 62 7.05 13.73 -0.90
N THR A 63 6.62 14.22 -2.07
CA THR A 63 5.27 14.74 -2.28
C THR A 63 4.23 13.69 -1.91
N ALA A 64 4.48 12.45 -2.30
CA ALA A 64 3.52 11.37 -2.21
C ALA A 64 3.31 11.03 -0.74
N GLY A 65 4.35 10.53 -0.08
CA GLY A 65 4.37 10.28 1.35
C GLY A 65 3.82 11.43 2.19
N LYS A 66 4.19 12.68 1.86
CA LYS A 66 3.69 13.85 2.58
C LYS A 66 2.19 14.04 2.39
N TYR A 67 1.68 13.89 1.16
CA TYR A 67 0.25 14.09 0.90
C TYR A 67 -0.57 12.96 1.54
N GLY A 68 0.04 11.78 1.70
CA GLY A 68 -0.61 10.57 2.16
C GLY A 68 -0.92 9.72 0.93
N VAL A 69 0.13 9.24 0.27
CA VAL A 69 0.09 8.47 -0.95
C VAL A 69 1.22 7.49 -0.72
N MET A 70 0.95 6.21 -0.95
CA MET A 70 1.90 5.15 -0.67
C MET A 70 1.68 4.01 -1.66
N SER A 71 1.06 4.28 -2.81
CA SER A 71 0.54 3.28 -3.73
C SER A 71 0.79 3.61 -5.19
N ILE A 72 0.67 2.60 -6.07
CA ILE A 72 0.98 2.74 -7.49
C ILE A 72 -0.18 2.17 -8.32
N PRO A 73 -0.66 2.84 -9.40
CA PRO A 73 -0.35 4.21 -9.76
C PRO A 73 -1.33 5.09 -8.99
N THR A 74 -0.84 6.05 -8.22
CA THR A 74 -1.74 7.04 -7.63
C THR A 74 -1.89 8.19 -8.63
N LEU A 75 -3.05 8.83 -8.65
CA LEU A 75 -3.36 9.88 -9.62
C LEU A 75 -4.20 10.91 -8.88
N LEU A 76 -3.70 12.15 -8.82
CA LEU A 76 -4.32 13.28 -8.15
C LEU A 76 -4.57 14.29 -9.26
N VAL A 77 -5.82 14.53 -9.65
CA VAL A 77 -6.14 15.55 -10.64
C VAL A 77 -6.44 16.86 -9.92
N LEU A 78 -5.96 17.99 -10.43
CA LEU A 78 -6.03 19.29 -9.78
C LEU A 78 -6.63 20.35 -10.71
N LYS A 79 -7.18 21.41 -10.12
CA LYS A 79 -7.62 22.62 -10.80
C LYS A 79 -7.20 23.81 -9.97
N ASP A 80 -6.51 24.74 -10.62
CA ASP A 80 -6.15 26.10 -10.17
C ASP A 80 -5.81 26.22 -8.67
N GLY A 81 -5.12 25.22 -8.10
CA GLY A 81 -4.72 25.25 -6.70
C GLY A 81 -4.84 23.94 -5.95
N GLU A 82 -5.80 23.08 -6.33
CA GLU A 82 -6.14 21.97 -5.45
C GLU A 82 -6.64 20.72 -6.18
N VAL A 83 -6.57 19.57 -5.50
CA VAL A 83 -7.09 18.30 -5.98
C VAL A 83 -8.60 18.40 -6.08
N VAL A 84 -9.12 17.90 -7.20
CA VAL A 84 -10.54 17.85 -7.53
C VAL A 84 -11.00 16.41 -7.82
N GLU A 85 -10.09 15.52 -8.22
CA GLU A 85 -10.39 14.10 -8.44
C GLU A 85 -9.16 13.30 -8.03
N THR A 86 -9.39 12.06 -7.63
CA THR A 86 -8.36 11.19 -7.08
C THR A 86 -8.64 9.77 -7.58
N SER A 87 -7.60 8.97 -7.79
CA SER A 87 -7.71 7.55 -8.12
C SER A 87 -6.42 6.87 -7.70
N VAL A 88 -6.49 5.56 -7.41
CA VAL A 88 -5.37 4.77 -6.92
C VAL A 88 -5.45 3.41 -7.62
N GLY A 89 -5.17 3.39 -8.92
CA GLY A 89 -5.33 2.20 -9.76
C GLY A 89 -5.18 2.53 -11.24
N PHE A 90 -4.87 1.52 -12.06
CA PHE A 90 -4.71 1.68 -13.50
C PHE A 90 -6.03 2.09 -14.17
N LYS A 91 -5.95 2.92 -15.21
CA LYS A 91 -7.07 3.26 -16.10
C LYS A 91 -6.56 3.23 -17.54
N PRO A 92 -7.34 2.74 -18.52
CA PRO A 92 -7.01 2.87 -19.93
C PRO A 92 -7.11 4.34 -20.38
N LYS A 93 -6.63 4.63 -21.58
CA LYS A 93 -6.52 5.99 -22.12
C LYS A 93 -7.84 6.74 -22.06
N GLU A 94 -8.94 6.10 -22.46
CA GLU A 94 -10.25 6.73 -22.48
C GLU A 94 -10.72 7.05 -21.06
N ALA A 95 -10.52 6.13 -20.12
CA ALA A 95 -10.91 6.36 -18.73
C ALA A 95 -10.08 7.47 -18.10
N LEU A 96 -8.82 7.61 -18.50
CA LEU A 96 -7.94 8.69 -18.05
C LEU A 96 -8.48 10.03 -18.55
N GLN A 97 -8.73 10.10 -19.86
CA GLN A 97 -9.19 11.33 -20.47
C GLN A 97 -10.55 11.70 -19.90
N GLU A 98 -11.41 10.71 -19.62
CA GLU A 98 -12.68 10.94 -18.94
C GLU A 98 -12.46 11.51 -17.53
N LEU A 99 -11.54 10.92 -16.75
CA LEU A 99 -11.28 11.27 -15.35
C LEU A 99 -10.92 12.75 -15.20
N VAL A 100 -10.32 13.34 -16.23
CA VAL A 100 -10.00 14.77 -16.21
C VAL A 100 -11.04 15.60 -16.99
N ASN A 101 -11.49 15.14 -18.16
CA ASN A 101 -12.43 15.85 -19.02
C ASN A 101 -13.75 16.17 -18.30
N LYS A 102 -14.13 15.34 -17.30
CA LYS A 102 -15.35 15.56 -16.53
C LYS A 102 -15.37 16.91 -15.81
N HIS A 103 -14.21 17.52 -15.54
CA HIS A 103 -14.09 18.77 -14.78
C HIS A 103 -13.20 19.82 -15.46
N LEU A 104 -12.38 19.42 -16.45
CA LEU A 104 -11.63 20.29 -17.35
C LEU A 104 -12.70 21.07 -18.13
N MET B 1 9.97 4.43 24.79
CA MET B 1 8.65 5.08 24.82
C MET B 1 7.59 3.98 24.86
N GLU B 2 6.59 4.06 25.74
CA GLU B 2 5.65 2.98 26.01
C GLU B 2 4.53 2.85 24.95
N ASN B 3 4.76 3.37 23.75
CA ASN B 3 3.97 3.19 22.55
C ASN B 3 4.97 3.44 21.43
N LYS B 4 4.95 2.46 20.56
CA LYS B 4 5.77 2.25 19.38
C LYS B 4 4.85 1.52 18.41
N ILE B 5 4.98 1.78 17.11
CA ILE B 5 4.01 1.32 16.13
C ILE B 5 4.74 0.49 15.10
N ILE B 6 4.08 -0.57 14.65
CA ILE B 6 4.59 -1.49 13.64
C ILE B 6 3.39 -1.88 12.75
N TYR B 7 3.64 -1.97 11.46
CA TYR B 7 2.62 -2.11 10.43
C TYR B 7 2.92 -3.41 9.68
N PHE B 8 1.88 -4.16 9.34
CA PHE B 8 1.97 -5.40 8.58
C PHE B 8 1.11 -5.18 7.34
N LEU B 9 1.64 -5.52 6.17
CA LEU B 9 1.04 -5.15 4.89
C LEU B 9 1.12 -6.32 3.92
N SER B 10 -0.03 -6.86 3.50
CA SER B 10 -0.12 -8.05 2.65
C SER B 10 -1.20 -7.90 1.59
N THR B 11 -1.01 -8.55 0.44
CA THR B 11 -1.93 -8.55 -0.71
C THR B 11 -3.38 -8.76 -0.27
N GLY B 12 -4.14 -7.67 -0.33
CA GLY B 12 -5.57 -7.63 -0.03
C GLY B 12 -5.88 -8.24 1.33
N ASN B 13 -5.00 -7.94 2.30
CA ASN B 13 -4.97 -8.60 3.60
C ASN B 13 -6.33 -8.92 4.23
N SER B 14 -6.46 -10.19 4.56
CA SER B 14 -7.52 -10.75 5.38
C SER B 14 -6.93 -11.84 6.28
N ALA B 15 -5.64 -12.17 6.15
CA ALA B 15 -5.01 -13.33 6.78
C ALA B 15 -3.64 -13.01 7.38
N ARG B 16 -2.55 -12.96 6.59
CA ARG B 16 -1.21 -12.90 7.19
C ARG B 16 -1.05 -11.78 8.21
N SER B 17 -1.57 -10.58 7.96
CA SER B 17 -1.39 -9.49 8.92
C SER B 17 -2.31 -9.64 10.14
N GLN B 18 -3.45 -10.34 10.03
CA GLN B 18 -4.28 -10.72 11.19
C GLN B 18 -3.48 -11.63 12.11
N MET B 19 -2.84 -12.64 11.50
CA MET B 19 -2.12 -13.67 12.21
C MET B 19 -0.91 -13.01 12.88
N ALA B 20 -0.21 -12.14 12.16
CA ALA B 20 0.97 -11.46 12.63
C ALA B 20 0.65 -10.51 13.77
N GLU B 21 -0.45 -9.75 13.71
CA GLU B 21 -0.78 -8.86 14.81
C GLU B 21 -1.17 -9.65 16.07
N GLY B 22 -1.81 -10.82 15.90
CA GLY B 22 -2.13 -11.71 17.00
C GLY B 22 -0.86 -12.29 17.61
N TRP B 23 0.03 -12.82 16.77
CA TRP B 23 1.35 -13.31 17.18
C TRP B 23 2.15 -12.24 17.89
N ALA B 24 2.09 -10.99 17.40
CA ALA B 24 2.87 -9.90 17.94
C ALA B 24 2.51 -9.70 19.41
N LYS B 25 1.20 -9.68 19.71
CA LYS B 25 0.75 -9.28 21.03
C LYS B 25 1.16 -10.27 22.12
N GLN B 26 1.51 -11.52 21.78
CA GLN B 26 1.96 -12.48 22.77
C GLN B 26 3.43 -12.26 23.20
N TYR B 27 4.24 -11.50 22.44
CA TYR B 27 5.66 -11.32 22.73
C TYR B 27 6.11 -9.85 22.74
N LEU B 28 5.31 -8.94 22.19
CA LEU B 28 5.50 -7.51 22.31
C LEU B 28 4.79 -7.11 23.60
N GLY B 29 3.75 -6.28 23.54
CA GLY B 29 2.94 -5.93 24.71
C GLY B 29 2.10 -4.70 24.44
N ASP B 30 1.51 -4.12 25.49
CA ASP B 30 0.85 -2.81 25.45
C ASP B 30 1.84 -1.69 25.08
N GLU B 31 3.13 -1.98 25.27
CA GLU B 31 4.27 -1.19 24.83
C GLU B 31 4.25 -0.91 23.31
N TRP B 32 3.56 -1.76 22.54
CA TRP B 32 3.49 -1.66 21.08
C TRP B 32 2.05 -1.57 20.62
N LYS B 33 1.85 -1.02 19.42
CA LYS B 33 0.58 -1.00 18.71
C LYS B 33 0.84 -1.59 17.34
N VAL B 34 -0.08 -2.41 16.85
CA VAL B 34 0.14 -3.21 15.65
C VAL B 34 -1.07 -3.04 14.73
N TYR B 35 -0.83 -2.94 13.43
CA TYR B 35 -1.88 -2.68 12.43
C TYR B 35 -1.68 -3.59 11.22
N SER B 36 -2.75 -3.83 10.46
CA SER B 36 -2.79 -4.77 9.35
C SER B 36 -3.50 -4.12 8.16
N ALA B 37 -2.91 -4.21 6.96
CA ALA B 37 -3.39 -3.48 5.79
C ALA B 37 -3.10 -4.20 4.48
N GLY B 38 -3.61 -3.67 3.38
CA GLY B 38 -3.44 -4.16 2.01
C GLY B 38 -4.32 -3.37 1.04
N ILE B 39 -4.34 -3.76 -0.23
CA ILE B 39 -5.07 -3.08 -1.32
C ILE B 39 -6.56 -2.85 -1.01
N GLU B 40 -7.28 -3.91 -0.64
CA GLU B 40 -8.73 -3.91 -0.41
C GLU B 40 -9.02 -4.59 0.93
N ALA B 41 -8.02 -4.53 1.82
CA ALA B 41 -7.98 -5.18 3.11
C ALA B 41 -9.07 -4.68 4.05
N HIS B 42 -9.55 -5.58 4.91
CA HIS B 42 -10.45 -5.35 6.05
C HIS B 42 -10.87 -6.68 6.69
N GLY B 43 -10.71 -7.79 5.96
CA GLY B 43 -11.25 -9.07 6.32
C GLY B 43 -10.54 -9.70 7.52
N LEU B 44 -11.20 -10.72 8.07
CA LEU B 44 -10.69 -11.63 9.07
C LEU B 44 -11.01 -13.02 8.54
N ASN B 45 -10.12 -13.55 7.72
CA ASN B 45 -10.25 -14.85 7.09
C ASN B 45 -10.37 -15.91 8.19
N PRO B 46 -11.32 -16.85 8.14
CA PRO B 46 -11.42 -17.93 9.13
C PRO B 46 -10.14 -18.75 9.21
N ASN B 47 -9.30 -18.78 8.16
CA ASN B 47 -7.96 -19.35 8.24
C ASN B 47 -7.22 -18.64 9.37
N ALA B 48 -7.11 -17.31 9.34
CA ALA B 48 -6.32 -16.59 10.34
C ALA B 48 -6.83 -16.90 11.75
N VAL B 49 -8.15 -17.00 11.91
CA VAL B 49 -8.73 -17.40 13.19
C VAL B 49 -8.17 -18.76 13.59
N LYS B 50 -8.30 -19.78 12.73
CA LYS B 50 -7.82 -21.14 13.00
C LYS B 50 -6.31 -21.13 13.29
N ALA B 51 -5.54 -20.41 12.48
CA ALA B 51 -4.10 -20.29 12.53
C ALA B 51 -3.63 -19.83 13.91
N MET B 52 -4.39 -18.93 14.56
CA MET B 52 -4.03 -18.38 15.84
C MET B 52 -4.61 -19.25 16.96
N LYS B 53 -5.76 -19.89 16.75
CA LYS B 53 -6.27 -20.91 17.68
C LYS B 53 -5.29 -22.09 17.77
N GLU B 54 -4.47 -22.37 16.75
CA GLU B 54 -3.46 -23.43 16.83
C GLU B 54 -2.47 -23.18 17.97
N VAL B 55 -2.25 -21.92 18.33
CA VAL B 55 -1.34 -21.49 19.40
C VAL B 55 -2.12 -20.80 20.53
N GLY B 56 -3.45 -20.98 20.57
CA GLY B 56 -4.31 -20.51 21.65
C GLY B 56 -4.36 -18.99 21.74
N ILE B 57 -4.35 -18.27 20.62
CA ILE B 57 -4.50 -16.82 20.60
C ILE B 57 -5.84 -16.59 19.89
N ASP B 58 -6.86 -16.15 20.64
CA ASP B 58 -8.11 -15.73 20.03
C ASP B 58 -7.90 -14.43 19.27
N ILE B 59 -8.49 -14.32 18.08
CA ILE B 59 -8.52 -13.08 17.31
C ILE B 59 -9.92 -12.81 16.74
N SER B 60 -10.96 -13.48 17.24
CA SER B 60 -12.29 -13.40 16.65
C SER B 60 -12.86 -11.96 16.65
N ASN B 61 -12.26 -11.04 17.41
CA ASN B 61 -12.63 -9.63 17.49
C ASN B 61 -11.82 -8.74 16.53
N GLN B 62 -10.71 -9.24 15.94
CA GLN B 62 -9.81 -8.46 15.10
C GLN B 62 -10.51 -8.02 13.80
N THR B 63 -9.87 -7.07 13.12
CA THR B 63 -10.29 -6.50 11.84
C THR B 63 -9.02 -5.95 11.16
N SER B 64 -9.16 -5.36 9.97
CA SER B 64 -8.10 -4.67 9.23
C SER B 64 -8.72 -3.45 8.54
N ASP B 65 -7.96 -2.75 7.72
CA ASP B 65 -8.41 -1.70 6.82
C ASP B 65 -7.48 -1.68 5.61
N ILE B 66 -7.79 -0.91 4.56
CA ILE B 66 -6.87 -0.67 3.48
C ILE B 66 -5.62 0.08 3.97
N ILE B 67 -4.61 0.21 3.11
CA ILE B 67 -3.43 1.01 3.40
C ILE B 67 -3.87 2.38 3.92
N ASP B 68 -3.26 2.80 5.02
CA ASP B 68 -3.64 4.02 5.72
C ASP B 68 -2.38 4.70 6.22
N SER B 69 -1.95 5.68 5.44
CA SER B 69 -0.81 6.55 5.71
C SER B 69 -0.78 7.13 7.12
N ASP B 70 -1.93 7.32 7.78
CA ASP B 70 -1.98 8.00 9.07
C ASP B 70 -1.40 7.13 10.16
N ILE B 71 -1.36 5.82 9.94
CA ILE B 71 -0.72 4.87 10.82
C ILE B 71 0.56 4.33 10.18
N LEU B 72 0.57 4.04 8.87
CA LEU B 72 1.75 3.49 8.21
C LEU B 72 2.90 4.48 8.32
N ASN B 73 2.72 5.73 7.88
CA ASN B 73 3.82 6.70 7.89
C ASN B 73 4.29 7.03 9.31
N ASN B 74 3.44 6.82 10.32
CA ASN B 74 3.76 6.98 11.74
C ASN B 74 4.42 5.74 12.36
N ALA B 75 4.41 4.59 11.67
CA ALA B 75 5.02 3.38 12.16
C ALA B 75 6.55 3.53 12.23
N ASP B 76 7.18 2.58 12.91
CA ASP B 76 8.64 2.42 12.93
C ASP B 76 9.09 1.50 11.79
N LEU B 77 8.28 0.48 11.47
CA LEU B 77 8.61 -0.59 10.53
C LEU B 77 7.36 -1.04 9.79
N VAL B 78 7.48 -1.23 8.48
CA VAL B 78 6.50 -1.86 7.61
C VAL B 78 7.04 -3.24 7.31
N VAL B 79 6.45 -4.23 7.95
CA VAL B 79 6.69 -5.61 7.63
C VAL B 79 5.84 -5.94 6.41
N THR B 80 6.47 -6.14 5.26
CA THR B 80 5.74 -6.71 4.15
C THR B 80 5.47 -8.16 4.54
N LEU B 81 4.22 -8.58 4.37
CA LEU B 81 3.82 -9.96 4.48
C LEU B 81 3.27 -10.39 3.14
N SER B 82 3.43 -11.67 2.90
CA SER B 82 2.94 -12.47 1.78
C SER B 82 3.80 -12.26 0.52
N GLY B 83 4.34 -11.05 0.36
CA GLY B 83 4.99 -10.59 -0.84
C GLY B 83 3.90 -9.87 -1.64
N ASP B 84 4.26 -8.83 -2.36
CA ASP B 84 3.30 -8.20 -3.26
C ASP B 84 3.00 -9.19 -4.39
N ALA B 85 1.72 -9.48 -4.59
CA ALA B 85 1.23 -10.26 -5.72
C ALA B 85 0.10 -9.50 -6.45
N ALA B 86 -0.65 -8.68 -5.72
CA ALA B 86 -1.72 -7.84 -6.26
C ALA B 86 -1.99 -6.65 -5.30
N ASP B 87 -1.03 -6.28 -4.44
CA ASP B 87 -1.24 -5.34 -3.35
C ASP B 87 -1.09 -3.86 -3.76
N LYS B 88 -1.19 -3.54 -5.05
CA LYS B 88 -0.85 -2.23 -5.65
C LYS B 88 0.56 -1.72 -5.30
N CYS B 89 1.51 -2.66 -5.19
CA CYS B 89 2.96 -2.46 -5.02
C CYS B 89 3.33 -1.26 -4.12
N PRO B 90 2.80 -1.15 -2.88
CA PRO B 90 2.93 0.06 -2.07
C PRO B 90 4.37 0.54 -1.92
N MET B 91 4.62 1.84 -2.17
CA MET B 91 5.98 2.36 -2.15
C MET B 91 6.51 2.77 -0.76
N THR B 92 5.71 2.62 0.32
CA THR B 92 6.17 2.76 1.72
C THR B 92 7.02 4.03 1.96
N PRO B 93 6.41 5.18 2.29
CA PRO B 93 7.09 6.47 2.32
C PRO B 93 8.30 6.41 3.28
N PRO B 94 9.43 7.10 2.96
CA PRO B 94 10.71 6.96 3.65
C PRO B 94 10.76 7.42 5.12
N HIS B 95 9.62 7.82 5.71
CA HIS B 95 9.51 8.07 7.13
C HIS B 95 9.64 6.78 7.96
N VAL B 96 9.68 5.59 7.33
CA VAL B 96 9.57 4.30 8.00
C VAL B 96 10.62 3.31 7.46
N LYS B 97 11.06 2.38 8.31
CA LYS B 97 11.88 1.23 7.92
C LYS B 97 10.98 0.21 7.22
N ARG B 98 11.52 -0.69 6.39
CA ARG B 98 10.74 -1.77 5.79
C ARG B 98 11.60 -3.03 5.71
N GLU B 99 10.98 -4.19 5.85
CA GLU B 99 11.57 -5.49 5.59
C GLU B 99 10.42 -6.43 5.19
N HIS B 100 10.68 -7.44 4.38
CA HIS B 100 9.71 -8.48 4.02
C HIS B 100 9.97 -9.73 4.86
N TRP B 101 8.91 -10.29 5.45
CA TRP B 101 8.99 -11.46 6.33
C TRP B 101 8.25 -12.67 5.75
N GLY B 102 7.82 -12.61 4.47
CA GLY B 102 7.30 -13.77 3.76
C GLY B 102 7.14 -13.49 2.28
N PHE B 103 7.02 -14.57 1.50
CA PHE B 103 6.82 -14.62 0.05
C PHE B 103 5.91 -15.82 -0.27
N ASP B 104 4.96 -16.09 0.63
CA ASP B 104 4.11 -17.28 0.68
C ASP B 104 2.81 -16.83 1.34
N ASP B 105 1.64 -17.27 0.87
CA ASP B 105 0.36 -16.73 1.33
C ASP B 105 -0.67 -17.85 1.59
N PRO B 106 -1.25 -17.92 2.80
CA PRO B 106 -2.06 -19.04 3.23
C PRO B 106 -3.50 -18.97 2.75
N ALA B 107 -4.01 -17.78 2.42
CA ALA B 107 -5.32 -17.63 1.82
C ALA B 107 -5.32 -18.21 0.41
N ARG B 108 -4.13 -18.41 -0.19
CA ARG B 108 -4.02 -18.88 -1.56
C ARG B 108 -3.93 -20.39 -1.52
N ALA B 109 -2.84 -20.90 -0.94
CA ALA B 109 -2.44 -22.30 -0.94
C ALA B 109 -2.50 -22.98 -2.31
N GLN B 110 -2.21 -24.28 -2.35
CA GLN B 110 -2.45 -25.09 -3.55
C GLN B 110 -3.95 -25.25 -3.76
N GLY B 111 -4.70 -25.45 -2.67
CA GLY B 111 -6.16 -25.40 -2.70
C GLY B 111 -6.88 -26.58 -2.06
N THR B 112 -6.20 -27.72 -1.92
CA THR B 112 -6.79 -28.92 -1.32
C THR B 112 -6.99 -28.69 0.16
N GLU B 113 -7.76 -29.56 0.81
CA GLU B 113 -8.04 -29.43 2.23
C GLU B 113 -6.75 -29.47 3.05
N GLU B 114 -5.84 -30.36 2.66
CA GLU B 114 -4.56 -30.54 3.30
C GLU B 114 -3.65 -29.39 2.91
N GLU B 115 -3.63 -28.93 1.66
CA GLU B 115 -2.64 -27.95 1.26
C GLU B 115 -3.04 -26.58 1.79
N LYS B 116 -4.33 -26.29 1.92
CA LYS B 116 -4.81 -25.10 2.62
C LYS B 116 -4.29 -25.14 4.05
N TRP B 117 -4.61 -26.18 4.81
CA TRP B 117 -4.18 -26.28 6.20
C TRP B 117 -2.66 -26.24 6.31
N ALA B 118 -1.96 -26.91 5.40
CA ALA B 118 -0.51 -26.95 5.37
C ALA B 118 0.09 -25.55 5.16
N PHE B 119 -0.46 -24.75 4.24
CA PHE B 119 -0.04 -23.37 4.05
C PHE B 119 -0.40 -22.55 5.29
N PHE B 120 -1.58 -22.74 5.88
CA PHE B 120 -1.99 -22.03 7.10
C PHE B 120 -0.94 -22.23 8.18
N GLN B 121 -0.61 -23.50 8.45
CA GLN B 121 0.26 -23.90 9.53
C GLN B 121 1.69 -23.42 9.28
N ARG B 122 2.21 -23.61 8.07
CA ARG B 122 3.57 -23.21 7.75
C ARG B 122 3.70 -21.68 7.91
N VAL B 123 2.75 -20.93 7.38
CA VAL B 123 2.81 -19.47 7.42
C VAL B 123 2.67 -18.96 8.86
N ARG B 124 1.75 -19.49 9.69
CA ARG B 124 1.63 -18.98 11.05
C ARG B 124 2.90 -19.25 11.86
N ASP B 125 3.56 -20.38 11.62
CA ASP B 125 4.85 -20.68 12.25
C ASP B 125 5.92 -19.67 11.82
N GLU B 126 6.01 -19.36 10.52
CA GLU B 126 6.95 -18.38 9.98
C GLU B 126 6.71 -17.01 10.62
N ILE B 127 5.45 -16.56 10.61
CA ILE B 127 5.02 -15.28 11.16
C ILE B 127 5.42 -15.21 12.64
N GLY B 128 5.05 -16.22 13.42
CA GLY B 128 5.27 -16.21 14.86
C GLY B 128 6.75 -16.19 15.19
N ASN B 129 7.57 -16.98 14.49
CA ASN B 129 9.00 -16.95 14.70
C ASN B 129 9.56 -15.56 14.43
N ARG B 130 9.17 -14.93 13.32
CA ARG B 130 9.67 -13.60 13.01
C ARG B 130 9.18 -12.56 14.01
N LEU B 131 7.95 -12.63 14.51
CA LEU B 131 7.48 -11.72 15.54
C LEU B 131 8.25 -11.92 16.83
N LYS B 132 8.51 -13.17 17.21
CA LYS B 132 9.22 -13.47 18.44
C LYS B 132 10.66 -12.97 18.31
N GLU B 133 11.33 -13.19 17.17
CA GLU B 133 12.62 -12.57 16.93
C GLU B 133 12.51 -11.07 16.96
N PHE B 134 11.49 -10.43 16.43
CA PHE B 134 11.42 -8.97 16.45
C PHE B 134 11.42 -8.44 17.89
N ALA B 135 10.70 -9.12 18.79
CA ALA B 135 10.70 -8.79 20.21
C ALA B 135 12.09 -8.92 20.85
N GLU B 136 12.92 -9.83 20.33
CA GLU B 136 14.23 -10.19 20.87
C GLU B 136 15.33 -9.31 20.26
N THR B 137 15.27 -9.11 18.95
CA THR B 137 16.29 -8.51 18.12
C THR B 137 16.11 -6.99 18.07
N GLY B 138 14.87 -6.50 18.29
CA GLY B 138 14.49 -5.11 18.06
C GLY B 138 14.93 -4.65 16.68
N LYS B 139 14.57 -5.46 15.66
CA LYS B 139 15.01 -5.32 14.29
C LYS B 139 15.12 -3.86 13.86
N MET A 1 0.57 20.02 -22.03
CA MET A 1 1.70 20.09 -22.97
C MET A 1 2.94 19.52 -22.28
N ALA A 2 3.43 18.38 -22.78
CA ALA A 2 4.46 17.52 -22.20
C ALA A 2 4.05 16.92 -20.85
N ILE A 3 4.74 15.85 -20.47
CA ILE A 3 4.63 15.21 -19.17
C ILE A 3 5.78 15.80 -18.35
N VAL A 4 5.43 16.63 -17.37
CA VAL A 4 6.33 17.26 -16.42
C VAL A 4 6.66 16.23 -15.31
N LYS A 5 7.67 16.50 -14.49
CA LYS A 5 7.97 15.74 -13.29
C LYS A 5 8.02 16.70 -12.11
N ALA A 6 7.12 16.50 -11.15
CA ALA A 6 7.05 17.22 -9.88
C ALA A 6 8.17 16.74 -8.93
N THR A 7 8.29 17.41 -7.79
CA THR A 7 9.11 16.99 -6.66
C THR A 7 8.54 17.66 -5.40
N ASP A 8 9.22 17.47 -4.26
CA ASP A 8 8.86 17.77 -2.86
C ASP A 8 7.98 19.00 -2.62
N GLN A 9 8.20 20.11 -3.34
CA GLN A 9 7.41 21.33 -3.25
C GLN A 9 6.99 21.81 -4.64
N SER A 10 7.81 21.52 -5.67
CA SER A 10 7.51 21.88 -7.05
C SER A 10 6.20 21.26 -7.55
N PHE A 11 5.69 20.17 -6.96
CA PHE A 11 4.35 19.66 -7.25
C PHE A 11 3.32 20.79 -7.19
N SER A 12 3.30 21.55 -6.10
CA SER A 12 2.33 22.62 -5.95
C SER A 12 2.57 23.69 -7.00
N ALA A 13 3.84 24.08 -7.21
CA ALA A 13 4.16 25.16 -8.11
C ALA A 13 3.74 24.83 -9.55
N GLU A 14 3.87 23.57 -9.93
CA GLU A 14 3.52 23.06 -11.26
C GLU A 14 2.00 22.88 -11.42
N THR A 15 1.21 22.90 -10.34
CA THR A 15 -0.21 22.54 -10.36
C THR A 15 -1.11 23.71 -9.91
N SER A 16 -0.54 24.85 -9.51
CA SER A 16 -1.28 25.97 -8.92
C SER A 16 -2.15 26.72 -9.93
N GLU A 17 -2.00 26.46 -11.23
CA GLU A 17 -2.71 27.17 -12.28
C GLU A 17 -3.12 26.21 -13.38
N GLY A 18 -4.26 26.49 -14.02
CA GLY A 18 -4.87 25.65 -15.04
C GLY A 18 -5.41 24.35 -14.44
N VAL A 19 -5.75 23.40 -15.31
CA VAL A 19 -6.13 22.05 -14.93
C VAL A 19 -4.93 21.16 -15.20
N VAL A 20 -4.48 20.49 -14.14
CA VAL A 20 -3.23 19.77 -14.10
C VAL A 20 -3.51 18.43 -13.44
N LEU A 21 -3.33 17.37 -14.21
CA LEU A 21 -3.36 16.02 -13.69
C LEU A 21 -1.98 15.75 -13.08
N ALA A 22 -1.93 15.06 -11.95
CA ALA A 22 -0.70 14.54 -11.39
C ALA A 22 -0.83 13.02 -11.28
N ASP A 23 0.30 12.33 -11.42
CA ASP A 23 0.38 10.88 -11.53
C ASP A 23 1.61 10.40 -10.78
N PHE A 24 1.53 9.20 -10.21
CA PHE A 24 2.51 8.66 -9.30
C PHE A 24 2.82 7.26 -9.83
N TRP A 25 4.07 7.08 -10.26
CA TRP A 25 4.55 5.90 -10.98
C TRP A 25 5.87 5.48 -10.33
N ALA A 26 6.25 4.20 -10.45
CA ALA A 26 7.57 3.70 -10.08
C ALA A 26 7.72 2.22 -10.44
N PRO A 27 8.95 1.67 -10.40
CA PRO A 27 9.21 0.25 -10.55
C PRO A 27 8.37 -0.71 -9.68
N TRP A 28 7.72 -0.25 -8.60
CA TRP A 28 6.89 -1.08 -7.71
C TRP A 28 5.75 -1.80 -8.43
N CYS A 29 5.28 -1.32 -9.60
CA CYS A 29 4.07 -1.85 -10.21
C CYS A 29 4.19 -1.96 -11.73
N GLY A 30 3.36 -2.82 -12.32
CA GLY A 30 3.19 -2.95 -13.77
C GLY A 30 2.47 -1.74 -14.37
N PRO A 31 1.32 -1.29 -13.83
CA PRO A 31 0.64 -0.06 -14.26
C PRO A 31 1.52 1.17 -14.37
N SER A 32 2.60 1.30 -13.62
CA SER A 32 3.55 2.39 -13.77
C SER A 32 4.14 2.48 -15.18
N LYS A 33 4.14 1.37 -15.93
CA LYS A 33 4.61 1.32 -17.32
C LYS A 33 3.44 1.22 -18.31
N MET A 34 2.20 1.39 -17.86
CA MET A 34 1.00 1.36 -18.72
C MET A 34 0.26 2.70 -18.62
N ILE A 35 0.13 3.25 -17.40
CA ILE A 35 -0.34 4.60 -17.18
C ILE A 35 0.63 5.59 -17.85
N ALA A 36 1.94 5.31 -17.79
CA ALA A 36 2.97 6.16 -18.39
C ALA A 36 2.71 6.41 -19.89
N PRO A 37 2.63 5.39 -20.76
CA PRO A 37 2.29 5.57 -22.16
C PRO A 37 0.91 6.22 -22.33
N VAL A 38 -0.06 5.83 -21.53
CA VAL A 38 -1.41 6.40 -21.58
C VAL A 38 -1.35 7.92 -21.41
N LEU A 39 -0.54 8.43 -20.48
CA LEU A 39 -0.42 9.87 -20.25
C LEU A 39 0.22 10.55 -21.44
N GLU A 40 1.28 9.98 -22.02
CA GLU A 40 1.91 10.58 -23.17
C GLU A 40 0.94 10.59 -24.35
N GLU A 41 0.15 9.53 -24.55
CA GLU A 41 -0.86 9.45 -25.59
C GLU A 41 -2.03 10.40 -25.33
N LEU A 42 -2.27 10.77 -24.07
CA LEU A 42 -3.28 11.73 -23.67
C LEU A 42 -2.80 13.14 -23.95
N ASP A 43 -1.56 13.46 -23.60
CA ASP A 43 -1.03 14.81 -23.78
C ASP A 43 -0.84 15.13 -25.26
N GLN A 44 -0.46 14.13 -26.05
CA GLN A 44 -0.39 14.25 -27.49
C GLN A 44 -1.73 14.62 -28.11
N GLU A 45 -2.84 14.26 -27.43
CA GLU A 45 -4.17 14.44 -27.97
C GLU A 45 -4.81 15.73 -27.45
N MET A 46 -4.71 15.99 -26.15
CA MET A 46 -5.44 17.07 -25.49
C MET A 46 -4.56 17.87 -24.55
N GLY A 47 -3.24 17.74 -24.67
CA GLY A 47 -2.29 18.57 -23.93
C GLY A 47 -2.31 20.03 -24.32
N ASP A 48 -3.12 20.39 -25.30
CA ASP A 48 -3.42 21.78 -25.63
C ASP A 48 -4.25 22.43 -24.53
N LYS A 49 -4.97 21.62 -23.75
CA LYS A 49 -5.85 22.08 -22.68
C LYS A 49 -5.36 21.59 -21.31
N LEU A 50 -4.63 20.47 -21.29
CA LEU A 50 -4.26 19.74 -20.10
C LEU A 50 -2.76 19.82 -19.85
N LYS A 51 -2.37 19.74 -18.58
CA LYS A 51 -0.98 19.57 -18.18
C LYS A 51 -0.91 18.30 -17.32
N ILE A 52 0.22 17.60 -17.36
CA ILE A 52 0.40 16.32 -16.67
C ILE A 52 1.72 16.43 -15.93
N VAL A 53 1.77 15.96 -14.68
CA VAL A 53 2.96 16.06 -13.83
C VAL A 53 3.13 14.72 -13.11
N LYS A 54 4.20 13.98 -13.40
CA LYS A 54 4.46 12.69 -12.75
C LYS A 54 5.29 12.91 -11.48
N ILE A 55 5.30 11.92 -10.60
CA ILE A 55 6.13 11.82 -9.42
C ILE A 55 6.72 10.41 -9.52
N ASP A 56 8.05 10.32 -9.48
CA ASP A 56 8.75 9.05 -9.35
C ASP A 56 8.80 8.75 -7.85
N VAL A 57 8.05 7.75 -7.40
CA VAL A 57 7.92 7.42 -5.99
C VAL A 57 9.11 6.60 -5.42
N ASP A 58 10.33 6.92 -5.83
CA ASP A 58 11.54 6.40 -5.20
C ASP A 58 12.63 7.47 -5.24
N GLU A 59 12.71 8.25 -6.33
CA GLU A 59 13.60 9.36 -6.49
C GLU A 59 13.10 10.54 -5.67
N ASN A 60 11.83 10.90 -5.88
CA ASN A 60 11.22 12.12 -5.36
C ASN A 60 9.80 11.86 -4.86
N GLN A 61 9.66 10.78 -4.08
CA GLN A 61 8.40 10.32 -3.51
C GLN A 61 7.90 11.22 -2.38
N GLU A 62 8.66 12.24 -2.01
CA GLU A 62 8.40 13.11 -0.88
C GLU A 62 7.02 13.76 -1.00
N THR A 63 6.62 14.22 -2.19
CA THR A 63 5.28 14.73 -2.45
C THR A 63 4.21 13.69 -2.08
N ALA A 64 4.47 12.44 -2.45
CA ALA A 64 3.51 11.36 -2.38
C ALA A 64 3.28 11.00 -0.91
N GLY A 65 4.34 10.65 -0.21
CA GLY A 65 4.34 10.48 1.24
C GLY A 65 3.73 11.66 2.00
N LYS A 66 4.05 12.90 1.61
CA LYS A 66 3.53 14.11 2.25
C LYS A 66 2.02 14.22 2.08
N TYR A 67 1.49 13.93 0.88
CA TYR A 67 0.06 13.94 0.65
C TYR A 67 -0.61 12.77 1.38
N GLY A 68 0.11 11.66 1.55
CA GLY A 68 -0.42 10.40 2.06
C GLY A 68 -0.92 9.60 0.88
N VAL A 69 0.01 9.15 0.01
CA VAL A 69 -0.35 8.39 -1.19
C VAL A 69 -0.03 6.94 -0.87
N MET A 70 1.25 6.68 -0.62
CA MET A 70 1.87 5.41 -0.26
C MET A 70 1.50 4.23 -1.16
N SER A 71 0.85 4.46 -2.29
CA SER A 71 0.32 3.45 -3.20
C SER A 71 0.50 3.81 -4.66
N ILE A 72 0.38 2.83 -5.55
CA ILE A 72 0.64 2.97 -6.98
C ILE A 72 -0.38 2.13 -7.76
N PRO A 73 -0.80 2.53 -8.97
CA PRO A 73 -0.55 3.84 -9.57
C PRO A 73 -1.53 4.81 -8.92
N THR A 74 -1.08 6.01 -8.57
CA THR A 74 -1.97 7.01 -7.97
C THR A 74 -2.11 8.20 -8.90
N LEU A 75 -3.29 8.82 -8.89
CA LEU A 75 -3.70 9.94 -9.72
C LEU A 75 -4.29 10.96 -8.76
N LEU A 76 -3.76 12.19 -8.77
CA LEU A 76 -4.30 13.33 -8.06
C LEU A 76 -4.57 14.34 -9.16
N VAL A 77 -5.82 14.67 -9.44
CA VAL A 77 -6.18 15.59 -10.51
C VAL A 77 -6.58 16.91 -9.87
N LEU A 78 -5.97 18.00 -10.32
CA LEU A 78 -6.06 19.31 -9.70
C LEU A 78 -6.51 20.36 -10.70
N LYS A 79 -7.07 21.45 -10.20
CA LYS A 79 -7.36 22.64 -10.99
C LYS A 79 -7.18 23.84 -10.08
N ASP A 80 -6.57 24.89 -10.62
CA ASP A 80 -6.26 26.15 -9.96
C ASP A 80 -5.63 25.97 -8.55
N GLY A 81 -4.90 24.86 -8.34
CA GLY A 81 -4.11 24.61 -7.15
C GLY A 81 -4.77 23.76 -6.08
N GLU A 82 -5.90 23.12 -6.37
CA GLU A 82 -6.61 22.22 -5.46
C GLU A 82 -7.00 20.92 -6.17
N VAL A 83 -7.01 19.81 -5.43
CA VAL A 83 -7.44 18.51 -5.92
C VAL A 83 -8.95 18.54 -6.10
N VAL A 84 -9.41 17.97 -7.21
CA VAL A 84 -10.82 17.82 -7.58
C VAL A 84 -11.14 16.37 -7.97
N GLU A 85 -10.14 15.54 -8.31
CA GLU A 85 -10.31 14.12 -8.49
C GLU A 85 -9.12 13.37 -7.93
N THR A 86 -9.33 12.10 -7.60
CA THR A 86 -8.35 11.26 -6.96
C THR A 86 -8.64 9.82 -7.38
N SER A 87 -7.61 9.01 -7.60
CA SER A 87 -7.74 7.59 -7.93
C SER A 87 -6.47 6.85 -7.52
N VAL A 88 -6.61 5.57 -7.19
CA VAL A 88 -5.49 4.65 -6.99
C VAL A 88 -5.83 3.36 -7.74
N GLY A 89 -5.45 3.32 -9.02
CA GLY A 89 -5.71 2.20 -9.90
C GLY A 89 -5.46 2.58 -11.36
N PHE A 90 -5.22 1.58 -12.21
CA PHE A 90 -5.00 1.79 -13.63
C PHE A 90 -6.29 2.30 -14.31
N LYS A 91 -6.13 3.10 -15.37
CA LYS A 91 -7.21 3.50 -16.27
C LYS A 91 -6.64 3.52 -17.69
N PRO A 92 -7.35 2.98 -18.70
CA PRO A 92 -6.95 3.13 -20.10
C PRO A 92 -7.09 4.58 -20.54
N LYS A 93 -6.55 4.91 -21.72
CA LYS A 93 -6.52 6.24 -22.33
C LYS A 93 -7.87 6.95 -22.24
N GLU A 94 -8.96 6.28 -22.61
CA GLU A 94 -10.27 6.92 -22.65
C GLU A 94 -10.78 7.24 -21.24
N ALA A 95 -10.64 6.30 -20.30
CA ALA A 95 -11.02 6.52 -18.92
C ALA A 95 -10.20 7.64 -18.30
N LEU A 96 -8.91 7.69 -18.61
CA LEU A 96 -8.01 8.73 -18.13
C LEU A 96 -8.50 10.09 -18.61
N GLN A 97 -8.72 10.20 -19.93
CA GLN A 97 -9.09 11.45 -20.53
C GLN A 97 -10.44 11.89 -20.01
N GLU A 98 -11.40 10.96 -19.83
CA GLU A 98 -12.70 11.28 -19.28
C GLU A 98 -12.58 11.82 -17.85
N LEU A 99 -11.76 11.16 -17.03
CA LEU A 99 -11.59 11.43 -15.61
C LEU A 99 -11.13 12.86 -15.36
N VAL A 100 -10.26 13.39 -16.23
CA VAL A 100 -9.86 14.79 -16.15
C VAL A 100 -10.78 15.69 -16.97
N ASN A 101 -11.27 15.26 -18.13
CA ASN A 101 -12.06 16.09 -19.04
C ASN A 101 -13.32 16.61 -18.35
N LYS A 102 -13.89 15.83 -17.43
CA LYS A 102 -15.11 16.21 -16.71
C LYS A 102 -14.89 17.36 -15.71
N HIS A 103 -13.65 17.79 -15.46
CA HIS A 103 -13.31 18.93 -14.59
C HIS A 103 -12.44 19.98 -15.31
N LEU A 104 -11.73 19.56 -16.36
CA LEU A 104 -10.99 20.40 -17.30
C LEU A 104 -11.96 21.37 -17.97
N MET B 1 10.96 3.08 28.34
CA MET B 1 9.99 3.85 27.53
C MET B 1 8.90 2.91 27.00
N GLU B 2 7.75 3.45 26.56
CA GLU B 2 6.63 2.67 26.07
C GLU B 2 5.98 3.39 24.88
N ASN B 3 5.22 2.62 24.10
CA ASN B 3 4.54 2.93 22.85
C ASN B 3 5.50 3.22 21.71
N LYS B 4 5.36 2.33 20.73
CA LYS B 4 6.15 2.11 19.55
C LYS B 4 5.18 1.49 18.58
N ILE B 5 5.19 1.91 17.31
CA ILE B 5 4.16 1.53 16.36
C ILE B 5 4.81 0.67 15.28
N ILE B 6 4.09 -0.36 14.84
CA ILE B 6 4.56 -1.32 13.84
C ILE B 6 3.35 -1.76 13.03
N TYR B 7 3.58 -2.06 11.75
CA TYR B 7 2.54 -2.28 10.77
C TYR B 7 2.80 -3.56 10.00
N PHE B 8 1.72 -4.17 9.51
CA PHE B 8 1.74 -5.27 8.56
C PHE B 8 0.99 -4.81 7.33
N LEU B 9 1.55 -5.08 6.16
CA LEU B 9 1.02 -4.59 4.89
C LEU B 9 0.93 -5.84 4.04
N SER B 10 -0.27 -6.19 3.59
CA SER B 10 -0.54 -7.48 2.98
C SER B 10 -1.55 -7.36 1.86
N THR B 11 -1.62 -8.38 1.00
CA THR B 11 -2.71 -8.49 0.06
C THR B 11 -3.99 -8.61 0.89
N GLY B 12 -5.02 -7.87 0.51
CA GLY B 12 -6.40 -7.94 1.00
C GLY B 12 -6.66 -7.84 2.50
N ASN B 13 -5.63 -7.59 3.33
CA ASN B 13 -5.60 -7.66 4.81
C ASN B 13 -6.83 -8.39 5.39
N SER B 14 -6.85 -9.70 5.18
CA SER B 14 -7.96 -10.57 5.52
C SER B 14 -7.50 -11.86 6.20
N ALA B 15 -6.27 -12.33 5.95
CA ALA B 15 -5.68 -13.45 6.68
C ALA B 15 -4.28 -13.11 7.22
N ARG B 16 -3.29 -12.93 6.34
CA ARG B 16 -1.86 -12.82 6.75
C ARG B 16 -1.68 -11.88 7.94
N SER B 17 -2.15 -10.64 7.81
CA SER B 17 -1.87 -9.59 8.78
C SER B 17 -2.58 -9.88 10.11
N GLN B 18 -3.80 -10.43 10.05
CA GLN B 18 -4.58 -10.84 11.21
C GLN B 18 -3.76 -11.79 12.09
N MET B 19 -3.09 -12.73 11.42
CA MET B 19 -2.32 -13.75 12.08
C MET B 19 -1.09 -13.08 12.72
N ALA B 20 -0.37 -12.26 11.94
CA ALA B 20 0.84 -11.61 12.39
C ALA B 20 0.59 -10.64 13.54
N GLU B 21 -0.50 -9.87 13.53
CA GLU B 21 -0.79 -8.93 14.61
C GLU B 21 -1.18 -9.69 15.90
N GLY B 22 -1.85 -10.85 15.77
CA GLY B 22 -2.15 -11.72 16.89
C GLY B 22 -0.86 -12.31 17.46
N TRP B 23 0.01 -12.82 16.59
CA TRP B 23 1.34 -13.30 16.95
C TRP B 23 2.15 -12.21 17.65
N ALA B 24 2.03 -10.96 17.18
CA ALA B 24 2.84 -9.87 17.68
C ALA B 24 2.56 -9.66 19.15
N LYS B 25 1.28 -9.56 19.54
CA LYS B 25 0.95 -9.14 20.89
C LYS B 25 1.42 -10.14 21.95
N GLN B 26 1.60 -11.42 21.59
CA GLN B 26 2.07 -12.41 22.55
C GLN B 26 3.56 -12.28 22.88
N TYR B 27 4.35 -11.59 22.04
CA TYR B 27 5.80 -11.50 22.20
C TYR B 27 6.30 -10.05 22.28
N LEU B 28 5.54 -9.10 21.75
CA LEU B 28 5.76 -7.66 21.93
C LEU B 28 5.09 -7.34 23.29
N GLY B 29 4.01 -6.56 23.28
CA GLY B 29 3.16 -6.33 24.44
C GLY B 29 2.35 -5.06 24.23
N ASP B 30 1.67 -4.60 25.29
CA ASP B 30 1.01 -3.29 25.31
C ASP B 30 2.02 -2.14 25.16
N GLU B 31 3.31 -2.44 25.39
CA GLU B 31 4.46 -1.60 25.11
C GLU B 31 4.52 -1.18 23.62
N TRP B 32 3.88 -1.95 22.73
CA TRP B 32 3.82 -1.70 21.30
C TRP B 32 2.35 -1.56 20.87
N LYS B 33 2.14 -0.96 19.69
CA LYS B 33 0.85 -0.90 19.02
C LYS B 33 1.07 -1.49 17.65
N VAL B 34 0.15 -2.35 17.22
CA VAL B 34 0.30 -3.17 16.04
C VAL B 34 -0.95 -2.93 15.20
N TYR B 35 -0.75 -2.72 13.90
CA TYR B 35 -1.79 -2.36 12.94
C TYR B 35 -1.55 -3.14 11.64
N SER B 36 -2.56 -3.15 10.77
CA SER B 36 -2.52 -3.92 9.53
C SER B 36 -3.22 -3.14 8.41
N ALA B 37 -2.80 -3.37 7.17
CA ALA B 37 -3.29 -2.66 6.00
C ALA B 37 -3.23 -3.57 4.77
N GLY B 38 -4.03 -3.25 3.75
CA GLY B 38 -4.01 -3.91 2.45
C GLY B 38 -4.82 -3.13 1.43
N ILE B 39 -4.94 -3.68 0.22
CA ILE B 39 -5.48 -2.99 -0.96
C ILE B 39 -6.87 -2.38 -0.72
N GLU B 40 -7.85 -3.23 -0.45
CA GLU B 40 -9.29 -2.93 -0.34
C GLU B 40 -9.81 -3.79 0.84
N ALA B 41 -8.92 -3.97 1.81
CA ALA B 41 -8.97 -4.88 2.93
C ALA B 41 -10.04 -4.52 3.98
N HIS B 42 -10.60 -5.55 4.59
CA HIS B 42 -11.47 -5.49 5.77
C HIS B 42 -11.90 -6.88 6.26
N GLY B 43 -11.21 -7.96 5.85
CA GLY B 43 -11.68 -9.33 6.10
C GLY B 43 -11.19 -9.87 7.44
N LEU B 44 -11.69 -11.04 7.82
CA LEU B 44 -11.22 -11.83 8.96
C LEU B 44 -11.45 -13.28 8.58
N ASN B 45 -10.58 -13.79 7.70
CA ASN B 45 -10.65 -15.12 7.11
C ASN B 45 -10.66 -16.17 8.23
N PRO B 46 -11.59 -17.15 8.24
CA PRO B 46 -11.59 -18.19 9.26
C PRO B 46 -10.29 -18.99 9.29
N ASN B 47 -9.50 -19.02 8.20
CA ASN B 47 -8.15 -19.57 8.26
C ASN B 47 -7.38 -18.80 9.32
N ALA B 48 -7.30 -17.46 9.26
CA ALA B 48 -6.49 -16.71 10.21
C ALA B 48 -6.93 -17.00 11.64
N VAL B 49 -8.25 -17.11 11.85
CA VAL B 49 -8.78 -17.47 13.16
C VAL B 49 -8.19 -18.84 13.58
N LYS B 50 -8.32 -19.87 12.74
CA LYS B 50 -7.81 -21.21 13.00
C LYS B 50 -6.30 -21.18 13.26
N ALA B 51 -5.56 -20.45 12.43
CA ALA B 51 -4.12 -20.29 12.47
C ALA B 51 -3.64 -19.80 13.83
N MET B 52 -4.43 -18.95 14.50
CA MET B 52 -4.08 -18.39 15.79
C MET B 52 -4.63 -19.25 16.92
N LYS B 53 -5.77 -19.93 16.72
CA LYS B 53 -6.24 -20.94 17.65
C LYS B 53 -5.25 -22.10 17.76
N GLU B 54 -4.42 -22.37 16.73
CA GLU B 54 -3.37 -23.39 16.81
C GLU B 54 -2.41 -23.13 17.97
N VAL B 55 -2.21 -21.84 18.31
CA VAL B 55 -1.30 -21.39 19.35
C VAL B 55 -2.07 -20.71 20.49
N GLY B 56 -3.40 -20.91 20.54
CA GLY B 56 -4.25 -20.45 21.62
C GLY B 56 -4.33 -18.92 21.71
N ILE B 57 -4.35 -18.22 20.57
CA ILE B 57 -4.55 -16.77 20.52
C ILE B 57 -5.90 -16.60 19.84
N ASP B 58 -6.93 -16.21 20.59
CA ASP B 58 -8.19 -15.82 19.99
C ASP B 58 -7.98 -14.51 19.24
N ILE B 59 -8.57 -14.38 18.05
CA ILE B 59 -8.61 -13.15 17.29
C ILE B 59 -10.00 -12.86 16.74
N SER B 60 -11.03 -13.55 17.22
CA SER B 60 -12.38 -13.40 16.69
C SER B 60 -12.92 -11.95 16.86
N ASN B 61 -12.26 -11.14 17.70
CA ASN B 61 -12.56 -9.74 17.95
C ASN B 61 -11.91 -8.78 16.95
N GLN B 62 -10.91 -9.20 16.17
CA GLN B 62 -10.11 -8.32 15.33
C GLN B 62 -10.91 -7.45 14.38
N THR B 63 -10.29 -6.31 14.06
CA THR B 63 -10.70 -5.35 13.05
C THR B 63 -9.63 -5.29 11.94
N SER B 64 -10.00 -4.80 10.76
CA SER B 64 -9.21 -4.86 9.53
C SER B 64 -9.51 -3.61 8.69
N ASP B 65 -8.59 -3.17 7.84
CA ASP B 65 -8.69 -1.87 7.16
C ASP B 65 -7.71 -1.78 5.98
N ILE B 66 -7.94 -0.84 5.06
CA ILE B 66 -7.04 -0.53 3.96
C ILE B 66 -5.77 0.17 4.46
N ILE B 67 -4.82 0.41 3.53
CA ILE B 67 -3.65 1.24 3.78
C ILE B 67 -4.11 2.60 4.34
N ASP B 68 -3.45 3.07 5.39
CA ASP B 68 -3.76 4.33 6.04
C ASP B 68 -2.46 4.99 6.49
N SER B 69 -1.99 5.88 5.63
CA SER B 69 -0.81 6.70 5.79
C SER B 69 -0.69 7.35 7.16
N ASP B 70 -1.81 7.73 7.80
CA ASP B 70 -1.80 8.54 9.02
C ASP B 70 -1.14 7.81 10.19
N ILE B 71 -1.07 6.49 10.13
CA ILE B 71 -0.48 5.66 11.17
C ILE B 71 0.66 4.83 10.53
N LEU B 72 0.50 4.40 9.27
CA LEU B 72 1.50 3.59 8.61
C LEU B 72 2.79 4.38 8.40
N ASN B 73 2.71 5.62 7.91
CA ASN B 73 3.90 6.46 7.76
C ASN B 73 4.51 6.75 9.14
N ASN B 74 3.69 6.81 10.19
CA ASN B 74 4.10 7.10 11.56
C ASN B 74 4.73 5.90 12.26
N ALA B 75 4.53 4.68 11.77
CA ALA B 75 5.12 3.49 12.33
C ALA B 75 6.65 3.55 12.33
N ASP B 76 7.25 2.62 13.07
CA ASP B 76 8.69 2.37 13.08
C ASP B 76 9.09 1.34 12.03
N LEU B 77 8.16 0.46 11.63
CA LEU B 77 8.43 -0.67 10.73
C LEU B 77 7.15 -1.01 9.94
N VAL B 78 7.26 -1.10 8.61
CA VAL B 78 6.24 -1.62 7.71
C VAL B 78 6.67 -3.02 7.28
N VAL B 79 6.10 -4.05 7.89
CA VAL B 79 6.36 -5.41 7.46
C VAL B 79 5.51 -5.68 6.24
N THR B 80 6.12 -5.80 5.05
CA THR B 80 5.39 -6.29 3.89
C THR B 80 5.27 -7.80 4.11
N LEU B 81 4.09 -8.23 4.56
CA LEU B 81 3.91 -9.59 5.04
C LEU B 81 3.71 -10.57 3.89
N SER B 82 2.89 -10.20 2.90
CA SER B 82 2.69 -10.98 1.70
C SER B 82 3.93 -10.91 0.79
N GLY B 83 3.92 -11.68 -0.29
CA GLY B 83 4.91 -11.56 -1.35
C GLY B 83 4.37 -10.52 -2.33
N ASP B 84 3.48 -10.96 -3.22
CA ASP B 84 2.69 -10.11 -4.12
C ASP B 84 1.56 -10.96 -4.67
N ALA B 85 0.33 -10.45 -4.66
CA ALA B 85 -0.82 -11.05 -5.31
C ALA B 85 -1.84 -9.97 -5.68
N ALA B 86 -2.22 -9.13 -4.70
CA ALA B 86 -3.11 -7.98 -4.87
C ALA B 86 -2.84 -7.03 -3.71
N ASP B 87 -1.63 -6.50 -3.61
CA ASP B 87 -1.19 -5.76 -2.42
C ASP B 87 -1.24 -4.23 -2.60
N LYS B 88 -1.64 -3.72 -3.77
CA LYS B 88 -1.67 -2.29 -4.15
C LYS B 88 -0.28 -1.68 -4.41
N CYS B 89 0.74 -2.54 -4.65
CA CYS B 89 2.15 -2.19 -4.84
C CYS B 89 2.57 -0.95 -4.05
N PRO B 90 2.36 -0.92 -2.72
CA PRO B 90 2.58 0.27 -1.92
C PRO B 90 4.04 0.72 -2.05
N MET B 91 4.27 2.03 -2.15
CA MET B 91 5.64 2.53 -2.40
C MET B 91 6.38 2.95 -1.13
N THR B 92 5.76 2.75 0.04
CA THR B 92 6.24 3.01 1.41
C THR B 92 7.03 4.33 1.58
N PRO B 93 6.39 5.42 2.06
CA PRO B 93 7.05 6.72 2.18
C PRO B 93 8.24 6.58 3.15
N PRO B 94 9.41 7.19 2.86
CA PRO B 94 10.68 6.96 3.56
C PRO B 94 10.74 7.41 5.03
N HIS B 95 9.64 7.93 5.60
CA HIS B 95 9.55 8.23 7.03
C HIS B 95 9.67 6.95 7.89
N VAL B 96 9.55 5.75 7.30
CA VAL B 96 9.53 4.49 8.03
C VAL B 96 10.36 3.41 7.31
N LYS B 97 10.91 2.46 8.08
CA LYS B 97 11.61 1.26 7.62
C LYS B 97 10.60 0.34 6.93
N ARG B 98 11.04 -0.51 6.01
CA ARG B 98 10.21 -1.59 5.47
C ARG B 98 11.11 -2.80 5.34
N GLU B 99 10.53 -3.98 5.56
CA GLU B 99 11.18 -5.25 5.39
C GLU B 99 10.07 -6.25 5.03
N HIS B 100 10.32 -7.20 4.13
CA HIS B 100 9.38 -8.27 3.84
C HIS B 100 9.75 -9.56 4.59
N TRP B 101 8.75 -10.27 5.12
CA TRP B 101 8.98 -11.42 6.01
C TRP B 101 8.32 -12.70 5.49
N GLY B 102 6.99 -12.72 5.40
CA GLY B 102 6.23 -13.93 5.08
C GLY B 102 6.40 -14.30 3.61
N PHE B 103 6.31 -13.30 2.73
CA PHE B 103 6.53 -13.39 1.30
C PHE B 103 5.63 -14.44 0.62
N ASP B 104 4.45 -14.73 1.19
CA ASP B 104 3.49 -15.70 0.68
C ASP B 104 2.08 -15.35 1.18
N ASP B 105 1.04 -16.03 0.70
CA ASP B 105 -0.36 -15.84 1.12
C ASP B 105 -0.99 -17.23 1.34
N PRO B 106 -1.35 -17.59 2.58
CA PRO B 106 -1.88 -18.91 2.93
C PRO B 106 -3.31 -19.11 2.42
N ALA B 107 -4.07 -18.04 2.15
CA ALA B 107 -5.39 -18.11 1.54
C ALA B 107 -5.34 -18.54 0.07
N ARG B 108 -4.17 -18.96 -0.43
CA ARG B 108 -3.96 -19.45 -1.79
C ARG B 108 -3.49 -20.90 -1.80
N ALA B 109 -3.62 -21.58 -0.65
CA ALA B 109 -3.34 -23.00 -0.51
C ALA B 109 -3.96 -23.80 -1.64
N GLN B 110 -3.33 -24.93 -1.96
CA GLN B 110 -3.70 -25.74 -3.12
C GLN B 110 -5.18 -26.11 -3.06
N GLY B 111 -5.64 -26.55 -1.89
CA GLY B 111 -7.06 -26.72 -1.66
C GLY B 111 -7.46 -28.01 -0.96
N THR B 112 -6.56 -28.99 -0.95
CA THR B 112 -6.81 -30.26 -0.27
C THR B 112 -6.81 -30.01 1.24
N GLU B 113 -7.35 -30.95 2.00
CA GLU B 113 -7.47 -30.80 3.44
C GLU B 113 -6.10 -30.60 4.07
N GLU B 114 -5.12 -31.37 3.59
CA GLU B 114 -3.75 -31.32 4.02
C GLU B 114 -3.10 -30.06 3.50
N GLU B 115 -3.29 -29.63 2.24
CA GLU B 115 -2.52 -28.52 1.72
C GLU B 115 -3.04 -27.21 2.29
N LYS B 116 -4.34 -27.12 2.59
CA LYS B 116 -4.90 -25.98 3.31
C LYS B 116 -4.23 -25.88 4.66
N TRP B 117 -4.35 -26.91 5.50
CA TRP B 117 -3.79 -26.84 6.84
C TRP B 117 -2.28 -26.63 6.76
N ALA B 118 -1.60 -27.27 5.82
CA ALA B 118 -0.16 -27.16 5.65
C ALA B 118 0.28 -25.74 5.30
N PHE B 119 -0.42 -25.05 4.40
CA PHE B 119 -0.12 -23.66 4.06
C PHE B 119 -0.38 -22.80 5.30
N PHE B 120 -1.52 -22.99 5.96
CA PHE B 120 -1.89 -22.19 7.12
C PHE B 120 -0.81 -22.33 8.19
N GLN B 121 -0.42 -23.57 8.51
CA GLN B 121 0.50 -23.88 9.58
C GLN B 121 1.89 -23.33 9.27
N ARG B 122 2.42 -23.58 8.06
CA ARG B 122 3.77 -23.13 7.75
C ARG B 122 3.84 -21.61 7.76
N VAL B 123 2.86 -20.93 7.17
CA VAL B 123 2.92 -19.48 7.08
C VAL B 123 2.69 -18.87 8.47
N ARG B 124 1.74 -19.36 9.28
CA ARG B 124 1.56 -18.81 10.63
C ARG B 124 2.81 -19.06 11.49
N ASP B 125 3.47 -20.19 11.29
CA ASP B 125 4.69 -20.53 12.00
C ASP B 125 5.83 -19.58 11.62
N GLU B 126 5.99 -19.31 10.33
CA GLU B 126 7.01 -18.39 9.84
C GLU B 126 6.73 -16.98 10.38
N ILE B 127 5.49 -16.52 10.26
CA ILE B 127 5.02 -15.25 10.79
C ILE B 127 5.40 -15.14 12.28
N GLY B 128 5.02 -16.13 13.09
CA GLY B 128 5.28 -16.11 14.51
C GLY B 128 6.76 -16.06 14.83
N ASN B 129 7.59 -16.83 14.11
CA ASN B 129 9.03 -16.81 14.34
C ASN B 129 9.63 -15.44 14.03
N ARG B 130 9.20 -14.79 12.95
CA ARG B 130 9.73 -13.46 12.63
C ARG B 130 9.20 -12.41 13.61
N LEU B 131 7.98 -12.56 14.13
CA LEU B 131 7.50 -11.70 15.21
C LEU B 131 8.35 -11.87 16.46
N LYS B 132 8.61 -13.11 16.88
CA LYS B 132 9.34 -13.33 18.12
C LYS B 132 10.79 -12.90 17.95
N GLU B 133 11.40 -13.13 16.78
CA GLU B 133 12.70 -12.55 16.48
C GLU B 133 12.63 -11.04 16.57
N PHE B 134 11.62 -10.36 16.01
CA PHE B 134 11.58 -8.91 16.08
C PHE B 134 11.54 -8.43 17.54
N ALA B 135 10.82 -9.14 18.42
CA ALA B 135 10.81 -8.85 19.84
C ALA B 135 12.20 -9.00 20.47
N GLU B 136 13.00 -9.96 20.00
CA GLU B 136 14.31 -10.31 20.54
C GLU B 136 15.43 -9.43 19.98
N THR B 137 15.39 -9.22 18.67
CA THR B 137 16.43 -8.61 17.84
C THR B 137 16.24 -7.10 17.73
N GLY B 138 15.00 -6.62 17.92
CA GLY B 138 14.59 -5.25 17.62
C GLY B 138 14.64 -4.95 16.12
N LYS B 139 14.80 -5.99 15.29
CA LYS B 139 15.05 -5.96 13.87
C LYS B 139 15.82 -4.71 13.41
N MET A 1 -0.40 20.65 -21.58
CA MET A 1 0.73 20.99 -22.48
C MET A 1 2.01 20.44 -21.87
N ALA A 2 2.55 19.38 -22.47
CA ALA A 2 3.66 18.55 -21.99
C ALA A 2 3.36 17.86 -20.64
N ILE A 3 4.21 16.89 -20.32
CA ILE A 3 4.21 16.14 -19.09
C ILE A 3 5.29 16.81 -18.22
N VAL A 4 4.83 17.58 -17.23
CA VAL A 4 5.64 18.39 -16.32
C VAL A 4 6.24 17.46 -15.24
N LYS A 5 7.18 17.97 -14.44
CA LYS A 5 7.85 17.27 -13.37
C LYS A 5 7.62 18.06 -12.08
N ALA A 6 6.90 17.47 -11.12
CA ALA A 6 6.69 18.04 -9.80
C ALA A 6 7.91 17.76 -8.91
N THR A 7 7.93 18.38 -7.73
CA THR A 7 8.83 18.13 -6.62
C THR A 7 8.11 18.62 -5.35
N ASP A 8 8.71 18.38 -4.18
CA ASP A 8 8.18 18.54 -2.81
C ASP A 8 7.18 19.67 -2.60
N GLN A 9 7.39 20.84 -3.19
CA GLN A 9 6.53 22.01 -3.05
C GLN A 9 6.06 22.53 -4.41
N SER A 10 6.87 22.38 -5.47
CA SER A 10 6.47 22.75 -6.82
C SER A 10 5.26 21.94 -7.32
N PHE A 11 4.98 20.75 -6.76
CA PHE A 11 3.73 20.03 -7.03
C PHE A 11 2.55 20.97 -6.83
N SER A 12 2.48 21.65 -5.68
CA SER A 12 1.38 22.56 -5.39
C SER A 12 1.37 23.70 -6.39
N ALA A 13 2.54 24.27 -6.69
CA ALA A 13 2.61 25.43 -7.55
C ALA A 13 2.11 25.10 -8.97
N GLU A 14 2.41 23.89 -9.45
CA GLU A 14 1.99 23.39 -10.75
C GLU A 14 0.52 22.95 -10.78
N THR A 15 -0.15 22.81 -9.63
CA THR A 15 -1.48 22.22 -9.52
C THR A 15 -2.53 23.20 -8.97
N SER A 16 -2.11 24.41 -8.55
CA SER A 16 -2.98 25.40 -7.91
C SER A 16 -3.89 26.13 -8.90
N GLU A 17 -3.73 25.93 -10.20
CA GLU A 17 -4.48 26.62 -11.24
C GLU A 17 -4.77 25.63 -12.38
N GLY A 18 -5.84 25.90 -13.15
CA GLY A 18 -6.30 25.05 -14.22
C GLY A 18 -6.79 23.71 -13.69
N VAL A 19 -6.76 22.70 -14.55
CA VAL A 19 -7.02 21.31 -14.19
C VAL A 19 -5.75 20.55 -14.52
N VAL A 20 -5.32 19.75 -13.55
CA VAL A 20 -4.02 19.13 -13.55
C VAL A 20 -4.14 17.68 -13.06
N LEU A 21 -3.72 16.77 -13.92
CA LEU A 21 -3.62 15.34 -13.65
C LEU A 21 -2.20 15.04 -13.18
N ALA A 22 -1.96 15.00 -11.87
CA ALA A 22 -0.65 14.57 -11.38
C ALA A 22 -0.63 13.05 -11.35
N ASP A 23 0.54 12.47 -11.55
CA ASP A 23 0.78 11.04 -11.70
C ASP A 23 2.08 10.67 -10.99
N PHE A 24 2.13 9.47 -10.43
CA PHE A 24 3.18 9.00 -9.57
C PHE A 24 3.60 7.65 -10.13
N TRP A 25 4.84 7.58 -10.62
CA TRP A 25 5.39 6.42 -11.32
C TRP A 25 6.68 6.02 -10.58
N ALA A 26 7.15 4.80 -10.80
CA ALA A 26 8.34 4.30 -10.12
C ALA A 26 8.96 3.10 -10.84
N PRO A 27 10.24 2.80 -10.60
CA PRO A 27 10.85 1.56 -11.05
C PRO A 27 10.11 0.28 -10.60
N TRP A 28 9.37 0.31 -9.48
CA TRP A 28 8.76 -0.85 -8.82
C TRP A 28 7.91 -1.75 -9.73
N CYS A 29 7.20 -1.24 -10.74
CA CYS A 29 6.27 -2.07 -11.50
C CYS A 29 6.02 -1.59 -12.92
N GLY A 30 5.39 -2.48 -13.71
CA GLY A 30 5.12 -2.29 -15.12
C GLY A 30 4.25 -1.08 -15.45
N PRO A 31 3.13 -0.80 -14.74
CA PRO A 31 2.29 0.35 -15.03
C PRO A 31 3.03 1.68 -15.08
N SER A 32 4.12 1.86 -14.34
CA SER A 32 4.94 3.07 -14.44
C SER A 32 5.52 3.32 -15.83
N LYS A 33 5.56 2.29 -16.68
CA LYS A 33 6.05 2.38 -18.06
C LYS A 33 4.91 2.13 -19.06
N MET A 34 3.64 2.13 -18.60
CA MET A 34 2.45 2.02 -19.45
C MET A 34 1.56 3.25 -19.24
N ILE A 35 1.37 3.67 -18.00
CA ILE A 35 0.72 4.94 -17.66
C ILE A 35 1.54 6.09 -18.26
N ALA A 36 2.88 5.99 -18.24
CA ALA A 36 3.76 7.03 -18.78
C ALA A 36 3.46 7.34 -20.26
N PRO A 37 3.51 6.37 -21.19
CA PRO A 37 3.12 6.61 -22.57
C PRO A 37 1.67 7.06 -22.70
N VAL A 38 0.76 6.47 -21.92
CA VAL A 38 -0.65 6.82 -21.88
C VAL A 38 -0.82 8.32 -21.59
N LEU A 39 -0.03 8.89 -20.67
CA LEU A 39 -0.11 10.31 -20.37
C LEU A 39 0.37 11.15 -21.54
N GLU A 40 1.49 10.77 -22.17
CA GLU A 40 1.99 11.53 -23.30
C GLU A 40 0.99 11.48 -24.45
N GLU A 41 0.33 10.34 -24.68
CA GLU A 41 -0.69 10.19 -25.71
C GLU A 41 -1.98 10.93 -25.33
N LEU A 42 -2.20 11.24 -24.06
CA LEU A 42 -3.34 12.00 -23.57
C LEU A 42 -3.06 13.48 -23.78
N ASP A 43 -1.85 13.95 -23.46
CA ASP A 43 -1.51 15.36 -23.59
C ASP A 43 -1.42 15.76 -25.06
N GLN A 44 -0.96 14.85 -25.91
CA GLN A 44 -0.98 15.05 -27.36
C GLN A 44 -2.40 15.25 -27.89
N GLU A 45 -3.40 14.73 -27.18
CA GLU A 45 -4.77 14.71 -27.63
C GLU A 45 -5.57 15.87 -27.04
N MET A 46 -5.41 16.14 -25.76
CA MET A 46 -6.23 17.09 -25.01
C MET A 46 -5.41 17.93 -24.04
N GLY A 47 -4.09 17.93 -24.20
CA GLY A 47 -3.19 18.80 -23.43
C GLY A 47 -3.37 20.27 -23.75
N ASP A 48 -4.21 20.60 -24.71
CA ASP A 48 -4.65 21.97 -24.97
C ASP A 48 -5.48 22.50 -23.80
N LYS A 49 -6.09 21.59 -23.04
CA LYS A 49 -6.97 21.92 -21.93
C LYS A 49 -6.36 21.50 -20.58
N LEU A 50 -5.50 20.48 -20.60
CA LEU A 50 -5.01 19.78 -19.43
C LEU A 50 -3.50 19.94 -19.25
N LYS A 51 -3.04 19.89 -18.01
CA LYS A 51 -1.62 19.78 -17.65
C LYS A 51 -1.45 18.44 -16.93
N ILE A 52 -0.29 17.82 -17.07
CA ILE A 52 0.02 16.54 -16.44
C ILE A 52 1.34 16.76 -15.71
N VAL A 53 1.53 16.15 -14.53
CA VAL A 53 2.72 16.39 -13.73
C VAL A 53 3.17 15.05 -13.10
N LYS A 54 4.39 14.60 -13.39
CA LYS A 54 4.93 13.35 -12.84
C LYS A 54 5.60 13.60 -11.49
N ILE A 55 5.64 12.56 -10.66
CA ILE A 55 6.42 12.45 -9.45
C ILE A 55 7.17 11.13 -9.64
N ASP A 56 8.50 11.20 -9.72
CA ASP A 56 9.37 10.02 -9.70
C ASP A 56 9.71 9.74 -8.23
N VAL A 57 8.86 8.96 -7.58
CA VAL A 57 8.89 8.68 -6.14
C VAL A 57 10.31 8.43 -5.60
N ASP A 58 11.16 7.64 -6.27
CA ASP A 58 12.46 7.27 -5.71
C ASP A 58 13.36 8.50 -5.45
N GLU A 59 13.10 9.59 -6.18
CA GLU A 59 13.78 10.86 -6.06
C GLU A 59 12.89 11.94 -5.41
N ASN A 60 11.57 11.87 -5.59
CA ASN A 60 10.64 12.95 -5.23
C ASN A 60 9.37 12.53 -4.52
N GLN A 61 9.43 11.39 -3.83
CA GLN A 61 8.32 10.87 -3.03
C GLN A 61 8.02 11.76 -1.81
N GLU A 62 8.84 12.77 -1.56
CA GLU A 62 8.57 13.82 -0.58
C GLU A 62 7.21 14.49 -0.83
N THR A 63 6.74 14.53 -2.08
CA THR A 63 5.37 14.94 -2.38
C THR A 63 4.39 13.82 -1.99
N ALA A 64 4.73 12.60 -2.40
CA ALA A 64 3.86 11.43 -2.36
C ALA A 64 3.54 11.03 -0.92
N GLY A 65 4.52 10.49 -0.20
CA GLY A 65 4.42 10.12 1.22
C GLY A 65 3.77 11.21 2.07
N LYS A 66 4.11 12.48 1.83
CA LYS A 66 3.56 13.62 2.55
C LYS A 66 2.06 13.76 2.29
N TYR A 67 1.61 13.65 1.03
CA TYR A 67 0.19 13.73 0.74
C TYR A 67 -0.53 12.54 1.39
N GLY A 68 0.11 11.37 1.31
CA GLY A 68 -0.42 10.10 1.72
C GLY A 68 -0.53 9.24 0.48
N VAL A 69 0.62 8.85 -0.10
CA VAL A 69 0.70 8.08 -1.32
C VAL A 69 1.84 7.16 -0.99
N MET A 70 1.64 5.87 -1.16
CA MET A 70 2.66 4.86 -0.90
C MET A 70 2.50 3.70 -1.86
N SER A 71 1.79 3.86 -2.99
CA SER A 71 1.62 2.85 -4.02
C SER A 71 1.66 3.47 -5.41
N ILE A 72 1.71 2.62 -6.42
CA ILE A 72 1.98 2.98 -7.80
C ILE A 72 1.02 2.17 -8.70
N PRO A 73 0.52 2.72 -9.82
CA PRO A 73 0.62 4.12 -10.19
C PRO A 73 -0.46 4.88 -9.42
N THR A 74 -0.11 6.03 -8.84
CA THR A 74 -1.10 6.90 -8.21
C THR A 74 -1.40 8.08 -9.14
N LEU A 75 -2.65 8.55 -9.13
CA LEU A 75 -3.11 9.76 -9.78
C LEU A 75 -3.74 10.62 -8.72
N LEU A 76 -3.46 11.93 -8.75
CA LEU A 76 -4.13 12.94 -7.95
C LEU A 76 -4.62 13.94 -8.99
N VAL A 77 -5.93 14.03 -9.17
CA VAL A 77 -6.53 14.92 -10.16
C VAL A 77 -7.02 16.15 -9.39
N LEU A 78 -6.49 17.32 -9.75
CA LEU A 78 -6.79 18.59 -9.10
C LEU A 78 -7.40 19.55 -10.11
N LYS A 79 -8.23 20.47 -9.61
CA LYS A 79 -8.75 21.59 -10.36
C LYS A 79 -8.66 22.78 -9.41
N ASP A 80 -8.19 23.92 -9.92
CA ASP A 80 -8.02 25.19 -9.20
C ASP A 80 -7.41 25.06 -7.79
N GLY A 81 -6.59 24.02 -7.57
CA GLY A 81 -5.86 23.79 -6.33
C GLY A 81 -6.58 22.92 -5.30
N GLU A 82 -7.60 22.17 -5.71
CA GLU A 82 -8.30 21.20 -4.88
C GLU A 82 -8.40 19.86 -5.62
N VAL A 83 -8.29 18.74 -4.88
CA VAL A 83 -8.45 17.40 -5.43
C VAL A 83 -9.93 17.17 -5.70
N VAL A 84 -10.19 16.52 -6.83
CA VAL A 84 -11.52 16.15 -7.29
C VAL A 84 -11.58 14.68 -7.70
N GLU A 85 -10.45 14.07 -8.06
CA GLU A 85 -10.34 12.64 -8.27
C GLU A 85 -8.99 12.14 -7.78
N THR A 86 -8.89 10.85 -7.55
CA THR A 86 -7.74 10.18 -6.99
C THR A 86 -7.82 8.72 -7.46
N SER A 87 -6.69 8.06 -7.70
CA SER A 87 -6.64 6.63 -8.01
C SER A 87 -5.29 6.09 -7.58
N VAL A 88 -5.25 4.81 -7.19
CA VAL A 88 -4.04 4.10 -6.81
C VAL A 88 -4.11 2.76 -7.55
N GLY A 89 -3.96 2.85 -8.87
CA GLY A 89 -4.16 1.76 -9.81
C GLY A 89 -4.13 2.32 -11.24
N PHE A 90 -3.80 1.46 -12.22
CA PHE A 90 -3.65 1.86 -13.61
C PHE A 90 -5.00 2.14 -14.28
N LYS A 91 -4.96 2.83 -15.44
CA LYS A 91 -6.12 3.11 -16.29
C LYS A 91 -5.60 3.18 -17.74
N PRO A 92 -6.28 2.58 -18.73
CA PRO A 92 -5.93 2.76 -20.14
C PRO A 92 -6.24 4.20 -20.57
N LYS A 93 -5.77 4.62 -21.75
CA LYS A 93 -5.83 6.03 -22.15
C LYS A 93 -7.25 6.60 -22.18
N GLU A 94 -8.23 5.80 -22.61
CA GLU A 94 -9.61 6.24 -22.66
C GLU A 94 -10.18 6.40 -21.25
N ALA A 95 -9.92 5.44 -20.35
CA ALA A 95 -10.34 5.56 -18.96
C ALA A 95 -9.67 6.76 -18.31
N LEU A 96 -8.43 7.02 -18.70
CA LEU A 96 -7.65 8.08 -18.11
C LEU A 96 -8.19 9.43 -18.52
N GLN A 97 -8.43 9.60 -19.81
CA GLN A 97 -9.05 10.81 -20.32
C GLN A 97 -10.45 10.91 -19.71
N GLU A 98 -11.18 9.82 -19.52
CA GLU A 98 -12.50 9.87 -18.91
C GLU A 98 -12.42 10.42 -17.48
N LEU A 99 -11.49 9.88 -16.67
CA LEU A 99 -11.32 10.25 -15.27
C LEU A 99 -11.13 11.75 -15.10
N VAL A 100 -10.34 12.36 -15.99
CA VAL A 100 -10.00 13.76 -15.86
C VAL A 100 -11.03 14.63 -16.60
N ASN A 101 -11.55 14.20 -17.78
CA ASN A 101 -12.48 15.00 -18.60
C ASN A 101 -13.78 15.33 -17.87
N LYS A 102 -14.13 14.55 -16.84
CA LYS A 102 -15.36 14.75 -16.08
C LYS A 102 -15.21 15.88 -15.05
N HIS A 103 -14.01 16.45 -14.88
CA HIS A 103 -13.74 17.62 -14.02
C HIS A 103 -13.03 18.73 -14.79
N LEU A 104 -12.22 18.39 -15.79
CA LEU A 104 -11.62 19.29 -16.77
C LEU A 104 -12.73 20.10 -17.43
N MET B 1 11.26 5.25 24.75
CA MET B 1 10.05 5.95 24.22
C MET B 1 8.92 4.93 24.11
N GLU B 2 7.84 5.11 24.87
CA GLU B 2 6.67 4.24 24.85
C GLU B 2 5.95 4.37 23.51
N ASN B 3 5.55 3.23 22.94
CA ASN B 3 4.98 3.05 21.60
C ASN B 3 6.05 3.27 20.53
N LYS B 4 6.14 2.27 19.68
CA LYS B 4 6.98 2.13 18.50
C LYS B 4 6.06 1.53 17.45
N ILE B 5 5.83 2.21 16.34
CA ILE B 5 4.80 1.79 15.41
C ILE B 5 5.43 0.87 14.37
N ILE B 6 4.72 -0.19 14.02
CA ILE B 6 5.17 -1.23 13.09
C ILE B 6 3.96 -1.68 12.28
N TYR B 7 4.18 -2.10 11.03
CA TYR B 7 3.13 -2.34 10.07
C TYR B 7 3.34 -3.67 9.35
N PHE B 8 2.26 -4.34 9.00
CA PHE B 8 2.24 -5.52 8.13
C PHE B 8 1.51 -5.12 6.86
N LEU B 9 1.99 -5.58 5.71
CA LEU B 9 1.47 -5.17 4.42
C LEU B 9 1.36 -6.43 3.56
N SER B 10 0.14 -6.89 3.23
CA SER B 10 -0.04 -8.20 2.62
C SER B 10 -1.21 -8.26 1.62
N THR B 11 -1.14 -9.22 0.70
CA THR B 11 -2.02 -9.35 -0.46
C THR B 11 -3.49 -9.47 -0.02
N GLY B 12 -4.36 -8.68 -0.62
CA GLY B 12 -5.80 -8.70 -0.36
C GLY B 12 -6.07 -8.72 1.15
N ASN B 13 -5.28 -7.97 1.92
CA ASN B 13 -5.20 -8.08 3.38
C ASN B 13 -6.51 -8.37 4.11
N SER B 14 -6.67 -9.65 4.47
CA SER B 14 -7.71 -10.14 5.35
C SER B 14 -7.22 -11.30 6.23
N ALA B 15 -5.96 -11.76 6.09
CA ALA B 15 -5.47 -12.97 6.76
C ALA B 15 -4.08 -12.87 7.41
N ARG B 16 -3.02 -12.61 6.63
CA ARG B 16 -1.64 -12.72 7.14
C ARG B 16 -1.37 -11.71 8.25
N SER B 17 -1.65 -10.44 8.00
CA SER B 17 -1.36 -9.39 8.95
C SER B 17 -2.19 -9.56 10.23
N GLN B 18 -3.42 -10.07 10.10
CA GLN B 18 -4.35 -10.34 11.18
C GLN B 18 -3.74 -11.35 12.15
N MET B 19 -3.24 -12.46 11.61
CA MET B 19 -2.63 -13.48 12.45
C MET B 19 -1.33 -12.92 13.03
N ALA B 20 -0.55 -12.18 12.25
CA ALA B 20 0.74 -11.63 12.66
C ALA B 20 0.58 -10.62 13.79
N GLU B 21 -0.46 -9.78 13.77
CA GLU B 21 -0.69 -8.82 14.84
C GLU B 21 -1.18 -9.51 16.12
N GLY B 22 -1.90 -10.63 15.99
CA GLY B 22 -2.25 -11.47 17.13
C GLY B 22 -0.98 -12.08 17.73
N TRP B 23 -0.14 -12.70 16.89
CA TRP B 23 1.15 -13.24 17.28
C TRP B 23 2.03 -12.17 17.92
N ALA B 24 1.96 -10.95 17.41
CA ALA B 24 2.83 -9.88 17.84
C ALA B 24 2.56 -9.52 19.28
N LYS B 25 1.31 -9.25 19.67
CA LYS B 25 1.03 -8.67 20.97
C LYS B 25 1.40 -9.56 22.15
N GLN B 26 1.44 -10.88 21.97
CA GLN B 26 1.90 -11.76 23.03
C GLN B 26 3.42 -11.65 23.30
N TYR B 27 4.21 -11.01 22.44
CA TYR B 27 5.66 -10.83 22.59
C TYR B 27 6.14 -9.38 22.39
N LEU B 28 5.31 -8.50 21.84
CA LEU B 28 5.59 -7.11 21.53
C LEU B 28 4.55 -6.33 22.33
N GLY B 29 4.92 -6.01 23.58
CA GLY B 29 4.08 -5.34 24.56
C GLY B 29 3.66 -3.92 24.14
N ASP B 30 3.15 -3.14 25.09
CA ASP B 30 2.72 -1.74 24.88
C ASP B 30 3.87 -0.85 24.37
N GLU B 31 5.11 -1.32 24.51
CA GLU B 31 6.31 -0.77 23.92
C GLU B 31 6.14 -0.60 22.39
N TRP B 32 5.24 -1.37 21.77
CA TRP B 32 5.00 -1.40 20.34
C TRP B 32 3.51 -1.21 20.05
N LYS B 33 3.19 -0.68 18.87
CA LYS B 33 1.83 -0.53 18.35
C LYS B 33 1.89 -1.08 16.93
N VAL B 34 0.91 -1.88 16.55
CA VAL B 34 0.96 -2.65 15.31
C VAL B 34 -0.26 -2.30 14.45
N TYR B 35 -0.12 -2.43 13.13
CA TYR B 35 -1.19 -2.19 12.17
C TYR B 35 -1.05 -3.18 10.99
N SER B 36 -2.11 -3.31 10.20
CA SER B 36 -2.27 -4.33 9.18
C SER B 36 -2.97 -3.71 7.97
N ALA B 37 -2.41 -3.82 6.76
CA ALA B 37 -3.00 -3.28 5.56
C ALA B 37 -2.58 -4.08 4.33
N GLY B 38 -3.05 -3.65 3.15
CA GLY B 38 -2.67 -4.22 1.86
C GLY B 38 -3.58 -3.67 0.77
N ILE B 39 -3.53 -4.27 -0.41
CA ILE B 39 -4.49 -4.05 -1.45
C ILE B 39 -5.75 -4.70 -0.92
N GLU B 40 -6.83 -4.17 -1.45
CA GLU B 40 -8.24 -4.62 -1.40
C GLU B 40 -8.51 -5.33 -0.07
N ALA B 41 -8.27 -4.59 1.02
CA ALA B 41 -8.24 -5.12 2.37
C ALA B 41 -9.28 -4.49 3.26
N HIS B 42 -9.93 -5.33 4.07
CA HIS B 42 -10.83 -4.98 5.16
C HIS B 42 -11.49 -6.23 5.79
N GLY B 43 -11.21 -7.42 5.27
CA GLY B 43 -11.78 -8.65 5.78
C GLY B 43 -11.10 -9.10 7.07
N LEU B 44 -11.64 -10.16 7.66
CA LEU B 44 -11.06 -10.90 8.76
C LEU B 44 -11.34 -12.36 8.43
N ASN B 45 -10.47 -12.93 7.59
CA ASN B 45 -10.59 -14.28 7.06
C ASN B 45 -10.75 -15.26 8.23
N PRO B 46 -11.76 -16.15 8.25
CA PRO B 46 -11.90 -17.12 9.33
C PRO B 46 -10.67 -18.03 9.46
N ASN B 47 -9.85 -18.17 8.41
CA ASN B 47 -8.55 -18.82 8.55
C ASN B 47 -7.75 -18.07 9.60
N ALA B 48 -7.57 -16.75 9.48
CA ALA B 48 -6.72 -16.02 10.42
C ALA B 48 -7.25 -16.17 11.85
N VAL B 49 -8.58 -16.15 12.02
CA VAL B 49 -9.20 -16.37 13.31
C VAL B 49 -8.76 -17.75 13.84
N LYS B 50 -8.96 -18.82 13.06
CA LYS B 50 -8.57 -20.17 13.44
C LYS B 50 -7.07 -20.26 13.73
N ALA B 51 -6.26 -19.63 12.89
CA ALA B 51 -4.82 -19.62 12.93
C ALA B 51 -4.33 -19.16 14.31
N MET B 52 -5.04 -18.23 14.93
CA MET B 52 -4.70 -17.67 16.23
C MET B 52 -5.40 -18.41 17.36
N LYS B 53 -6.62 -18.92 17.16
CA LYS B 53 -7.29 -19.79 18.12
C LYS B 53 -6.46 -21.06 18.37
N GLU B 54 -5.68 -21.53 17.39
CA GLU B 54 -4.83 -22.71 17.58
C GLU B 54 -3.79 -22.48 18.70
N VAL B 55 -3.32 -21.25 18.86
CA VAL B 55 -2.36 -20.84 19.90
C VAL B 55 -3.04 -20.04 21.01
N GLY B 56 -4.39 -20.06 21.06
CA GLY B 56 -5.17 -19.47 22.12
C GLY B 56 -5.07 -17.94 22.15
N ILE B 57 -5.03 -17.28 20.98
CA ILE B 57 -5.03 -15.82 20.89
C ILE B 57 -6.33 -15.50 20.16
N ASP B 58 -7.31 -14.95 20.88
CA ASP B 58 -8.54 -14.48 20.24
C ASP B 58 -8.21 -13.23 19.41
N ILE B 59 -8.77 -13.16 18.20
CA ILE B 59 -8.72 -11.97 17.35
C ILE B 59 -10.08 -11.62 16.77
N SER B 60 -11.17 -12.20 17.27
CA SER B 60 -12.49 -12.01 16.69
C SER B 60 -12.93 -10.53 16.69
N ASN B 61 -12.26 -9.68 17.49
CA ASN B 61 -12.47 -8.25 17.58
C ASN B 61 -11.79 -7.45 16.46
N GLN B 62 -10.81 -8.02 15.74
CA GLN B 62 -9.97 -7.28 14.81
C GLN B 62 -10.72 -6.49 13.74
N THR B 63 -10.04 -5.44 13.29
CA THR B 63 -10.41 -4.57 12.19
C THR B 63 -9.25 -4.53 11.17
N SER B 64 -9.55 -4.16 9.93
CA SER B 64 -8.63 -4.23 8.79
C SER B 64 -8.99 -3.12 7.80
N ASP B 65 -8.06 -2.69 6.94
CA ASP B 65 -8.25 -1.61 5.95
C ASP B 65 -7.15 -1.69 4.88
N ILE B 66 -7.28 -0.96 3.78
CA ILE B 66 -6.25 -0.82 2.76
C ILE B 66 -5.03 -0.02 3.26
N ILE B 67 -3.96 0.02 2.44
CA ILE B 67 -2.75 0.80 2.68
C ILE B 67 -3.14 2.19 3.15
N ASP B 68 -2.52 2.66 4.23
CA ASP B 68 -2.86 3.91 4.87
C ASP B 68 -1.60 4.58 5.37
N SER B 69 -1.07 5.46 4.52
CA SER B 69 0.10 6.28 4.79
C SER B 69 0.04 7.04 6.11
N ASP B 70 -1.13 7.34 6.69
CA ASP B 70 -1.20 8.18 7.88
C ASP B 70 -0.62 7.44 9.07
N ILE B 71 -0.73 6.12 9.07
CA ILE B 71 -0.10 5.26 10.04
C ILE B 71 1.20 4.71 9.46
N LEU B 72 1.22 4.28 8.19
CA LEU B 72 2.41 3.64 7.65
C LEU B 72 3.59 4.60 7.64
N ASN B 73 3.44 5.82 7.13
CA ASN B 73 4.60 6.70 7.04
C ASN B 73 5.13 7.04 8.44
N ASN B 74 4.25 7.05 9.45
CA ASN B 74 4.59 7.29 10.86
C ASN B 74 5.22 6.06 11.53
N ALA B 75 5.12 4.86 10.92
CA ALA B 75 5.72 3.66 11.46
C ALA B 75 7.24 3.76 11.42
N ASP B 76 7.88 2.88 12.18
CA ASP B 76 9.32 2.68 12.10
C ASP B 76 9.67 1.64 11.04
N LEU B 77 8.84 0.59 10.90
CA LEU B 77 9.16 -0.58 10.10
C LEU B 77 7.92 -1.15 9.42
N VAL B 78 8.08 -1.57 8.17
CA VAL B 78 7.05 -2.18 7.33
C VAL B 78 7.53 -3.59 6.98
N VAL B 79 6.85 -4.58 7.56
CA VAL B 79 7.00 -5.98 7.24
C VAL B 79 6.11 -6.26 6.03
N THR B 80 6.66 -6.27 4.81
CA THR B 80 5.89 -6.79 3.70
C THR B 80 5.73 -8.29 4.01
N LEU B 81 4.49 -8.78 4.03
CA LEU B 81 4.15 -10.11 4.55
C LEU B 81 3.31 -10.90 3.56
N SER B 82 3.86 -11.18 2.37
CA SER B 82 3.30 -12.10 1.39
C SER B 82 4.43 -12.61 0.50
N GLY B 83 4.10 -13.35 -0.56
CA GLY B 83 5.02 -13.80 -1.59
C GLY B 83 4.27 -13.88 -2.92
N ASP B 84 3.43 -12.88 -3.21
CA ASP B 84 2.63 -12.78 -4.42
C ASP B 84 2.59 -11.32 -4.90
N ALA B 85 2.39 -11.11 -6.20
CA ALA B 85 2.54 -9.82 -6.86
C ALA B 85 1.29 -8.93 -6.80
N ALA B 86 0.12 -9.48 -6.39
CA ALA B 86 -1.13 -8.72 -6.45
C ALA B 86 -1.18 -7.56 -5.45
N ASP B 87 -0.34 -7.53 -4.42
CA ASP B 87 -0.33 -6.53 -3.33
C ASP B 87 0.22 -5.15 -3.76
N LYS B 88 -0.17 -4.65 -4.94
CA LYS B 88 0.39 -3.47 -5.60
C LYS B 88 1.92 -3.60 -5.73
N CYS B 89 2.58 -2.45 -5.84
CA CYS B 89 4.03 -2.26 -5.80
C CYS B 89 4.26 -1.06 -4.87
N PRO B 90 3.91 -1.16 -3.56
CA PRO B 90 3.97 -0.02 -2.66
C PRO B 90 5.38 0.56 -2.63
N MET B 91 5.52 1.87 -2.83
CA MET B 91 6.84 2.50 -2.93
C MET B 91 7.40 2.91 -1.57
N THR B 92 6.67 2.62 -0.47
CA THR B 92 7.04 2.81 0.94
C THR B 92 7.84 4.11 1.21
N PRO B 93 7.17 5.24 1.54
CA PRO B 93 7.83 6.54 1.70
C PRO B 93 8.97 6.37 2.74
N PRO B 94 10.22 6.82 2.47
CA PRO B 94 11.43 6.51 3.25
C PRO B 94 11.46 6.92 4.74
N HIS B 95 10.39 7.46 5.29
CA HIS B 95 10.25 7.64 6.73
C HIS B 95 10.27 6.27 7.44
N VAL B 96 9.89 5.19 6.75
CA VAL B 96 9.94 3.82 7.26
C VAL B 96 11.15 3.06 6.75
N LYS B 97 11.56 2.08 7.57
CA LYS B 97 12.52 1.03 7.24
C LYS B 97 11.65 -0.14 6.75
N ARG B 98 12.16 -1.05 5.92
CA ARG B 98 11.32 -2.08 5.30
C ARG B 98 12.14 -3.31 4.98
N GLU B 99 11.51 -4.47 5.10
CA GLU B 99 12.02 -5.74 4.63
C GLU B 99 10.78 -6.63 4.42
N HIS B 100 10.90 -7.62 3.54
CA HIS B 100 9.85 -8.58 3.23
C HIS B 100 10.18 -9.92 3.88
N TRP B 101 9.15 -10.59 4.41
CA TRP B 101 9.33 -11.77 5.27
C TRP B 101 8.25 -12.85 5.05
N GLY B 102 7.27 -12.63 4.17
CA GLY B 102 6.17 -13.58 3.99
C GLY B 102 6.61 -14.78 3.17
N PHE B 103 7.08 -14.53 1.94
CA PHE B 103 7.53 -15.52 0.96
C PHE B 103 6.47 -16.59 0.63
N ASP B 104 5.21 -16.36 0.99
CA ASP B 104 4.13 -17.34 0.94
C ASP B 104 2.80 -16.59 1.03
N ASP B 105 1.67 -17.26 0.82
CA ASP B 105 0.32 -16.71 1.03
C ASP B 105 -0.63 -17.86 1.42
N PRO B 106 -1.02 -17.96 2.70
CA PRO B 106 -1.74 -19.12 3.21
C PRO B 106 -3.21 -19.15 2.82
N ALA B 107 -3.86 -18.01 2.64
CA ALA B 107 -5.28 -17.92 2.30
C ALA B 107 -5.57 -18.58 0.95
N ARG B 108 -4.53 -18.74 0.13
CA ARG B 108 -4.66 -19.25 -1.23
C ARG B 108 -4.71 -20.77 -1.17
N ALA B 109 -3.66 -21.34 -0.57
CA ALA B 109 -3.33 -22.76 -0.54
C ALA B 109 -3.47 -23.49 -1.88
N GLN B 110 -3.25 -24.81 -1.85
CA GLN B 110 -3.56 -25.66 -3.00
C GLN B 110 -5.08 -25.77 -3.15
N GLY B 111 -5.79 -25.91 -2.03
CA GLY B 111 -7.25 -25.81 -2.00
C GLY B 111 -7.98 -26.93 -1.27
N THR B 112 -7.33 -28.08 -1.09
CA THR B 112 -7.95 -29.23 -0.42
C THR B 112 -8.08 -28.93 1.06
N GLU B 113 -8.86 -29.73 1.78
CA GLU B 113 -9.10 -29.52 3.19
C GLU B 113 -7.79 -29.57 3.98
N GLU B 114 -6.91 -30.49 3.60
CA GLU B 114 -5.62 -30.68 4.19
C GLU B 114 -4.68 -29.59 3.70
N GLU B 115 -4.68 -29.22 2.42
CA GLU B 115 -3.66 -28.30 1.94
C GLU B 115 -3.96 -26.89 2.39
N LYS B 116 -5.24 -26.52 2.58
CA LYS B 116 -5.64 -25.28 3.21
C LYS B 116 -5.03 -25.21 4.59
N TRP B 117 -5.34 -26.17 5.47
CA TRP B 117 -4.81 -26.15 6.83
C TRP B 117 -3.28 -26.21 6.79
N ALA B 118 -2.70 -27.01 5.90
CA ALA B 118 -1.25 -27.14 5.77
C ALA B 118 -0.59 -25.81 5.44
N PHE B 119 -1.14 -25.04 4.50
CA PHE B 119 -0.65 -23.71 4.18
C PHE B 119 -0.83 -22.79 5.38
N PHE B 120 -2.00 -22.80 6.02
CA PHE B 120 -2.27 -21.95 7.18
C PHE B 120 -1.23 -22.22 8.27
N GLN B 121 -1.00 -23.50 8.59
CA GLN B 121 -0.13 -23.96 9.64
C GLN B 121 1.31 -23.55 9.37
N ARG B 122 1.79 -23.78 8.14
CA ARG B 122 3.16 -23.49 7.77
C ARG B 122 3.43 -21.99 7.93
N VAL B 123 2.58 -21.16 7.35
CA VAL B 123 2.80 -19.72 7.37
C VAL B 123 2.62 -19.20 8.80
N ARG B 124 1.61 -19.66 9.54
CA ARG B 124 1.35 -19.22 10.91
C ARG B 124 2.53 -19.51 11.83
N ASP B 125 3.14 -20.70 11.72
CA ASP B 125 4.33 -21.04 12.50
C ASP B 125 5.47 -20.05 12.22
N GLU B 126 5.73 -19.74 10.94
CA GLU B 126 6.80 -18.82 10.58
C GLU B 126 6.45 -17.38 10.98
N ILE B 127 5.19 -16.96 10.83
CA ILE B 127 4.72 -15.65 11.27
C ILE B 127 4.97 -15.50 12.77
N GLY B 128 4.67 -16.52 13.58
CA GLY B 128 4.89 -16.46 15.01
C GLY B 128 6.38 -16.43 15.35
N ASN B 129 7.19 -17.26 14.68
CA ASN B 129 8.64 -17.21 14.83
C ASN B 129 9.17 -15.81 14.51
N ARG B 130 8.72 -15.22 13.41
CA ARG B 130 9.14 -13.89 12.98
C ARG B 130 8.78 -12.85 14.02
N LEU B 131 7.61 -12.94 14.65
CA LEU B 131 7.21 -11.96 15.66
C LEU B 131 7.92 -12.18 17.00
N LYS B 132 8.19 -13.42 17.38
CA LYS B 132 8.99 -13.70 18.56
C LYS B 132 10.43 -13.22 18.33
N GLU B 133 10.98 -13.41 17.12
CA GLU B 133 12.23 -12.80 16.74
C GLU B 133 12.12 -11.29 16.80
N PHE B 134 10.98 -10.69 16.46
CA PHE B 134 10.88 -9.23 16.47
C PHE B 134 11.17 -8.70 17.87
N ALA B 135 10.66 -9.39 18.90
CA ALA B 135 10.91 -9.08 20.29
C ALA B 135 12.40 -9.23 20.66
N GLU B 136 13.13 -10.12 19.99
CA GLU B 136 14.52 -10.45 20.27
C GLU B 136 15.52 -9.61 19.46
N THR B 137 15.16 -9.30 18.21
CA THR B 137 16.03 -8.70 17.20
C THR B 137 15.64 -7.24 16.90
N GLY B 138 14.47 -6.78 17.38
CA GLY B 138 13.97 -5.43 17.19
C GLY B 138 13.67 -5.09 15.73
N LYS B 139 13.44 -6.08 14.87
CA LYS B 139 13.35 -5.97 13.42
C LYS B 139 12.61 -7.20 12.93
N MET A 1 0.41 20.10 -22.68
CA MET A 1 1.62 20.72 -23.28
C MET A 1 2.74 19.69 -23.42
N ALA A 2 3.19 19.09 -22.31
CA ALA A 2 4.10 17.95 -22.28
C ALA A 2 3.83 17.18 -21.00
N ILE A 3 4.45 16.00 -20.87
CA ILE A 3 4.49 15.25 -19.64
C ILE A 3 5.67 15.87 -18.89
N VAL A 4 5.36 16.85 -18.03
CA VAL A 4 6.28 17.56 -17.17
C VAL A 4 6.69 16.61 -16.03
N LYS A 5 7.67 17.00 -15.22
CA LYS A 5 8.08 16.29 -14.01
C LYS A 5 7.99 17.24 -12.82
N ALA A 6 7.61 16.69 -11.67
CA ALA A 6 7.39 17.38 -10.42
C ALA A 6 8.41 16.86 -9.39
N THR A 7 8.48 17.55 -8.25
CA THR A 7 9.19 17.15 -7.05
C THR A 7 8.52 17.90 -5.88
N ASP A 8 9.08 17.80 -4.68
CA ASP A 8 8.52 18.22 -3.38
C ASP A 8 7.74 19.54 -3.39
N GLN A 9 8.20 20.55 -4.15
CA GLN A 9 7.60 21.88 -4.20
C GLN A 9 7.35 22.33 -5.63
N SER A 10 8.16 21.88 -6.59
CA SER A 10 7.91 22.12 -8.01
C SER A 10 6.57 21.52 -8.46
N PHE A 11 6.07 20.47 -7.78
CA PHE A 11 4.72 19.97 -7.99
C PHE A 11 3.72 21.11 -7.88
N SER A 12 3.72 21.83 -6.75
CA SER A 12 2.79 22.92 -6.53
C SER A 12 2.98 24.00 -7.58
N ALA A 13 4.23 24.35 -7.86
CA ALA A 13 4.54 25.43 -8.77
C ALA A 13 3.99 25.14 -10.19
N GLU A 14 4.01 23.87 -10.60
CA GLU A 14 3.51 23.41 -11.88
C GLU A 14 1.99 23.19 -11.89
N THR A 15 1.31 23.17 -10.74
CA THR A 15 -0.09 22.73 -10.65
C THR A 15 -1.05 23.79 -10.09
N SER A 16 -0.54 24.93 -9.61
CA SER A 16 -1.35 25.93 -8.91
C SER A 16 -2.17 26.82 -9.86
N GLU A 17 -2.04 26.66 -11.17
CA GLU A 17 -2.74 27.43 -12.18
C GLU A 17 -3.18 26.52 -13.32
N GLY A 18 -4.26 26.88 -14.01
CA GLY A 18 -4.87 26.07 -15.05
C GLY A 18 -5.45 24.81 -14.47
N VAL A 19 -5.60 23.79 -15.33
CA VAL A 19 -5.95 22.43 -14.93
C VAL A 19 -4.76 21.58 -15.31
N VAL A 20 -4.30 20.79 -14.33
CA VAL A 20 -3.07 20.06 -14.37
C VAL A 20 -3.32 18.71 -13.74
N LEU A 21 -3.20 17.66 -14.54
CA LEU A 21 -3.19 16.31 -14.06
C LEU A 21 -1.80 16.03 -13.51
N ALA A 22 -1.68 15.34 -12.39
CA ALA A 22 -0.43 14.83 -11.87
C ALA A 22 -0.58 13.32 -11.69
N ASP A 23 0.49 12.59 -12.00
CA ASP A 23 0.52 11.13 -12.03
C ASP A 23 1.78 10.66 -11.31
N PHE A 24 1.64 9.57 -10.57
CA PHE A 24 2.63 9.08 -9.65
C PHE A 24 2.89 7.63 -10.03
N TRP A 25 4.13 7.34 -10.44
CA TRP A 25 4.52 6.07 -11.04
C TRP A 25 5.84 5.61 -10.40
N ALA A 26 6.11 4.31 -10.40
CA ALA A 26 7.40 3.75 -10.02
C ALA A 26 7.50 2.31 -10.52
N PRO A 27 8.72 1.74 -10.61
CA PRO A 27 8.92 0.38 -11.09
C PRO A 27 8.14 -0.73 -10.37
N TRP A 28 7.57 -0.49 -9.18
CA TRP A 28 6.91 -1.49 -8.32
C TRP A 28 5.81 -2.30 -8.99
N CYS A 29 5.16 -1.81 -10.06
CA CYS A 29 4.02 -2.51 -10.65
C CYS A 29 3.78 -2.15 -12.11
N GLY A 30 2.90 -2.92 -12.75
CA GLY A 30 2.59 -2.84 -14.17
C GLY A 30 1.93 -1.52 -14.60
N PRO A 31 0.91 -0.98 -13.89
CA PRO A 31 0.28 0.28 -14.29
C PRO A 31 1.24 1.44 -14.49
N SER A 32 2.38 1.47 -13.80
CA SER A 32 3.42 2.48 -14.02
C SER A 32 3.96 2.52 -15.45
N LYS A 33 3.73 1.45 -16.23
CA LYS A 33 4.13 1.36 -17.63
C LYS A 33 2.91 1.23 -18.56
N MET A 34 1.69 1.48 -18.05
CA MET A 34 0.46 1.49 -18.84
C MET A 34 -0.22 2.86 -18.71
N ILE A 35 -0.29 3.41 -17.49
CA ILE A 35 -0.72 4.79 -17.26
C ILE A 35 0.26 5.73 -17.97
N ALA A 36 1.57 5.41 -17.96
CA ALA A 36 2.60 6.24 -18.58
C ALA A 36 2.35 6.48 -20.08
N PRO A 37 2.20 5.45 -20.94
CA PRO A 37 1.83 5.65 -22.33
C PRO A 37 0.48 6.36 -22.45
N VAL A 38 -0.49 6.03 -21.59
CA VAL A 38 -1.78 6.70 -21.56
C VAL A 38 -1.61 8.21 -21.37
N LEU A 39 -0.66 8.67 -20.55
CA LEU A 39 -0.41 10.10 -20.39
C LEU A 39 0.08 10.70 -21.70
N GLU A 40 1.04 10.06 -22.37
CA GLU A 40 1.60 10.60 -23.59
C GLU A 40 0.54 10.59 -24.70
N GLU A 41 -0.33 9.57 -24.73
CA GLU A 41 -1.47 9.45 -25.63
C GLU A 41 -2.61 10.41 -25.30
N LEU A 42 -2.60 11.00 -24.11
CA LEU A 42 -3.57 12.00 -23.68
C LEU A 42 -3.06 13.37 -24.07
N ASP A 43 -1.77 13.63 -23.84
CA ASP A 43 -1.21 14.95 -24.08
C ASP A 43 -1.13 15.25 -25.56
N GLN A 44 -0.81 14.24 -26.36
CA GLN A 44 -0.76 14.41 -27.81
C GLN A 44 -2.15 14.62 -28.40
N GLU A 45 -3.23 14.43 -27.63
CA GLU A 45 -4.59 14.58 -28.08
C GLU A 45 -5.20 15.89 -27.56
N MET A 46 -5.06 16.16 -26.27
CA MET A 46 -5.75 17.26 -25.59
C MET A 46 -4.81 18.09 -24.72
N GLY A 47 -3.50 17.95 -24.92
CA GLY A 47 -2.51 18.78 -24.26
C GLY A 47 -2.55 20.25 -24.66
N ASP A 48 -3.42 20.60 -25.60
CA ASP A 48 -3.74 21.97 -25.94
C ASP A 48 -4.48 22.67 -24.80
N LYS A 49 -5.14 21.88 -23.94
CA LYS A 49 -5.97 22.38 -22.86
C LYS A 49 -5.45 21.98 -21.48
N LEU A 50 -4.59 20.96 -21.41
CA LEU A 50 -4.19 20.31 -20.19
C LEU A 50 -2.68 20.22 -20.07
N LYS A 51 -2.18 20.28 -18.83
CA LYS A 51 -0.78 19.99 -18.50
C LYS A 51 -0.80 18.68 -17.72
N ILE A 52 0.23 17.85 -17.87
CA ILE A 52 0.37 16.60 -17.15
C ILE A 52 1.74 16.65 -16.49
N VAL A 53 1.87 16.12 -15.27
CA VAL A 53 3.11 16.18 -14.51
C VAL A 53 3.34 14.80 -13.88
N LYS A 54 4.58 14.33 -13.85
CA LYS A 54 4.95 13.02 -13.30
C LYS A 54 5.67 13.19 -11.97
N ILE A 55 5.46 12.27 -11.03
CA ILE A 55 6.22 12.13 -9.80
C ILE A 55 6.75 10.70 -9.86
N ASP A 56 8.07 10.52 -9.78
CA ASP A 56 8.67 9.21 -9.60
C ASP A 56 8.69 8.93 -8.11
N VAL A 57 7.88 7.97 -7.65
CA VAL A 57 7.67 7.69 -6.24
C VAL A 57 8.76 6.81 -5.60
N ASP A 58 10.02 7.06 -5.95
CA ASP A 58 11.18 6.50 -5.28
C ASP A 58 12.34 7.50 -5.34
N GLU A 59 12.52 8.20 -6.47
CA GLU A 59 13.51 9.22 -6.65
C GLU A 59 13.10 10.50 -5.92
N ASN A 60 11.87 10.95 -6.19
CA ASN A 60 11.33 12.22 -5.73
C ASN A 60 9.90 12.04 -5.21
N GLN A 61 9.73 11.01 -4.39
CA GLN A 61 8.46 10.59 -3.83
C GLN A 61 7.95 11.55 -2.75
N GLU A 62 8.70 12.58 -2.42
CA GLU A 62 8.48 13.48 -1.30
C GLU A 62 7.07 14.08 -1.37
N THR A 63 6.63 14.54 -2.54
CA THR A 63 5.26 15.01 -2.75
C THR A 63 4.24 13.94 -2.41
N ALA A 64 4.51 12.70 -2.81
CA ALA A 64 3.59 11.58 -2.74
C ALA A 64 3.38 11.22 -1.27
N GLY A 65 4.46 10.82 -0.60
CA GLY A 65 4.51 10.63 0.84
C GLY A 65 3.94 11.80 1.65
N LYS A 66 4.23 13.05 1.27
CA LYS A 66 3.67 14.23 1.94
C LYS A 66 2.14 14.25 1.80
N TYR A 67 1.62 13.98 0.61
CA TYR A 67 0.18 13.92 0.41
C TYR A 67 -0.42 12.65 1.05
N GLY A 68 0.42 11.69 1.48
CA GLY A 68 0.01 10.47 2.15
C GLY A 68 -0.67 9.55 1.15
N VAL A 69 0.01 9.20 0.05
CA VAL A 69 -0.61 8.50 -1.07
C VAL A 69 -0.19 7.04 -1.02
N MET A 70 1.12 6.83 -0.83
CA MET A 70 1.78 5.57 -0.54
C MET A 70 1.45 4.47 -1.55
N SER A 71 0.88 4.81 -2.70
CA SER A 71 0.30 3.86 -3.63
C SER A 71 0.66 4.23 -5.06
N ILE A 72 0.56 3.25 -5.97
CA ILE A 72 0.77 3.44 -7.39
C ILE A 72 -0.33 2.66 -8.13
N PRO A 73 -0.86 3.17 -9.26
CA PRO A 73 -0.64 4.51 -9.77
C PRO A 73 -1.52 5.47 -8.94
N THR A 74 -0.93 6.54 -8.43
CA THR A 74 -1.72 7.61 -7.83
C THR A 74 -1.88 8.69 -8.89
N LEU A 75 -3.03 9.36 -8.90
CA LEU A 75 -3.42 10.39 -9.83
C LEU A 75 -4.06 11.48 -9.00
N LEU A 76 -3.59 12.72 -9.12
CA LEU A 76 -4.15 13.89 -8.48
C LEU A 76 -4.44 14.86 -9.62
N VAL A 77 -5.70 15.11 -9.92
CA VAL A 77 -6.09 16.15 -10.87
C VAL A 77 -6.23 17.43 -10.05
N LEU A 78 -5.44 18.46 -10.39
CA LEU A 78 -5.42 19.75 -9.72
C LEU A 78 -5.97 20.81 -10.65
N LYS A 79 -6.57 21.85 -10.08
CA LYS A 79 -7.23 22.91 -10.80
C LYS A 79 -7.13 24.16 -9.96
N ASP A 80 -6.58 25.19 -10.58
CA ASP A 80 -6.39 26.55 -10.08
C ASP A 80 -5.92 26.66 -8.62
N GLY A 81 -5.20 25.64 -8.10
CA GLY A 81 -4.63 25.68 -6.77
C GLY A 81 -4.79 24.40 -5.95
N GLU A 82 -5.80 23.57 -6.24
CA GLU A 82 -6.19 22.46 -5.39
C GLU A 82 -6.56 21.20 -6.17
N VAL A 83 -6.51 20.04 -5.51
CA VAL A 83 -7.00 18.78 -6.06
C VAL A 83 -8.52 18.89 -6.19
N VAL A 84 -9.03 18.47 -7.35
CA VAL A 84 -10.45 18.42 -7.68
C VAL A 84 -10.88 17.01 -8.07
N GLU A 85 -9.96 16.13 -8.45
CA GLU A 85 -10.21 14.71 -8.64
C GLU A 85 -8.97 13.92 -8.23
N THR A 86 -9.17 12.65 -7.90
CA THR A 86 -8.17 11.79 -7.31
C THR A 86 -8.44 10.36 -7.77
N SER A 87 -7.39 9.54 -7.93
CA SER A 87 -7.51 8.11 -8.16
C SER A 87 -6.26 7.43 -7.63
N VAL A 88 -6.41 6.19 -7.18
CA VAL A 88 -5.35 5.39 -6.57
C VAL A 88 -5.46 3.99 -7.17
N GLY A 89 -5.36 3.96 -8.49
CA GLY A 89 -5.64 2.80 -9.35
C GLY A 89 -5.65 3.21 -10.82
N PHE A 90 -5.49 2.22 -11.71
CA PHE A 90 -5.38 2.42 -13.15
C PHE A 90 -6.69 2.96 -13.76
N LYS A 91 -6.57 3.61 -14.93
CA LYS A 91 -7.69 4.02 -15.78
C LYS A 91 -7.19 3.97 -17.23
N PRO A 92 -7.95 3.41 -18.20
CA PRO A 92 -7.57 3.43 -19.60
C PRO A 92 -7.65 4.86 -20.15
N LYS A 93 -7.13 5.08 -21.37
CA LYS A 93 -6.96 6.42 -21.95
C LYS A 93 -8.26 7.23 -21.91
N GLU A 94 -9.37 6.61 -22.32
CA GLU A 94 -10.64 7.31 -22.39
C GLU A 94 -11.15 7.66 -21.01
N ALA A 95 -11.05 6.75 -20.04
CA ALA A 95 -11.50 7.00 -18.69
C ALA A 95 -10.64 8.07 -18.04
N LEU A 96 -9.34 8.07 -18.33
CA LEU A 96 -8.42 9.05 -17.78
C LEU A 96 -8.75 10.43 -18.33
N GLN A 97 -8.94 10.54 -19.65
CA GLN A 97 -9.28 11.79 -20.28
C GLN A 97 -10.64 12.25 -19.79
N GLU A 98 -11.59 11.33 -19.58
CA GLU A 98 -12.90 11.67 -19.03
C GLU A 98 -12.79 12.25 -17.63
N LEU A 99 -12.00 11.61 -16.75
CA LEU A 99 -11.83 12.01 -15.37
C LEU A 99 -11.35 13.46 -15.28
N VAL A 100 -10.42 13.86 -16.14
CA VAL A 100 -9.91 15.22 -16.11
C VAL A 100 -10.83 16.16 -16.89
N ASN A 101 -11.34 15.75 -18.05
CA ASN A 101 -12.16 16.57 -18.94
C ASN A 101 -13.39 17.13 -18.23
N LYS A 102 -13.98 16.35 -17.32
CA LYS A 102 -15.19 16.75 -16.59
C LYS A 102 -14.95 17.91 -15.60
N HIS A 103 -13.70 18.32 -15.37
CA HIS A 103 -13.34 19.48 -14.54
C HIS A 103 -12.49 20.51 -15.30
N LEU A 104 -11.76 20.06 -16.31
CA LEU A 104 -10.98 20.86 -17.25
C LEU A 104 -11.91 21.84 -17.96
N MET B 1 7.85 6.12 22.97
CA MET B 1 7.83 6.21 24.45
C MET B 1 7.39 4.87 25.07
N GLU B 2 6.07 4.57 25.08
CA GLU B 2 5.50 3.32 25.63
C GLU B 2 4.50 2.71 24.64
N ASN B 3 4.71 2.99 23.35
CA ASN B 3 4.09 2.41 22.19
C ASN B 3 5.11 2.68 21.10
N LYS B 4 5.43 1.63 20.39
CA LYS B 4 6.26 1.53 19.21
C LYS B 4 5.33 0.99 18.16
N ILE B 5 5.04 1.77 17.12
CA ILE B 5 3.97 1.39 16.20
C ILE B 5 4.58 0.56 15.10
N ILE B 6 3.86 -0.47 14.68
CA ILE B 6 4.28 -1.41 13.65
C ILE B 6 3.04 -1.73 12.81
N TYR B 7 3.23 -1.85 11.50
CA TYR B 7 2.14 -1.94 10.54
C TYR B 7 2.45 -3.11 9.63
N PHE B 8 1.45 -3.91 9.27
CA PHE B 8 1.64 -5.06 8.37
C PHE B 8 0.85 -4.82 7.09
N LEU B 9 1.32 -5.42 6.00
CA LEU B 9 0.75 -5.27 4.67
C LEU B 9 0.61 -6.67 4.07
N SER B 10 -0.62 -7.08 3.76
CA SER B 10 -0.95 -8.27 2.99
C SER B 10 -2.25 -8.05 2.23
N THR B 11 -2.48 -8.81 1.14
CA THR B 11 -3.62 -8.65 0.25
C THR B 11 -4.92 -8.68 1.04
N GLY B 12 -5.73 -7.62 0.89
CA GLY B 12 -7.02 -7.47 1.56
C GLY B 12 -6.92 -7.62 3.09
N ASN B 13 -5.72 -7.47 3.64
CA ASN B 13 -5.37 -7.78 5.03
C ASN B 13 -5.96 -9.10 5.51
N SER B 14 -5.78 -10.10 4.66
CA SER B 14 -6.15 -11.46 4.89
C SER B 14 -5.18 -12.11 5.88
N ALA B 15 -5.15 -13.44 5.80
CA ALA B 15 -4.53 -14.38 6.71
C ALA B 15 -3.24 -13.94 7.41
N ARG B 16 -2.16 -13.68 6.67
CA ARG B 16 -0.85 -13.48 7.31
C ARG B 16 -0.89 -12.32 8.30
N SER B 17 -1.47 -11.17 7.93
CA SER B 17 -1.53 -10.02 8.82
C SER B 17 -2.31 -10.34 10.09
N GLN B 18 -3.51 -10.92 9.96
CA GLN B 18 -4.38 -11.24 11.08
C GLN B 18 -3.66 -12.15 12.07
N MET B 19 -3.06 -13.20 11.52
CA MET B 19 -2.40 -14.24 12.29
C MET B 19 -1.18 -13.64 12.97
N ALA B 20 -0.42 -12.82 12.25
CA ALA B 20 0.78 -12.20 12.76
C ALA B 20 0.46 -11.22 13.87
N GLU B 21 -0.64 -10.47 13.80
CA GLU B 21 -0.91 -9.47 14.81
C GLU B 21 -1.40 -10.10 16.11
N GLY B 22 -2.07 -11.27 16.05
CA GLY B 22 -2.38 -12.04 17.24
C GLY B 22 -1.10 -12.69 17.80
N TRP B 23 -0.26 -13.27 16.93
CA TRP B 23 1.05 -13.79 17.33
C TRP B 23 1.90 -12.71 17.99
N ALA B 24 1.86 -11.48 17.46
CA ALA B 24 2.69 -10.40 17.94
C ALA B 24 2.31 -10.09 19.37
N LYS B 25 1.02 -9.90 19.67
CA LYS B 25 0.63 -9.37 20.98
C LYS B 25 1.02 -10.29 22.14
N GLN B 26 1.23 -11.59 21.90
CA GLN B 26 1.68 -12.46 22.99
C GLN B 26 3.12 -12.17 23.46
N TYR B 27 3.95 -11.44 22.69
CA TYR B 27 5.36 -11.17 23.03
C TYR B 27 5.78 -9.71 22.76
N LEU B 28 5.31 -9.14 21.65
CA LEU B 28 5.37 -7.74 21.26
C LEU B 28 4.28 -7.04 22.08
N GLY B 29 4.62 -6.85 23.36
CA GLY B 29 3.74 -6.42 24.44
C GLY B 29 3.20 -5.01 24.30
N ASP B 30 2.63 -4.48 25.40
CA ASP B 30 2.03 -3.14 25.48
C ASP B 30 3.00 -2.02 25.11
N GLU B 31 4.31 -2.30 25.19
CA GLU B 31 5.40 -1.47 24.69
C GLU B 31 5.26 -1.13 23.19
N TRP B 32 4.47 -1.90 22.44
CA TRP B 32 4.27 -1.79 21.00
C TRP B 32 2.81 -1.49 20.71
N LYS B 33 2.48 -1.24 19.43
CA LYS B 33 1.11 -1.16 18.97
C LYS B 33 1.09 -1.61 17.53
N VAL B 34 0.42 -2.73 17.28
CA VAL B 34 0.35 -3.33 15.96
C VAL B 34 -0.97 -2.96 15.31
N TYR B 35 -0.96 -2.85 13.99
CA TYR B 35 -2.13 -2.74 13.14
C TYR B 35 -1.76 -3.37 11.80
N SER B 36 -2.73 -3.62 10.92
CA SER B 36 -2.47 -4.25 9.65
C SER B 36 -3.51 -3.82 8.62
N ALA B 37 -3.09 -3.72 7.36
CA ALA B 37 -3.86 -3.14 6.27
C ALA B 37 -3.50 -3.80 4.93
N GLY B 38 -4.17 -3.36 3.86
CA GLY B 38 -3.92 -3.82 2.51
C GLY B 38 -4.76 -3.06 1.49
N ILE B 39 -4.69 -3.46 0.22
CA ILE B 39 -5.28 -2.76 -0.93
C ILE B 39 -6.75 -2.35 -0.72
N GLU B 40 -7.63 -3.32 -0.45
CA GLU B 40 -9.08 -3.14 -0.31
C GLU B 40 -9.53 -3.81 1.00
N ALA B 41 -8.61 -3.79 1.97
CA ALA B 41 -8.65 -4.52 3.21
C ALA B 41 -9.73 -4.07 4.19
N HIS B 42 -10.16 -5.05 5.00
CA HIS B 42 -11.02 -5.02 6.18
C HIS B 42 -11.51 -6.46 6.44
N GLY B 43 -10.58 -7.41 6.41
CA GLY B 43 -10.89 -8.84 6.41
C GLY B 43 -10.70 -9.45 7.79
N LEU B 44 -11.01 -10.75 7.88
CA LEU B 44 -10.73 -11.65 9.01
C LEU B 44 -10.84 -13.06 8.45
N ASN B 45 -9.77 -13.55 7.84
CA ASN B 45 -9.76 -14.84 7.16
C ASN B 45 -9.97 -15.96 8.20
N PRO B 46 -10.95 -16.87 8.02
CA PRO B 46 -11.20 -17.93 8.99
C PRO B 46 -10.01 -18.89 9.14
N ASN B 47 -9.14 -19.03 8.13
CA ASN B 47 -7.87 -19.74 8.31
C ASN B 47 -7.10 -19.06 9.43
N ALA B 48 -6.90 -17.73 9.39
CA ALA B 48 -6.09 -17.08 10.41
C ALA B 48 -6.65 -17.32 11.81
N VAL B 49 -7.98 -17.35 11.93
CA VAL B 49 -8.65 -17.67 13.19
C VAL B 49 -8.20 -19.08 13.64
N LYS B 50 -8.34 -20.09 12.78
CA LYS B 50 -7.92 -21.46 13.09
C LYS B 50 -6.43 -21.50 13.45
N ALA B 51 -5.59 -20.87 12.63
CA ALA B 51 -4.15 -20.81 12.78
C ALA B 51 -3.72 -20.24 14.14
N MET B 52 -4.54 -19.36 14.74
CA MET B 52 -4.29 -18.80 16.05
C MET B 52 -4.81 -19.74 17.13
N LYS B 53 -6.01 -20.32 16.96
CA LYS B 53 -6.56 -21.27 17.92
C LYS B 53 -5.66 -22.49 18.05
N GLU B 54 -4.94 -22.86 16.98
CA GLU B 54 -3.97 -23.96 16.97
C GLU B 54 -2.86 -23.77 18.02
N VAL B 55 -2.55 -22.52 18.37
CA VAL B 55 -1.57 -22.16 19.38
C VAL B 55 -2.23 -21.43 20.57
N GLY B 56 -3.56 -21.51 20.69
CA GLY B 56 -4.31 -21.00 21.81
C GLY B 56 -4.34 -19.47 21.86
N ILE B 57 -4.34 -18.78 20.71
CA ILE B 57 -4.58 -17.34 20.66
C ILE B 57 -5.95 -17.18 19.99
N ASP B 58 -6.68 -16.12 20.35
CA ASP B 58 -8.00 -15.82 19.81
C ASP B 58 -7.95 -14.49 19.08
N ILE B 59 -8.55 -14.46 17.88
CA ILE B 59 -8.68 -13.27 17.06
C ILE B 59 -10.09 -13.14 16.47
N SER B 60 -11.08 -13.86 17.02
CA SER B 60 -12.42 -13.99 16.43
C SER B 60 -13.25 -12.68 16.40
N ASN B 61 -12.60 -11.54 16.64
CA ASN B 61 -13.15 -10.20 16.70
C ASN B 61 -12.24 -9.17 15.99
N GLN B 62 -11.05 -9.58 15.50
CA GLN B 62 -10.12 -8.68 14.83
C GLN B 62 -10.77 -8.01 13.61
N THR B 63 -10.32 -6.79 13.37
CA THR B 63 -10.73 -5.93 12.26
C THR B 63 -9.47 -5.45 11.52
N SER B 64 -9.66 -4.84 10.35
CA SER B 64 -8.61 -4.18 9.59
C SER B 64 -9.25 -3.10 8.70
N ASP B 65 -8.46 -2.46 7.84
CA ASP B 65 -8.86 -1.34 7.00
C ASP B 65 -7.87 -1.25 5.84
N ILE B 66 -8.17 -0.45 4.82
CA ILE B 66 -7.25 -0.16 3.73
C ILE B 66 -5.96 0.49 4.24
N ILE B 67 -4.92 0.52 3.40
CA ILE B 67 -3.67 1.21 3.70
C ILE B 67 -4.05 2.63 4.18
N ASP B 68 -3.53 3.03 5.34
CA ASP B 68 -3.89 4.29 5.99
C ASP B 68 -2.63 4.97 6.50
N SER B 69 -2.19 5.92 5.69
CA SER B 69 -1.09 6.83 5.92
C SER B 69 -1.04 7.42 7.33
N ASP B 70 -2.18 7.62 8.00
CA ASP B 70 -2.24 8.22 9.34
C ASP B 70 -1.55 7.35 10.38
N ILE B 71 -1.32 6.07 10.07
CA ILE B 71 -0.70 5.11 10.97
C ILE B 71 0.49 4.46 10.25
N LEU B 72 0.41 4.16 8.95
CA LEU B 72 1.52 3.56 8.23
C LEU B 72 2.71 4.52 8.26
N ASN B 73 2.54 5.77 7.78
CA ASN B 73 3.62 6.76 7.79
C ASN B 73 4.07 7.09 9.22
N ASN B 74 3.19 6.85 10.19
CA ASN B 74 3.38 7.10 11.61
C ASN B 74 4.18 5.99 12.30
N ALA B 75 4.16 4.77 11.76
CA ALA B 75 4.81 3.59 12.30
C ALA B 75 6.33 3.73 12.33
N ASP B 76 6.97 2.75 12.98
CA ASP B 76 8.43 2.56 12.93
C ASP B 76 8.82 1.63 11.78
N LEU B 77 8.01 0.60 11.50
CA LEU B 77 8.29 -0.47 10.57
C LEU B 77 7.02 -0.88 9.85
N VAL B 78 7.10 -1.03 8.53
CA VAL B 78 6.07 -1.63 7.69
C VAL B 78 6.56 -3.00 7.30
N VAL B 79 5.87 -4.03 7.76
CA VAL B 79 6.20 -5.40 7.44
C VAL B 79 5.33 -5.80 6.26
N THR B 80 5.92 -5.94 5.07
CA THR B 80 5.23 -6.57 3.96
C THR B 80 5.28 -8.06 4.31
N LEU B 81 4.26 -8.46 5.06
CA LEU B 81 4.15 -9.75 5.72
C LEU B 81 3.35 -10.66 4.80
N SER B 82 3.73 -10.69 3.52
CA SER B 82 3.00 -11.32 2.46
C SER B 82 3.96 -11.85 1.40
N GLY B 83 3.43 -12.63 0.47
CA GLY B 83 4.14 -13.21 -0.67
C GLY B 83 3.17 -13.36 -1.82
N ASP B 84 2.35 -12.31 -2.04
CA ASP B 84 1.21 -12.31 -2.93
C ASP B 84 1.12 -10.91 -3.54
N ALA B 85 1.25 -10.80 -4.86
CA ALA B 85 1.42 -9.53 -5.56
C ALA B 85 0.13 -8.68 -5.62
N ALA B 86 -1.02 -9.20 -5.19
CA ALA B 86 -2.30 -8.52 -5.32
C ALA B 86 -2.46 -7.35 -4.35
N ASP B 87 -1.60 -7.20 -3.33
CA ASP B 87 -1.70 -6.17 -2.29
C ASP B 87 -1.25 -4.77 -2.76
N LYS B 88 -1.78 -4.31 -3.89
CA LYS B 88 -1.30 -3.10 -4.59
C LYS B 88 0.22 -3.23 -4.80
N CYS B 89 0.94 -2.11 -4.78
CA CYS B 89 2.39 -2.00 -4.87
C CYS B 89 2.78 -0.76 -4.06
N PRO B 90 2.40 -0.65 -2.77
CA PRO B 90 2.53 0.60 -2.04
C PRO B 90 4.00 1.03 -1.93
N MET B 91 4.29 2.31 -2.18
CA MET B 91 5.64 2.84 -2.09
C MET B 91 6.11 3.25 -0.68
N THR B 92 5.32 3.01 0.37
CA THR B 92 5.72 3.13 1.79
C THR B 92 6.63 4.35 2.06
N PRO B 93 6.05 5.55 2.28
CA PRO B 93 6.80 6.79 2.32
C PRO B 93 7.98 6.69 3.31
N PRO B 94 9.17 7.24 2.97
CA PRO B 94 10.44 7.03 3.69
C PRO B 94 10.52 7.54 5.14
N HIS B 95 9.40 7.97 5.74
CA HIS B 95 9.32 8.26 7.16
C HIS B 95 9.41 6.97 8.01
N VAL B 96 9.45 5.78 7.39
CA VAL B 96 9.31 4.49 8.05
C VAL B 96 10.34 3.49 7.51
N LYS B 97 10.77 2.55 8.36
CA LYS B 97 11.57 1.40 7.92
C LYS B 97 10.60 0.42 7.23
N ARG B 98 11.08 -0.44 6.34
CA ARG B 98 10.25 -1.49 5.75
C ARG B 98 11.10 -2.74 5.59
N GLU B 99 10.47 -3.90 5.73
CA GLU B 99 11.05 -5.20 5.41
C GLU B 99 9.95 -6.01 4.73
N HIS B 100 10.31 -6.93 3.85
CA HIS B 100 9.42 -7.78 3.09
C HIS B 100 9.96 -9.21 3.19
N TRP B 101 9.21 -10.11 3.81
CA TRP B 101 9.72 -11.45 4.12
C TRP B 101 8.64 -12.54 4.21
N GLY B 102 7.35 -12.22 3.98
CA GLY B 102 6.29 -13.21 4.09
C GLY B 102 6.49 -14.36 3.10
N PHE B 103 6.66 -14.03 1.81
CA PHE B 103 7.07 -14.91 0.70
C PHE B 103 6.19 -16.14 0.42
N ASP B 104 5.27 -16.52 1.30
CA ASP B 104 4.53 -17.77 1.27
C ASP B 104 3.18 -17.56 1.96
N ASP B 105 2.21 -17.00 1.23
CA ASP B 105 0.90 -16.65 1.79
C ASP B 105 0.02 -17.92 1.96
N PRO B 106 -0.58 -18.16 3.14
CA PRO B 106 -1.32 -19.39 3.42
C PRO B 106 -2.70 -19.44 2.75
N ALA B 107 -3.33 -18.29 2.47
CA ALA B 107 -4.58 -18.21 1.73
C ALA B 107 -4.39 -18.52 0.23
N ARG B 108 -3.23 -19.05 -0.14
CA ARG B 108 -2.85 -19.51 -1.48
C ARG B 108 -2.41 -20.97 -1.45
N ALA B 109 -2.73 -21.69 -0.37
CA ALA B 109 -2.54 -23.11 -0.31
C ALA B 109 -3.10 -23.76 -1.56
N GLN B 110 -2.54 -24.92 -1.91
CA GLN B 110 -3.18 -25.71 -2.93
C GLN B 110 -4.47 -26.15 -2.25
N GLY B 111 -5.56 -26.17 -3.00
CA GLY B 111 -6.86 -26.34 -2.42
C GLY B 111 -7.24 -27.79 -2.18
N THR B 112 -6.43 -28.52 -1.41
CA THR B 112 -6.75 -29.84 -0.89
C THR B 112 -6.53 -29.77 0.61
N GLU B 113 -7.29 -30.56 1.36
CA GLU B 113 -7.36 -30.52 2.82
C GLU B 113 -5.97 -30.55 3.44
N GLU B 114 -5.10 -31.37 2.87
CA GLU B 114 -3.77 -31.60 3.37
C GLU B 114 -2.92 -30.39 3.06
N GLU B 115 -3.04 -29.80 1.87
CA GLU B 115 -2.16 -28.71 1.49
C GLU B 115 -2.64 -27.41 2.16
N LYS B 116 -3.94 -27.26 2.39
CA LYS B 116 -4.48 -26.18 3.20
C LYS B 116 -3.86 -26.22 4.57
N TRP B 117 -4.04 -27.34 5.30
CA TRP B 117 -3.53 -27.39 6.65
C TRP B 117 -2.00 -27.28 6.63
N ALA B 118 -1.33 -27.91 5.68
CA ALA B 118 0.12 -27.85 5.52
C ALA B 118 0.62 -26.42 5.36
N PHE B 119 -0.02 -25.60 4.53
CA PHE B 119 0.35 -24.20 4.37
C PHE B 119 0.12 -23.48 5.69
N PHE B 120 -1.05 -23.66 6.33
CA PHE B 120 -1.38 -22.93 7.55
C PHE B 120 -0.38 -23.29 8.66
N GLN B 121 -0.03 -24.57 8.76
CA GLN B 121 0.88 -25.09 9.76
C GLN B 121 2.27 -24.48 9.56
N ARG B 122 2.79 -24.56 8.33
CA ARG B 122 4.11 -24.05 8.02
C ARG B 122 4.16 -22.55 8.33
N VAL B 123 3.15 -21.80 7.90
CA VAL B 123 3.12 -20.36 8.06
C VAL B 123 2.99 -19.96 9.53
N ARG B 124 2.12 -20.58 10.34
CA ARG B 124 1.97 -20.09 11.73
C ARG B 124 3.25 -20.28 12.52
N ASP B 125 3.98 -21.37 12.27
CA ASP B 125 5.24 -21.62 12.95
C ASP B 125 6.26 -20.54 12.60
N GLU B 126 6.36 -20.21 11.31
CA GLU B 126 7.26 -19.18 10.82
C GLU B 126 6.88 -17.80 11.38
N ILE B 127 5.61 -17.39 11.24
CA ILE B 127 5.13 -16.09 11.68
C ILE B 127 5.37 -15.92 13.17
N GLY B 128 5.02 -16.93 13.99
CA GLY B 128 5.21 -16.84 15.42
C GLY B 128 6.68 -16.67 15.77
N ASN B 129 7.58 -17.43 15.13
CA ASN B 129 9.00 -17.31 15.36
C ASN B 129 9.52 -15.91 14.98
N ARG B 130 9.09 -15.37 13.85
CA ARG B 130 9.55 -14.04 13.44
C ARG B 130 9.04 -12.98 14.41
N LEU B 131 7.76 -13.02 14.80
CA LEU B 131 7.23 -11.99 15.68
C LEU B 131 7.82 -12.13 17.09
N LYS B 132 8.14 -13.35 17.55
CA LYS B 132 8.86 -13.54 18.80
C LYS B 132 10.27 -12.97 18.67
N GLU B 133 10.96 -13.15 17.53
CA GLU B 133 12.24 -12.47 17.31
C GLU B 133 12.07 -10.97 17.37
N PHE B 134 11.00 -10.36 16.86
CA PHE B 134 10.91 -8.89 16.85
C PHE B 134 10.98 -8.35 18.26
N ALA B 135 10.35 -9.09 19.16
CA ALA B 135 10.36 -8.80 20.58
C ALA B 135 11.78 -8.85 21.18
N GLU B 136 12.63 -9.76 20.72
CA GLU B 136 14.00 -9.93 21.18
C GLU B 136 14.95 -8.91 20.52
N THR B 137 14.84 -8.82 19.19
CA THR B 137 15.73 -8.12 18.29
C THR B 137 15.45 -6.61 18.24
N GLY B 138 14.21 -6.20 18.56
CA GLY B 138 13.74 -4.84 18.31
C GLY B 138 13.78 -4.53 16.81
N LYS B 139 13.73 -5.60 16.00
CA LYS B 139 13.94 -5.64 14.57
C LYS B 139 14.99 -4.62 14.10
N MET A 1 -0.02 20.29 -22.23
CA MET A 1 1.19 21.09 -22.44
C MET A 1 2.39 20.15 -22.67
N ALA A 2 2.85 19.46 -21.61
CA ALA A 2 3.85 18.40 -21.67
C ALA A 2 3.66 17.52 -20.44
N ILE A 3 4.34 16.39 -20.42
CA ILE A 3 4.46 15.55 -19.24
C ILE A 3 5.66 16.16 -18.48
N VAL A 4 5.34 17.02 -17.51
CA VAL A 4 6.30 17.66 -16.63
C VAL A 4 6.78 16.62 -15.60
N LYS A 5 7.86 16.92 -14.88
CA LYS A 5 8.44 16.08 -13.86
C LYS A 5 8.56 16.89 -12.57
N ALA A 6 7.84 16.45 -11.54
CA ALA A 6 7.77 17.10 -10.24
C ALA A 6 8.95 16.68 -9.34
N THR A 7 9.03 17.33 -8.18
CA THR A 7 9.87 17.02 -7.05
C THR A 7 9.16 17.63 -5.82
N ASP A 8 9.73 17.47 -4.61
CA ASP A 8 9.10 17.77 -3.31
C ASP A 8 8.44 19.15 -3.20
N GLN A 9 8.93 20.15 -3.94
CA GLN A 9 8.44 21.53 -3.87
C GLN A 9 7.99 22.05 -5.23
N SER A 10 8.56 21.53 -6.33
CA SER A 10 8.02 21.81 -7.66
C SER A 10 6.58 21.31 -7.72
N PHE A 11 6.24 20.16 -7.14
CA PHE A 11 4.84 19.82 -6.97
C PHE A 11 4.36 20.79 -5.90
N SER A 12 3.35 21.55 -6.30
CA SER A 12 2.71 22.71 -5.70
C SER A 12 2.89 23.84 -6.71
N ALA A 13 4.15 24.20 -6.99
CA ALA A 13 4.45 25.32 -7.87
C ALA A 13 3.93 25.03 -9.29
N GLU A 14 4.09 23.77 -9.72
CA GLU A 14 3.68 23.28 -11.02
C GLU A 14 2.18 22.96 -11.08
N THR A 15 1.47 22.90 -9.94
CA THR A 15 0.12 22.37 -9.85
C THR A 15 -0.95 23.36 -9.35
N SER A 16 -0.56 24.53 -8.83
CA SER A 16 -1.49 25.45 -8.18
C SER A 16 -2.30 26.30 -9.17
N GLU A 17 -2.10 26.15 -10.48
CA GLU A 17 -2.76 26.94 -11.50
C GLU A 17 -3.21 26.04 -12.66
N GLY A 18 -4.29 26.43 -13.34
CA GLY A 18 -4.93 25.64 -14.37
C GLY A 18 -5.53 24.37 -13.78
N VAL A 19 -5.61 23.33 -14.61
CA VAL A 19 -5.94 21.97 -14.20
C VAL A 19 -4.72 21.14 -14.54
N VAL A 20 -4.28 20.33 -13.57
CA VAL A 20 -3.02 19.64 -13.63
C VAL A 20 -3.24 18.22 -13.14
N LEU A 21 -3.05 17.29 -14.07
CA LEU A 21 -3.07 15.85 -13.85
C LEU A 21 -1.71 15.45 -13.31
N ALA A 22 -1.55 15.31 -11.99
CA ALA A 22 -0.33 14.74 -11.44
C ALA A 22 -0.49 13.22 -11.39
N ASP A 23 0.60 12.50 -11.61
CA ASP A 23 0.66 11.05 -11.70
C ASP A 23 1.90 10.55 -10.97
N PHE A 24 1.79 9.36 -10.39
CA PHE A 24 2.79 8.78 -9.52
C PHE A 24 3.05 7.39 -10.07
N TRP A 25 4.24 7.19 -10.62
CA TRP A 25 4.64 5.98 -11.33
C TRP A 25 5.90 5.45 -10.63
N ALA A 26 6.10 4.14 -10.63
CA ALA A 26 7.26 3.55 -9.97
C ALA A 26 7.57 2.15 -10.51
N PRO A 27 8.81 1.66 -10.42
CA PRO A 27 9.18 0.33 -10.86
C PRO A 27 8.36 -0.83 -10.27
N TRP A 28 7.68 -0.62 -9.13
CA TRP A 28 6.91 -1.62 -8.38
C TRP A 28 5.91 -2.44 -9.19
N CYS A 29 5.34 -1.92 -10.29
CA CYS A 29 4.35 -2.69 -11.06
C CYS A 29 4.24 -2.25 -12.51
N GLY A 30 3.51 -3.05 -13.31
CA GLY A 30 3.30 -2.86 -14.73
C GLY A 30 2.57 -1.56 -15.09
N PRO A 31 1.47 -1.16 -14.41
CA PRO A 31 0.76 0.08 -14.73
C PRO A 31 1.62 1.32 -14.80
N SER A 32 2.72 1.43 -14.06
CA SER A 32 3.65 2.53 -14.18
C SER A 32 4.25 2.70 -15.58
N LYS A 33 4.23 1.63 -16.39
CA LYS A 33 4.71 1.63 -17.77
C LYS A 33 3.55 1.52 -18.77
N MET A 34 2.29 1.69 -18.32
CA MET A 34 1.10 1.70 -19.18
C MET A 34 0.36 3.02 -19.00
N ILE A 35 0.21 3.50 -17.75
CA ILE A 35 -0.28 4.83 -17.45
C ILE A 35 0.66 5.88 -18.05
N ALA A 36 1.98 5.60 -18.06
CA ALA A 36 2.99 6.48 -18.62
C ALA A 36 2.73 6.78 -20.11
N PRO A 37 2.68 5.79 -21.01
CA PRO A 37 2.33 6.02 -22.41
C PRO A 37 0.94 6.61 -22.54
N VAL A 38 -0.03 6.18 -21.73
CA VAL A 38 -1.38 6.71 -21.76
C VAL A 38 -1.35 8.22 -21.53
N LEU A 39 -0.54 8.73 -20.60
CA LEU A 39 -0.46 10.15 -20.35
C LEU A 39 0.13 10.89 -21.54
N GLU A 40 1.16 10.35 -22.20
CA GLU A 40 1.72 10.99 -23.37
C GLU A 40 0.69 10.98 -24.52
N GLU A 41 -0.12 9.93 -24.64
CA GLU A 41 -1.21 9.83 -25.60
C GLU A 41 -2.38 10.74 -25.24
N LEU A 42 -2.52 11.11 -23.97
CA LEU A 42 -3.55 11.99 -23.46
C LEU A 42 -3.14 13.43 -23.73
N ASP A 43 -1.88 13.78 -23.45
CA ASP A 43 -1.38 15.14 -23.61
C ASP A 43 -1.37 15.54 -25.07
N GLN A 44 -1.02 14.62 -25.96
CA GLN A 44 -1.01 14.90 -27.38
C GLN A 44 -2.42 15.02 -27.96
N GLU A 45 -3.49 14.75 -27.17
CA GLU A 45 -4.86 14.90 -27.57
C GLU A 45 -5.49 16.13 -26.95
N MET A 46 -5.34 16.33 -25.64
CA MET A 46 -6.06 17.36 -24.89
C MET A 46 -5.12 18.19 -24.02
N GLY A 47 -3.82 18.11 -24.26
CA GLY A 47 -2.84 19.00 -23.64
C GLY A 47 -3.00 20.45 -24.05
N ASP A 48 -3.90 20.72 -24.98
CA ASP A 48 -4.36 22.05 -25.36
C ASP A 48 -5.05 22.74 -24.18
N LYS A 49 -5.59 21.93 -23.26
CA LYS A 49 -6.37 22.39 -22.12
C LYS A 49 -5.73 22.01 -20.79
N LEU A 50 -4.94 20.94 -20.79
CA LEU A 50 -4.46 20.27 -19.60
C LEU A 50 -2.93 20.29 -19.49
N LYS A 51 -2.43 20.22 -18.27
CA LYS A 51 -1.01 20.01 -17.95
C LYS A 51 -0.89 18.68 -17.22
N ILE A 52 0.22 17.97 -17.40
CA ILE A 52 0.45 16.69 -16.75
C ILE A 52 1.78 16.86 -15.99
N VAL A 53 1.91 16.23 -14.82
CA VAL A 53 3.17 16.18 -14.08
C VAL A 53 3.33 14.75 -13.58
N LYS A 54 4.55 14.20 -13.55
CA LYS A 54 4.83 12.88 -12.99
C LYS A 54 5.77 12.99 -11.80
N ILE A 55 5.69 12.06 -10.87
CA ILE A 55 6.58 11.88 -9.73
C ILE A 55 7.24 10.53 -9.98
N ASP A 56 8.56 10.55 -10.20
CA ASP A 56 9.41 9.36 -10.26
C ASP A 56 9.73 8.94 -8.83
N VAL A 57 8.74 8.31 -8.22
CA VAL A 57 8.66 7.85 -6.85
C VAL A 57 10.00 7.43 -6.23
N ASP A 58 10.74 6.47 -6.76
CA ASP A 58 11.91 5.94 -6.05
C ASP A 58 12.98 7.00 -5.78
N GLU A 59 12.99 8.07 -6.59
CA GLU A 59 13.85 9.22 -6.45
C GLU A 59 13.13 10.42 -5.81
N ASN A 60 11.82 10.58 -6.04
CA ASN A 60 11.07 11.79 -5.69
C ASN A 60 9.71 11.59 -5.04
N GLN A 61 9.53 10.45 -4.38
CA GLN A 61 8.30 10.09 -3.68
C GLN A 61 8.07 10.92 -2.41
N GLU A 62 8.97 11.85 -2.10
CA GLU A 62 8.82 12.81 -1.00
C GLU A 62 7.46 13.50 -1.10
N THR A 63 7.07 13.98 -2.30
CA THR A 63 5.73 14.51 -2.55
C THR A 63 4.64 13.50 -2.20
N ALA A 64 4.86 12.25 -2.60
CA ALA A 64 3.86 11.20 -2.57
C ALA A 64 3.57 10.82 -1.12
N GLY A 65 4.58 10.35 -0.40
CA GLY A 65 4.55 10.14 1.04
C GLY A 65 4.00 11.33 1.83
N LYS A 66 4.41 12.57 1.47
CA LYS A 66 3.94 13.77 2.16
C LYS A 66 2.44 13.96 1.96
N TYR A 67 1.91 13.73 0.75
CA TYR A 67 0.48 13.84 0.51
C TYR A 67 -0.26 12.69 1.21
N GLY A 68 0.36 11.51 1.23
CA GLY A 68 -0.27 10.27 1.66
C GLY A 68 -0.75 9.56 0.40
N VAL A 69 0.20 9.07 -0.42
CA VAL A 69 -0.12 8.36 -1.66
C VAL A 69 0.13 6.89 -1.36
N MET A 70 1.39 6.59 -1.01
CA MET A 70 1.94 5.29 -0.63
C MET A 70 1.64 4.14 -1.59
N SER A 71 1.03 4.42 -2.74
CA SER A 71 0.51 3.44 -3.69
C SER A 71 0.73 3.87 -5.13
N ILE A 72 0.57 2.91 -6.07
CA ILE A 72 0.85 3.08 -7.48
C ILE A 72 -0.22 2.29 -8.26
N PRO A 73 -0.68 2.74 -9.44
CA PRO A 73 -0.42 4.05 -10.01
C PRO A 73 -1.42 5.02 -9.35
N THR A 74 -0.95 6.17 -8.91
CA THR A 74 -1.83 7.16 -8.27
C THR A 74 -1.92 8.40 -9.14
N LEU A 75 -3.12 8.99 -9.19
CA LEU A 75 -3.37 10.27 -9.83
C LEU A 75 -3.89 11.23 -8.76
N LEU A 76 -3.39 12.46 -8.79
CA LEU A 76 -3.88 13.57 -8.01
C LEU A 76 -4.20 14.64 -9.06
N VAL A 77 -5.48 14.87 -9.35
CA VAL A 77 -5.90 15.93 -10.27
C VAL A 77 -6.07 17.18 -9.41
N LEU A 78 -5.21 18.18 -9.62
CA LEU A 78 -5.31 19.47 -8.96
C LEU A 78 -5.93 20.47 -9.93
N LYS A 79 -6.61 21.48 -9.38
CA LYS A 79 -7.28 22.52 -10.14
C LYS A 79 -7.25 23.77 -9.30
N ASP A 80 -6.74 24.83 -9.91
CA ASP A 80 -6.62 26.20 -9.41
C ASP A 80 -6.11 26.33 -7.95
N GLY A 81 -5.41 25.31 -7.43
CA GLY A 81 -4.79 25.36 -6.10
C GLY A 81 -4.94 24.09 -5.27
N GLU A 82 -5.93 23.25 -5.55
CA GLU A 82 -6.31 22.13 -4.69
C GLU A 82 -6.64 20.87 -5.48
N VAL A 83 -6.58 19.71 -4.81
CA VAL A 83 -7.03 18.44 -5.39
C VAL A 83 -8.55 18.50 -5.56
N VAL A 84 -9.01 18.07 -6.73
CA VAL A 84 -10.41 17.99 -7.11
C VAL A 84 -10.78 16.56 -7.55
N GLU A 85 -9.81 15.73 -7.90
CA GLU A 85 -9.97 14.31 -8.14
C GLU A 85 -8.75 13.55 -7.67
N THR A 86 -8.96 12.29 -7.34
CA THR A 86 -7.96 11.40 -6.79
C THR A 86 -8.33 9.99 -7.21
N SER A 87 -7.38 9.20 -7.71
CA SER A 87 -7.62 7.79 -7.98
C SER A 87 -6.33 6.99 -7.82
N VAL A 88 -6.47 5.69 -7.59
CA VAL A 88 -5.38 4.81 -7.21
C VAL A 88 -5.55 3.47 -7.93
N GLY A 89 -5.31 3.46 -9.23
CA GLY A 89 -5.48 2.29 -10.08
C GLY A 89 -5.36 2.64 -11.55
N PHE A 90 -5.04 1.64 -12.37
CA PHE A 90 -4.87 1.82 -13.82
C PHE A 90 -6.18 2.32 -14.46
N LYS A 91 -6.05 3.11 -15.52
CA LYS A 91 -7.15 3.59 -16.35
C LYS A 91 -6.65 3.59 -17.80
N PRO A 92 -7.40 3.03 -18.75
CA PRO A 92 -7.09 3.18 -20.17
C PRO A 92 -7.26 4.65 -20.58
N LYS A 93 -6.77 5.00 -21.77
CA LYS A 93 -6.76 6.36 -22.33
C LYS A 93 -8.10 7.07 -22.15
N GLU A 94 -9.21 6.39 -22.46
CA GLU A 94 -10.53 7.03 -22.41
C GLU A 94 -10.96 7.27 -20.96
N ALA A 95 -10.75 6.32 -20.06
CA ALA A 95 -11.06 6.50 -18.65
C ALA A 95 -10.18 7.59 -18.04
N LEU A 96 -8.94 7.69 -18.50
CA LEU A 96 -8.01 8.72 -18.06
C LEU A 96 -8.57 10.09 -18.42
N GLN A 97 -8.90 10.28 -19.70
CA GLN A 97 -9.40 11.55 -20.20
C GLN A 97 -10.74 11.87 -19.54
N GLU A 98 -11.60 10.87 -19.31
CA GLU A 98 -12.86 11.08 -18.63
C GLU A 98 -12.63 11.58 -17.19
N LEU A 99 -11.73 10.94 -16.45
CA LEU A 99 -11.49 11.21 -15.05
C LEU A 99 -11.12 12.67 -14.84
N VAL A 100 -10.25 13.21 -15.71
CA VAL A 100 -9.81 14.59 -15.61
C VAL A 100 -10.80 15.53 -16.30
N ASN A 101 -11.46 15.11 -17.38
CA ASN A 101 -12.37 15.96 -18.17
C ASN A 101 -13.55 16.46 -17.33
N LYS A 102 -13.93 15.71 -16.31
CA LYS A 102 -14.96 16.08 -15.34
C LYS A 102 -14.65 17.42 -14.65
N HIS A 103 -13.39 17.85 -14.60
CA HIS A 103 -12.95 19.05 -13.86
C HIS A 103 -12.10 19.99 -14.71
N LEU A 104 -11.49 19.46 -15.77
CA LEU A 104 -10.77 20.17 -16.81
C LEU A 104 -11.75 21.04 -17.60
N MET B 1 11.01 4.19 24.17
CA MET B 1 9.80 5.04 24.02
C MET B 1 8.56 4.17 24.09
N GLU B 2 7.60 4.50 24.95
CA GLU B 2 6.31 3.82 25.01
C GLU B 2 5.48 4.23 23.79
N ASN B 3 4.84 3.24 23.17
CA ASN B 3 4.13 3.27 21.90
C ASN B 3 5.08 3.48 20.74
N LYS B 4 5.02 2.49 19.86
CA LYS B 4 5.86 2.24 18.71
C LYS B 4 4.93 1.55 17.73
N ILE B 5 4.98 1.90 16.45
CA ILE B 5 4.00 1.45 15.48
C ILE B 5 4.67 0.61 14.42
N ILE B 6 3.99 -0.47 14.04
CA ILE B 6 4.38 -1.41 13.01
C ILE B 6 3.10 -1.71 12.21
N TYR B 7 3.24 -1.87 10.90
CA TYR B 7 2.10 -1.95 9.99
C TYR B 7 2.37 -3.05 8.98
N PHE B 8 1.33 -3.79 8.59
CA PHE B 8 1.45 -4.93 7.69
C PHE B 8 0.69 -4.62 6.41
N LEU B 9 1.21 -5.07 5.27
CA LEU B 9 0.61 -4.87 3.96
C LEU B 9 0.62 -6.23 3.24
N SER B 10 -0.56 -6.70 2.84
CA SER B 10 -0.74 -7.91 2.05
C SER B 10 -2.15 -7.95 1.47
N THR B 11 -2.36 -8.71 0.38
CA THR B 11 -3.58 -8.68 -0.42
C THR B 11 -4.82 -8.89 0.43
N GLY B 12 -5.68 -7.86 0.40
CA GLY B 12 -6.95 -7.83 1.12
C GLY B 12 -6.82 -7.97 2.64
N ASN B 13 -5.59 -8.05 3.15
CA ASN B 13 -5.19 -8.41 4.52
C ASN B 13 -6.02 -9.55 5.16
N SER B 14 -6.62 -10.40 4.32
CA SER B 14 -7.62 -11.39 4.69
C SER B 14 -7.19 -12.38 5.76
N ALA B 15 -5.94 -12.87 5.72
CA ALA B 15 -5.52 -14.00 6.56
C ALA B 15 -4.19 -13.76 7.27
N ARG B 16 -3.06 -13.80 6.56
CA ARG B 16 -1.74 -13.80 7.17
C ARG B 16 -1.50 -12.57 8.06
N SER B 17 -2.08 -11.43 7.72
CA SER B 17 -1.99 -10.20 8.50
C SER B 17 -2.76 -10.35 9.82
N GLN B 18 -3.96 -10.94 9.76
CA GLN B 18 -4.77 -11.27 10.94
C GLN B 18 -3.98 -12.14 11.90
N MET B 19 -3.31 -13.14 11.33
CA MET B 19 -2.55 -14.10 12.09
C MET B 19 -1.34 -13.39 12.71
N ALA B 20 -0.62 -12.60 11.92
CA ALA B 20 0.57 -11.90 12.36
C ALA B 20 0.23 -10.92 13.48
N GLU B 21 -0.91 -10.23 13.42
CA GLU B 21 -1.21 -9.21 14.42
C GLU B 21 -1.62 -9.87 15.75
N GLY B 22 -2.22 -11.07 15.71
CA GLY B 22 -2.46 -11.86 16.91
C GLY B 22 -1.14 -12.42 17.46
N TRP B 23 -0.28 -12.97 16.58
CA TRP B 23 1.07 -13.41 16.95
C TRP B 23 1.85 -12.28 17.61
N ALA B 24 1.73 -11.07 17.07
CA ALA B 24 2.45 -9.92 17.56
C ALA B 24 2.06 -9.65 19.01
N LYS B 25 0.75 -9.57 19.31
CA LYS B 25 0.34 -9.09 20.63
C LYS B 25 0.73 -10.01 21.77
N GLN B 26 1.00 -11.30 21.51
CA GLN B 26 1.51 -12.17 22.57
C GLN B 26 2.92 -11.78 23.05
N TYR B 27 3.66 -10.96 22.28
CA TYR B 27 5.01 -10.52 22.61
C TYR B 27 5.19 -8.99 22.47
N LEU B 28 4.18 -8.27 22.00
CA LEU B 28 4.16 -6.84 21.79
C LEU B 28 3.00 -6.34 22.66
N GLY B 29 3.31 -6.00 23.90
CA GLY B 29 2.36 -5.40 24.84
C GLY B 29 1.87 -4.03 24.34
N ASP B 30 1.13 -3.31 25.20
CA ASP B 30 0.61 -1.96 24.90
C ASP B 30 1.72 -0.95 24.56
N GLU B 31 2.96 -1.29 24.91
CA GLU B 31 4.19 -0.62 24.51
C GLU B 31 4.33 -0.48 22.98
N TRP B 32 3.59 -1.27 22.19
CA TRP B 32 3.60 -1.24 20.73
C TRP B 32 2.18 -1.36 20.20
N LYS B 33 1.96 -0.92 18.96
CA LYS B 33 0.70 -1.08 18.25
C LYS B 33 0.98 -1.63 16.87
N VAL B 34 0.22 -2.65 16.50
CA VAL B 34 0.29 -3.34 15.24
C VAL B 34 -1.01 -3.03 14.49
N TYR B 35 -0.90 -2.88 13.17
CA TYR B 35 -2.04 -2.65 12.29
C TYR B 35 -1.80 -3.44 10.99
N SER B 36 -2.87 -3.70 10.25
CA SER B 36 -2.83 -4.49 9.03
C SER B 36 -3.76 -3.85 8.01
N ALA B 37 -3.35 -3.86 6.74
CA ALA B 37 -4.03 -3.21 5.66
C ALA B 37 -3.65 -3.87 4.33
N GLY B 38 -4.25 -3.38 3.24
CA GLY B 38 -3.97 -3.85 1.90
C GLY B 38 -4.87 -3.16 0.89
N ILE B 39 -4.74 -3.54 -0.38
CA ILE B 39 -5.39 -2.96 -1.56
C ILE B 39 -6.87 -2.65 -1.35
N GLU B 40 -7.67 -3.67 -1.02
CA GLU B 40 -9.12 -3.61 -0.87
C GLU B 40 -9.51 -4.26 0.47
N ALA B 41 -8.58 -4.16 1.43
CA ALA B 41 -8.57 -4.85 2.70
C ALA B 41 -9.71 -4.43 3.63
N HIS B 42 -10.07 -5.36 4.52
CA HIS B 42 -11.14 -5.37 5.52
C HIS B 42 -11.70 -6.79 5.47
N GLY B 43 -11.37 -7.60 6.47
CA GLY B 43 -11.67 -9.03 6.45
C GLY B 43 -11.21 -9.72 7.72
N LEU B 44 -11.49 -11.02 7.83
CA LEU B 44 -10.98 -11.94 8.84
C LEU B 44 -11.23 -13.36 8.32
N ASN B 45 -10.25 -13.96 7.66
CA ASN B 45 -10.37 -15.32 7.14
C ASN B 45 -10.41 -16.30 8.33
N PRO B 46 -11.42 -17.20 8.43
CA PRO B 46 -11.46 -18.19 9.49
C PRO B 46 -10.25 -19.13 9.48
N ASN B 47 -9.54 -19.26 8.36
CA ASN B 47 -8.29 -20.00 8.32
C ASN B 47 -7.23 -19.35 9.22
N ALA B 48 -7.19 -18.02 9.29
CA ALA B 48 -6.24 -17.29 10.12
C ALA B 48 -6.65 -17.42 11.58
N VAL B 49 -7.94 -17.46 11.84
CA VAL B 49 -8.46 -17.77 13.18
C VAL B 49 -7.95 -19.16 13.57
N LYS B 50 -8.15 -20.19 12.72
CA LYS B 50 -7.68 -21.55 12.99
C LYS B 50 -6.18 -21.56 13.24
N ALA B 51 -5.41 -20.87 12.39
CA ALA B 51 -3.97 -20.77 12.50
C ALA B 51 -3.53 -20.21 13.86
N MET B 52 -4.33 -19.32 14.47
CA MET B 52 -4.06 -18.76 15.79
C MET B 52 -4.50 -19.71 16.88
N LYS B 53 -5.63 -20.40 16.72
CA LYS B 53 -6.11 -21.37 17.70
C LYS B 53 -5.13 -22.54 17.84
N GLU B 54 -4.35 -22.87 16.81
CA GLU B 54 -3.27 -23.87 16.91
C GLU B 54 -2.29 -23.54 18.05
N VAL B 55 -2.07 -22.25 18.31
CA VAL B 55 -1.16 -21.75 19.34
C VAL B 55 -1.95 -21.05 20.47
N GLY B 56 -3.27 -21.26 20.52
CA GLY B 56 -4.15 -20.75 21.56
C GLY B 56 -4.21 -19.23 21.62
N ILE B 57 -4.14 -18.54 20.47
CA ILE B 57 -4.40 -17.09 20.42
C ILE B 57 -5.79 -16.97 19.79
N ASP B 58 -6.56 -15.97 20.24
CA ASP B 58 -7.90 -15.71 19.73
C ASP B 58 -7.89 -14.36 19.03
N ILE B 59 -8.53 -14.31 17.85
CA ILE B 59 -8.69 -13.12 17.05
C ILE B 59 -10.11 -13.05 16.47
N SER B 60 -11.07 -13.81 17.01
CA SER B 60 -12.39 -13.94 16.42
C SER B 60 -13.15 -12.60 16.29
N ASN B 61 -12.68 -11.56 16.98
CA ASN B 61 -13.23 -10.20 16.96
C ASN B 61 -12.58 -9.30 15.90
N GLN B 62 -11.43 -9.68 15.31
CA GLN B 62 -10.64 -8.81 14.45
C GLN B 62 -11.44 -8.32 13.24
N THR B 63 -11.04 -7.15 12.77
CA THR B 63 -11.47 -6.51 11.54
C THR B 63 -10.32 -5.58 11.09
N SER B 64 -10.41 -5.01 9.89
CA SER B 64 -9.32 -4.28 9.25
C SER B 64 -9.85 -3.24 8.25
N ASP B 65 -8.98 -2.67 7.41
CA ASP B 65 -9.26 -1.54 6.53
C ASP B 65 -8.23 -1.50 5.39
N ILE B 66 -8.44 -0.68 4.36
CA ILE B 66 -7.52 -0.48 3.25
C ILE B 66 -6.23 0.23 3.71
N ILE B 67 -5.25 0.33 2.80
CA ILE B 67 -4.03 1.12 3.00
C ILE B 67 -4.44 2.51 3.51
N ASP B 68 -3.77 2.98 4.57
CA ASP B 68 -4.06 4.28 5.18
C ASP B 68 -2.76 4.90 5.66
N SER B 69 -2.28 5.84 4.83
CA SER B 69 -1.13 6.68 5.04
C SER B 69 -1.04 7.29 6.45
N ASP B 70 -2.17 7.58 7.10
CA ASP B 70 -2.20 8.26 8.39
C ASP B 70 -1.57 7.43 9.49
N ILE B 71 -1.40 6.12 9.27
CA ILE B 71 -0.81 5.19 10.21
C ILE B 71 0.33 4.45 9.53
N LEU B 72 0.23 4.13 8.23
CA LEU B 72 1.31 3.48 7.51
C LEU B 72 2.53 4.39 7.46
N ASN B 73 2.38 5.61 6.92
CA ASN B 73 3.52 6.52 6.82
C ASN B 73 4.03 6.91 8.23
N ASN B 74 3.14 6.78 9.23
CA ASN B 74 3.36 7.06 10.64
C ASN B 74 4.13 5.94 11.35
N ALA B 75 4.06 4.71 10.84
CA ALA B 75 4.74 3.54 11.39
C ALA B 75 6.26 3.74 11.39
N ASP B 76 6.94 2.83 12.10
CA ASP B 76 8.40 2.72 12.06
C ASP B 76 8.84 1.66 11.04
N LEU B 77 8.02 0.62 10.81
CA LEU B 77 8.38 -0.53 9.99
C LEU B 77 7.13 -1.12 9.32
N VAL B 78 7.27 -1.43 8.03
CA VAL B 78 6.28 -2.04 7.14
C VAL B 78 6.71 -3.49 6.90
N VAL B 79 5.97 -4.42 7.49
CA VAL B 79 6.15 -5.83 7.18
C VAL B 79 5.33 -6.10 5.92
N THR B 80 6.00 -6.28 4.79
CA THR B 80 5.28 -6.81 3.65
C THR B 80 5.06 -8.28 3.99
N LEU B 81 3.81 -8.74 4.03
CA LEU B 81 3.53 -10.13 4.30
C LEU B 81 3.32 -10.85 2.97
N SER B 82 3.98 -11.99 2.86
CA SER B 82 3.95 -12.94 1.74
C SER B 82 4.67 -12.43 0.49
N GLY B 83 4.97 -11.12 0.40
CA GLY B 83 5.46 -10.50 -0.82
C GLY B 83 4.34 -10.58 -1.85
N ASP B 84 3.09 -10.46 -1.38
CA ASP B 84 1.90 -10.75 -2.18
C ASP B 84 1.77 -9.79 -3.35
N ALA B 85 1.80 -10.32 -4.58
CA ALA B 85 1.77 -9.53 -5.81
C ALA B 85 0.42 -8.85 -6.05
N ALA B 86 -0.66 -9.34 -5.43
CA ALA B 86 -2.00 -8.81 -5.67
C ALA B 86 -2.31 -7.56 -4.81
N ASP B 87 -1.45 -7.20 -3.86
CA ASP B 87 -1.70 -6.16 -2.84
C ASP B 87 -1.47 -4.75 -3.38
N LYS B 88 -1.91 -4.45 -4.62
CA LYS B 88 -1.52 -3.21 -5.32
C LYS B 88 0.00 -3.25 -5.51
N CYS B 89 0.66 -2.10 -5.53
CA CYS B 89 2.11 -1.95 -5.53
C CYS B 89 2.42 -0.76 -4.62
N PRO B 90 2.25 -0.90 -3.29
CA PRO B 90 2.57 0.17 -2.36
C PRO B 90 4.05 0.51 -2.49
N MET B 91 4.36 1.79 -2.66
CA MET B 91 5.74 2.22 -2.89
C MET B 91 6.52 2.53 -1.60
N THR B 92 5.89 2.28 -0.44
CA THR B 92 6.42 2.48 0.93
C THR B 92 7.25 3.77 1.07
N PRO B 93 6.61 4.91 1.39
CA PRO B 93 7.29 6.20 1.41
C PRO B 93 8.46 6.13 2.41
N PRO B 94 9.65 6.71 2.11
CA PRO B 94 10.89 6.52 2.87
C PRO B 94 10.87 7.03 4.32
N HIS B 95 9.73 7.58 4.77
CA HIS B 95 9.47 7.89 6.17
C HIS B 95 9.49 6.62 7.04
N VAL B 96 9.47 5.43 6.44
CA VAL B 96 9.32 4.14 7.11
C VAL B 96 10.33 3.14 6.53
N LYS B 97 10.81 2.19 7.34
CA LYS B 97 11.61 1.06 6.88
C LYS B 97 10.64 -0.02 6.38
N ARG B 98 11.07 -0.91 5.49
CA ARG B 98 10.26 -2.05 5.04
C ARG B 98 11.16 -3.27 4.93
N GLU B 99 10.62 -4.44 5.25
CA GLU B 99 11.23 -5.73 4.99
C GLU B 99 10.09 -6.74 4.81
N HIS B 100 10.30 -7.75 3.96
CA HIS B 100 9.34 -8.85 3.79
C HIS B 100 9.66 -9.96 4.78
N TRP B 101 8.66 -10.45 5.52
CA TRP B 101 8.83 -11.51 6.54
C TRP B 101 8.06 -12.78 6.19
N GLY B 102 7.68 -12.95 4.92
CA GLY B 102 7.13 -14.18 4.39
C GLY B 102 7.18 -14.13 2.88
N PHE B 103 7.06 -15.30 2.23
CA PHE B 103 7.13 -15.46 0.78
C PHE B 103 6.05 -16.44 0.30
N ASP B 104 5.02 -16.66 1.13
CA ASP B 104 3.91 -17.59 0.90
C ASP B 104 2.69 -17.01 1.62
N ASP B 105 1.50 -17.42 1.20
CA ASP B 105 0.21 -16.90 1.68
C ASP B 105 -0.70 -18.08 1.98
N PRO B 106 -1.16 -18.26 3.23
CA PRO B 106 -1.91 -19.42 3.66
C PRO B 106 -3.29 -19.51 3.00
N ALA B 107 -3.90 -18.38 2.60
CA ALA B 107 -5.16 -18.38 1.86
C ALA B 107 -5.03 -19.00 0.46
N ARG B 108 -3.82 -19.38 0.04
CA ARG B 108 -3.54 -19.98 -1.27
C ARG B 108 -3.38 -21.50 -1.17
N ALA B 109 -3.66 -22.09 -0.01
CA ALA B 109 -3.58 -23.51 0.23
C ALA B 109 -4.25 -24.28 -0.91
N GLN B 110 -3.68 -25.44 -1.25
CA GLN B 110 -4.10 -26.24 -2.39
C GLN B 110 -5.59 -26.57 -2.27
N GLY B 111 -6.03 -26.98 -1.08
CA GLY B 111 -7.45 -27.10 -0.80
C GLY B 111 -7.86 -28.36 -0.07
N THR B 112 -6.98 -29.36 -0.05
CA THR B 112 -7.18 -30.57 0.73
C THR B 112 -7.08 -30.19 2.19
N GLU B 113 -7.59 -31.04 3.07
CA GLU B 113 -7.60 -30.73 4.49
C GLU B 113 -6.17 -30.64 5.03
N GLU B 114 -5.32 -31.54 4.54
CA GLU B 114 -3.92 -31.58 4.87
C GLU B 114 -3.22 -30.37 4.28
N GLU B 115 -3.50 -29.96 3.04
CA GLU B 115 -2.75 -28.86 2.46
C GLU B 115 -3.19 -27.54 3.09
N LYS B 116 -4.46 -27.43 3.49
CA LYS B 116 -4.93 -26.31 4.30
C LYS B 116 -4.11 -26.24 5.58
N TRP B 117 -4.20 -27.28 6.41
CA TRP B 117 -3.53 -27.24 7.69
C TRP B 117 -2.02 -27.04 7.48
N ALA B 118 -1.44 -27.67 6.46
CA ALA B 118 -0.02 -27.57 6.16
C ALA B 118 0.38 -26.15 5.80
N PHE B 119 -0.38 -25.45 4.95
CA PHE B 119 -0.07 -24.07 4.59
C PHE B 119 -0.17 -23.18 5.83
N PHE B 120 -1.24 -23.34 6.61
CA PHE B 120 -1.49 -22.49 7.77
C PHE B 120 -0.38 -22.70 8.80
N GLN B 121 0.00 -23.96 9.04
CA GLN B 121 0.99 -24.33 10.02
C GLN B 121 2.38 -23.83 9.60
N ARG B 122 2.72 -23.96 8.31
CA ARG B 122 4.00 -23.49 7.79
C ARG B 122 4.11 -21.98 8.04
N VAL B 123 3.08 -21.24 7.62
CA VAL B 123 3.10 -19.79 7.68
C VAL B 123 3.11 -19.33 9.14
N ARG B 124 2.34 -19.94 10.05
CA ARG B 124 2.31 -19.46 11.43
C ARG B 124 3.67 -19.57 12.10
N ASP B 125 4.42 -20.63 11.80
CA ASP B 125 5.75 -20.82 12.37
C ASP B 125 6.69 -19.70 11.90
N GLU B 126 6.64 -19.37 10.61
CA GLU B 126 7.44 -18.28 10.05
C GLU B 126 7.04 -16.94 10.69
N ILE B 127 5.75 -16.58 10.56
CA ILE B 127 5.22 -15.30 11.02
C ILE B 127 5.49 -15.12 12.51
N GLY B 128 5.21 -16.13 13.33
CA GLY B 128 5.33 -16.05 14.76
C GLY B 128 6.77 -15.80 15.17
N ASN B 129 7.74 -16.51 14.57
CA ASN B 129 9.14 -16.32 14.94
C ASN B 129 9.61 -14.92 14.60
N ARG B 130 9.28 -14.43 13.40
CA ARG B 130 9.69 -13.08 12.99
C ARG B 130 9.02 -12.02 13.85
N LEU B 131 7.74 -12.17 14.22
CA LEU B 131 7.09 -11.18 15.08
C LEU B 131 7.66 -11.22 16.50
N LYS B 132 7.97 -12.41 17.03
CA LYS B 132 8.64 -12.53 18.32
C LYS B 132 10.02 -11.90 18.25
N GLU B 133 10.76 -12.07 17.16
CA GLU B 133 12.02 -11.38 16.97
C GLU B 133 11.82 -9.88 16.95
N PHE B 134 10.78 -9.32 16.34
CA PHE B 134 10.63 -7.87 16.34
C PHE B 134 10.54 -7.32 17.76
N ALA B 135 9.87 -8.05 18.67
CA ALA B 135 9.80 -7.70 20.07
C ALA B 135 11.18 -7.69 20.76
N GLU B 136 12.10 -8.55 20.29
CA GLU B 136 13.41 -8.78 20.87
C GLU B 136 14.45 -7.83 20.27
N THR B 137 14.40 -7.67 18.95
CA THR B 137 15.39 -7.00 18.13
C THR B 137 15.06 -5.50 18.00
N GLY B 138 13.80 -5.12 18.18
CA GLY B 138 13.30 -3.78 17.88
C GLY B 138 13.59 -3.38 16.44
N LYS B 139 13.61 -4.36 15.51
CA LYS B 139 14.04 -4.18 14.13
C LYS B 139 13.25 -3.05 13.46
N MET A 1 -0.09 20.04 -22.17
CA MET A 1 0.91 20.52 -23.15
C MET A 1 2.13 19.59 -23.23
N ALA A 2 2.62 19.05 -22.10
CA ALA A 2 3.64 18.01 -22.05
C ALA A 2 3.46 17.23 -20.76
N ILE A 3 4.10 16.06 -20.69
CA ILE A 3 4.23 15.29 -19.46
C ILE A 3 5.44 15.93 -18.76
N VAL A 4 5.15 16.77 -17.76
CA VAL A 4 6.11 17.44 -16.90
C VAL A 4 6.56 16.43 -15.83
N LYS A 5 7.60 16.75 -15.06
CA LYS A 5 7.99 16.02 -13.87
C LYS A 5 8.06 16.96 -12.69
N ALA A 6 7.54 16.51 -11.55
CA ALA A 6 7.46 17.23 -10.30
C ALA A 6 8.63 16.83 -9.39
N THR A 7 8.77 17.55 -8.27
CA THR A 7 9.67 17.22 -7.17
C THR A 7 8.92 17.42 -5.85
N ASP A 8 9.68 17.34 -4.77
CA ASP A 8 9.30 17.68 -3.39
C ASP A 8 8.53 19.00 -3.27
N GLN A 9 8.77 19.96 -4.18
CA GLN A 9 8.18 21.29 -4.18
C GLN A 9 7.71 21.72 -5.57
N SER A 10 8.37 21.27 -6.64
CA SER A 10 7.96 21.60 -8.00
C SER A 10 6.57 21.03 -8.32
N PHE A 11 6.11 20.00 -7.59
CA PHE A 11 4.72 19.54 -7.69
C PHE A 11 3.78 20.72 -7.49
N SER A 12 3.88 21.41 -6.35
CA SER A 12 2.98 22.51 -6.04
C SER A 12 3.11 23.61 -7.09
N ALA A 13 4.35 23.93 -7.46
CA ALA A 13 4.61 25.03 -8.37
C ALA A 13 3.95 24.78 -9.75
N GLU A 14 3.92 23.52 -10.18
CA GLU A 14 3.33 23.11 -11.44
C GLU A 14 1.81 22.89 -11.36
N THR A 15 1.22 22.77 -10.17
CA THR A 15 -0.16 22.33 -9.99
C THR A 15 -1.08 23.41 -9.39
N SER A 16 -0.54 24.55 -8.96
CA SER A 16 -1.29 25.57 -8.25
C SER A 16 -2.23 26.38 -9.16
N GLU A 17 -2.18 26.16 -10.48
CA GLU A 17 -2.99 26.87 -11.46
C GLU A 17 -3.44 25.89 -12.54
N GLY A 18 -4.58 26.18 -13.19
CA GLY A 18 -5.18 25.33 -14.20
C GLY A 18 -5.71 24.04 -13.59
N VAL A 19 -5.91 23.04 -14.44
CA VAL A 19 -6.20 21.67 -14.04
C VAL A 19 -5.03 20.83 -14.50
N VAL A 20 -4.52 20.05 -13.56
CA VAL A 20 -3.26 19.34 -13.67
C VAL A 20 -3.46 17.94 -13.13
N LEU A 21 -3.24 16.95 -14.01
CA LEU A 21 -3.28 15.55 -13.67
C LEU A 21 -1.87 15.14 -13.22
N ALA A 22 -1.60 15.09 -11.92
CA ALA A 22 -0.34 14.53 -11.46
C ALA A 22 -0.44 13.01 -11.44
N ASP A 23 0.69 12.33 -11.63
CA ASP A 23 0.80 10.89 -11.75
C ASP A 23 2.05 10.42 -11.02
N PHE A 24 2.02 9.20 -10.51
CA PHE A 24 3.01 8.64 -9.61
C PHE A 24 3.37 7.26 -10.16
N TRP A 25 4.62 7.10 -10.58
CA TRP A 25 5.14 5.95 -11.32
C TRP A 25 6.51 5.57 -10.71
N ALA A 26 6.92 4.31 -10.80
CA ALA A 26 8.28 3.87 -10.46
C ALA A 26 8.51 2.43 -10.90
N PRO A 27 9.77 1.96 -10.99
CA PRO A 27 10.13 0.59 -11.39
C PRO A 27 9.48 -0.54 -10.58
N TRP A 28 8.84 -0.28 -9.44
CA TRP A 28 8.15 -1.27 -8.62
C TRP A 28 7.01 -2.00 -9.34
N CYS A 29 6.50 -1.48 -10.47
CA CYS A 29 5.29 -2.02 -11.07
C CYS A 29 5.26 -1.91 -12.59
N GLY A 30 4.47 -2.80 -13.20
CA GLY A 30 4.13 -2.79 -14.62
C GLY A 30 3.28 -1.57 -15.02
N PRO A 31 2.21 -1.20 -14.29
CA PRO A 31 1.43 0.02 -14.55
C PRO A 31 2.26 1.28 -14.73
N SER A 32 3.42 1.42 -14.08
CA SER A 32 4.32 2.54 -14.27
C SER A 32 4.85 2.68 -15.70
N LYS A 33 4.70 1.64 -16.52
CA LYS A 33 5.08 1.62 -17.93
C LYS A 33 3.85 1.41 -18.83
N MET A 34 2.64 1.47 -18.29
CA MET A 34 1.39 1.37 -19.04
C MET A 34 0.56 2.65 -18.85
N ILE A 35 0.45 3.16 -17.62
CA ILE A 35 -0.11 4.48 -17.34
C ILE A 35 0.74 5.54 -18.04
N ALA A 36 2.07 5.35 -18.09
CA ALA A 36 2.99 6.29 -18.69
C ALA A 36 2.64 6.59 -20.16
N PRO A 37 2.58 5.60 -21.07
CA PRO A 37 2.12 5.82 -22.44
C PRO A 37 0.68 6.34 -22.48
N VAL A 38 -0.21 5.82 -21.64
CA VAL A 38 -1.59 6.25 -21.54
C VAL A 38 -1.71 7.76 -21.23
N LEU A 39 -0.77 8.32 -20.45
CA LEU A 39 -0.75 9.76 -20.17
C LEU A 39 -0.25 10.53 -21.39
N GLU A 40 0.77 10.05 -22.08
CA GLU A 40 1.24 10.72 -23.29
C GLU A 40 0.15 10.68 -24.37
N GLU A 41 -0.65 9.61 -24.40
CA GLU A 41 -1.81 9.46 -25.26
C GLU A 41 -2.96 10.38 -24.82
N LEU A 42 -3.02 10.77 -23.54
CA LEU A 42 -3.98 11.74 -23.05
C LEU A 42 -3.54 13.16 -23.45
N ASP A 43 -2.26 13.47 -23.27
CA ASP A 43 -1.76 14.82 -23.47
C ASP A 43 -1.75 15.19 -24.95
N GLN A 44 -1.46 14.23 -25.83
CA GLN A 44 -1.55 14.48 -27.27
C GLN A 44 -3.01 14.66 -27.73
N GLU A 45 -4.00 14.35 -26.88
CA GLU A 45 -5.41 14.40 -27.20
C GLU A 45 -6.05 15.68 -26.68
N MET A 46 -5.70 16.09 -25.45
CA MET A 46 -6.35 17.21 -24.77
C MET A 46 -5.37 18.04 -23.95
N GLY A 47 -4.08 17.91 -24.24
CA GLY A 47 -3.05 18.74 -23.62
C GLY A 47 -3.15 20.23 -23.97
N ASP A 48 -4.08 20.58 -24.85
CA ASP A 48 -4.46 21.96 -25.11
C ASP A 48 -5.12 22.60 -23.89
N LYS A 49 -5.70 21.77 -23.01
CA LYS A 49 -6.47 22.21 -21.86
C LYS A 49 -5.90 21.67 -20.54
N LEU A 50 -4.97 20.72 -20.60
CA LEU A 50 -4.49 19.94 -19.46
C LEU A 50 -2.97 19.96 -19.37
N LYS A 51 -2.46 19.90 -18.14
CA LYS A 51 -1.05 19.66 -17.85
C LYS A 51 -0.99 18.30 -17.16
N ILE A 52 0.09 17.54 -17.36
CA ILE A 52 0.31 16.28 -16.67
C ILE A 52 1.67 16.40 -16.00
N VAL A 53 1.83 15.87 -14.78
CA VAL A 53 3.08 16.00 -14.03
C VAL A 53 3.38 14.67 -13.35
N LYS A 54 4.44 13.97 -13.74
CA LYS A 54 4.80 12.69 -13.13
C LYS A 54 5.67 12.93 -11.89
N ILE A 55 5.66 11.98 -10.96
CA ILE A 55 6.50 11.89 -9.78
C ILE A 55 7.12 10.49 -9.88
N ASP A 56 8.45 10.42 -9.90
CA ASP A 56 9.16 9.16 -9.77
C ASP A 56 9.15 8.79 -8.29
N VAL A 57 8.39 7.77 -7.89
CA VAL A 57 8.24 7.37 -6.50
C VAL A 57 9.40 6.54 -5.94
N ASP A 58 10.62 7.00 -6.20
CA ASP A 58 11.85 6.52 -5.57
C ASP A 58 12.88 7.64 -5.58
N GLU A 59 13.00 8.39 -6.68
CA GLU A 59 13.91 9.53 -6.81
C GLU A 59 13.27 10.80 -6.23
N ASN A 60 11.96 10.95 -6.37
CA ASN A 60 11.22 12.18 -6.07
C ASN A 60 9.95 11.87 -5.27
N GLN A 61 9.98 10.77 -4.52
CA GLN A 61 8.82 10.20 -3.87
C GLN A 61 8.32 11.04 -2.69
N GLU A 62 9.07 12.07 -2.31
CA GLU A 62 8.83 12.95 -1.17
C GLU A 62 7.38 13.45 -1.19
N THR A 63 6.93 13.99 -2.33
CA THR A 63 5.59 14.50 -2.50
C THR A 63 4.55 13.39 -2.34
N ALA A 64 4.87 12.15 -2.71
CA ALA A 64 3.93 11.05 -2.66
C ALA A 64 3.59 10.77 -1.19
N GLY A 65 4.58 10.34 -0.42
CA GLY A 65 4.50 10.24 1.03
C GLY A 65 3.82 11.45 1.69
N LYS A 66 4.21 12.68 1.30
CA LYS A 66 3.68 13.93 1.85
C LYS A 66 2.17 14.04 1.63
N TYR A 67 1.67 13.65 0.45
CA TYR A 67 0.26 13.74 0.10
C TYR A 67 -0.52 12.48 0.47
N GLY A 68 0.13 11.47 1.06
CA GLY A 68 -0.51 10.24 1.47
C GLY A 68 -0.68 9.33 0.26
N VAL A 69 0.45 8.82 -0.25
CA VAL A 69 0.54 7.98 -1.43
C VAL A 69 1.72 7.09 -1.04
N MET A 70 1.56 5.78 -1.18
CA MET A 70 2.63 4.83 -0.90
C MET A 70 2.58 3.65 -1.87
N SER A 71 1.85 3.80 -2.97
CA SER A 71 1.43 2.80 -3.92
C SER A 71 1.73 3.20 -5.38
N ILE A 72 1.57 2.25 -6.32
CA ILE A 72 1.67 2.53 -7.75
C ILE A 72 0.50 1.82 -8.47
N PRO A 73 -0.10 2.40 -9.52
CA PRO A 73 0.08 3.78 -9.95
C PRO A 73 -0.86 4.65 -9.11
N THR A 74 -0.53 5.93 -8.94
CA THR A 74 -1.44 6.88 -8.31
C THR A 74 -1.61 8.11 -9.21
N LEU A 75 -2.79 8.71 -9.19
CA LEU A 75 -3.14 9.97 -9.84
C LEU A 75 -3.68 10.89 -8.76
N LEU A 76 -3.26 12.17 -8.81
CA LEU A 76 -3.82 13.24 -8.00
C LEU A 76 -4.26 14.29 -9.01
N VAL A 77 -5.56 14.43 -9.22
CA VAL A 77 -6.10 15.47 -10.08
C VAL A 77 -6.16 16.73 -9.22
N LEU A 78 -5.31 17.72 -9.52
CA LEU A 78 -5.28 18.99 -8.83
C LEU A 78 -5.87 20.05 -9.74
N LYS A 79 -6.50 21.05 -9.13
CA LYS A 79 -7.19 22.12 -9.83
C LYS A 79 -7.06 23.36 -8.98
N ASP A 80 -6.55 24.39 -9.64
CA ASP A 80 -6.37 25.77 -9.16
C ASP A 80 -5.84 25.88 -7.72
N GLY A 81 -5.05 24.89 -7.25
CA GLY A 81 -4.45 24.91 -5.91
C GLY A 81 -4.62 23.64 -5.10
N GLU A 82 -5.64 22.82 -5.37
CA GLU A 82 -6.02 21.72 -4.49
C GLU A 82 -6.42 20.46 -5.24
N VAL A 83 -6.33 19.30 -4.58
CA VAL A 83 -6.81 18.04 -5.13
C VAL A 83 -8.33 18.09 -5.21
N VAL A 84 -8.86 17.61 -6.34
CA VAL A 84 -10.28 17.55 -6.65
C VAL A 84 -10.69 16.11 -7.00
N GLU A 85 -9.74 15.27 -7.45
CA GLU A 85 -9.95 13.84 -7.63
C GLU A 85 -8.66 13.08 -7.34
N THR A 86 -8.80 11.77 -7.15
CA THR A 86 -7.73 10.88 -6.74
C THR A 86 -8.01 9.50 -7.34
N SER A 87 -6.98 8.73 -7.64
CA SER A 87 -7.10 7.33 -8.02
C SER A 87 -5.81 6.61 -7.66
N VAL A 88 -5.92 5.37 -7.19
CA VAL A 88 -4.81 4.59 -6.67
C VAL A 88 -4.97 3.20 -7.30
N GLY A 89 -4.67 3.12 -8.60
CA GLY A 89 -4.91 1.97 -9.46
C GLY A 89 -4.86 2.39 -10.91
N PHE A 90 -4.59 1.43 -11.81
CA PHE A 90 -4.51 1.68 -13.26
C PHE A 90 -5.88 2.09 -13.80
N LYS A 91 -5.90 2.94 -14.84
CA LYS A 91 -7.09 3.27 -15.62
C LYS A 91 -6.66 3.37 -17.10
N PRO A 92 -7.46 2.91 -18.07
CA PRO A 92 -7.17 3.09 -19.49
C PRO A 92 -7.34 4.55 -19.90
N LYS A 93 -6.86 4.90 -21.10
CA LYS A 93 -6.88 6.25 -21.69
C LYS A 93 -8.23 6.94 -21.55
N GLU A 94 -9.32 6.26 -21.88
CA GLU A 94 -10.63 6.90 -21.87
C GLU A 94 -11.06 7.22 -20.44
N ALA A 95 -10.85 6.29 -19.51
CA ALA A 95 -11.18 6.50 -18.11
C ALA A 95 -10.27 7.59 -17.51
N LEU A 96 -9.02 7.66 -17.98
CA LEU A 96 -8.07 8.72 -17.64
C LEU A 96 -8.66 10.07 -18.00
N GLN A 97 -9.08 10.23 -19.27
CA GLN A 97 -9.56 11.49 -19.78
C GLN A 97 -10.85 11.86 -19.08
N GLU A 98 -11.73 10.88 -18.82
CA GLU A 98 -12.96 11.11 -18.07
C GLU A 98 -12.66 11.61 -16.65
N LEU A 99 -11.72 10.97 -15.96
CA LEU A 99 -11.40 11.24 -14.56
C LEU A 99 -11.00 12.71 -14.36
N VAL A 100 -10.22 13.25 -15.29
CA VAL A 100 -9.80 14.65 -15.19
C VAL A 100 -10.84 15.58 -15.84
N ASN A 101 -11.49 15.19 -16.95
CA ASN A 101 -12.54 15.98 -17.60
C ASN A 101 -13.73 16.27 -16.67
N LYS A 102 -13.95 15.43 -15.66
CA LYS A 102 -14.93 15.67 -14.59
C LYS A 102 -14.73 17.04 -13.91
N HIS A 103 -13.51 17.58 -13.91
CA HIS A 103 -13.15 18.79 -13.16
C HIS A 103 -12.45 19.85 -14.03
N LEU A 104 -11.82 19.42 -15.13
CA LEU A 104 -11.28 20.28 -16.16
C LEU A 104 -12.47 20.94 -16.87
N MET B 1 9.62 5.71 24.08
CA MET B 1 8.21 6.06 24.41
C MET B 1 7.39 4.78 24.55
N GLU B 2 6.32 4.80 25.34
CA GLU B 2 5.43 3.65 25.55
C GLU B 2 4.37 3.56 24.42
N ASN B 3 4.75 3.93 23.20
CA ASN B 3 4.01 3.74 21.98
C ASN B 3 5.05 3.65 20.88
N LYS B 4 4.87 2.62 20.09
CA LYS B 4 5.56 2.29 18.85
C LYS B 4 4.50 1.82 17.87
N ILE B 5 4.33 2.52 16.75
CA ILE B 5 3.36 2.13 15.73
C ILE B 5 4.13 1.20 14.79
N ILE B 6 3.58 0.04 14.46
CA ILE B 6 4.16 -0.89 13.50
C ILE B 6 3.01 -1.30 12.56
N TYR B 7 3.27 -1.34 11.26
CA TYR B 7 2.21 -1.48 10.26
C TYR B 7 2.51 -2.70 9.42
N PHE B 8 1.49 -3.50 9.10
CA PHE B 8 1.64 -4.76 8.39
C PHE B 8 0.90 -4.65 7.06
N LEU B 9 1.44 -5.25 6.01
CA LEU B 9 0.93 -5.12 4.64
C LEU B 9 0.81 -6.52 4.03
N SER B 10 -0.37 -6.84 3.47
CA SER B 10 -0.65 -8.11 2.82
C SER B 10 -1.65 -7.89 1.70
N THR B 11 -1.51 -8.64 0.59
CA THR B 11 -2.41 -8.59 -0.55
C THR B 11 -3.85 -8.81 -0.08
N GLY B 12 -4.70 -7.83 -0.36
CA GLY B 12 -6.11 -7.81 0.01
C GLY B 12 -6.32 -8.15 1.48
N ASN B 13 -5.38 -7.70 2.34
CA ASN B 13 -5.26 -8.10 3.74
C ASN B 13 -6.57 -8.43 4.42
N SER B 14 -6.79 -9.73 4.53
CA SER B 14 -7.84 -10.34 5.31
C SER B 14 -7.27 -11.52 6.09
N ALA B 15 -5.97 -11.85 5.97
CA ALA B 15 -5.40 -13.08 6.49
C ALA B 15 -4.04 -12.89 7.16
N ARG B 16 -2.95 -12.79 6.38
CA ARG B 16 -1.57 -12.84 6.87
C ARG B 16 -1.29 -11.79 7.94
N SER B 17 -1.71 -10.54 7.74
CA SER B 17 -1.46 -9.54 8.76
C SER B 17 -2.32 -9.80 10.01
N GLN B 18 -3.50 -10.42 9.89
CA GLN B 18 -4.41 -10.67 11.01
C GLN B 18 -3.79 -11.69 11.97
N MET B 19 -3.29 -12.77 11.38
CA MET B 19 -2.62 -13.83 12.12
C MET B 19 -1.29 -13.29 12.65
N ALA B 20 -0.53 -12.54 11.86
CA ALA B 20 0.73 -11.96 12.29
C ALA B 20 0.53 -11.00 13.45
N GLU B 21 -0.51 -10.17 13.43
CA GLU B 21 -0.72 -9.20 14.50
C GLU B 21 -1.16 -9.89 15.79
N GLY B 22 -1.88 -11.01 15.70
CA GLY B 22 -2.17 -11.86 16.84
C GLY B 22 -0.87 -12.44 17.40
N TRP B 23 -0.04 -13.03 16.53
CA TRP B 23 1.28 -13.55 16.86
C TRP B 23 2.19 -12.49 17.48
N ALA B 24 2.05 -11.24 17.04
CA ALA B 24 2.89 -10.14 17.47
C ALA B 24 2.46 -9.63 18.84
N LYS B 25 1.18 -9.28 19.03
CA LYS B 25 0.77 -8.55 20.23
C LYS B 25 0.85 -9.35 21.52
N GLN B 26 0.92 -10.69 21.45
CA GLN B 26 1.22 -11.50 22.63
C GLN B 26 2.60 -11.18 23.24
N TYR B 27 3.52 -10.52 22.50
CA TYR B 27 4.84 -10.11 22.99
C TYR B 27 5.09 -8.62 22.77
N LEU B 28 4.64 -8.05 21.65
CA LEU B 28 4.64 -6.63 21.34
C LEU B 28 3.46 -6.02 22.10
N GLY B 29 3.61 -5.95 23.43
CA GLY B 29 2.57 -5.60 24.39
C GLY B 29 2.06 -4.16 24.31
N ASP B 30 1.69 -3.59 25.46
CA ASP B 30 1.04 -2.28 25.57
C ASP B 30 1.89 -1.14 24.97
N GLU B 31 3.20 -1.33 24.90
CA GLU B 31 4.14 -0.40 24.27
C GLU B 31 3.93 -0.26 22.76
N TRP B 32 3.16 -1.15 22.12
CA TRP B 32 3.08 -1.24 20.67
C TRP B 32 1.65 -1.09 20.17
N LYS B 33 1.53 -0.58 18.95
CA LYS B 33 0.29 -0.37 18.21
C LYS B 33 0.52 -0.96 16.84
N VAL B 34 0.34 -2.26 16.77
CA VAL B 34 0.28 -2.99 15.52
C VAL B 34 -1.03 -2.62 14.83
N TYR B 35 -0.99 -2.44 13.52
CA TYR B 35 -2.17 -2.30 12.67
C TYR B 35 -1.84 -2.97 11.32
N SER B 36 -2.85 -3.20 10.48
CA SER B 36 -2.70 -4.03 9.29
C SER B 36 -3.53 -3.48 8.13
N ALA B 37 -3.02 -3.63 6.90
CA ALA B 37 -3.62 -3.06 5.72
C ALA B 37 -3.21 -3.80 4.43
N GLY B 38 -3.75 -3.37 3.29
CA GLY B 38 -3.39 -3.90 1.99
C GLY B 38 -4.14 -3.21 0.85
N ILE B 39 -3.89 -3.66 -0.38
CA ILE B 39 -4.47 -3.19 -1.64
C ILE B 39 -6.00 -3.03 -1.59
N GLU B 40 -6.69 -4.12 -1.23
CA GLU B 40 -8.15 -4.23 -1.27
C GLU B 40 -8.63 -4.87 0.05
N ALA B 41 -7.87 -4.58 1.10
CA ALA B 41 -8.03 -5.08 2.45
C ALA B 41 -9.28 -4.52 3.12
N HIS B 42 -9.79 -5.27 4.10
CA HIS B 42 -10.90 -5.03 5.02
C HIS B 42 -11.67 -6.35 5.09
N GLY B 43 -11.21 -7.28 5.92
CA GLY B 43 -11.75 -8.64 5.95
C GLY B 43 -11.14 -9.45 7.08
N LEU B 44 -11.63 -10.67 7.27
CA LEU B 44 -11.14 -11.59 8.28
C LEU B 44 -11.37 -13.01 7.78
N ASN B 45 -10.37 -13.52 7.06
CA ASN B 45 -10.33 -14.86 6.50
C ASN B 45 -10.39 -15.86 7.67
N PRO B 46 -11.36 -16.80 7.69
CA PRO B 46 -11.44 -17.78 8.75
C PRO B 46 -10.18 -18.66 8.85
N ASN B 47 -9.34 -18.73 7.81
CA ASN B 47 -8.04 -19.36 7.94
C ASN B 47 -7.26 -18.63 9.03
N ALA B 48 -7.04 -17.30 8.92
CA ALA B 48 -6.21 -16.59 9.88
C ALA B 48 -6.78 -16.78 11.30
N VAL B 49 -8.12 -16.77 11.41
CA VAL B 49 -8.77 -17.02 12.70
C VAL B 49 -8.35 -18.40 13.22
N LYS B 50 -8.54 -19.46 12.44
CA LYS B 50 -8.17 -20.82 12.81
C LYS B 50 -6.68 -20.91 13.15
N ALA B 51 -5.83 -20.30 12.33
CA ALA B 51 -4.39 -20.26 12.44
C ALA B 51 -3.97 -19.78 13.83
N MET B 52 -4.72 -18.84 14.43
CA MET B 52 -4.41 -18.28 15.73
C MET B 52 -5.11 -19.02 16.86
N LYS B 53 -6.30 -19.58 16.63
CA LYS B 53 -6.95 -20.46 17.59
C LYS B 53 -6.09 -21.71 17.87
N GLU B 54 -5.24 -22.13 16.92
CA GLU B 54 -4.30 -23.25 17.13
C GLU B 54 -3.35 -22.98 18.29
N VAL B 55 -3.05 -21.71 18.57
CA VAL B 55 -2.13 -21.27 19.61
C VAL B 55 -2.87 -20.44 20.67
N GLY B 56 -4.21 -20.53 20.68
CA GLY B 56 -5.06 -19.90 21.69
C GLY B 56 -4.98 -18.38 21.66
N ILE B 57 -4.90 -17.76 20.47
CA ILE B 57 -4.98 -16.31 20.34
C ILE B 57 -6.27 -16.07 19.57
N ASP B 58 -7.28 -15.52 20.23
CA ASP B 58 -8.51 -15.14 19.56
C ASP B 58 -8.26 -13.88 18.73
N ILE B 59 -8.71 -13.88 17.47
CA ILE B 59 -8.69 -12.74 16.58
C ILE B 59 -10.02 -12.58 15.84
N SER B 60 -11.10 -13.21 16.31
CA SER B 60 -12.38 -13.33 15.60
C SER B 60 -13.13 -11.99 15.35
N ASN B 61 -12.45 -10.85 15.53
CA ASN B 61 -12.94 -9.49 15.44
C ASN B 61 -11.94 -8.55 14.75
N GLN B 62 -10.73 -9.02 14.38
CA GLN B 62 -9.61 -8.19 13.93
C GLN B 62 -10.00 -7.14 12.89
N THR B 63 -10.52 -7.60 11.76
CA THR B 63 -10.79 -6.81 10.55
C THR B 63 -9.55 -6.03 10.06
N SER B 64 -9.71 -5.14 9.08
CA SER B 64 -8.62 -4.40 8.44
C SER B 64 -9.20 -3.20 7.68
N ASP B 65 -8.39 -2.53 6.86
CA ASP B 65 -8.69 -1.37 6.03
C ASP B 65 -7.59 -1.31 4.96
N ILE B 66 -7.71 -0.49 3.92
CA ILE B 66 -6.70 -0.35 2.89
C ILE B 66 -5.43 0.35 3.40
N ILE B 67 -4.38 0.46 2.56
CA ILE B 67 -3.03 1.02 2.79
C ILE B 67 -2.94 2.48 3.33
N ASP B 68 -3.84 2.94 4.20
CA ASP B 68 -3.97 4.30 4.71
C ASP B 68 -2.67 4.88 5.27
N SER B 69 -2.08 5.80 4.48
CA SER B 69 -0.91 6.57 4.81
C SER B 69 -0.96 7.28 6.16
N ASP B 70 -2.15 7.61 6.68
CA ASP B 70 -2.28 8.42 7.89
C ASP B 70 -1.66 7.73 9.11
N ILE B 71 -1.55 6.40 9.05
CA ILE B 71 -0.95 5.59 10.11
C ILE B 71 0.29 4.92 9.54
N LEU B 72 0.24 4.44 8.29
CA LEU B 72 1.35 3.75 7.66
C LEU B 72 2.59 4.63 7.61
N ASN B 73 2.47 5.87 7.11
CA ASN B 73 3.63 6.76 6.98
C ASN B 73 4.12 7.21 8.37
N ASN B 74 3.23 7.23 9.37
CA ASN B 74 3.54 7.57 10.75
C ASN B 74 4.18 6.40 11.51
N ALA B 75 4.02 5.16 11.01
CA ALA B 75 4.59 3.98 11.63
C ALA B 75 6.11 4.08 11.72
N ASP B 76 6.67 3.29 12.63
CA ASP B 76 8.11 3.08 12.72
C ASP B 76 8.59 2.04 11.70
N LEU B 77 7.69 1.15 11.24
CA LEU B 77 8.00 0.08 10.32
C LEU B 77 6.77 -0.31 9.49
N VAL B 78 7.02 -0.83 8.29
CA VAL B 78 6.06 -1.47 7.40
C VAL B 78 6.61 -2.88 7.15
N VAL B 79 6.05 -3.85 7.87
CA VAL B 79 6.39 -5.26 7.74
C VAL B 79 5.53 -5.78 6.60
N THR B 80 6.11 -5.92 5.41
CA THR B 80 5.44 -6.62 4.33
C THR B 80 5.40 -8.12 4.68
N LEU B 81 4.20 -8.72 4.67
CA LEU B 81 4.06 -10.16 4.76
C LEU B 81 4.10 -10.73 3.35
N SER B 82 4.84 -11.81 3.19
CA SER B 82 5.01 -12.64 2.00
C SER B 82 5.93 -12.02 0.94
N GLY B 83 6.03 -10.68 0.92
CA GLY B 83 6.79 -9.94 -0.08
C GLY B 83 6.07 -10.02 -1.43
N ASP B 84 4.74 -10.08 -1.38
CA ASP B 84 3.91 -10.39 -2.52
C ASP B 84 3.52 -9.12 -3.27
N ALA B 85 3.99 -8.99 -4.52
CA ALA B 85 3.84 -7.76 -5.31
C ALA B 85 2.38 -7.40 -5.61
N ALA B 86 1.45 -8.36 -5.53
CA ALA B 86 0.02 -8.13 -5.75
C ALA B 86 -0.56 -7.08 -4.79
N ASP B 87 0.10 -6.78 -3.67
CA ASP B 87 -0.32 -5.80 -2.68
C ASP B 87 -0.18 -4.33 -3.15
N LYS B 88 -0.41 -4.05 -4.44
CA LYS B 88 -0.26 -2.73 -5.09
C LYS B 88 1.20 -2.23 -5.09
N CYS B 89 2.17 -3.16 -5.24
CA CYS B 89 3.62 -2.90 -5.38
C CYS B 89 4.10 -1.67 -4.59
N PRO B 90 3.77 -1.53 -3.29
CA PRO B 90 3.98 -0.29 -2.56
C PRO B 90 5.42 0.22 -2.59
N MET B 91 5.60 1.53 -2.85
CA MET B 91 6.93 2.13 -2.81
C MET B 91 7.44 2.37 -1.38
N THR B 92 6.53 2.51 -0.40
CA THR B 92 6.76 2.95 0.99
C THR B 92 7.53 4.30 1.09
N PRO B 93 6.94 5.37 1.66
CA PRO B 93 7.58 6.68 1.70
C PRO B 93 8.78 6.62 2.68
N PRO B 94 9.84 7.42 2.47
CA PRO B 94 11.06 7.38 3.28
C PRO B 94 10.86 7.79 4.75
N HIS B 95 9.65 8.25 5.12
CA HIS B 95 9.26 8.51 6.50
C HIS B 95 9.30 7.23 7.37
N VAL B 96 9.31 6.04 6.77
CA VAL B 96 9.20 4.77 7.48
C VAL B 96 10.10 3.69 6.85
N LYS B 97 10.58 2.76 7.67
CA LYS B 97 11.35 1.59 7.23
C LYS B 97 10.39 0.57 6.60
N ARG B 98 10.87 -0.25 5.66
CA ARG B 98 10.13 -1.40 5.15
C ARG B 98 11.10 -2.54 4.99
N GLU B 99 10.67 -3.73 5.39
CA GLU B 99 11.36 -4.98 5.12
C GLU B 99 10.27 -6.03 4.97
N HIS B 100 10.53 -7.04 4.14
CA HIS B 100 9.65 -8.17 3.96
C HIS B 100 10.09 -9.24 4.96
N TRP B 101 9.14 -9.85 5.67
CA TRP B 101 9.44 -10.79 6.75
C TRP B 101 8.75 -12.14 6.58
N GLY B 102 8.14 -12.40 5.43
CA GLY B 102 7.64 -13.70 5.03
C GLY B 102 7.91 -13.86 3.54
N PHE B 103 7.93 -15.09 3.04
CA PHE B 103 8.30 -15.41 1.66
C PHE B 103 7.27 -16.33 0.99
N ASP B 104 6.13 -16.57 1.65
CA ASP B 104 5.02 -17.40 1.19
C ASP B 104 3.75 -16.82 1.81
N ASP B 105 2.57 -17.19 1.29
CA ASP B 105 1.29 -16.58 1.62
C ASP B 105 0.26 -17.69 1.86
N PRO B 106 -0.37 -17.77 3.03
CA PRO B 106 -1.25 -18.87 3.39
C PRO B 106 -2.54 -18.86 2.59
N ALA B 107 -3.05 -17.70 2.16
CA ALA B 107 -4.20 -17.59 1.28
C ALA B 107 -3.96 -18.23 -0.11
N ARG B 108 -2.73 -18.65 -0.42
CA ARG B 108 -2.40 -19.36 -1.66
C ARG B 108 -2.68 -20.86 -1.56
N ALA B 109 -3.14 -21.34 -0.40
CA ALA B 109 -3.39 -22.73 -0.10
C ALA B 109 -3.89 -23.50 -1.31
N GLN B 110 -3.23 -24.63 -1.61
CA GLN B 110 -3.77 -25.55 -2.59
C GLN B 110 -4.98 -26.11 -1.87
N GLY B 111 -6.09 -26.22 -2.58
CA GLY B 111 -7.37 -26.50 -1.96
C GLY B 111 -7.64 -27.95 -1.60
N THR B 112 -6.62 -28.76 -1.29
CA THR B 112 -6.85 -30.09 -0.71
C THR B 112 -6.90 -29.93 0.80
N GLU B 113 -7.50 -30.89 1.50
CA GLU B 113 -7.71 -30.75 2.93
C GLU B 113 -6.38 -30.65 3.67
N GLU B 114 -5.39 -31.41 3.20
CA GLU B 114 -4.06 -31.44 3.74
C GLU B 114 -3.30 -30.20 3.30
N GLU B 115 -3.39 -29.77 2.05
CA GLU B 115 -2.52 -28.69 1.59
C GLU B 115 -3.04 -27.35 2.10
N LYS B 116 -4.35 -27.21 2.35
CA LYS B 116 -4.88 -26.04 3.03
C LYS B 116 -4.24 -25.96 4.40
N TRP B 117 -4.39 -27.01 5.21
CA TRP B 117 -3.86 -26.98 6.56
C TRP B 117 -2.35 -26.80 6.52
N ALA B 118 -1.67 -27.45 5.58
CA ALA B 118 -0.23 -27.38 5.42
C ALA B 118 0.25 -25.96 5.14
N PHE B 119 -0.40 -25.24 4.21
CA PHE B 119 -0.05 -23.86 3.91
C PHE B 119 -0.25 -22.99 5.15
N PHE B 120 -1.39 -23.17 5.83
CA PHE B 120 -1.71 -22.37 7.00
C PHE B 120 -0.67 -22.60 8.10
N GLN B 121 -0.38 -23.88 8.40
CA GLN B 121 0.52 -24.28 9.46
C GLN B 121 1.94 -23.77 9.17
N ARG B 122 2.41 -23.94 7.94
CA ARG B 122 3.75 -23.57 7.52
C ARG B 122 3.94 -22.09 7.80
N VAL B 123 3.05 -21.26 7.25
CA VAL B 123 3.27 -19.83 7.29
C VAL B 123 2.97 -19.30 8.71
N ARG B 124 1.94 -19.76 9.41
CA ARG B 124 1.63 -19.21 10.73
C ARG B 124 2.75 -19.48 11.72
N ASP B 125 3.36 -20.65 11.68
CA ASP B 125 4.49 -20.98 12.56
C ASP B 125 5.69 -20.09 12.25
N GLU B 126 5.97 -19.88 10.96
CA GLU B 126 7.10 -19.05 10.53
C GLU B 126 6.87 -17.58 10.93
N ILE B 127 5.67 -17.05 10.66
CA ILE B 127 5.23 -15.73 11.06
C ILE B 127 5.43 -15.59 12.57
N GLY B 128 4.97 -16.57 13.37
CA GLY B 128 5.01 -16.48 14.81
C GLY B 128 6.43 -16.32 15.35
N ASN B 129 7.34 -17.17 14.89
CA ASN B 129 8.73 -17.13 15.34
C ASN B 129 9.39 -15.82 14.93
N ARG B 130 9.14 -15.36 13.70
CA ARG B 130 9.72 -14.12 13.22
C ARG B 130 9.17 -12.93 13.99
N LEU B 131 7.86 -12.86 14.27
CA LEU B 131 7.30 -11.75 15.02
C LEU B 131 7.82 -11.72 16.45
N LYS B 132 8.07 -12.87 17.08
CA LYS B 132 8.69 -12.91 18.40
C LYS B 132 10.08 -12.26 18.37
N GLU B 133 10.84 -12.34 17.27
CA GLU B 133 12.12 -11.64 17.22
C GLU B 133 11.94 -10.14 17.31
N PHE B 134 10.86 -9.52 16.86
CA PHE B 134 10.73 -8.06 16.98
C PHE B 134 10.72 -7.67 18.45
N ALA B 135 10.06 -8.50 19.27
CA ALA B 135 10.03 -8.30 20.70
C ALA B 135 11.43 -8.45 21.33
N GLU B 136 12.27 -9.32 20.76
CA GLU B 136 13.62 -9.59 21.24
C GLU B 136 14.63 -8.54 20.75
N THR B 137 14.52 -8.17 19.48
CA THR B 137 15.47 -7.36 18.72
C THR B 137 15.17 -5.87 18.87
N GLY B 138 13.94 -5.52 19.30
CA GLY B 138 13.47 -4.14 19.40
C GLY B 138 13.22 -3.51 18.03
N LYS B 139 13.15 -4.35 16.99
CA LYS B 139 12.86 -3.97 15.63
C LYS B 139 11.48 -3.33 15.57
N MET A 1 0.62 19.74 -22.17
CA MET A 1 1.66 19.75 -23.22
C MET A 1 2.96 19.23 -22.61
N ALA A 2 3.42 18.06 -23.08
CA ALA A 2 4.51 17.24 -22.54
C ALA A 2 4.16 16.69 -21.15
N ILE A 3 4.81 15.58 -20.78
CA ILE A 3 4.76 15.01 -19.46
C ILE A 3 5.88 15.71 -18.67
N VAL A 4 5.48 16.59 -17.76
CA VAL A 4 6.35 17.31 -16.85
C VAL A 4 6.72 16.37 -15.69
N LYS A 5 7.71 16.77 -14.89
CA LYS A 5 8.17 16.06 -13.71
C LYS A 5 8.07 17.02 -12.52
N ALA A 6 7.26 16.64 -11.54
CA ALA A 6 7.17 17.31 -10.26
C ALA A 6 8.37 16.88 -9.39
N THR A 7 8.56 17.58 -8.28
CA THR A 7 9.49 17.21 -7.22
C THR A 7 8.81 17.38 -5.86
N ASP A 8 9.63 17.34 -4.81
CA ASP A 8 9.29 17.68 -3.43
C ASP A 8 8.65 19.06 -3.29
N GLN A 9 8.81 19.96 -4.26
CA GLN A 9 8.22 21.30 -4.26
C GLN A 9 7.73 21.73 -5.64
N SER A 10 8.37 21.29 -6.73
CA SER A 10 7.97 21.69 -8.08
C SER A 10 6.54 21.21 -8.43
N PHE A 11 6.01 20.21 -7.72
CA PHE A 11 4.60 19.83 -7.83
C PHE A 11 3.72 21.07 -7.68
N SER A 12 3.87 21.81 -6.59
CA SER A 12 3.03 22.96 -6.31
C SER A 12 3.21 24.01 -7.39
N ALA A 13 4.45 24.26 -7.77
CA ALA A 13 4.76 25.31 -8.72
C ALA A 13 4.10 25.03 -10.08
N GLU A 14 4.06 23.77 -10.49
CA GLU A 14 3.46 23.32 -11.73
C GLU A 14 1.93 23.23 -11.66
N THR A 15 1.33 23.13 -10.48
CA THR A 15 -0.09 22.81 -10.30
C THR A 15 -0.92 24.02 -9.83
N SER A 16 -0.28 25.15 -9.48
CA SER A 16 -0.95 26.31 -8.91
C SER A 16 -1.81 27.08 -9.91
N GLU A 17 -1.76 26.72 -11.20
CA GLU A 17 -2.48 27.39 -12.26
C GLU A 17 -2.99 26.36 -13.28
N GLY A 18 -4.08 26.70 -13.98
CA GLY A 18 -4.70 25.87 -15.00
C GLY A 18 -5.31 24.61 -14.41
N VAL A 19 -5.47 23.60 -15.26
CA VAL A 19 -5.86 22.25 -14.87
C VAL A 19 -4.68 21.35 -15.15
N VAL A 20 -4.33 20.54 -14.15
CA VAL A 20 -3.11 19.77 -14.12
C VAL A 20 -3.42 18.39 -13.55
N LEU A 21 -3.22 17.39 -14.39
CA LEU A 21 -3.24 16.00 -13.97
C LEU A 21 -1.88 15.73 -13.35
N ALA A 22 -1.82 15.31 -12.09
CA ALA A 22 -0.60 14.84 -11.50
C ALA A 22 -0.72 13.33 -11.30
N ASP A 23 0.39 12.63 -11.45
CA ASP A 23 0.46 11.18 -11.52
C ASP A 23 1.70 10.69 -10.78
N PHE A 24 1.62 9.50 -10.21
CA PHE A 24 2.59 8.94 -9.30
C PHE A 24 2.87 7.53 -9.79
N TRP A 25 4.10 7.30 -10.26
CA TRP A 25 4.56 6.07 -10.88
C TRP A 25 5.91 5.71 -10.24
N ALA A 26 6.24 4.42 -10.15
CA ALA A 26 7.58 3.96 -9.78
C ALA A 26 7.69 2.44 -10.01
N PRO A 27 8.90 1.87 -10.01
CA PRO A 27 9.13 0.46 -10.28
C PRO A 27 8.33 -0.53 -9.40
N TRP A 28 7.76 -0.10 -8.27
CA TRP A 28 6.96 -0.91 -7.35
C TRP A 28 5.79 -1.65 -8.02
N CYS A 29 5.25 -1.16 -9.14
CA CYS A 29 4.04 -1.72 -9.73
C CYS A 29 4.17 -1.86 -11.24
N GLY A 30 3.47 -2.85 -11.80
CA GLY A 30 3.34 -3.04 -13.25
C GLY A 30 2.60 -1.87 -13.91
N PRO A 31 1.41 -1.47 -13.41
CA PRO A 31 0.70 -0.27 -13.83
C PRO A 31 1.52 1.01 -13.96
N SER A 32 2.62 1.20 -13.25
CA SER A 32 3.49 2.35 -13.47
C SER A 32 3.97 2.41 -14.93
N LYS A 33 4.21 1.24 -15.54
CA LYS A 33 4.65 1.13 -16.93
C LYS A 33 3.47 1.03 -17.90
N MET A 34 2.22 1.21 -17.45
CA MET A 34 1.03 1.20 -18.29
C MET A 34 0.33 2.56 -18.20
N ILE A 35 0.22 3.14 -17.00
CA ILE A 35 -0.22 4.51 -16.81
C ILE A 35 0.77 5.47 -17.50
N ALA A 36 2.07 5.13 -17.53
CA ALA A 36 3.09 5.92 -18.20
C ALA A 36 2.77 6.13 -19.69
N PRO A 37 2.66 5.07 -20.52
CA PRO A 37 2.26 5.20 -21.92
C PRO A 37 0.89 5.85 -22.04
N VAL A 38 -0.07 5.50 -21.18
CA VAL A 38 -1.41 6.06 -21.21
C VAL A 38 -1.35 7.59 -21.09
N LEU A 39 -0.47 8.13 -20.26
CA LEU A 39 -0.38 9.57 -20.09
C LEU A 39 0.28 10.23 -21.29
N GLU A 40 1.32 9.64 -21.88
CA GLU A 40 1.90 10.20 -23.08
C GLU A 40 0.89 10.14 -24.23
N GLU A 41 0.07 9.10 -24.28
CA GLU A 41 -1.05 8.95 -25.22
C GLU A 41 -2.21 9.90 -24.89
N LEU A 42 -2.29 10.45 -23.68
CA LEU A 42 -3.30 11.40 -23.26
C LEU A 42 -2.83 12.81 -23.64
N ASP A 43 -1.57 13.12 -23.40
CA ASP A 43 -1.05 14.46 -23.64
C ASP A 43 -0.94 14.74 -25.13
N GLN A 44 -0.54 13.74 -25.91
CA GLN A 44 -0.49 13.90 -27.36
C GLN A 44 -1.89 14.06 -27.98
N GLU A 45 -2.96 13.80 -27.22
CA GLU A 45 -4.32 13.91 -27.68
C GLU A 45 -4.96 15.21 -27.22
N MET A 46 -4.83 15.56 -25.94
CA MET A 46 -5.54 16.67 -25.31
C MET A 46 -4.64 17.52 -24.43
N GLY A 47 -3.33 17.36 -24.55
CA GLY A 47 -2.36 18.19 -23.85
C GLY A 47 -2.34 19.63 -24.34
N ASP A 48 -3.15 19.96 -25.34
CA ASP A 48 -3.40 21.32 -25.75
C ASP A 48 -4.19 22.07 -24.69
N LYS A 49 -4.95 21.34 -23.86
CA LYS A 49 -5.79 21.90 -22.82
C LYS A 49 -5.26 21.60 -21.43
N LEU A 50 -4.52 20.50 -21.29
CA LEU A 50 -4.14 19.91 -20.02
C LEU A 50 -2.62 19.85 -19.85
N LYS A 51 -2.15 20.02 -18.61
CA LYS A 51 -0.77 19.76 -18.23
C LYS A 51 -0.76 18.41 -17.52
N ILE A 52 0.28 17.61 -17.70
CA ILE A 52 0.43 16.33 -17.04
C ILE A 52 1.78 16.40 -16.34
N VAL A 53 1.86 15.93 -15.10
CA VAL A 53 3.05 16.01 -14.27
C VAL A 53 3.20 14.64 -13.58
N LYS A 54 4.34 13.98 -13.72
CA LYS A 54 4.60 12.74 -12.97
C LYS A 54 5.48 13.03 -11.77
N ILE A 55 5.41 12.18 -10.74
CA ILE A 55 6.29 12.13 -9.59
C ILE A 55 6.96 10.77 -9.74
N ASP A 56 8.29 10.73 -9.68
CA ASP A 56 9.04 9.48 -9.58
C ASP A 56 8.97 9.06 -8.12
N VAL A 57 8.14 8.06 -7.82
CA VAL A 57 7.79 7.66 -6.46
C VAL A 57 8.89 6.77 -5.82
N ASP A 58 10.15 7.13 -6.05
CA ASP A 58 11.31 6.56 -5.36
C ASP A 58 12.43 7.60 -5.24
N GLU A 59 12.73 8.35 -6.31
CA GLU A 59 13.77 9.37 -6.30
C GLU A 59 13.20 10.70 -5.82
N ASN A 60 11.93 10.98 -6.13
CA ASN A 60 11.29 12.28 -5.95
C ASN A 60 9.92 12.12 -5.30
N GLN A 61 9.79 11.07 -4.48
CA GLN A 61 8.53 10.61 -3.95
C GLN A 61 7.99 11.51 -2.84
N GLU A 62 8.76 12.53 -2.45
CA GLU A 62 8.54 13.36 -1.29
C GLU A 62 7.10 13.91 -1.27
N THR A 63 6.60 14.42 -2.40
CA THR A 63 5.23 14.90 -2.51
C THR A 63 4.20 13.77 -2.35
N ALA A 64 4.54 12.52 -2.65
CA ALA A 64 3.64 11.38 -2.51
C ALA A 64 3.41 11.13 -1.04
N GLY A 65 4.47 10.77 -0.31
CA GLY A 65 4.49 10.69 1.15
C GLY A 65 3.90 11.93 1.84
N LYS A 66 4.15 13.15 1.33
CA LYS A 66 3.59 14.40 1.87
C LYS A 66 2.07 14.36 1.79
N TYR A 67 1.51 13.99 0.63
CA TYR A 67 0.07 13.87 0.47
C TYR A 67 -0.47 12.62 1.17
N GLY A 68 0.40 11.69 1.58
CA GLY A 68 0.04 10.45 2.26
C GLY A 68 -0.73 9.57 1.30
N VAL A 69 -0.13 9.26 0.14
CA VAL A 69 -0.82 8.57 -0.94
C VAL A 69 -0.56 7.09 -0.78
N MET A 70 0.72 6.77 -0.50
CA MET A 70 1.30 5.47 -0.18
C MET A 70 0.83 4.35 -1.11
N SER A 71 0.30 4.67 -2.30
CA SER A 71 -0.31 3.75 -3.25
C SER A 71 0.23 4.04 -4.64
N ILE A 72 0.22 3.06 -5.57
CA ILE A 72 0.55 3.30 -6.97
C ILE A 72 -0.36 2.45 -7.86
N PRO A 73 -0.79 2.95 -9.04
CA PRO A 73 -0.66 4.33 -9.48
C PRO A 73 -1.52 5.25 -8.63
N THR A 74 -1.04 6.46 -8.38
CA THR A 74 -1.89 7.50 -7.78
C THR A 74 -2.05 8.61 -8.83
N LEU A 75 -3.24 9.19 -8.91
CA LEU A 75 -3.56 10.37 -9.68
C LEU A 75 -4.14 11.37 -8.70
N LEU A 76 -3.72 12.63 -8.80
CA LEU A 76 -4.32 13.75 -8.10
C LEU A 76 -4.63 14.74 -9.21
N VAL A 77 -5.91 14.93 -9.53
CA VAL A 77 -6.31 15.94 -10.50
C VAL A 77 -6.39 17.25 -9.70
N LEU A 78 -5.58 18.24 -10.08
CA LEU A 78 -5.54 19.54 -9.45
C LEU A 78 -5.96 20.59 -10.47
N LYS A 79 -6.52 21.70 -10.01
CA LYS A 79 -6.76 22.87 -10.82
C LYS A 79 -6.65 24.09 -9.94
N ASP A 80 -6.11 25.16 -10.50
CA ASP A 80 -5.84 26.44 -9.87
C ASP A 80 -5.21 26.32 -8.46
N GLY A 81 -4.47 25.24 -8.20
CA GLY A 81 -3.72 25.01 -6.97
C GLY A 81 -4.39 24.12 -5.92
N GLU A 82 -5.51 23.50 -6.24
CA GLU A 82 -6.24 22.62 -5.33
C GLU A 82 -6.68 21.32 -6.02
N VAL A 83 -6.74 20.23 -5.26
CA VAL A 83 -7.22 18.94 -5.73
C VAL A 83 -8.73 19.00 -5.90
N VAL A 84 -9.22 18.37 -6.98
CA VAL A 84 -10.61 18.28 -7.33
C VAL A 84 -11.01 16.83 -7.65
N GLU A 85 -10.05 15.96 -7.99
CA GLU A 85 -10.26 14.52 -8.14
C GLU A 85 -9.01 13.77 -7.71
N THR A 86 -9.15 12.48 -7.43
CA THR A 86 -8.10 11.63 -6.91
C THR A 86 -8.41 10.19 -7.32
N SER A 87 -7.40 9.36 -7.54
CA SER A 87 -7.53 7.92 -7.74
C SER A 87 -6.26 7.24 -7.26
N VAL A 88 -6.38 6.00 -6.79
CA VAL A 88 -5.30 5.20 -6.25
C VAL A 88 -5.42 3.81 -6.89
N GLY A 89 -5.26 3.80 -8.20
CA GLY A 89 -5.34 2.60 -9.04
C GLY A 89 -5.15 2.94 -10.52
N PHE A 90 -4.96 1.90 -11.33
CA PHE A 90 -4.85 2.01 -12.78
C PHE A 90 -6.17 2.44 -13.41
N LYS A 91 -6.11 3.11 -14.56
CA LYS A 91 -7.26 3.41 -15.42
C LYS A 91 -6.77 3.33 -16.88
N PRO A 92 -7.56 2.80 -17.84
CA PRO A 92 -7.20 2.83 -19.26
C PRO A 92 -7.33 4.25 -19.80
N LYS A 93 -6.80 4.48 -21.01
CA LYS A 93 -6.65 5.82 -21.61
C LYS A 93 -7.94 6.61 -21.59
N GLU A 94 -9.06 5.99 -21.95
CA GLU A 94 -10.33 6.68 -22.05
C GLU A 94 -10.84 7.08 -20.67
N ALA A 95 -10.74 6.18 -19.69
CA ALA A 95 -11.17 6.48 -18.33
C ALA A 95 -10.26 7.54 -17.71
N LEU A 96 -8.98 7.54 -18.09
CA LEU A 96 -8.02 8.55 -17.68
C LEU A 96 -8.46 9.92 -18.18
N GLN A 97 -8.72 10.02 -19.49
CA GLN A 97 -9.09 11.27 -20.12
C GLN A 97 -10.44 11.74 -19.58
N GLU A 98 -11.37 10.82 -19.33
CA GLU A 98 -12.66 11.15 -18.75
C GLU A 98 -12.50 11.75 -17.36
N LEU A 99 -11.69 11.11 -16.50
CA LEU A 99 -11.50 11.48 -15.11
C LEU A 99 -11.04 12.93 -15.00
N VAL A 100 -10.09 13.33 -15.84
CA VAL A 100 -9.60 14.70 -15.83
C VAL A 100 -10.55 15.62 -16.59
N ASN A 101 -11.17 15.16 -17.69
CA ASN A 101 -12.11 15.95 -18.50
C ASN A 101 -13.31 16.46 -17.69
N LYS A 102 -13.68 15.75 -16.61
CA LYS A 102 -14.72 16.18 -15.67
C LYS A 102 -14.42 17.56 -15.06
N HIS A 103 -13.15 17.99 -15.04
CA HIS A 103 -12.71 19.22 -14.35
C HIS A 103 -11.83 20.12 -15.23
N LEU A 104 -11.25 19.56 -16.29
CA LEU A 104 -10.54 20.22 -17.37
C LEU A 104 -11.56 20.97 -18.21
N MET B 1 10.64 4.72 24.11
CA MET B 1 9.37 5.32 24.58
C MET B 1 8.24 4.29 24.52
N GLU B 2 7.25 4.38 25.42
CA GLU B 2 6.11 3.47 25.42
C GLU B 2 5.28 3.73 24.15
N ASN B 3 4.99 2.66 23.42
CA ASN B 3 4.40 2.61 22.08
C ASN B 3 5.34 3.23 21.05
N LYS B 4 5.64 2.38 20.08
CA LYS B 4 6.39 2.57 18.85
C LYS B 4 5.53 1.81 17.86
N ILE B 5 5.17 2.44 16.76
CA ILE B 5 4.14 1.91 15.88
C ILE B 5 4.78 1.07 14.77
N ILE B 6 4.08 0.00 14.39
CA ILE B 6 4.52 -1.00 13.43
C ILE B 6 3.26 -1.53 12.73
N TYR B 7 3.36 -1.92 11.46
CA TYR B 7 2.20 -2.22 10.62
C TYR B 7 2.43 -3.44 9.75
N PHE B 8 1.37 -4.24 9.56
CA PHE B 8 1.33 -5.32 8.58
C PHE B 8 0.62 -4.81 7.34
N LEU B 9 1.06 -5.22 6.15
CA LEU B 9 0.48 -4.78 4.89
C LEU B 9 0.53 -5.94 3.90
N SER B 10 -0.59 -6.21 3.22
CA SER B 10 -0.76 -7.26 2.22
C SER B 10 -2.11 -7.07 1.52
N THR B 11 -2.36 -7.85 0.47
CA THR B 11 -3.63 -7.94 -0.23
C THR B 11 -4.76 -8.14 0.78
N GLY B 12 -5.78 -7.28 0.75
CA GLY B 12 -7.05 -7.41 1.47
C GLY B 12 -6.98 -7.63 2.99
N ASN B 13 -5.79 -7.61 3.61
CA ASN B 13 -5.55 -8.02 5.00
C ASN B 13 -6.19 -9.38 5.37
N SER B 14 -6.53 -10.18 4.36
CA SER B 14 -7.35 -11.38 4.42
C SER B 14 -6.59 -12.66 4.79
N ALA B 15 -5.93 -12.64 5.96
CA ALA B 15 -5.30 -13.76 6.69
C ALA B 15 -3.93 -13.41 7.25
N ARG B 16 -3.02 -13.04 6.37
CA ARG B 16 -1.59 -12.90 6.68
C ARG B 16 -1.39 -11.98 7.88
N SER B 17 -1.94 -10.77 7.82
CA SER B 17 -1.83 -9.82 8.91
C SER B 17 -2.63 -10.25 10.13
N GLN B 18 -3.77 -10.94 9.95
CA GLN B 18 -4.61 -11.40 11.05
C GLN B 18 -3.81 -12.31 11.96
N MET B 19 -3.11 -13.28 11.37
CA MET B 19 -2.34 -14.21 12.16
C MET B 19 -1.13 -13.48 12.76
N ALA B 20 -0.47 -12.61 11.99
CA ALA B 20 0.72 -11.91 12.42
C ALA B 20 0.42 -10.99 13.61
N GLU B 21 -0.69 -10.26 13.60
CA GLU B 21 -1.06 -9.39 14.71
C GLU B 21 -1.47 -10.19 15.95
N GLY B 22 -2.04 -11.39 15.77
CA GLY B 22 -2.29 -12.31 16.88
C GLY B 22 -0.96 -12.79 17.48
N TRP B 23 -0.04 -13.24 16.62
CA TRP B 23 1.32 -13.63 16.99
C TRP B 23 2.07 -12.48 17.67
N ALA B 24 1.81 -11.26 17.23
CA ALA B 24 2.57 -10.11 17.64
C ALA B 24 2.26 -9.76 19.09
N LYS B 25 0.99 -9.54 19.43
CA LYS B 25 0.66 -8.96 20.73
C LYS B 25 1.02 -9.86 21.91
N GLN B 26 1.11 -11.19 21.71
CA GLN B 26 1.60 -12.05 22.78
C GLN B 26 3.09 -11.81 23.14
N TYR B 27 3.87 -11.13 22.29
CA TYR B 27 5.28 -10.79 22.52
C TYR B 27 5.57 -9.29 22.41
N LEU B 28 4.63 -8.49 21.90
CA LEU B 28 4.75 -7.07 21.68
C LEU B 28 3.73 -6.43 22.62
N GLY B 29 4.16 -6.24 23.87
CA GLY B 29 3.39 -5.57 24.91
C GLY B 29 3.17 -4.09 24.59
N ASP B 30 2.68 -3.31 25.58
CA ASP B 30 2.38 -1.88 25.44
C ASP B 30 3.64 -1.02 25.17
N GLU B 31 4.82 -1.64 25.19
CA GLU B 31 6.04 -1.02 24.72
C GLU B 31 5.92 -0.71 23.21
N TRP B 32 5.08 -1.44 22.48
CA TRP B 32 4.91 -1.37 21.03
C TRP B 32 3.44 -1.05 20.72
N LYS B 33 3.10 -0.93 19.44
CA LYS B 33 1.71 -0.84 19.01
C LYS B 33 1.63 -1.33 17.57
N VAL B 34 0.74 -2.28 17.29
CA VAL B 34 0.72 -2.98 16.01
C VAL B 34 -0.66 -2.82 15.36
N TYR B 35 -0.67 -2.69 14.04
CA TYR B 35 -1.84 -2.44 13.20
C TYR B 35 -1.68 -3.22 11.89
N SER B 36 -2.74 -3.25 11.07
CA SER B 36 -2.82 -4.06 9.87
C SER B 36 -3.65 -3.33 8.82
N ALA B 37 -3.32 -3.48 7.52
CA ALA B 37 -4.01 -2.80 6.43
C ALA B 37 -3.87 -3.56 5.10
N GLY B 38 -4.61 -3.12 4.10
CA GLY B 38 -4.53 -3.60 2.72
C GLY B 38 -5.44 -2.78 1.81
N ILE B 39 -5.43 -3.10 0.51
CA ILE B 39 -6.15 -2.40 -0.56
C ILE B 39 -7.63 -2.13 -0.25
N GLU B 40 -8.38 -3.18 0.09
CA GLU B 40 -9.83 -3.17 0.30
C GLU B 40 -10.12 -3.97 1.59
N ALA B 41 -9.16 -3.89 2.51
CA ALA B 41 -9.05 -4.68 3.71
C ALA B 41 -10.13 -4.47 4.76
N HIS B 42 -10.73 -5.59 5.17
CA HIS B 42 -11.63 -5.76 6.32
C HIS B 42 -11.82 -7.26 6.66
N GLY B 43 -11.17 -8.19 5.94
CA GLY B 43 -11.48 -9.61 6.03
C GLY B 43 -10.75 -10.36 7.12
N LEU B 44 -11.48 -10.77 8.17
CA LEU B 44 -10.98 -11.70 9.18
C LEU B 44 -11.15 -13.12 8.61
N ASN B 45 -10.18 -13.53 7.79
CA ASN B 45 -10.23 -14.82 7.09
C ASN B 45 -10.25 -15.97 8.11
N PRO B 46 -11.24 -16.87 8.09
CA PRO B 46 -11.34 -17.94 9.08
C PRO B 46 -10.14 -18.90 9.05
N ASN B 47 -9.40 -19.01 7.94
CA ASN B 47 -8.18 -19.81 7.92
C ASN B 47 -7.13 -19.24 8.87
N ALA B 48 -7.08 -17.92 9.04
CA ALA B 48 -6.13 -17.29 9.92
C ALA B 48 -6.60 -17.42 11.37
N VAL B 49 -7.91 -17.38 11.59
CA VAL B 49 -8.48 -17.68 12.90
C VAL B 49 -8.01 -19.09 13.30
N LYS B 50 -8.19 -20.08 12.42
CA LYS B 50 -7.71 -21.44 12.63
C LYS B 50 -6.20 -21.45 12.87
N ALA B 51 -5.44 -20.72 12.06
CA ALA B 51 -3.99 -20.60 12.19
C ALA B 51 -3.56 -20.15 13.59
N MET B 52 -4.35 -19.31 14.28
CA MET B 52 -4.00 -18.82 15.60
C MET B 52 -4.55 -19.74 16.68
N LYS B 53 -5.68 -20.42 16.45
CA LYS B 53 -6.14 -21.47 17.35
C LYS B 53 -5.12 -22.62 17.39
N GLU B 54 -4.28 -22.82 16.36
CA GLU B 54 -3.20 -23.81 16.39
C GLU B 54 -2.27 -23.58 17.59
N VAL B 55 -2.03 -22.31 17.94
CA VAL B 55 -1.15 -21.88 19.01
C VAL B 55 -1.94 -21.24 20.17
N GLY B 56 -3.27 -21.46 20.20
CA GLY B 56 -4.13 -21.04 21.29
C GLY B 56 -4.18 -19.53 21.47
N ILE B 57 -4.25 -18.75 20.38
CA ILE B 57 -4.49 -17.31 20.45
C ILE B 57 -5.84 -17.11 19.78
N ASP B 58 -6.83 -16.63 20.53
CA ASP B 58 -8.10 -16.27 19.92
C ASP B 58 -7.92 -14.97 19.13
N ILE B 59 -8.42 -14.97 17.90
CA ILE B 59 -8.54 -13.77 17.09
C ILE B 59 -9.92 -13.65 16.47
N SER B 60 -10.91 -14.43 16.90
CA SER B 60 -12.27 -14.28 16.39
C SER B 60 -12.82 -12.86 16.67
N ASN B 61 -12.18 -12.16 17.62
CA ASN B 61 -12.44 -10.79 18.03
C ASN B 61 -11.82 -9.73 17.10
N GLN B 62 -10.91 -10.08 16.17
CA GLN B 62 -10.16 -9.09 15.40
C GLN B 62 -11.04 -8.35 14.39
N THR B 63 -10.57 -7.17 14.03
CA THR B 63 -11.15 -6.23 13.07
C THR B 63 -10.08 -5.82 12.06
N SER B 64 -10.45 -5.14 10.96
CA SER B 64 -9.51 -4.68 9.94
C SER B 64 -10.10 -3.49 9.16
N ASP B 65 -9.25 -2.84 8.37
CA ASP B 65 -9.50 -1.57 7.69
C ASP B 65 -8.46 -1.40 6.57
N ILE B 66 -8.72 -0.49 5.62
CA ILE B 66 -7.85 -0.21 4.49
C ILE B 66 -6.56 0.52 4.90
N ILE B 67 -5.63 0.69 3.96
CA ILE B 67 -4.45 1.54 4.11
C ILE B 67 -4.90 2.91 4.63
N ASP B 68 -4.22 3.42 5.65
CA ASP B 68 -4.52 4.72 6.25
C ASP B 68 -3.21 5.36 6.69
N SER B 69 -2.74 6.27 5.86
CA SER B 69 -1.53 7.06 6.03
C SER B 69 -1.41 7.72 7.40
N ASP B 70 -2.54 8.04 8.07
CA ASP B 70 -2.52 8.73 9.36
C ASP B 70 -1.85 7.90 10.45
N ILE B 71 -1.71 6.59 10.24
CA ILE B 71 -1.09 5.66 11.17
C ILE B 71 -0.01 4.86 10.44
N LEU B 72 -0.19 4.52 9.15
CA LEU B 72 0.80 3.78 8.38
C LEU B 72 2.04 4.63 8.15
N ASN B 73 1.90 5.84 7.58
CA ASN B 73 3.04 6.75 7.42
C ASN B 73 3.60 7.14 8.80
N ASN B 74 2.75 7.09 9.83
CA ASN B 74 3.10 7.40 11.21
C ASN B 74 3.96 6.30 11.87
N ALA B 75 3.87 5.06 11.36
CA ALA B 75 4.61 3.91 11.83
C ALA B 75 6.12 4.12 11.73
N ASP B 76 6.85 3.26 12.44
CA ASP B 76 8.31 3.12 12.31
C ASP B 76 8.68 2.06 11.28
N LEU B 77 7.84 1.01 11.13
CA LEU B 77 8.14 -0.18 10.34
C LEU B 77 6.88 -0.70 9.65
N VAL B 78 6.99 -1.06 8.38
CA VAL B 78 5.98 -1.79 7.61
C VAL B 78 6.56 -3.16 7.29
N VAL B 79 5.95 -4.20 7.84
CA VAL B 79 6.27 -5.57 7.52
C VAL B 79 5.25 -6.01 6.47
N THR B 80 5.71 -6.18 5.24
CA THR B 80 4.90 -6.81 4.22
C THR B 80 4.87 -8.32 4.53
N LEU B 81 3.75 -8.98 4.24
CA LEU B 81 3.51 -10.39 4.60
C LEU B 81 3.03 -11.20 3.39
N SER B 82 3.48 -10.84 2.20
CA SER B 82 3.10 -11.52 0.97
C SER B 82 4.19 -11.25 -0.09
N GLY B 83 4.06 -11.89 -1.25
CA GLY B 83 4.93 -11.69 -2.41
C GLY B 83 4.04 -11.50 -3.63
N ASP B 84 3.18 -10.48 -3.57
CA ASP B 84 2.09 -10.24 -4.51
C ASP B 84 2.02 -8.73 -4.85
N ALA B 85 1.09 -8.33 -5.71
CA ALA B 85 0.86 -6.96 -6.17
C ALA B 85 -0.63 -6.57 -6.11
N ALA B 86 -1.53 -7.53 -5.82
CA ALA B 86 -2.94 -7.25 -5.57
C ALA B 86 -3.12 -6.28 -4.38
N ASP B 87 -2.12 -6.19 -3.50
CA ASP B 87 -2.01 -5.27 -2.38
C ASP B 87 -2.01 -3.77 -2.73
N LYS B 88 -1.94 -3.39 -4.01
CA LYS B 88 -1.93 -2.01 -4.57
C LYS B 88 -0.49 -1.48 -4.74
N CYS B 89 0.51 -2.36 -4.70
CA CYS B 89 1.94 -2.03 -4.63
C CYS B 89 2.19 -0.81 -3.73
N PRO B 90 1.65 -0.75 -2.49
CA PRO B 90 1.74 0.45 -1.69
C PRO B 90 3.20 0.83 -1.55
N MET B 91 3.54 2.10 -1.79
CA MET B 91 4.93 2.51 -1.93
C MET B 91 5.63 2.93 -0.63
N THR B 92 4.99 2.74 0.53
CA THR B 92 5.56 2.88 1.88
C THR B 92 6.50 4.09 1.99
N PRO B 93 5.95 5.31 2.21
CA PRO B 93 6.72 6.54 2.11
C PRO B 93 7.94 6.54 3.07
N PRO B 94 9.11 7.07 2.68
CA PRO B 94 10.41 6.99 3.37
C PRO B 94 10.46 7.33 4.86
N HIS B 95 9.43 7.93 5.44
CA HIS B 95 9.32 8.11 6.88
C HIS B 95 9.33 6.78 7.64
N VAL B 96 9.09 5.65 6.95
CA VAL B 96 8.91 4.33 7.55
C VAL B 96 9.92 3.36 6.93
N LYS B 97 10.54 2.50 7.75
CA LYS B 97 11.38 1.39 7.28
C LYS B 97 10.44 0.29 6.77
N ARG B 98 10.91 -0.59 5.87
CA ARG B 98 10.10 -1.70 5.39
C ARG B 98 10.96 -2.94 5.20
N GLU B 99 10.35 -4.11 5.42
CA GLU B 99 10.90 -5.41 5.09
C GLU B 99 9.72 -6.34 4.79
N HIS B 100 9.97 -7.46 4.10
CA HIS B 100 9.03 -8.55 3.94
C HIS B 100 9.38 -9.62 4.97
N TRP B 101 8.43 -10.00 5.83
CA TRP B 101 8.56 -11.17 6.72
C TRP B 101 7.61 -12.29 6.27
N GLY B 102 6.91 -12.07 5.15
CA GLY B 102 6.13 -13.06 4.43
C GLY B 102 6.31 -12.71 2.95
N PHE B 103 6.26 -13.74 2.10
CA PHE B 103 6.62 -13.70 0.68
C PHE B 103 5.74 -14.66 -0.12
N ASP B 104 4.69 -15.20 0.51
CA ASP B 104 3.76 -16.19 0.00
C ASP B 104 2.45 -15.98 0.77
N ASP B 105 1.35 -16.59 0.34
CA ASP B 105 0.03 -16.33 0.89
C ASP B 105 -0.69 -17.66 1.17
N PRO B 106 -0.99 -17.97 2.45
CA PRO B 106 -1.56 -19.25 2.84
C PRO B 106 -3.03 -19.42 2.45
N ALA B 107 -3.79 -18.32 2.30
CA ALA B 107 -5.20 -18.38 1.93
C ALA B 107 -5.39 -18.93 0.50
N ARG B 108 -4.30 -19.11 -0.24
CA ARG B 108 -4.26 -19.60 -1.63
C ARG B 108 -4.05 -21.11 -1.69
N ALA B 109 -4.16 -21.80 -0.55
CA ALA B 109 -3.86 -23.22 -0.40
C ALA B 109 -4.45 -24.06 -1.53
N GLN B 110 -3.74 -25.15 -1.85
CA GLN B 110 -4.07 -26.00 -2.99
C GLN B 110 -5.51 -26.49 -2.88
N GLY B 111 -5.90 -26.98 -1.71
CA GLY B 111 -7.29 -27.27 -1.44
C GLY B 111 -7.58 -28.59 -0.75
N THR B 112 -6.61 -29.51 -0.78
CA THR B 112 -6.73 -30.79 -0.10
C THR B 112 -6.69 -30.54 1.39
N GLU B 113 -7.19 -31.47 2.19
CA GLU B 113 -7.30 -31.26 3.62
C GLU B 113 -5.93 -31.00 4.25
N GLU B 114 -4.93 -31.72 3.74
CA GLU B 114 -3.55 -31.59 4.14
C GLU B 114 -2.98 -30.29 3.58
N GLU B 115 -3.22 -29.92 2.32
CA GLU B 115 -2.51 -28.77 1.77
C GLU B 115 -3.10 -27.47 2.32
N LYS B 116 -4.39 -27.46 2.69
CA LYS B 116 -4.96 -26.34 3.43
C LYS B 116 -4.24 -26.15 4.74
N TRP B 117 -4.24 -27.17 5.60
CA TRP B 117 -3.59 -27.03 6.89
C TRP B 117 -2.10 -26.73 6.69
N ALA B 118 -1.46 -27.37 5.72
CA ALA B 118 -0.05 -27.21 5.47
C ALA B 118 0.32 -25.80 5.04
N PHE B 119 -0.46 -25.17 4.15
CA PHE B 119 -0.20 -23.80 3.74
C PHE B 119 -0.34 -22.88 4.95
N PHE B 120 -1.42 -23.03 5.72
CA PHE B 120 -1.66 -22.17 6.87
C PHE B 120 -0.51 -22.32 7.86
N GLN B 121 -0.18 -23.56 8.24
CA GLN B 121 0.83 -23.86 9.24
C GLN B 121 2.20 -23.36 8.82
N ARG B 122 2.59 -23.57 7.56
CA ARG B 122 3.91 -23.20 7.07
C ARG B 122 4.10 -21.71 7.20
N VAL B 123 3.16 -20.92 6.67
CA VAL B 123 3.31 -19.47 6.72
C VAL B 123 3.13 -18.99 8.16
N ARG B 124 2.24 -19.60 8.96
CA ARG B 124 2.03 -19.24 10.36
C ARG B 124 3.30 -19.39 11.19
N ASP B 125 4.03 -20.49 11.00
CA ASP B 125 5.30 -20.70 11.69
C ASP B 125 6.31 -19.61 11.31
N GLU B 126 6.40 -19.27 10.03
CA GLU B 126 7.31 -18.24 9.53
C GLU B 126 6.94 -16.88 10.12
N ILE B 127 5.67 -16.50 10.00
CA ILE B 127 5.10 -15.25 10.51
C ILE B 127 5.42 -15.14 12.01
N GLY B 128 5.15 -16.18 12.80
CA GLY B 128 5.33 -16.14 14.24
C GLY B 128 6.79 -16.04 14.64
N ASN B 129 7.69 -16.81 14.00
CA ASN B 129 9.10 -16.77 14.37
C ASN B 129 9.68 -15.39 14.11
N ARG B 130 9.37 -14.80 12.95
CA ARG B 130 9.86 -13.46 12.64
C ARG B 130 9.24 -12.43 13.59
N LEU B 131 7.99 -12.60 14.02
CA LEU B 131 7.39 -11.69 15.01
C LEU B 131 8.12 -11.79 16.34
N LYS B 132 8.43 -13.00 16.79
CA LYS B 132 9.12 -13.22 18.05
C LYS B 132 10.51 -12.58 17.97
N GLU B 133 11.21 -12.72 16.84
CA GLU B 133 12.46 -12.00 16.65
C GLU B 133 12.24 -10.51 16.66
N PHE B 134 11.20 -9.96 16.07
CA PHE B 134 11.03 -8.51 16.08
C PHE B 134 10.91 -7.97 17.51
N ALA B 135 10.25 -8.73 18.40
CA ALA B 135 10.17 -8.38 19.82
C ALA B 135 11.56 -8.34 20.49
N GLU B 136 12.51 -9.14 19.98
CA GLU B 136 13.83 -9.32 20.54
C GLU B 136 14.84 -8.35 19.93
N THR B 137 14.80 -8.24 18.61
CA THR B 137 15.77 -7.56 17.77
C THR B 137 15.39 -6.09 17.59
N GLY B 138 14.09 -5.77 17.69
CA GLY B 138 13.53 -4.48 17.33
C GLY B 138 13.82 -4.07 15.88
N LYS B 139 14.03 -5.04 15.00
CA LYS B 139 14.53 -4.86 13.62
C LYS B 139 15.54 -3.70 13.54
N MET A 1 0.23 19.52 -22.75
CA MET A 1 1.47 20.28 -22.92
C MET A 1 2.65 19.30 -23.01
N ALA A 2 3.03 18.66 -21.90
CA ALA A 2 3.98 17.56 -21.83
C ALA A 2 3.72 16.81 -20.53
N ILE A 3 4.38 15.68 -20.36
CA ILE A 3 4.44 14.96 -19.10
C ILE A 3 5.60 15.64 -18.37
N VAL A 4 5.25 16.60 -17.51
CA VAL A 4 6.17 17.32 -16.63
C VAL A 4 6.53 16.42 -15.46
N LYS A 5 7.54 16.80 -14.68
CA LYS A 5 8.02 16.03 -13.54
C LYS A 5 8.07 16.95 -12.32
N ALA A 6 7.20 16.65 -11.36
CA ALA A 6 7.07 17.35 -10.10
C ALA A 6 8.19 16.93 -9.15
N THR A 7 8.23 17.60 -7.99
CA THR A 7 9.03 17.27 -6.82
C THR A 7 8.35 17.98 -5.63
N ASP A 8 8.96 17.94 -4.45
CA ASP A 8 8.44 18.36 -3.14
C ASP A 8 7.59 19.63 -3.12
N GLN A 9 7.94 20.63 -3.93
CA GLN A 9 7.24 21.92 -4.00
C GLN A 9 6.90 22.30 -5.44
N SER A 10 7.69 21.86 -6.42
CA SER A 10 7.39 22.06 -7.83
C SER A 10 6.07 21.40 -8.24
N PHE A 11 5.60 20.37 -7.51
CA PHE A 11 4.26 19.83 -7.70
C PHE A 11 3.24 20.96 -7.64
N SER A 12 3.22 21.72 -6.55
CA SER A 12 2.28 22.81 -6.39
C SER A 12 2.48 23.86 -7.47
N ALA A 13 3.74 24.21 -7.75
CA ALA A 13 4.04 25.28 -8.67
C ALA A 13 3.51 24.97 -10.08
N GLU A 14 3.58 23.71 -10.50
CA GLU A 14 3.12 23.24 -11.78
C GLU A 14 1.59 23.03 -11.84
N THR A 15 0.91 22.94 -10.69
CA THR A 15 -0.50 22.52 -10.62
C THR A 15 -1.44 23.64 -10.15
N SER A 16 -0.90 24.79 -9.72
CA SER A 16 -1.68 25.88 -9.13
C SER A 16 -2.44 26.71 -10.16
N GLU A 17 -2.26 26.44 -11.46
CA GLU A 17 -2.92 27.16 -12.54
C GLU A 17 -3.28 26.18 -13.66
N GLY A 18 -4.38 26.45 -14.36
CA GLY A 18 -4.93 25.58 -15.39
C GLY A 18 -5.51 24.30 -14.78
N VAL A 19 -5.86 23.36 -15.65
CA VAL A 19 -6.24 22.01 -15.25
C VAL A 19 -5.01 21.14 -15.50
N VAL A 20 -4.60 20.43 -14.44
CA VAL A 20 -3.34 19.72 -14.40
C VAL A 20 -3.56 18.38 -13.70
N LEU A 21 -3.33 17.30 -14.43
CA LEU A 21 -3.38 15.96 -13.88
C LEU A 21 -2.00 15.64 -13.29
N ALA A 22 -1.93 15.05 -12.10
CA ALA A 22 -0.69 14.55 -11.52
C ALA A 22 -0.81 13.05 -11.30
N ASP A 23 0.29 12.33 -11.48
CA ASP A 23 0.37 10.88 -11.37
C ASP A 23 1.64 10.52 -10.59
N PHE A 24 1.62 9.39 -9.90
CA PHE A 24 2.62 8.97 -8.94
C PHE A 24 3.03 7.56 -9.35
N TRP A 25 4.27 7.43 -9.83
CA TRP A 25 4.82 6.22 -10.43
C TRP A 25 6.19 5.95 -9.78
N ALA A 26 6.65 4.70 -9.77
CA ALA A 26 8.02 4.35 -9.39
C ALA A 26 8.29 2.90 -9.78
N PRO A 27 9.55 2.46 -9.84
CA PRO A 27 9.93 1.12 -10.26
C PRO A 27 9.24 -0.03 -9.52
N TRP A 28 8.67 0.19 -8.33
CA TRP A 28 8.11 -0.84 -7.45
C TRP A 28 7.01 -1.69 -8.09
N CYS A 29 6.27 -1.18 -9.09
CA CYS A 29 5.06 -1.84 -9.58
C CYS A 29 4.99 -1.89 -11.11
N GLY A 30 4.13 -2.78 -11.62
CA GLY A 30 3.86 -2.94 -13.04
C GLY A 30 3.13 -1.74 -13.64
N PRO A 31 2.03 -1.24 -13.03
CA PRO A 31 1.33 -0.06 -13.52
C PRO A 31 2.20 1.16 -13.76
N SER A 32 3.33 1.32 -13.08
CA SER A 32 4.28 2.39 -13.32
C SER A 32 4.88 2.39 -14.73
N LYS A 33 4.70 1.30 -15.48
CA LYS A 33 5.11 1.17 -16.87
C LYS A 33 3.92 0.93 -17.80
N MET A 34 2.67 1.11 -17.31
CA MET A 34 1.44 0.96 -18.10
C MET A 34 0.64 2.26 -18.03
N ILE A 35 0.47 2.84 -16.83
CA ILE A 35 -0.09 4.17 -16.69
C ILE A 35 0.83 5.18 -17.39
N ALA A 36 2.15 4.95 -17.35
CA ALA A 36 3.14 5.84 -17.94
C ALA A 36 2.88 6.09 -19.44
N PRO A 37 2.85 5.06 -20.30
CA PRO A 37 2.49 5.25 -21.70
C PRO A 37 1.08 5.81 -21.86
N VAL A 38 0.13 5.36 -21.04
CA VAL A 38 -1.25 5.83 -21.06
C VAL A 38 -1.33 7.36 -20.83
N LEU A 39 -0.44 7.93 -20.01
CA LEU A 39 -0.38 9.37 -19.80
C LEU A 39 0.17 10.06 -21.03
N GLU A 40 1.23 9.54 -21.64
CA GLU A 40 1.78 10.14 -22.85
C GLU A 40 0.73 10.07 -23.97
N GLU A 41 -0.06 9.00 -24.03
CA GLU A 41 -1.17 8.85 -24.96
C GLU A 41 -2.36 9.75 -24.58
N LEU A 42 -2.44 10.25 -23.35
CA LEU A 42 -3.46 11.23 -22.95
C LEU A 42 -3.02 12.61 -23.42
N ASP A 43 -1.75 12.96 -23.20
CA ASP A 43 -1.24 14.27 -23.56
C ASP A 43 -1.18 14.46 -25.07
N GLN A 44 -0.85 13.39 -25.80
CA GLN A 44 -0.88 13.40 -27.26
C GLN A 44 -2.30 13.60 -27.81
N GLU A 45 -3.32 13.33 -27.00
CA GLU A 45 -4.70 13.32 -27.39
C GLU A 45 -5.38 14.66 -27.07
N MET A 46 -5.11 15.21 -25.90
CA MET A 46 -5.81 16.38 -25.38
C MET A 46 -4.89 17.30 -24.58
N GLY A 47 -3.58 17.16 -24.75
CA GLY A 47 -2.61 18.07 -24.17
C GLY A 47 -2.70 19.50 -24.67
N ASP A 48 -3.55 19.75 -25.65
CA ASP A 48 -3.90 21.10 -26.10
C ASP A 48 -4.65 21.86 -24.99
N LYS A 49 -5.27 21.12 -24.05
CA LYS A 49 -6.09 21.68 -22.99
C LYS A 49 -5.56 21.33 -21.60
N LEU A 50 -4.65 20.35 -21.50
CA LEU A 50 -4.24 19.73 -20.25
C LEU A 50 -2.73 19.71 -20.10
N LYS A 51 -2.27 19.77 -18.85
CA LYS A 51 -0.88 19.53 -18.47
C LYS A 51 -0.89 18.24 -17.65
N ILE A 52 0.13 17.40 -17.77
CA ILE A 52 0.29 16.22 -16.94
C ILE A 52 1.60 16.42 -16.19
N VAL A 53 1.66 15.93 -14.96
CA VAL A 53 2.87 15.97 -14.14
C VAL A 53 3.03 14.58 -13.51
N LYS A 54 4.26 14.12 -13.30
CA LYS A 54 4.52 12.87 -12.59
C LYS A 54 5.41 13.12 -11.38
N ILE A 55 5.22 12.34 -10.31
CA ILE A 55 6.06 12.28 -9.13
C ILE A 55 6.69 10.90 -9.22
N ASP A 56 8.01 10.84 -9.09
CA ASP A 56 8.77 9.59 -8.95
C ASP A 56 8.77 9.25 -7.47
N VAL A 57 7.94 8.28 -7.06
CA VAL A 57 7.77 7.89 -5.66
C VAL A 57 8.91 7.01 -5.11
N ASP A 58 10.13 7.48 -5.31
CA ASP A 58 11.35 6.98 -4.69
C ASP A 58 12.39 8.10 -4.67
N GLU A 59 12.56 8.82 -5.78
CA GLU A 59 13.45 9.94 -5.91
C GLU A 59 12.88 11.17 -5.20
N ASN A 60 11.62 11.48 -5.51
CA ASN A 60 10.94 12.71 -5.11
C ASN A 60 9.56 12.40 -4.53
N GLN A 61 9.49 11.30 -3.78
CA GLN A 61 8.27 10.82 -3.12
C GLN A 61 7.80 11.74 -2.00
N GLU A 62 8.56 12.80 -1.71
CA GLU A 62 8.32 13.75 -0.64
C GLU A 62 6.91 14.34 -0.74
N THR A 63 6.48 14.79 -1.93
CA THR A 63 5.11 15.26 -2.16
C THR A 63 4.09 14.20 -1.77
N ALA A 64 4.38 12.95 -2.10
CA ALA A 64 3.44 11.85 -1.98
C ALA A 64 3.21 11.56 -0.50
N GLY A 65 4.27 11.10 0.19
CA GLY A 65 4.29 10.91 1.64
C GLY A 65 3.72 12.10 2.41
N LYS A 66 4.07 13.34 2.03
CA LYS A 66 3.56 14.56 2.67
C LYS A 66 2.05 14.68 2.50
N TYR A 67 1.51 14.43 1.30
CA TYR A 67 0.08 14.55 1.06
C TYR A 67 -0.67 13.45 1.83
N GLY A 68 -0.05 12.27 1.94
CA GLY A 68 -0.68 11.05 2.44
C GLY A 68 -0.97 10.18 1.23
N VAL A 69 0.09 9.71 0.58
CA VAL A 69 0.07 8.90 -0.63
C VAL A 69 1.21 7.95 -0.37
N MET A 70 0.99 6.66 -0.58
CA MET A 70 1.96 5.63 -0.28
C MET A 70 1.80 4.48 -1.26
N SER A 71 1.17 4.69 -2.40
CA SER A 71 0.72 3.65 -3.30
C SER A 71 1.04 3.89 -4.77
N ILE A 72 1.03 2.83 -5.58
CA ILE A 72 1.28 2.93 -7.01
C ILE A 72 0.13 2.25 -7.78
N PRO A 73 -0.43 2.86 -8.84
CA PRO A 73 -0.22 4.23 -9.25
C PRO A 73 -1.21 5.10 -8.46
N THR A 74 -0.74 6.19 -7.88
CA THR A 74 -1.66 7.19 -7.32
C THR A 74 -1.81 8.31 -8.35
N LEU A 75 -2.96 8.97 -8.38
CA LEU A 75 -3.30 9.95 -9.39
C LEU A 75 -4.14 11.01 -8.70
N LEU A 76 -3.64 12.23 -8.67
CA LEU A 76 -4.28 13.39 -8.07
C LEU A 76 -4.51 14.36 -9.22
N VAL A 77 -5.75 14.59 -9.61
CA VAL A 77 -6.07 15.57 -10.65
C VAL A 77 -6.38 16.89 -9.95
N LEU A 78 -5.83 17.99 -10.46
CA LEU A 78 -5.90 19.32 -9.84
C LEU A 78 -6.40 20.33 -10.85
N LYS A 79 -6.94 21.45 -10.35
CA LYS A 79 -7.24 22.60 -11.17
C LYS A 79 -7.07 23.84 -10.32
N ASP A 80 -6.45 24.86 -10.92
CA ASP A 80 -6.30 26.23 -10.45
C ASP A 80 -5.95 26.37 -8.95
N GLY A 81 -5.26 25.38 -8.37
CA GLY A 81 -4.84 25.42 -6.97
C GLY A 81 -4.99 24.13 -6.17
N GLU A 82 -5.96 23.27 -6.51
CA GLU A 82 -6.32 22.16 -5.63
C GLU A 82 -6.74 20.89 -6.35
N VAL A 83 -6.66 19.75 -5.63
CA VAL A 83 -7.16 18.46 -6.09
C VAL A 83 -8.68 18.56 -6.23
N VAL A 84 -9.19 18.00 -7.33
CA VAL A 84 -10.58 17.97 -7.70
C VAL A 84 -11.02 16.55 -8.08
N GLU A 85 -10.10 15.67 -8.46
CA GLU A 85 -10.38 14.25 -8.63
C GLU A 85 -9.17 13.45 -8.19
N THR A 86 -9.39 12.17 -7.84
CA THR A 86 -8.39 11.33 -7.21
C THR A 86 -8.63 9.90 -7.68
N SER A 87 -7.57 9.10 -7.78
CA SER A 87 -7.63 7.65 -8.00
C SER A 87 -6.36 7.03 -7.42
N VAL A 88 -6.48 5.79 -6.93
CA VAL A 88 -5.39 5.09 -6.26
C VAL A 88 -5.41 3.66 -6.81
N GLY A 89 -5.08 3.55 -8.10
CA GLY A 89 -5.21 2.34 -8.89
C GLY A 89 -5.13 2.70 -10.37
N PHE A 90 -4.77 1.73 -11.21
CA PHE A 90 -4.62 1.94 -12.64
C PHE A 90 -5.99 2.07 -13.33
N LYS A 91 -6.03 2.72 -14.49
CA LYS A 91 -7.20 2.80 -15.36
C LYS A 91 -6.73 3.01 -16.81
N PRO A 92 -7.48 2.53 -17.82
CA PRO A 92 -7.09 2.65 -19.22
C PRO A 92 -7.17 4.09 -19.72
N LYS A 93 -6.69 4.33 -20.94
CA LYS A 93 -6.57 5.67 -21.53
C LYS A 93 -7.89 6.43 -21.50
N GLU A 94 -8.99 5.78 -21.88
CA GLU A 94 -10.30 6.41 -21.92
C GLU A 94 -10.74 6.79 -20.50
N ALA A 95 -10.49 5.93 -19.52
CA ALA A 95 -10.83 6.20 -18.13
C ALA A 95 -9.98 7.36 -17.58
N LEU A 96 -8.73 7.46 -18.01
CA LEU A 96 -7.82 8.56 -17.66
C LEU A 96 -8.39 9.87 -18.18
N GLN A 97 -8.68 9.91 -19.48
CA GLN A 97 -9.16 11.11 -20.13
C GLN A 97 -10.53 11.49 -19.57
N GLU A 98 -11.37 10.51 -19.25
CA GLU A 98 -12.66 10.75 -18.60
C GLU A 98 -12.47 11.40 -17.24
N LEU A 99 -11.54 10.88 -16.41
CA LEU A 99 -11.34 11.34 -15.05
C LEU A 99 -11.07 12.84 -15.02
N VAL A 100 -10.24 13.30 -15.96
CA VAL A 100 -9.90 14.72 -16.01
C VAL A 100 -10.94 15.51 -16.81
N ASN A 101 -11.44 14.98 -17.94
CA ASN A 101 -12.43 15.65 -18.79
C ASN A 101 -13.73 16.01 -18.03
N LYS A 102 -14.03 15.28 -16.96
CA LYS A 102 -15.12 15.58 -16.03
C LYS A 102 -15.08 17.03 -15.55
N HIS A 103 -13.90 17.65 -15.43
CA HIS A 103 -13.75 19.00 -14.87
C HIS A 103 -12.76 19.90 -15.64
N LEU A 104 -12.04 19.35 -16.63
CA LEU A 104 -11.23 20.06 -17.61
C LEU A 104 -12.21 20.86 -18.48
N MET B 1 10.46 4.13 25.57
CA MET B 1 9.20 4.92 25.50
C MET B 1 8.00 3.97 25.43
N GLU B 2 6.94 4.24 26.19
CA GLU B 2 5.68 3.52 26.06
C GLU B 2 4.96 3.99 24.80
N ASN B 3 4.26 3.07 24.14
CA ASN B 3 3.64 3.18 22.83
C ASN B 3 4.70 3.33 21.73
N LYS B 4 4.62 2.39 20.82
CA LYS B 4 5.43 2.20 19.63
C LYS B 4 4.47 1.58 18.62
N ILE B 5 4.59 1.88 17.33
CA ILE B 5 3.63 1.43 16.33
C ILE B 5 4.39 0.65 15.26
N ILE B 6 3.73 -0.37 14.70
CA ILE B 6 4.27 -1.22 13.65
C ILE B 6 3.11 -1.67 12.75
N TYR B 7 3.38 -1.86 11.46
CA TYR B 7 2.37 -2.05 10.43
C TYR B 7 2.72 -3.28 9.58
N PHE B 8 1.71 -3.97 9.05
CA PHE B 8 1.86 -5.01 8.04
C PHE B 8 1.22 -4.53 6.75
N LEU B 9 1.79 -4.91 5.61
CA LEU B 9 1.25 -4.63 4.28
C LEU B 9 1.17 -5.96 3.53
N SER B 10 0.00 -6.27 2.99
CA SER B 10 -0.26 -7.51 2.28
C SER B 10 -1.34 -7.31 1.22
N THR B 11 -1.54 -8.32 0.37
CA THR B 11 -2.61 -8.37 -0.61
C THR B 11 -3.98 -8.51 0.09
N GLY B 12 -4.60 -7.37 0.42
CA GLY B 12 -5.98 -7.31 0.88
C GLY B 12 -6.17 -7.58 2.38
N ASN B 13 -5.11 -7.39 3.19
CA ASN B 13 -5.07 -7.64 4.65
C ASN B 13 -6.08 -8.69 5.12
N SER B 14 -5.59 -9.90 4.96
CA SER B 14 -6.25 -11.18 5.07
C SER B 14 -5.15 -12.16 5.49
N ALA B 15 -5.54 -13.36 5.90
CA ALA B 15 -4.67 -14.49 6.21
C ALA B 15 -3.41 -14.08 7.01
N ARG B 16 -2.25 -14.04 6.34
CA ARG B 16 -0.98 -13.68 6.95
C ARG B 16 -1.05 -12.42 7.80
N SER B 17 -1.75 -11.37 7.38
CA SER B 17 -1.72 -10.08 8.08
C SER B 17 -2.36 -10.21 9.46
N GLN B 18 -3.58 -10.75 9.48
CA GLN B 18 -4.38 -11.08 10.65
C GLN B 18 -3.55 -11.92 11.61
N MET B 19 -2.90 -12.93 11.03
CA MET B 19 -2.15 -13.92 11.77
C MET B 19 -0.91 -13.28 12.39
N ALA B 20 -0.18 -12.44 11.63
CA ALA B 20 1.03 -11.78 12.07
C ALA B 20 0.72 -10.81 13.19
N GLU B 21 -0.43 -10.13 13.17
CA GLU B 21 -0.78 -9.21 14.23
C GLU B 21 -1.17 -9.95 15.51
N GLY B 22 -1.79 -11.13 15.39
CA GLY B 22 -2.01 -12.00 16.54
C GLY B 22 -0.68 -12.51 17.10
N TRP B 23 0.19 -13.04 16.23
CA TRP B 23 1.52 -13.52 16.60
C TRP B 23 2.36 -12.41 17.23
N ALA B 24 2.25 -11.19 16.74
CA ALA B 24 3.00 -10.08 17.26
C ALA B 24 2.66 -9.85 18.72
N LYS B 25 1.37 -9.79 19.06
CA LYS B 25 0.97 -9.34 20.39
C LYS B 25 1.41 -10.29 21.50
N GLN B 26 1.69 -11.57 21.21
CA GLN B 26 2.21 -12.47 22.23
C GLN B 26 3.63 -12.08 22.70
N TYR B 27 4.39 -11.30 21.92
CA TYR B 27 5.78 -10.95 22.22
C TYR B 27 6.08 -9.45 22.07
N LEU B 28 5.10 -8.65 21.70
CA LEU B 28 5.17 -7.21 21.51
C LEU B 28 4.03 -6.68 22.37
N GLY B 29 4.35 -6.49 23.65
CA GLY B 29 3.43 -6.20 24.74
C GLY B 29 2.70 -4.87 24.62
N ASP B 30 2.06 -4.41 25.69
CA ASP B 30 1.30 -3.15 25.75
C ASP B 30 2.16 -1.93 25.37
N GLU B 31 3.48 -2.07 25.45
CA GLU B 31 4.48 -1.14 24.94
C GLU B 31 4.29 -0.84 23.43
N TRP B 32 3.67 -1.75 22.68
CA TRP B 32 3.54 -1.71 21.23
C TRP B 32 2.07 -1.74 20.82
N LYS B 33 1.80 -1.24 19.62
CA LYS B 33 0.52 -1.32 18.92
C LYS B 33 0.84 -1.77 17.51
N VAL B 34 -0.05 -2.57 16.94
CA VAL B 34 0.15 -3.23 15.67
C VAL B 34 -1.10 -3.04 14.81
N TYR B 35 -0.93 -2.98 13.49
CA TYR B 35 -2.03 -2.85 12.56
C TYR B 35 -1.68 -3.57 11.25
N SER B 36 -2.68 -3.86 10.44
CA SER B 36 -2.54 -4.58 9.18
C SER B 36 -3.36 -3.85 8.11
N ALA B 37 -2.82 -3.75 6.90
CA ALA B 37 -3.48 -3.07 5.80
C ALA B 37 -3.10 -3.68 4.45
N GLY B 38 -3.73 -3.19 3.38
CA GLY B 38 -3.50 -3.67 2.04
C GLY B 38 -4.32 -2.92 1.02
N ILE B 39 -4.23 -3.38 -0.23
CA ILE B 39 -4.80 -2.75 -1.43
C ILE B 39 -6.29 -2.39 -1.31
N GLU B 40 -7.13 -3.36 -0.99
CA GLU B 40 -8.59 -3.28 -0.98
C GLU B 40 -9.13 -4.00 0.28
N ALA B 41 -8.30 -3.98 1.31
CA ALA B 41 -8.43 -4.73 2.55
C ALA B 41 -9.58 -4.29 3.44
N HIS B 42 -10.01 -5.22 4.30
CA HIS B 42 -10.97 -5.15 5.40
C HIS B 42 -11.63 -6.52 5.41
N GLY B 43 -11.28 -7.36 6.39
CA GLY B 43 -11.66 -8.76 6.41
C GLY B 43 -11.17 -9.43 7.68
N LEU B 44 -11.55 -10.70 7.88
CA LEU B 44 -11.13 -11.52 9.02
C LEU B 44 -11.23 -12.99 8.60
N ASN B 45 -10.37 -13.36 7.64
CA ASN B 45 -10.31 -14.69 7.03
C ASN B 45 -10.27 -15.79 8.12
N PRO B 46 -11.21 -16.74 8.15
CA PRO B 46 -11.27 -17.74 9.22
C PRO B 46 -10.06 -18.68 9.22
N ASN B 47 -9.35 -18.89 8.10
CA ASN B 47 -8.11 -19.69 8.12
C ASN B 47 -6.99 -19.00 8.88
N ALA B 48 -7.10 -17.69 9.10
CA ALA B 48 -6.18 -16.92 9.92
C ALA B 48 -6.61 -16.98 11.39
N VAL B 49 -7.91 -16.91 11.65
CA VAL B 49 -8.46 -17.05 12.99
C VAL B 49 -8.07 -18.44 13.51
N LYS B 50 -8.32 -19.49 12.72
CA LYS B 50 -7.94 -20.85 13.04
C LYS B 50 -6.43 -20.97 13.24
N ALA B 51 -5.64 -20.31 12.39
CA ALA B 51 -4.18 -20.26 12.55
C ALA B 51 -3.76 -19.71 13.92
N MET B 52 -4.53 -18.82 14.54
CA MET B 52 -4.24 -18.30 15.88
C MET B 52 -4.77 -19.24 16.95
N LYS B 53 -5.97 -19.81 16.77
CA LYS B 53 -6.53 -20.77 17.73
C LYS B 53 -5.63 -21.99 17.86
N GLU B 54 -4.87 -22.35 16.82
CA GLU B 54 -3.93 -23.47 16.85
C GLU B 54 -2.85 -23.28 17.91
N VAL B 55 -2.51 -22.03 18.24
CA VAL B 55 -1.48 -21.65 19.20
C VAL B 55 -2.09 -20.91 20.39
N GLY B 56 -3.42 -20.99 20.56
CA GLY B 56 -4.13 -20.41 21.69
C GLY B 56 -4.08 -18.88 21.69
N ILE B 57 -4.20 -18.24 20.53
CA ILE B 57 -4.31 -16.80 20.40
C ILE B 57 -5.68 -16.54 19.78
N ASP B 58 -6.29 -15.39 20.09
CA ASP B 58 -7.61 -15.01 19.60
C ASP B 58 -7.50 -13.65 18.91
N ILE B 59 -8.20 -13.52 17.79
CA ILE B 59 -8.27 -12.30 16.98
C ILE B 59 -9.69 -12.09 16.45
N SER B 60 -10.71 -12.74 17.03
CA SER B 60 -12.07 -12.79 16.49
C SER B 60 -12.82 -11.42 16.51
N ASN B 61 -12.09 -10.32 16.70
CA ASN B 61 -12.55 -8.95 16.82
C ASN B 61 -11.60 -7.94 16.16
N GLN B 62 -10.43 -8.38 15.65
CA GLN B 62 -9.37 -7.49 15.18
C GLN B 62 -9.86 -6.51 14.11
N THR B 63 -9.32 -5.30 14.16
CA THR B 63 -9.48 -4.28 13.12
C THR B 63 -8.73 -4.69 11.84
N SER B 64 -9.14 -4.16 10.69
CA SER B 64 -8.55 -4.38 9.37
C SER B 64 -9.15 -3.33 8.42
N ASP B 65 -8.38 -2.84 7.44
CA ASP B 65 -8.75 -1.70 6.60
C ASP B 65 -7.73 -1.56 5.45
N ILE B 66 -8.01 -0.74 4.43
CA ILE B 66 -7.05 -0.37 3.40
C ILE B 66 -5.86 0.39 4.00
N ILE B 67 -4.79 0.59 3.20
CA ILE B 67 -3.64 1.41 3.59
C ILE B 67 -4.15 2.75 4.12
N ASP B 68 -3.57 3.20 5.23
CA ASP B 68 -3.93 4.46 5.87
C ASP B 68 -2.68 5.09 6.45
N SER B 69 -2.20 6.12 5.75
CA SER B 69 -1.07 6.94 6.12
C SER B 69 -1.15 7.48 7.55
N ASP B 70 -2.34 7.64 8.14
CA ASP B 70 -2.50 8.18 9.49
C ASP B 70 -1.81 7.31 10.53
N ILE B 71 -1.61 6.03 10.21
CA ILE B 71 -0.99 5.05 11.10
C ILE B 71 0.29 4.56 10.46
N LEU B 72 0.33 4.28 9.15
CA LEU B 72 1.56 3.79 8.52
C LEU B 72 2.66 4.84 8.66
N ASN B 73 2.40 6.10 8.30
CA ASN B 73 3.44 7.14 8.39
C ASN B 73 3.88 7.37 9.85
N ASN B 74 3.01 7.07 10.82
CA ASN B 74 3.29 7.18 12.25
C ASN B 74 3.98 5.93 12.81
N ALA B 75 3.93 4.80 12.13
CA ALA B 75 4.63 3.58 12.52
C ALA B 75 6.13 3.80 12.58
N ASP B 76 6.80 2.87 13.26
CA ASP B 76 8.26 2.76 13.29
C ASP B 76 8.76 1.84 12.18
N LEU B 77 7.98 0.81 11.83
CA LEU B 77 8.35 -0.25 10.91
C LEU B 77 7.14 -0.66 10.07
N VAL B 78 7.39 -1.00 8.82
CA VAL B 78 6.43 -1.64 7.91
C VAL B 78 7.04 -3.00 7.55
N VAL B 79 6.43 -4.06 8.08
CA VAL B 79 6.75 -5.42 7.71
C VAL B 79 5.98 -5.70 6.42
N THR B 80 6.66 -5.75 5.28
CA THR B 80 6.01 -6.26 4.07
C THR B 80 5.74 -7.73 4.35
N LEU B 81 4.50 -8.17 4.13
CA LEU B 81 4.03 -9.47 4.57
C LEU B 81 3.15 -10.15 3.53
N SER B 82 3.72 -10.51 2.38
CA SER B 82 3.04 -11.36 1.40
C SER B 82 4.05 -11.92 0.40
N GLY B 83 4.92 -11.05 -0.10
CA GLY B 83 5.85 -11.36 -1.17
C GLY B 83 5.12 -11.23 -2.51
N ASP B 84 4.10 -10.36 -2.56
CA ASP B 84 3.18 -10.29 -3.69
C ASP B 84 2.81 -8.84 -4.01
N ALA B 85 3.10 -8.42 -5.23
CA ALA B 85 2.87 -7.08 -5.75
C ALA B 85 1.39 -6.67 -5.80
N ALA B 86 0.45 -7.63 -5.72
CA ALA B 86 -0.98 -7.30 -5.64
C ALA B 86 -1.30 -6.47 -4.40
N ASP B 87 -0.39 -6.37 -3.42
CA ASP B 87 -0.48 -5.48 -2.27
C ASP B 87 -0.52 -3.97 -2.62
N LYS B 88 -0.32 -3.58 -3.89
CA LYS B 88 -0.34 -2.21 -4.47
C LYS B 88 1.09 -1.64 -4.59
N CYS B 89 2.11 -2.50 -4.41
CA CYS B 89 3.53 -2.16 -4.27
C CYS B 89 3.76 -0.88 -3.43
N PRO B 90 3.11 -0.68 -2.27
CA PRO B 90 3.14 0.59 -1.56
C PRO B 90 4.57 1.11 -1.37
N MET B 91 4.82 2.39 -1.67
CA MET B 91 6.17 2.95 -1.62
C MET B 91 6.62 3.39 -0.23
N THR B 92 5.80 3.19 0.83
CA THR B 92 6.18 3.37 2.25
C THR B 92 7.00 4.66 2.51
N PRO B 93 6.33 5.80 2.82
CA PRO B 93 6.99 7.10 2.88
C PRO B 93 8.19 7.03 3.85
N PRO B 94 9.35 7.63 3.51
CA PRO B 94 10.64 7.45 4.22
C PRO B 94 10.70 7.88 5.68
N HIS B 95 9.58 8.34 6.27
CA HIS B 95 9.45 8.58 7.69
C HIS B 95 9.50 7.27 8.52
N VAL B 96 9.53 6.10 7.88
CA VAL B 96 9.36 4.79 8.52
C VAL B 96 10.42 3.80 8.01
N LYS B 97 10.84 2.86 8.87
CA LYS B 97 11.72 1.76 8.49
C LYS B 97 10.89 0.68 7.79
N ARG B 98 11.50 -0.19 7.00
CA ARG B 98 10.79 -1.27 6.31
C ARG B 98 11.72 -2.44 6.10
N GLU B 99 11.19 -3.67 6.17
CA GLU B 99 11.87 -4.89 5.76
C GLU B 99 10.79 -5.91 5.43
N HIS B 100 11.06 -6.81 4.47
CA HIS B 100 10.11 -7.83 4.06
C HIS B 100 10.33 -9.09 4.88
N TRP B 101 9.26 -9.73 5.33
CA TRP B 101 9.33 -10.97 6.12
C TRP B 101 8.28 -12.02 5.73
N GLY B 102 7.17 -11.62 5.09
CA GLY B 102 6.13 -12.59 4.71
C GLY B 102 6.35 -13.06 3.28
N PHE B 103 5.93 -14.30 3.01
CA PHE B 103 6.09 -15.01 1.75
C PHE B 103 5.07 -16.16 1.74
N ASP B 104 4.90 -16.81 0.58
CA ASP B 104 4.13 -18.06 0.42
C ASP B 104 2.71 -17.95 0.99
N ASP B 105 2.05 -16.84 0.64
CA ASP B 105 0.75 -16.39 1.18
C ASP B 105 -0.30 -17.53 1.30
N PRO B 106 -0.76 -17.88 2.51
CA PRO B 106 -1.71 -18.96 2.74
C PRO B 106 -3.12 -18.65 2.25
N ALA B 107 -3.49 -17.38 2.00
CA ALA B 107 -4.75 -17.04 1.32
C ALA B 107 -4.79 -17.60 -0.12
N ARG B 108 -3.70 -18.25 -0.57
CA ARG B 108 -3.47 -18.69 -1.95
C ARG B 108 -3.14 -20.18 -1.99
N ALA B 109 -3.39 -20.88 -0.89
CA ALA B 109 -3.35 -22.33 -0.84
C ALA B 109 -4.12 -22.91 -2.01
N GLN B 110 -3.74 -24.13 -2.39
CA GLN B 110 -4.26 -24.79 -3.59
C GLN B 110 -5.78 -24.80 -3.56
N GLY B 111 -6.36 -25.11 -2.41
CA GLY B 111 -7.79 -24.93 -2.23
C GLY B 111 -8.48 -26.04 -1.45
N THR B 112 -7.85 -27.21 -1.41
CA THR B 112 -8.38 -28.35 -0.68
C THR B 112 -8.32 -28.07 0.81
N GLU B 113 -9.02 -28.88 1.59
CA GLU B 113 -9.05 -28.72 3.03
C GLU B 113 -7.64 -28.89 3.60
N GLU B 114 -6.94 -29.90 3.08
CA GLU B 114 -5.59 -30.22 3.47
C GLU B 114 -4.65 -29.14 2.99
N GLU B 115 -4.78 -28.60 1.78
CA GLU B 115 -3.78 -27.66 1.28
C GLU B 115 -3.97 -26.31 1.96
N LYS B 116 -5.22 -25.89 2.24
CA LYS B 116 -5.49 -24.72 3.05
C LYS B 116 -4.84 -24.85 4.41
N TRP B 117 -5.08 -25.95 5.11
CA TRP B 117 -4.50 -26.12 6.42
C TRP B 117 -2.98 -26.18 6.31
N ALA B 118 -2.47 -26.94 5.34
CA ALA B 118 -1.05 -27.14 5.13
C ALA B 118 -0.31 -25.82 4.90
N PHE B 119 -0.87 -24.93 4.08
CA PHE B 119 -0.29 -23.63 3.84
C PHE B 119 -0.31 -22.83 5.13
N PHE B 120 -1.46 -22.74 5.83
CA PHE B 120 -1.53 -21.90 7.02
C PHE B 120 -0.69 -22.46 8.17
N GLN B 121 -0.52 -23.78 8.27
CA GLN B 121 0.31 -24.42 9.28
C GLN B 121 1.78 -24.05 9.04
N ARG B 122 2.25 -24.21 7.81
CA ARG B 122 3.62 -23.87 7.44
C ARG B 122 3.87 -22.38 7.70
N VAL B 123 2.96 -21.53 7.24
CA VAL B 123 3.12 -20.09 7.37
C VAL B 123 3.02 -19.65 8.82
N ARG B 124 2.14 -20.21 9.67
CA ARG B 124 2.05 -19.74 11.05
C ARG B 124 3.33 -19.99 11.82
N ASP B 125 3.97 -21.14 11.58
CA ASP B 125 5.26 -21.44 12.20
C ASP B 125 6.30 -20.40 11.80
N GLU B 126 6.36 -20.05 10.53
CA GLU B 126 7.27 -19.05 10.00
C GLU B 126 6.97 -17.67 10.61
N ILE B 127 5.72 -17.18 10.47
CA ILE B 127 5.30 -15.85 10.90
C ILE B 127 5.56 -15.67 12.39
N GLY B 128 5.19 -16.64 13.24
CA GLY B 128 5.38 -16.52 14.67
C GLY B 128 6.85 -16.37 15.01
N ASN B 129 7.72 -17.18 14.40
CA ASN B 129 9.16 -17.08 14.63
C ASN B 129 9.71 -15.73 14.19
N ARG B 130 9.29 -15.21 13.04
CA ARG B 130 9.81 -13.94 12.54
C ARG B 130 9.30 -12.77 13.35
N LEU B 131 8.05 -12.80 13.83
CA LEU B 131 7.57 -11.72 14.70
C LEU B 131 8.23 -11.79 16.07
N LYS B 132 8.53 -12.99 16.56
CA LYS B 132 9.34 -13.15 17.76
C LYS B 132 10.72 -12.55 17.53
N GLU B 133 11.36 -12.79 16.38
CA GLU B 133 12.62 -12.12 16.08
C GLU B 133 12.44 -10.62 16.03
N PHE B 134 11.39 -10.07 15.44
CA PHE B 134 11.27 -8.61 15.39
C PHE B 134 11.28 -8.01 16.79
N ALA B 135 10.59 -8.65 17.74
CA ALA B 135 10.60 -8.26 19.14
C ALA B 135 12.00 -8.32 19.77
N GLU B 136 12.82 -9.29 19.34
CA GLU B 136 14.14 -9.57 19.89
C GLU B 136 15.22 -8.69 19.25
N THR B 137 15.12 -8.48 17.94
CA THR B 137 16.12 -7.86 17.09
C THR B 137 15.83 -6.36 16.88
N GLY B 138 14.60 -5.91 17.18
CA GLY B 138 14.16 -4.52 17.05
C GLY B 138 14.14 -4.06 15.60
N LYS B 139 13.99 -4.98 14.64
CA LYS B 139 14.15 -4.73 13.22
C LYS B 139 13.35 -5.78 12.45
N MET A 1 0.16 19.92 -22.48
CA MET A 1 1.36 20.62 -22.98
C MET A 1 2.52 19.62 -23.09
N ALA A 2 2.95 19.03 -21.97
CA ALA A 2 3.87 17.92 -21.91
C ALA A 2 3.63 17.17 -20.60
N ILE A 3 4.16 15.95 -20.50
CA ILE A 3 4.21 15.21 -19.27
C ILE A 3 5.41 15.83 -18.54
N VAL A 4 5.12 16.70 -17.58
CA VAL A 4 6.12 17.35 -16.72
C VAL A 4 6.53 16.32 -15.66
N LYS A 5 7.61 16.57 -14.94
CA LYS A 5 8.02 15.80 -13.78
C LYS A 5 8.09 16.76 -12.61
N ALA A 6 7.12 16.65 -11.71
CA ALA A 6 7.05 17.40 -10.46
C ALA A 6 8.16 16.92 -9.50
N THR A 7 8.29 17.56 -8.36
CA THR A 7 9.13 17.14 -7.22
C THR A 7 8.60 17.87 -5.97
N ASP A 8 9.29 17.76 -4.84
CA ASP A 8 8.91 18.16 -3.47
C ASP A 8 8.14 19.48 -3.35
N GLN A 9 8.55 20.51 -4.11
CA GLN A 9 7.95 21.83 -4.12
C GLN A 9 7.59 22.28 -5.53
N SER A 10 8.31 21.77 -6.55
CA SER A 10 7.93 22.02 -7.93
C SER A 10 6.56 21.44 -8.26
N PHE A 11 6.05 20.43 -7.53
CA PHE A 11 4.66 20.00 -7.66
C PHE A 11 3.76 21.22 -7.46
N SER A 12 3.92 21.93 -6.34
CA SER A 12 3.12 23.12 -6.04
C SER A 12 3.30 24.16 -7.14
N ALA A 13 4.55 24.43 -7.53
CA ALA A 13 4.82 25.49 -8.49
C ALA A 13 4.18 25.20 -9.85
N GLU A 14 4.22 23.93 -10.27
CA GLU A 14 3.68 23.47 -11.55
C GLU A 14 2.15 23.27 -11.50
N THR A 15 1.54 23.21 -10.32
CA THR A 15 0.12 22.92 -10.14
C THR A 15 -0.70 24.15 -9.74
N SER A 16 -0.04 25.27 -9.41
CA SER A 16 -0.71 26.48 -8.92
C SER A 16 -1.50 27.21 -10.00
N GLU A 17 -1.45 26.73 -11.25
CA GLU A 17 -2.17 27.26 -12.37
C GLU A 17 -2.59 26.10 -13.26
N GLY A 18 -3.66 26.31 -14.06
CA GLY A 18 -4.14 25.35 -15.03
C GLY A 18 -4.85 24.16 -14.38
N VAL A 19 -5.08 23.13 -15.18
CA VAL A 19 -5.62 21.86 -14.73
C VAL A 19 -4.57 20.80 -15.08
N VAL A 20 -4.11 20.11 -14.04
CA VAL A 20 -2.99 19.20 -14.13
C VAL A 20 -3.38 17.90 -13.47
N LEU A 21 -3.24 16.84 -14.24
CA LEU A 21 -3.34 15.46 -13.77
C LEU A 21 -1.97 15.09 -13.20
N ALA A 22 -1.79 15.12 -11.88
CA ALA A 22 -0.57 14.62 -11.27
C ALA A 22 -0.67 13.10 -11.21
N ASP A 23 0.44 12.42 -11.46
CA ASP A 23 0.50 10.96 -11.59
C ASP A 23 1.72 10.44 -10.85
N PHE A 24 1.59 9.26 -10.25
CA PHE A 24 2.55 8.69 -9.34
C PHE A 24 2.80 7.28 -9.85
N TRP A 25 4.00 7.07 -10.40
CA TRP A 25 4.41 5.85 -11.10
C TRP A 25 5.63 5.30 -10.38
N ALA A 26 5.94 4.00 -10.57
CA ALA A 26 7.13 3.42 -9.95
C ALA A 26 7.53 2.08 -10.57
N PRO A 27 8.80 1.67 -10.40
CA PRO A 27 9.22 0.32 -10.74
C PRO A 27 8.36 -0.78 -10.06
N TRP A 28 7.75 -0.50 -8.90
CA TRP A 28 7.01 -1.47 -8.08
C TRP A 28 5.84 -2.15 -8.78
N CYS A 29 5.23 -1.54 -9.80
CA CYS A 29 3.96 -2.02 -10.35
C CYS A 29 3.98 -2.05 -11.88
N GLY A 30 3.20 -2.97 -12.47
CA GLY A 30 3.00 -3.07 -13.90
C GLY A 30 2.30 -1.85 -14.50
N PRO A 31 1.18 -1.35 -13.93
CA PRO A 31 0.51 -0.15 -14.39
C PRO A 31 1.40 1.08 -14.55
N SER A 32 2.50 1.21 -13.82
CA SER A 32 3.45 2.29 -14.01
C SER A 32 4.05 2.35 -15.42
N LYS A 33 3.96 1.25 -16.17
CA LYS A 33 4.43 1.17 -17.56
C LYS A 33 3.26 1.03 -18.53
N MET A 34 2.01 1.23 -18.09
CA MET A 34 0.81 1.19 -18.92
C MET A 34 0.06 2.53 -18.81
N ILE A 35 -0.08 3.07 -17.60
CA ILE A 35 -0.57 4.42 -17.38
C ILE A 35 0.41 5.43 -18.02
N ALA A 36 1.72 5.14 -17.98
CA ALA A 36 2.74 6.00 -18.55
C ALA A 36 2.51 6.27 -20.04
N PRO A 37 2.43 5.25 -20.92
CA PRO A 37 2.07 5.46 -22.31
C PRO A 37 0.69 6.10 -22.46
N VAL A 38 -0.30 5.69 -21.66
CA VAL A 38 -1.64 6.24 -21.70
C VAL A 38 -1.62 7.76 -21.49
N LEU A 39 -0.76 8.27 -20.60
CA LEU A 39 -0.64 9.70 -20.35
C LEU A 39 -0.08 10.40 -21.59
N GLU A 40 1.01 9.88 -22.16
CA GLU A 40 1.64 10.50 -23.31
C GLU A 40 0.72 10.44 -24.54
N GLU A 41 -0.03 9.35 -24.68
CA GLU A 41 -1.06 9.17 -25.71
C GLU A 41 -2.23 10.12 -25.50
N LEU A 42 -2.46 10.60 -24.26
CA LEU A 42 -3.53 11.54 -24.01
C LEU A 42 -3.07 12.97 -24.29
N ASP A 43 -1.84 13.31 -23.93
CA ASP A 43 -1.36 14.68 -24.03
C ASP A 43 -1.20 15.07 -25.48
N GLN A 44 -0.84 14.12 -26.34
CA GLN A 44 -0.79 14.36 -27.77
C GLN A 44 -2.18 14.50 -28.41
N GLU A 45 -3.27 14.33 -27.65
CA GLU A 45 -4.64 14.38 -28.10
C GLU A 45 -5.39 15.57 -27.52
N MET A 46 -5.22 15.87 -26.23
CA MET A 46 -5.91 16.97 -25.55
C MET A 46 -4.97 17.79 -24.66
N GLY A 47 -3.66 17.67 -24.86
CA GLY A 47 -2.68 18.51 -24.17
C GLY A 47 -2.75 19.98 -24.53
N ASP A 48 -3.61 20.34 -25.48
CA ASP A 48 -3.94 21.72 -25.76
C ASP A 48 -4.66 22.37 -24.59
N LYS A 49 -5.30 21.55 -23.75
CA LYS A 49 -6.05 21.96 -22.59
C LYS A 49 -5.44 21.40 -21.31
N LEU A 50 -4.84 20.20 -21.39
CA LEU A 50 -4.41 19.41 -20.26
C LEU A 50 -2.92 19.59 -19.98
N LYS A 51 -2.53 19.42 -18.71
CA LYS A 51 -1.15 19.32 -18.26
C LYS A 51 -1.06 18.06 -17.42
N ILE A 52 0.13 17.45 -17.32
CA ILE A 52 0.35 16.27 -16.49
C ILE A 52 1.67 16.54 -15.74
N VAL A 53 1.78 16.12 -14.48
CA VAL A 53 3.01 16.20 -13.72
C VAL A 53 3.24 14.82 -13.06
N LYS A 54 4.24 14.06 -13.51
CA LYS A 54 4.57 12.78 -12.90
C LYS A 54 5.44 13.00 -11.66
N ILE A 55 5.44 12.04 -10.75
CA ILE A 55 6.27 11.94 -9.58
C ILE A 55 6.83 10.51 -9.64
N ASP A 56 8.16 10.39 -9.63
CA ASP A 56 8.86 9.12 -9.47
C ASP A 56 8.98 8.88 -7.97
N VAL A 57 8.23 7.90 -7.47
CA VAL A 57 8.08 7.64 -6.04
C VAL A 57 9.33 7.01 -5.37
N ASP A 58 10.47 6.95 -6.05
CA ASP A 58 11.75 6.58 -5.44
C ASP A 58 12.75 7.74 -5.55
N GLU A 59 12.72 8.51 -6.65
CA GLU A 59 13.67 9.58 -6.89
C GLU A 59 13.21 10.90 -6.24
N ASN A 60 11.93 11.24 -6.36
CA ASN A 60 11.39 12.53 -5.98
C ASN A 60 10.01 12.39 -5.34
N GLN A 61 9.91 11.38 -4.47
CA GLN A 61 8.67 10.90 -3.90
C GLN A 61 8.11 11.78 -2.79
N GLU A 62 8.84 12.83 -2.41
CA GLU A 62 8.55 13.64 -1.24
C GLU A 62 7.10 14.11 -1.27
N THR A 63 6.62 14.58 -2.42
CA THR A 63 5.22 14.96 -2.64
C THR A 63 4.25 13.82 -2.36
N ALA A 64 4.61 12.59 -2.73
CA ALA A 64 3.76 11.42 -2.64
C ALA A 64 3.52 11.09 -1.17
N GLY A 65 4.57 10.73 -0.45
CA GLY A 65 4.56 10.59 1.00
C GLY A 65 3.92 11.78 1.73
N LYS A 66 4.17 13.02 1.29
CA LYS A 66 3.58 14.22 1.90
C LYS A 66 2.06 14.22 1.77
N TYR A 67 1.54 13.86 0.60
CA TYR A 67 0.11 13.72 0.37
C TYR A 67 -0.46 12.43 0.98
N GLY A 68 0.38 11.51 1.46
CA GLY A 68 -0.04 10.20 1.94
C GLY A 68 -0.58 9.40 0.76
N VAL A 69 0.27 9.16 -0.24
CA VAL A 69 -0.16 8.51 -1.49
C VAL A 69 0.06 7.03 -1.27
N MET A 70 1.34 6.68 -1.10
CA MET A 70 1.87 5.39 -0.73
C MET A 70 1.50 4.25 -1.66
N SER A 71 0.82 4.50 -2.77
CA SER A 71 0.23 3.50 -3.61
C SER A 71 0.38 3.83 -5.08
N ILE A 72 0.32 2.81 -5.95
CA ILE A 72 0.65 2.93 -7.37
C ILE A 72 -0.37 2.13 -8.18
N PRO A 73 -0.84 2.64 -9.34
CA PRO A 73 -0.64 4.00 -9.82
C PRO A 73 -1.63 4.91 -9.08
N THR A 74 -1.19 6.09 -8.68
CA THR A 74 -2.08 7.09 -8.10
C THR A 74 -2.18 8.30 -9.04
N LEU A 75 -3.38 8.88 -9.11
CA LEU A 75 -3.69 10.12 -9.80
C LEU A 75 -4.25 11.10 -8.77
N LEU A 76 -3.67 12.30 -8.70
CA LEU A 76 -4.20 13.41 -7.94
C LEU A 76 -4.53 14.46 -8.99
N VAL A 77 -5.80 14.79 -9.18
CA VAL A 77 -6.23 15.75 -10.21
C VAL A 77 -6.35 17.11 -9.52
N LEU A 78 -5.60 18.13 -10.01
CA LEU A 78 -5.53 19.45 -9.39
C LEU A 78 -5.97 20.52 -10.38
N LYS A 79 -6.47 21.64 -9.86
CA LYS A 79 -6.86 22.82 -10.59
C LYS A 79 -6.35 24.02 -9.81
N ASP A 80 -5.67 24.93 -10.48
CA ASP A 80 -5.27 26.25 -10.02
C ASP A 80 -4.74 26.28 -8.57
N GLY A 81 -4.03 25.21 -8.16
CA GLY A 81 -3.36 25.10 -6.87
C GLY A 81 -3.89 24.04 -5.92
N GLU A 82 -5.03 23.41 -6.20
CA GLU A 82 -5.73 22.55 -5.26
C GLU A 82 -6.27 21.29 -5.90
N VAL A 83 -6.40 20.22 -5.11
CA VAL A 83 -6.99 18.94 -5.51
C VAL A 83 -8.48 19.15 -5.73
N VAL A 84 -9.01 18.48 -6.75
CA VAL A 84 -10.42 18.47 -7.09
C VAL A 84 -10.91 17.03 -7.24
N GLU A 85 -10.00 16.08 -7.51
CA GLU A 85 -10.31 14.68 -7.55
C GLU A 85 -9.04 13.91 -7.24
N THR A 86 -9.20 12.63 -6.97
CA THR A 86 -8.17 11.74 -6.50
C THR A 86 -8.64 10.31 -6.85
N SER A 87 -7.77 9.50 -7.44
CA SER A 87 -8.07 8.13 -7.87
C SER A 87 -6.83 7.27 -7.73
N VAL A 88 -7.01 5.98 -7.44
CA VAL A 88 -5.91 5.04 -7.28
C VAL A 88 -6.31 3.78 -8.05
N GLY A 89 -5.44 3.36 -8.98
CA GLY A 89 -5.59 2.13 -9.76
C GLY A 89 -5.54 2.43 -11.25
N PHE A 90 -5.17 1.44 -12.06
CA PHE A 90 -5.07 1.60 -13.51
C PHE A 90 -6.43 1.92 -14.14
N LYS A 91 -6.43 2.69 -15.23
CA LYS A 91 -7.60 2.89 -16.07
C LYS A 91 -7.14 3.23 -17.50
N PRO A 92 -7.90 2.85 -18.55
CA PRO A 92 -7.51 3.03 -19.94
C PRO A 92 -7.56 4.50 -20.38
N LYS A 93 -7.16 4.76 -21.63
CA LYS A 93 -6.93 6.10 -22.18
C LYS A 93 -8.19 6.98 -22.11
N GLU A 94 -9.36 6.38 -22.25
CA GLU A 94 -10.62 7.09 -22.24
C GLU A 94 -11.06 7.38 -20.81
N ALA A 95 -10.89 6.41 -19.91
CA ALA A 95 -11.15 6.58 -18.49
C ALA A 95 -10.27 7.68 -17.91
N LEU A 96 -9.01 7.71 -18.33
CA LEU A 96 -8.05 8.72 -17.92
C LEU A 96 -8.57 10.10 -18.29
N GLN A 97 -8.95 10.26 -19.55
CA GLN A 97 -9.37 11.53 -20.07
C GLN A 97 -10.70 11.93 -19.46
N GLU A 98 -11.62 11.00 -19.22
CA GLU A 98 -12.89 11.31 -18.57
C GLU A 98 -12.63 11.87 -17.16
N LEU A 99 -11.75 11.23 -16.39
CA LEU A 99 -11.43 11.59 -15.02
C LEU A 99 -10.93 13.02 -14.90
N VAL A 100 -10.09 13.47 -15.85
CA VAL A 100 -9.60 14.84 -15.81
C VAL A 100 -10.55 15.80 -16.53
N ASN A 101 -11.12 15.41 -17.68
CA ASN A 101 -12.01 16.24 -18.50
C ASN A 101 -13.23 16.73 -17.72
N LYS A 102 -13.74 15.90 -16.79
CA LYS A 102 -14.91 16.26 -15.99
C LYS A 102 -14.65 17.44 -15.04
N HIS A 103 -13.40 17.89 -14.90
CA HIS A 103 -13.02 19.09 -14.12
C HIS A 103 -12.26 20.11 -14.97
N LEU A 104 -11.46 19.66 -15.93
CA LEU A 104 -10.66 20.46 -16.86
C LEU A 104 -11.58 21.38 -17.66
N MET B 1 8.76 3.36 26.37
CA MET B 1 8.09 4.05 25.25
C MET B 1 6.61 3.68 25.21
N GLU B 2 5.72 4.67 25.32
CA GLU B 2 4.27 4.48 25.26
C GLU B 2 3.85 4.33 23.79
N ASN B 3 4.05 3.12 23.24
CA ASN B 3 3.68 2.66 21.92
C ASN B 3 4.68 3.13 20.87
N LYS B 4 5.10 2.13 20.12
CA LYS B 4 5.96 2.14 18.95
C LYS B 4 5.15 1.42 17.90
N ILE B 5 4.89 2.05 16.76
CA ILE B 5 3.92 1.51 15.82
C ILE B 5 4.62 0.61 14.80
N ILE B 6 3.96 -0.48 14.45
CA ILE B 6 4.41 -1.43 13.45
C ILE B 6 3.22 -1.72 12.56
N TYR B 7 3.44 -1.84 11.25
CA TYR B 7 2.37 -1.89 10.26
C TYR B 7 2.64 -3.07 9.33
N PHE B 8 1.62 -3.85 9.00
CA PHE B 8 1.75 -5.01 8.13
C PHE B 8 1.05 -4.70 6.81
N LEU B 9 1.62 -5.14 5.69
CA LEU B 9 1.03 -4.98 4.37
C LEU B 9 0.99 -6.36 3.73
N SER B 10 -0.19 -6.81 3.33
CA SER B 10 -0.37 -8.08 2.64
C SER B 10 -1.65 -8.03 1.81
N THR B 11 -1.68 -8.73 0.66
CA THR B 11 -2.75 -8.70 -0.33
C THR B 11 -4.13 -8.83 0.33
N GLY B 12 -4.93 -7.75 0.29
CA GLY B 12 -6.29 -7.74 0.79
C GLY B 12 -6.40 -7.94 2.30
N ASN B 13 -5.27 -7.89 3.03
CA ASN B 13 -5.10 -8.15 4.47
C ASN B 13 -5.96 -9.31 4.99
N SER B 14 -6.17 -10.37 4.21
CA SER B 14 -7.13 -11.41 4.48
C SER B 14 -6.81 -12.32 5.67
N ALA B 15 -5.57 -12.84 5.77
CA ALA B 15 -5.26 -13.92 6.71
C ALA B 15 -3.94 -13.77 7.48
N ARG B 16 -2.79 -13.82 6.78
CA ARG B 16 -1.48 -13.82 7.45
C ARG B 16 -1.30 -12.59 8.34
N SER B 17 -1.86 -11.45 7.95
CA SER B 17 -1.94 -10.25 8.75
C SER B 17 -2.63 -10.50 10.09
N GLN B 18 -3.86 -11.04 10.02
CA GLN B 18 -4.70 -11.39 11.16
C GLN B 18 -3.91 -12.26 12.14
N MET B 19 -3.30 -13.30 11.57
CA MET B 19 -2.57 -14.28 12.33
C MET B 19 -1.32 -13.63 12.94
N ALA B 20 -0.57 -12.87 12.16
CA ALA B 20 0.65 -12.21 12.61
C ALA B 20 0.34 -11.22 13.71
N GLU B 21 -0.78 -10.50 13.66
CA GLU B 21 -1.06 -9.49 14.66
C GLU B 21 -1.47 -10.15 15.98
N GLY B 22 -2.04 -11.36 15.95
CA GLY B 22 -2.26 -12.14 17.16
C GLY B 22 -0.95 -12.75 17.67
N TRP B 23 -0.13 -13.34 16.77
CA TRP B 23 1.21 -13.85 17.08
C TRP B 23 2.09 -12.75 17.68
N ALA B 24 1.88 -11.50 17.25
CA ALA B 24 2.63 -10.37 17.71
C ALA B 24 2.14 -9.91 19.07
N LYS B 25 0.84 -9.71 19.26
CA LYS B 25 0.33 -9.05 20.46
C LYS B 25 0.59 -9.83 21.75
N GLN B 26 0.79 -11.15 21.67
CA GLN B 26 1.25 -11.93 22.84
C GLN B 26 2.64 -11.51 23.36
N TYR B 27 3.44 -10.76 22.58
CA TYR B 27 4.80 -10.33 22.95
C TYR B 27 5.03 -8.83 22.74
N LEU B 28 4.52 -8.26 21.64
CA LEU B 28 4.50 -6.85 21.33
C LEU B 28 3.36 -6.24 22.14
N GLY B 29 3.62 -6.08 23.43
CA GLY B 29 2.72 -5.49 24.43
C GLY B 29 2.46 -4.01 24.16
N ASP B 30 1.93 -3.28 25.15
CA ASP B 30 1.61 -1.84 25.03
C ASP B 30 2.86 -0.96 24.79
N GLU B 31 4.05 -1.55 24.87
CA GLU B 31 5.29 -0.92 24.44
C GLU B 31 5.23 -0.65 22.91
N TRP B 32 4.33 -1.33 22.20
CA TRP B 32 4.15 -1.33 20.76
C TRP B 32 2.68 -1.11 20.40
N LYS B 33 2.37 -1.00 19.10
CA LYS B 33 1.00 -1.01 18.61
C LYS B 33 1.06 -1.53 17.17
N VAL B 34 0.23 -2.51 16.85
CA VAL B 34 0.21 -3.16 15.55
C VAL B 34 -1.00 -2.65 14.74
N TYR B 35 -0.82 -2.51 13.44
CA TYR B 35 -1.88 -2.25 12.47
C TYR B 35 -1.59 -3.10 11.22
N SER B 36 -2.61 -3.40 10.42
CA SER B 36 -2.48 -4.26 9.25
C SER B 36 -3.44 -3.73 8.18
N ALA B 37 -3.00 -3.69 6.92
CA ALA B 37 -3.75 -3.07 5.83
C ALA B 37 -3.42 -3.74 4.48
N GLY B 38 -4.13 -3.35 3.42
CA GLY B 38 -3.89 -3.86 2.08
C GLY B 38 -4.76 -3.18 1.02
N ILE B 39 -4.70 -3.69 -0.22
CA ILE B 39 -5.30 -3.08 -1.42
C ILE B 39 -6.78 -2.76 -1.27
N GLU B 40 -7.59 -3.76 -0.95
CA GLU B 40 -9.05 -3.70 -0.85
C GLU B 40 -9.46 -4.37 0.48
N ALA B 41 -8.57 -4.25 1.46
CA ALA B 41 -8.59 -4.94 2.73
C ALA B 41 -9.75 -4.50 3.62
N HIS B 42 -10.20 -5.45 4.45
CA HIS B 42 -11.24 -5.41 5.47
C HIS B 42 -11.85 -6.82 5.44
N GLY B 43 -11.45 -7.67 6.38
CA GLY B 43 -11.78 -9.08 6.36
C GLY B 43 -11.19 -9.77 7.58
N LEU B 44 -11.42 -11.08 7.69
CA LEU B 44 -10.80 -11.99 8.64
C LEU B 44 -11.01 -13.39 8.09
N ASN B 45 -9.99 -13.98 7.45
CA ASN B 45 -10.05 -15.35 6.97
C ASN B 45 -10.30 -16.28 8.16
N PRO B 46 -11.37 -17.10 8.19
CA PRO B 46 -11.62 -18.03 9.29
C PRO B 46 -10.49 -19.06 9.44
N ASN B 47 -9.77 -19.39 8.37
CA ASN B 47 -8.57 -20.21 8.46
C ASN B 47 -7.42 -19.48 9.18
N ALA B 48 -7.33 -18.14 9.16
CA ALA B 48 -6.35 -17.43 9.99
C ALA B 48 -6.72 -17.57 11.47
N VAL B 49 -8.03 -17.56 11.76
CA VAL B 49 -8.53 -17.83 13.11
C VAL B 49 -8.09 -19.24 13.50
N LYS B 50 -8.35 -20.27 12.67
CA LYS B 50 -7.87 -21.63 12.92
C LYS B 50 -6.37 -21.62 13.15
N ALA B 51 -5.61 -20.94 12.29
CA ALA B 51 -4.16 -20.85 12.36
C ALA B 51 -3.68 -20.38 13.75
N MET B 52 -4.44 -19.50 14.42
CA MET B 52 -4.12 -19.02 15.75
C MET B 52 -4.62 -19.97 16.83
N LYS B 53 -5.80 -20.58 16.65
CA LYS B 53 -6.32 -21.55 17.61
C LYS B 53 -5.39 -22.76 17.73
N GLU B 54 -4.64 -23.11 16.66
CA GLU B 54 -3.66 -24.18 16.70
C GLU B 54 -2.58 -23.93 17.77
N VAL B 55 -2.31 -22.67 18.10
CA VAL B 55 -1.30 -22.25 19.07
C VAL B 55 -1.96 -21.54 20.26
N GLY B 56 -3.29 -21.65 20.39
CA GLY B 56 -4.04 -21.16 21.54
C GLY B 56 -4.08 -19.63 21.61
N ILE B 57 -4.15 -18.93 20.47
CA ILE B 57 -4.42 -17.48 20.46
C ILE B 57 -5.81 -17.33 19.82
N ASP B 58 -6.55 -16.30 20.23
CA ASP B 58 -7.87 -15.99 19.69
C ASP B 58 -7.82 -14.64 19.01
N ILE B 59 -8.46 -14.56 17.84
CA ILE B 59 -8.59 -13.34 17.05
C ILE B 59 -10.00 -13.25 16.45
N SER B 60 -10.98 -14.00 16.95
CA SER B 60 -12.28 -14.13 16.31
C SER B 60 -13.02 -12.78 16.14
N ASN B 61 -12.59 -11.73 16.85
CA ASN B 61 -13.16 -10.40 16.79
C ASN B 61 -12.49 -9.48 15.74
N GLN B 62 -11.30 -9.83 15.23
CA GLN B 62 -10.49 -8.95 14.41
C GLN B 62 -11.19 -8.41 13.16
N THR B 63 -10.73 -7.22 12.77
CA THR B 63 -11.16 -6.44 11.62
C THR B 63 -9.93 -5.92 10.86
N SER B 64 -10.12 -5.27 9.70
CA SER B 64 -9.06 -4.60 8.95
C SER B 64 -9.65 -3.47 8.11
N ASP B 65 -8.84 -2.83 7.28
CA ASP B 65 -9.18 -1.69 6.43
C ASP B 65 -8.12 -1.59 5.33
N ILE B 66 -8.36 -0.77 4.30
CA ILE B 66 -7.39 -0.47 3.25
C ILE B 66 -6.16 0.26 3.81
N ILE B 67 -5.11 0.38 2.99
CA ILE B 67 -3.93 1.18 3.34
C ILE B 67 -4.38 2.55 3.85
N ASP B 68 -3.76 2.99 4.93
CA ASP B 68 -4.14 4.17 5.69
C ASP B 68 -2.88 4.88 6.15
N SER B 69 -2.54 5.91 5.38
CA SER B 69 -1.40 6.78 5.58
C SER B 69 -1.30 7.37 6.98
N ASP B 70 -2.42 7.55 7.70
CA ASP B 70 -2.40 8.26 8.97
C ASP B 70 -1.71 7.42 10.05
N ILE B 71 -1.70 6.09 9.85
CA ILE B 71 -1.00 5.18 10.73
C ILE B 71 0.29 4.69 10.06
N LEU B 72 0.32 4.53 8.73
CA LEU B 72 1.53 4.08 8.04
C LEU B 72 2.64 5.10 8.24
N ASN B 73 2.39 6.38 7.93
CA ASN B 73 3.42 7.42 8.01
C ASN B 73 4.00 7.51 9.44
N ASN B 74 3.17 7.18 10.45
CA ASN B 74 3.49 7.23 11.86
C ASN B 74 4.17 5.94 12.36
N ALA B 75 4.16 4.86 11.58
CA ALA B 75 4.79 3.61 11.94
C ALA B 75 6.30 3.77 12.00
N ASP B 76 6.94 2.81 12.68
CA ASP B 76 8.39 2.65 12.67
C ASP B 76 8.80 1.70 11.54
N LEU B 77 7.97 0.69 11.23
CA LEU B 77 8.28 -0.38 10.30
C LEU B 77 7.04 -0.73 9.48
N VAL B 78 7.25 -1.06 8.21
CA VAL B 78 6.27 -1.63 7.31
C VAL B 78 6.77 -3.03 6.98
N VAL B 79 6.15 -4.02 7.60
CA VAL B 79 6.44 -5.43 7.45
C VAL B 79 5.60 -5.90 6.25
N THR B 80 6.22 -5.98 5.07
CA THR B 80 5.55 -6.63 3.95
C THR B 80 5.46 -8.11 4.35
N LEU B 81 4.24 -8.65 4.37
CA LEU B 81 3.91 -9.94 4.94
C LEU B 81 3.22 -10.82 3.90
N SER B 82 3.84 -10.96 2.73
CA SER B 82 3.41 -11.89 1.69
C SER B 82 4.64 -12.28 0.85
N GLY B 83 4.42 -13.05 -0.22
CA GLY B 83 5.37 -13.36 -1.28
C GLY B 83 4.66 -13.10 -2.61
N ASP B 84 3.96 -11.97 -2.68
CA ASP B 84 3.03 -11.57 -3.73
C ASP B 84 3.03 -10.04 -3.83
N ALA B 85 2.50 -9.48 -4.91
CA ALA B 85 2.54 -8.05 -5.24
C ALA B 85 1.17 -7.49 -5.63
N ALA B 86 0.08 -8.27 -5.50
CA ALA B 86 -1.28 -7.81 -5.78
C ALA B 86 -1.71 -6.65 -4.86
N ASP B 87 -1.00 -6.42 -3.75
CA ASP B 87 -1.39 -5.51 -2.66
C ASP B 87 -1.33 -3.99 -2.98
N LYS B 88 -1.49 -3.57 -4.24
CA LYS B 88 -1.47 -2.15 -4.71
C LYS B 88 -0.04 -1.62 -4.90
N CYS B 89 0.95 -2.52 -4.99
CA CYS B 89 2.38 -2.23 -5.03
C CYS B 89 2.78 -1.01 -4.18
N PRO B 90 2.39 -0.93 -2.88
CA PRO B 90 2.54 0.29 -2.11
C PRO B 90 3.99 0.72 -2.06
N MET B 91 4.27 2.01 -2.35
CA MET B 91 5.65 2.48 -2.43
C MET B 91 6.24 2.91 -1.08
N THR B 92 5.47 2.85 0.03
CA THR B 92 5.93 3.04 1.42
C THR B 92 6.83 4.27 1.63
N PRO B 93 6.29 5.43 2.07
CA PRO B 93 7.07 6.67 2.13
C PRO B 93 8.30 6.46 3.05
N PRO B 94 9.52 6.88 2.62
CA PRO B 94 10.79 6.52 3.25
C PRO B 94 11.06 7.03 4.67
N HIS B 95 10.20 7.85 5.26
CA HIS B 95 10.27 8.19 6.68
C HIS B 95 9.81 7.03 7.60
N VAL B 96 9.70 5.81 7.07
CA VAL B 96 9.38 4.59 7.79
C VAL B 96 10.35 3.51 7.29
N LYS B 97 10.81 2.61 8.17
CA LYS B 97 11.61 1.45 7.77
C LYS B 97 10.68 0.49 7.02
N ARG B 98 11.22 -0.34 6.12
CA ARG B 98 10.44 -1.39 5.47
C ARG B 98 11.34 -2.60 5.35
N GLU B 99 10.76 -3.77 5.56
CA GLU B 99 11.38 -5.06 5.29
C GLU B 99 10.25 -5.98 4.84
N HIS B 100 10.61 -7.05 4.12
CA HIS B 100 9.69 -8.12 3.78
C HIS B 100 10.07 -9.36 4.58
N TRP B 101 9.05 -10.05 5.10
CA TRP B 101 9.21 -11.15 6.03
C TRP B 101 8.19 -12.28 5.79
N GLY B 102 7.27 -12.13 4.83
CA GLY B 102 6.31 -13.18 4.51
C GLY B 102 6.95 -14.27 3.65
N PHE B 103 7.56 -13.87 2.53
CA PHE B 103 8.22 -14.72 1.51
C PHE B 103 7.31 -15.76 0.85
N ASP B 104 6.05 -15.86 1.27
CA ASP B 104 5.02 -16.80 0.83
C ASP B 104 3.69 -16.18 1.25
N ASP B 105 2.55 -16.72 0.81
CA ASP B 105 1.23 -16.29 1.25
C ASP B 105 0.35 -17.52 1.48
N PRO B 106 0.06 -17.89 2.75
CA PRO B 106 -0.64 -19.11 3.10
C PRO B 106 -2.10 -19.07 2.64
N ALA B 107 -2.78 -17.91 2.67
CA ALA B 107 -4.17 -17.63 2.26
C ALA B 107 -4.52 -18.14 0.87
N ARG B 108 -3.48 -18.50 0.14
CA ARG B 108 -3.53 -18.88 -1.27
C ARG B 108 -3.42 -20.40 -1.33
N ALA B 109 -2.36 -20.94 -0.72
CA ALA B 109 -1.93 -22.34 -0.80
C ALA B 109 -2.07 -22.93 -2.21
N GLN B 110 -2.01 -24.26 -2.29
CA GLN B 110 -2.37 -24.98 -3.51
C GLN B 110 -3.89 -24.85 -3.68
N GLY B 111 -4.64 -25.11 -2.61
CA GLY B 111 -6.07 -24.87 -2.60
C GLY B 111 -6.92 -25.91 -1.88
N THR B 112 -6.38 -27.12 -1.74
CA THR B 112 -7.09 -28.22 -1.11
C THR B 112 -7.20 -27.95 0.38
N GLU B 113 -8.04 -28.75 1.07
CA GLU B 113 -8.23 -28.60 2.50
C GLU B 113 -6.92 -28.87 3.23
N GLU B 114 -6.20 -29.89 2.78
CA GLU B 114 -4.93 -30.30 3.34
C GLU B 114 -3.88 -29.28 2.96
N GLU B 115 -3.86 -28.74 1.74
CA GLU B 115 -2.75 -27.87 1.35
C GLU B 115 -2.92 -26.50 1.98
N LYS B 116 -4.16 -26.02 2.16
CA LYS B 116 -4.42 -24.82 2.95
C LYS B 116 -3.86 -25.02 4.34
N TRP B 117 -4.27 -26.07 5.05
CA TRP B 117 -3.78 -26.31 6.41
C TRP B 117 -2.26 -26.45 6.40
N ALA B 118 -1.70 -27.16 5.42
CA ALA B 118 -0.27 -27.38 5.28
C ALA B 118 0.50 -26.07 5.12
N PHE B 119 0.02 -25.16 4.26
CA PHE B 119 0.62 -23.85 4.08
C PHE B 119 0.51 -23.06 5.37
N PHE B 120 -0.67 -23.04 6.00
CA PHE B 120 -0.87 -22.28 7.21
C PHE B 120 -0.05 -22.81 8.37
N GLN B 121 0.16 -24.12 8.48
CA GLN B 121 1.02 -24.71 9.49
C GLN B 121 2.46 -24.20 9.32
N ARG B 122 2.98 -24.26 8.10
CA ARG B 122 4.34 -23.82 7.82
C ARG B 122 4.47 -22.33 8.13
N VAL B 123 3.59 -21.51 7.55
CA VAL B 123 3.73 -20.06 7.65
C VAL B 123 3.45 -19.61 9.09
N ARG B 124 2.53 -20.22 9.86
CA ARG B 124 2.30 -19.80 11.25
C ARG B 124 3.56 -19.99 12.08
N ASP B 125 4.27 -21.11 11.89
CA ASP B 125 5.50 -21.36 12.64
C ASP B 125 6.53 -20.26 12.35
N GLU B 126 6.66 -19.87 11.08
CA GLU B 126 7.61 -18.85 10.66
C GLU B 126 7.19 -17.48 11.19
N ILE B 127 5.94 -17.07 10.97
CA ILE B 127 5.39 -15.78 11.42
C ILE B 127 5.59 -15.66 12.93
N GLY B 128 5.22 -16.68 13.71
CA GLY B 128 5.33 -16.64 15.16
C GLY B 128 6.77 -16.38 15.59
N ASN B 129 7.73 -17.10 15.01
CA ASN B 129 9.14 -16.90 15.34
C ASN B 129 9.61 -15.50 14.97
N ARG B 130 9.29 -15.02 13.77
CA ARG B 130 9.74 -13.72 13.30
C ARG B 130 9.18 -12.62 14.19
N LEU B 131 7.87 -12.65 14.48
CA LEU B 131 7.25 -11.63 15.31
C LEU B 131 7.80 -11.69 16.74
N LYS B 132 8.08 -12.88 17.28
CA LYS B 132 8.72 -12.99 18.58
C LYS B 132 10.11 -12.36 18.53
N GLU B 133 10.90 -12.62 17.47
CA GLU B 133 12.20 -11.99 17.35
C GLU B 133 12.08 -10.48 17.30
N PHE B 134 11.07 -9.88 16.65
CA PHE B 134 11.01 -8.42 16.61
C PHE B 134 10.94 -7.85 18.02
N ALA B 135 10.17 -8.53 18.86
CA ALA B 135 10.05 -8.20 20.28
C ALA B 135 11.40 -8.26 21.01
N GLU B 136 12.27 -9.20 20.65
CA GLU B 136 13.58 -9.39 21.27
C GLU B 136 14.63 -8.44 20.70
N THR B 137 14.68 -8.36 19.38
CA THR B 137 15.70 -7.70 18.57
C THR B 137 15.45 -6.20 18.45
N GLY B 138 14.22 -5.75 18.64
CA GLY B 138 13.78 -4.39 18.33
C GLY B 138 13.77 -4.16 16.82
N LYS B 139 13.92 -5.24 16.04
CA LYS B 139 14.07 -5.28 14.60
C LYS B 139 15.02 -4.23 14.04
N MET A 1 0.21 19.75 -22.42
CA MET A 1 1.32 20.44 -23.09
C MET A 1 2.55 19.54 -23.14
N ALA A 2 3.01 19.03 -21.99
CA ALA A 2 4.04 17.99 -21.88
C ALA A 2 3.79 17.23 -20.58
N ILE A 3 4.46 16.09 -20.42
CA ILE A 3 4.53 15.36 -19.17
C ILE A 3 5.66 16.06 -18.40
N VAL A 4 5.28 16.95 -17.49
CA VAL A 4 6.18 17.70 -16.61
C VAL A 4 6.60 16.77 -15.45
N LYS A 5 7.59 17.17 -14.66
CA LYS A 5 8.08 16.44 -13.51
C LYS A 5 8.03 17.36 -12.28
N ALA A 6 7.30 16.92 -11.27
CA ALA A 6 7.18 17.57 -9.96
C ALA A 6 8.38 17.18 -9.08
N THR A 7 8.49 17.83 -7.93
CA THR A 7 9.39 17.49 -6.83
C THR A 7 8.62 17.59 -5.51
N ASP A 8 9.39 17.56 -4.41
CA ASP A 8 8.96 17.83 -3.03
C ASP A 8 8.12 19.11 -2.88
N GLN A 9 8.31 20.10 -3.77
CA GLN A 9 7.62 21.38 -3.75
C GLN A 9 7.17 21.82 -5.14
N SER A 10 7.90 21.45 -6.20
CA SER A 10 7.53 21.84 -7.56
C SER A 10 6.18 21.26 -7.97
N PHE A 11 5.68 20.20 -7.31
CA PHE A 11 4.32 19.73 -7.49
C PHE A 11 3.34 20.90 -7.41
N SER A 12 3.35 21.65 -6.32
CA SER A 12 2.41 22.74 -6.13
C SER A 12 2.63 23.82 -7.18
N ALA A 13 3.89 24.17 -7.43
CA ALA A 13 4.21 25.25 -8.33
C ALA A 13 3.71 24.95 -9.75
N GLU A 14 3.78 23.69 -10.16
CA GLU A 14 3.40 23.24 -11.48
C GLU A 14 1.88 23.00 -11.60
N THR A 15 1.12 22.96 -10.49
CA THR A 15 -0.29 22.56 -10.48
C THR A 15 -1.23 23.70 -10.05
N SER A 16 -0.69 24.85 -9.64
CA SER A 16 -1.47 25.95 -9.07
C SER A 16 -2.28 26.72 -10.14
N GLU A 17 -2.10 26.42 -11.42
CA GLU A 17 -2.78 27.11 -12.52
C GLU A 17 -3.14 26.08 -13.61
N GLY A 18 -4.26 26.32 -14.29
CA GLY A 18 -4.82 25.40 -15.29
C GLY A 18 -5.38 24.14 -14.64
N VAL A 19 -5.83 23.21 -15.46
CA VAL A 19 -6.20 21.86 -15.03
C VAL A 19 -4.97 20.99 -15.27
N VAL A 20 -4.53 20.31 -14.21
CA VAL A 20 -3.26 19.61 -14.16
C VAL A 20 -3.49 18.25 -13.53
N LEU A 21 -3.22 17.20 -14.30
CA LEU A 21 -3.27 15.82 -13.85
C LEU A 21 -1.89 15.45 -13.32
N ALA A 22 -1.76 15.14 -12.03
CA ALA A 22 -0.50 14.65 -11.48
C ALA A 22 -0.57 13.13 -11.37
N ASP A 23 0.48 12.44 -11.78
CA ASP A 23 0.57 10.98 -11.84
C ASP A 23 1.79 10.52 -11.05
N PHE A 24 1.62 9.44 -10.30
CA PHE A 24 2.57 8.95 -9.32
C PHE A 24 2.97 7.56 -9.77
N TRP A 25 4.19 7.46 -10.31
CA TRP A 25 4.74 6.26 -10.93
C TRP A 25 6.04 5.90 -10.22
N ALA A 26 6.38 4.62 -10.12
CA ALA A 26 7.68 4.18 -9.63
C ALA A 26 7.92 2.69 -9.93
N PRO A 27 9.18 2.22 -9.92
CA PRO A 27 9.55 0.83 -10.23
C PRO A 27 8.88 -0.27 -9.38
N TRP A 28 8.13 0.08 -8.32
CA TRP A 28 7.44 -0.87 -7.45
C TRP A 28 6.52 -1.82 -8.21
N CYS A 29 5.94 -1.42 -9.36
CA CYS A 29 5.04 -2.31 -10.10
C CYS A 29 4.78 -1.90 -11.54
N GLY A 30 4.27 -2.89 -12.30
CA GLY A 30 3.92 -2.83 -13.71
C GLY A 30 3.12 -1.58 -14.14
N PRO A 31 2.05 -1.17 -13.44
CA PRO A 31 1.28 0.01 -13.83
C PRO A 31 2.12 1.27 -14.02
N SER A 32 3.23 1.46 -13.31
CA SER A 32 4.10 2.61 -13.53
C SER A 32 4.73 2.64 -14.91
N LYS A 33 4.75 1.51 -15.62
CA LYS A 33 5.25 1.38 -16.99
C LYS A 33 4.12 0.99 -17.95
N MET A 34 2.85 1.26 -17.58
CA MET A 34 1.68 1.15 -18.46
C MET A 34 0.83 2.43 -18.37
N ILE A 35 0.68 3.02 -17.18
CA ILE A 35 0.08 4.33 -17.00
C ILE A 35 0.98 5.38 -17.69
N ALA A 36 2.31 5.20 -17.65
CA ALA A 36 3.24 6.15 -18.25
C ALA A 36 3.02 6.34 -19.76
N PRO A 37 2.99 5.29 -20.59
CA PRO A 37 2.63 5.43 -21.99
C PRO A 37 1.23 6.01 -22.15
N VAL A 38 0.27 5.59 -21.31
CA VAL A 38 -1.08 6.13 -21.32
C VAL A 38 -1.08 7.64 -21.12
N LEU A 39 -0.22 8.20 -20.25
CA LEU A 39 -0.13 9.65 -20.07
C LEU A 39 0.43 10.32 -21.32
N GLU A 40 1.48 9.77 -21.92
CA GLU A 40 2.07 10.38 -23.10
C GLU A 40 1.07 10.30 -24.28
N GLU A 41 0.29 9.22 -24.35
CA GLU A 41 -0.79 9.02 -25.31
C GLU A 41 -2.00 9.91 -25.04
N LEU A 42 -2.14 10.43 -23.83
CA LEU A 42 -3.20 11.37 -23.45
C LEU A 42 -2.77 12.77 -23.85
N ASP A 43 -1.53 13.13 -23.56
CA ASP A 43 -1.05 14.49 -23.78
C ASP A 43 -0.92 14.78 -25.26
N GLN A 44 -0.50 13.79 -26.05
CA GLN A 44 -0.42 13.96 -27.49
C GLN A 44 -1.82 14.05 -28.14
N GLU A 45 -2.90 13.76 -27.40
CA GLU A 45 -4.24 13.81 -27.89
C GLU A 45 -4.95 15.09 -27.43
N MET A 46 -4.85 15.44 -26.15
CA MET A 46 -5.63 16.50 -25.54
C MET A 46 -4.78 17.40 -24.65
N GLY A 47 -3.46 17.33 -24.79
CA GLY A 47 -2.54 18.24 -24.11
C GLY A 47 -2.64 19.69 -24.55
N ASP A 48 -3.49 19.96 -25.54
CA ASP A 48 -3.86 21.31 -25.93
C ASP A 48 -4.70 21.98 -24.84
N LYS A 49 -5.36 21.18 -24.01
CA LYS A 49 -6.24 21.64 -22.95
C LYS A 49 -5.69 21.29 -21.57
N LEU A 50 -4.88 20.24 -21.48
CA LEU A 50 -4.46 19.61 -20.25
C LEU A 50 -2.96 19.69 -20.07
N LYS A 51 -2.52 19.81 -18.82
CA LYS A 51 -1.12 19.69 -18.42
C LYS A 51 -1.03 18.43 -17.57
N ILE A 52 0.11 17.73 -17.61
CA ILE A 52 0.35 16.55 -16.80
C ILE A 52 1.66 16.79 -16.07
N VAL A 53 1.77 16.29 -14.84
CA VAL A 53 2.99 16.35 -14.06
C VAL A 53 3.20 14.94 -13.49
N LYS A 54 4.44 14.49 -13.30
CA LYS A 54 4.72 13.20 -12.67
C LYS A 54 5.59 13.37 -11.43
N ILE A 55 5.36 12.51 -10.43
CA ILE A 55 6.20 12.37 -9.27
C ILE A 55 6.90 11.03 -9.51
N ASP A 56 8.21 11.01 -9.31
CA ASP A 56 9.05 9.83 -9.42
C ASP A 56 9.09 9.28 -7.99
N VAL A 57 8.13 8.41 -7.68
CA VAL A 57 7.79 7.91 -6.35
C VAL A 57 8.83 6.94 -5.75
N ASP A 58 10.09 7.37 -5.76
CA ASP A 58 11.23 6.76 -5.08
C ASP A 58 12.35 7.82 -4.93
N GLU A 59 12.50 8.73 -5.91
CA GLU A 59 13.50 9.77 -5.89
C GLU A 59 12.93 11.01 -5.21
N ASN A 60 11.67 11.35 -5.52
CA ASN A 60 11.00 12.54 -5.04
C ASN A 60 9.59 12.23 -4.52
N GLN A 61 9.45 11.04 -3.93
CA GLN A 61 8.21 10.53 -3.38
C GLN A 61 7.71 11.34 -2.17
N GLU A 62 8.49 12.29 -1.69
CA GLU A 62 8.22 13.16 -0.56
C GLU A 62 6.80 13.74 -0.67
N THR A 63 6.44 14.32 -1.81
CA THR A 63 5.11 14.88 -2.04
C THR A 63 4.01 13.83 -1.88
N ALA A 64 4.28 12.60 -2.30
CA ALA A 64 3.32 11.52 -2.27
C ALA A 64 3.01 11.16 -0.81
N GLY A 65 4.04 10.81 -0.05
CA GLY A 65 3.97 10.62 1.39
C GLY A 65 3.33 11.81 2.13
N LYS A 66 3.71 13.03 1.75
CA LYS A 66 3.21 14.27 2.35
C LYS A 66 1.70 14.41 2.13
N TYR A 67 1.18 14.02 0.96
CA TYR A 67 -0.24 14.09 0.69
C TYR A 67 -0.96 12.93 1.38
N GLY A 68 -0.28 11.79 1.52
CA GLY A 68 -0.87 10.54 1.96
C GLY A 68 -1.27 9.77 0.71
N VAL A 69 -0.30 9.15 0.03
CA VAL A 69 -0.56 8.42 -1.22
C VAL A 69 -0.22 6.97 -0.92
N MET A 70 1.06 6.72 -0.64
CA MET A 70 1.67 5.47 -0.17
C MET A 70 1.21 4.22 -0.91
N SER A 71 0.75 4.39 -2.14
CA SER A 71 0.34 3.37 -3.09
C SER A 71 0.61 3.81 -4.52
N ILE A 72 0.60 2.86 -5.47
CA ILE A 72 0.92 3.08 -6.87
C ILE A 72 -0.06 2.24 -7.71
N PRO A 73 -0.48 2.67 -8.90
CA PRO A 73 -0.28 4.01 -9.43
C PRO A 73 -1.32 4.94 -8.80
N THR A 74 -0.91 6.17 -8.52
CA THR A 74 -1.83 7.17 -7.98
C THR A 74 -1.96 8.36 -8.91
N LEU A 75 -3.12 9.00 -8.89
CA LEU A 75 -3.46 10.18 -9.67
C LEU A 75 -4.05 11.18 -8.69
N LEU A 76 -3.48 12.39 -8.64
CA LEU A 76 -4.03 13.52 -7.95
C LEU A 76 -4.31 14.51 -9.06
N VAL A 77 -5.57 14.83 -9.32
CA VAL A 77 -5.95 15.68 -10.43
C VAL A 77 -6.37 17.01 -9.82
N LEU A 78 -5.79 18.11 -10.31
CA LEU A 78 -5.89 19.42 -9.71
C LEU A 78 -6.42 20.41 -10.73
N LYS A 79 -7.00 21.52 -10.25
CA LYS A 79 -7.35 22.65 -11.07
C LYS A 79 -7.13 23.91 -10.26
N ASP A 80 -6.42 24.86 -10.87
CA ASP A 80 -6.22 26.24 -10.42
C ASP A 80 -5.90 26.39 -8.92
N GLY A 81 -5.22 25.40 -8.32
CA GLY A 81 -4.79 25.45 -6.92
C GLY A 81 -5.18 24.26 -6.05
N GLU A 82 -6.18 23.46 -6.43
CA GLU A 82 -6.76 22.45 -5.56
C GLU A 82 -6.96 21.11 -6.26
N VAL A 83 -6.93 20.01 -5.49
CA VAL A 83 -7.32 18.69 -5.96
C VAL A 83 -8.84 18.71 -6.19
N VAL A 84 -9.26 18.12 -7.30
CA VAL A 84 -10.64 18.09 -7.79
C VAL A 84 -11.04 16.65 -8.09
N GLU A 85 -10.09 15.76 -8.40
CA GLU A 85 -10.31 14.33 -8.50
C GLU A 85 -9.09 13.61 -7.96
N THR A 86 -9.27 12.40 -7.44
CA THR A 86 -8.23 11.60 -6.83
C THR A 86 -8.56 10.15 -7.21
N SER A 87 -7.55 9.35 -7.59
CA SER A 87 -7.75 7.98 -8.01
C SER A 87 -6.48 7.19 -7.67
N VAL A 88 -6.65 5.92 -7.33
CA VAL A 88 -5.59 5.09 -6.75
C VAL A 88 -5.71 3.68 -7.35
N GLY A 89 -5.26 3.52 -8.60
CA GLY A 89 -5.34 2.28 -9.36
C GLY A 89 -5.09 2.54 -10.85
N PHE A 90 -4.81 1.48 -11.62
CA PHE A 90 -4.57 1.59 -13.06
C PHE A 90 -5.87 1.94 -13.79
N LYS A 91 -5.77 2.70 -14.89
CA LYS A 91 -6.86 2.98 -15.83
C LYS A 91 -6.31 2.92 -17.26
N PRO A 92 -7.09 2.42 -18.24
CA PRO A 92 -6.74 2.54 -19.65
C PRO A 92 -6.88 4.00 -20.11
N LYS A 93 -6.41 4.28 -21.34
CA LYS A 93 -6.32 5.64 -21.88
C LYS A 93 -7.66 6.37 -21.81
N GLU A 94 -8.75 5.70 -22.20
CA GLU A 94 -10.05 6.34 -22.27
C GLU A 94 -10.56 6.68 -20.87
N ALA A 95 -10.41 5.77 -19.91
CA ALA A 95 -10.82 6.01 -18.53
C ALA A 95 -10.01 7.17 -17.94
N LEU A 96 -8.73 7.27 -18.29
CA LEU A 96 -7.88 8.35 -17.80
C LEU A 96 -8.31 9.69 -18.36
N GLN A 97 -8.54 9.75 -19.67
CA GLN A 97 -8.97 10.97 -20.32
C GLN A 97 -10.34 11.37 -19.80
N GLU A 98 -11.22 10.39 -19.55
CA GLU A 98 -12.55 10.65 -19.01
C GLU A 98 -12.45 11.26 -17.60
N LEU A 99 -11.60 10.68 -16.75
CA LEU A 99 -11.43 11.08 -15.36
C LEU A 99 -11.09 12.56 -15.26
N VAL A 100 -10.21 13.04 -16.12
CA VAL A 100 -9.82 14.45 -16.09
C VAL A 100 -10.82 15.31 -16.88
N ASN A 101 -11.30 14.85 -18.05
CA ASN A 101 -12.27 15.55 -18.89
C ASN A 101 -13.54 15.93 -18.14
N LYS A 102 -13.91 15.14 -17.13
CA LYS A 102 -15.04 15.38 -16.23
C LYS A 102 -15.04 16.80 -15.67
N HIS A 103 -13.86 17.39 -15.43
CA HIS A 103 -13.73 18.68 -14.75
C HIS A 103 -12.72 19.64 -15.41
N LEU A 104 -11.99 19.17 -16.42
CA LEU A 104 -11.13 19.94 -17.30
C LEU A 104 -11.99 20.94 -18.06
N MET B 1 8.94 2.01 26.35
CA MET B 1 8.20 3.28 26.11
C MET B 1 6.73 2.97 25.83
N GLU B 2 5.83 3.66 26.52
CA GLU B 2 4.39 3.50 26.31
C GLU B 2 4.02 4.08 24.93
N ASN B 3 3.37 3.24 24.11
CA ASN B 3 2.96 3.42 22.73
C ASN B 3 4.12 3.66 21.77
N LYS B 4 4.18 2.73 20.83
CA LYS B 4 5.12 2.58 19.73
C LYS B 4 4.30 1.94 18.62
N ILE B 5 4.47 2.31 17.36
CA ILE B 5 3.55 1.90 16.31
C ILE B 5 4.35 1.08 15.31
N ILE B 6 3.69 0.07 14.76
CA ILE B 6 4.24 -0.79 13.71
C ILE B 6 3.05 -1.15 12.82
N TYR B 7 3.29 -1.32 11.52
CA TYR B 7 2.24 -1.45 10.53
C TYR B 7 2.55 -2.67 9.68
N PHE B 8 1.57 -3.56 9.53
CA PHE B 8 1.70 -4.83 8.83
C PHE B 8 0.96 -4.65 7.51
N LEU B 9 1.56 -5.08 6.39
CA LEU B 9 1.04 -4.75 5.08
C LEU B 9 1.01 -6.01 4.24
N SER B 10 -0.19 -6.40 3.82
CA SER B 10 -0.45 -7.70 3.22
C SER B 10 -1.43 -7.60 2.05
N THR B 11 -1.49 -8.64 1.24
CA THR B 11 -2.46 -8.74 0.14
C THR B 11 -3.86 -8.90 0.74
N GLY B 12 -4.70 -7.89 0.53
CA GLY B 12 -6.13 -7.88 0.89
C GLY B 12 -6.37 -8.32 2.33
N ASN B 13 -5.54 -7.86 3.26
CA ASN B 13 -5.49 -8.35 4.65
C ASN B 13 -6.85 -8.70 5.23
N SER B 14 -7.06 -10.01 5.29
CA SER B 14 -8.15 -10.65 6.00
C SER B 14 -7.60 -11.84 6.79
N ALA B 15 -6.29 -12.09 6.75
CA ALA B 15 -5.67 -13.30 7.27
C ALA B 15 -4.20 -13.13 7.64
N ARG B 16 -3.37 -12.66 6.68
CA ARG B 16 -1.91 -12.62 6.87
C ARG B 16 -1.55 -11.79 8.09
N SER B 17 -2.02 -10.54 8.15
CA SER B 17 -1.68 -9.67 9.25
C SER B 17 -2.50 -10.04 10.49
N GLN B 18 -3.70 -10.63 10.35
CA GLN B 18 -4.49 -11.10 11.50
C GLN B 18 -3.67 -12.05 12.36
N MET B 19 -3.09 -13.04 11.69
CA MET B 19 -2.34 -14.10 12.34
C MET B 19 -1.07 -13.48 12.93
N ALA B 20 -0.40 -12.63 12.15
CA ALA B 20 0.85 -12.00 12.54
C ALA B 20 0.67 -11.12 13.76
N GLU B 21 -0.42 -10.33 13.85
CA GLU B 21 -0.58 -9.37 14.94
C GLU B 21 -0.95 -10.07 16.24
N GLY B 22 -1.67 -11.20 16.18
CA GLY B 22 -1.89 -12.02 17.36
C GLY B 22 -0.58 -12.69 17.79
N TRP B 23 0.21 -13.21 16.84
CA TRP B 23 1.56 -13.69 17.10
C TRP B 23 2.43 -12.60 17.72
N ALA B 24 2.29 -11.36 17.24
CA ALA B 24 3.18 -10.28 17.62
C ALA B 24 3.07 -10.03 19.11
N LYS B 25 1.85 -9.81 19.61
CA LYS B 25 1.68 -9.35 20.99
C LYS B 25 2.03 -10.43 22.01
N GLN B 26 2.09 -11.71 21.64
CA GLN B 26 2.58 -12.72 22.56
C GLN B 26 4.10 -12.57 22.87
N TYR B 27 4.84 -11.78 22.06
CA TYR B 27 6.28 -11.59 22.21
C TYR B 27 6.69 -10.11 22.29
N LEU B 28 5.86 -9.17 21.81
CA LEU B 28 6.12 -7.73 21.86
C LEU B 28 5.68 -7.26 23.25
N GLY B 29 4.58 -6.52 23.37
CA GLY B 29 4.03 -6.11 24.65
C GLY B 29 3.00 -5.01 24.50
N ASP B 30 2.57 -4.47 25.64
CA ASP B 30 1.67 -3.33 25.75
C ASP B 30 2.29 -2.05 25.16
N GLU B 31 3.61 -2.02 25.03
CA GLU B 31 4.34 -0.93 24.38
C GLU B 31 3.86 -0.70 22.96
N TRP B 32 3.58 -1.78 22.23
CA TRP B 32 3.34 -1.70 20.80
C TRP B 32 1.86 -1.61 20.47
N LYS B 33 1.58 -1.01 19.32
CA LYS B 33 0.29 -0.95 18.65
C LYS B 33 0.55 -1.50 17.26
N VAL B 34 0.07 -2.72 17.03
CA VAL B 34 0.33 -3.46 15.82
C VAL B 34 -0.88 -3.24 14.91
N TYR B 35 -0.72 -2.37 13.91
CA TYR B 35 -1.75 -2.09 12.92
C TYR B 35 -1.56 -3.01 11.72
N SER B 36 -2.59 -3.17 10.91
CA SER B 36 -2.63 -4.18 9.85
C SER B 36 -3.52 -3.68 8.72
N ALA B 37 -3.06 -3.83 7.46
CA ALA B 37 -3.75 -3.29 6.31
C ALA B 37 -3.39 -4.03 5.02
N GLY B 38 -4.02 -3.62 3.91
CA GLY B 38 -3.79 -4.14 2.58
C GLY B 38 -4.67 -3.43 1.55
N ILE B 39 -4.56 -3.87 0.29
CA ILE B 39 -5.25 -3.26 -0.87
C ILE B 39 -6.76 -3.12 -0.67
N GLU B 40 -7.43 -4.21 -0.32
CA GLU B 40 -8.89 -4.35 -0.22
C GLU B 40 -9.24 -5.04 1.12
N ALA B 41 -8.35 -4.83 2.09
CA ALA B 41 -8.36 -5.40 3.42
C ALA B 41 -9.58 -4.94 4.23
N HIS B 42 -10.07 -5.83 5.11
CA HIS B 42 -11.14 -5.69 6.09
C HIS B 42 -11.83 -7.05 6.12
N GLY B 43 -11.33 -7.95 6.95
CA GLY B 43 -11.81 -9.32 7.05
C GLY B 43 -11.10 -10.03 8.20
N LEU B 44 -11.68 -11.14 8.65
CA LEU B 44 -11.17 -11.98 9.73
C LEU B 44 -11.42 -13.42 9.28
N ASN B 45 -10.58 -13.90 8.37
CA ASN B 45 -10.70 -15.22 7.76
C ASN B 45 -10.58 -16.28 8.87
N PRO B 46 -11.51 -17.24 8.98
CA PRO B 46 -11.42 -18.30 9.98
C PRO B 46 -10.12 -19.11 9.85
N ASN B 47 -9.44 -19.10 8.70
CA ASN B 47 -8.12 -19.72 8.58
C ASN B 47 -7.10 -19.05 9.49
N ALA B 48 -7.14 -17.73 9.64
CA ALA B 48 -6.20 -16.99 10.49
C ALA B 48 -6.56 -17.18 11.95
N VAL B 49 -7.85 -17.29 12.24
CA VAL B 49 -8.32 -17.66 13.57
C VAL B 49 -7.76 -19.06 13.90
N LYS B 50 -7.97 -20.04 13.02
CA LYS B 50 -7.50 -21.42 13.22
C LYS B 50 -5.99 -21.45 13.37
N ALA B 51 -5.26 -20.70 12.53
CA ALA B 51 -3.82 -20.58 12.59
C ALA B 51 -3.35 -20.09 13.96
N MET B 52 -4.09 -19.20 14.62
CA MET B 52 -3.77 -18.74 15.96
C MET B 52 -4.12 -19.81 16.99
N LYS B 53 -5.25 -20.51 16.83
CA LYS B 53 -5.63 -21.60 17.73
C LYS B 53 -4.63 -22.75 17.68
N GLU B 54 -3.88 -22.95 16.59
CA GLU B 54 -2.81 -23.95 16.52
C GLU B 54 -1.77 -23.74 17.63
N VAL B 55 -1.57 -22.48 18.06
CA VAL B 55 -0.65 -22.09 19.13
C VAL B 55 -1.41 -21.48 20.32
N GLY B 56 -2.73 -21.69 20.39
CA GLY B 56 -3.57 -21.28 21.50
C GLY B 56 -3.63 -19.76 21.68
N ILE B 57 -3.59 -18.97 20.60
CA ILE B 57 -3.85 -17.54 20.67
C ILE B 57 -5.28 -17.36 20.11
N ASP B 58 -5.99 -16.34 20.58
CA ASP B 58 -7.35 -16.03 20.14
C ASP B 58 -7.36 -14.65 19.50
N ILE B 59 -8.07 -14.53 18.39
CA ILE B 59 -8.23 -13.29 17.64
C ILE B 59 -9.68 -13.11 17.19
N SER B 60 -10.64 -13.82 17.78
CA SER B 60 -12.03 -13.89 17.31
C SER B 60 -12.82 -12.56 17.41
N ASN B 61 -12.13 -11.44 17.60
CA ASN B 61 -12.64 -10.08 17.73
C ASN B 61 -11.76 -9.07 16.94
N GLN B 62 -10.62 -9.49 16.37
CA GLN B 62 -9.73 -8.62 15.63
C GLN B 62 -10.42 -8.07 14.37
N THR B 63 -9.91 -6.93 13.90
CA THR B 63 -10.43 -6.14 12.80
C THR B 63 -9.35 -5.97 11.72
N SER B 64 -9.68 -5.32 10.60
CA SER B 64 -8.75 -4.95 9.54
C SER B 64 -9.40 -3.79 8.77
N ASP B 65 -8.66 -3.15 7.87
CA ASP B 65 -9.05 -1.99 7.09
C ASP B 65 -8.04 -1.82 5.94
N ILE B 66 -8.36 -1.05 4.91
CA ILE B 66 -7.46 -0.73 3.81
C ILE B 66 -6.25 0.09 4.28
N ILE B 67 -5.23 0.20 3.42
CA ILE B 67 -4.06 1.04 3.66
C ILE B 67 -4.49 2.44 4.11
N ASP B 68 -3.80 2.99 5.09
CA ASP B 68 -4.11 4.28 5.69
C ASP B 68 -2.82 4.96 6.09
N SER B 69 -2.46 5.94 5.27
CA SER B 69 -1.29 6.80 5.42
C SER B 69 -1.15 7.40 6.81
N ASP B 70 -2.26 7.69 7.50
CA ASP B 70 -2.23 8.46 8.73
C ASP B 70 -1.60 7.68 9.87
N ILE B 71 -1.59 6.35 9.75
CA ILE B 71 -0.96 5.47 10.72
C ILE B 71 0.31 4.87 10.11
N LEU B 72 0.30 4.50 8.82
CA LEU B 72 1.49 3.91 8.20
C LEU B 72 2.66 4.90 8.27
N ASN B 73 2.47 6.16 7.86
CA ASN B 73 3.56 7.14 7.86
C ASN B 73 4.07 7.42 9.29
N ASN B 74 3.22 7.23 10.30
CA ASN B 74 3.52 7.49 11.70
C ASN B 74 4.16 6.29 12.41
N ALA B 75 4.18 5.11 11.79
CA ALA B 75 4.76 3.92 12.39
C ALA B 75 6.27 4.07 12.56
N ASP B 76 6.87 3.13 13.29
CA ASP B 76 8.32 2.98 13.37
C ASP B 76 8.83 2.13 12.19
N LEU B 77 8.03 1.14 11.78
CA LEU B 77 8.41 0.15 10.77
C LEU B 77 7.15 -0.33 10.04
N VAL B 78 7.31 -0.60 8.74
CA VAL B 78 6.33 -1.23 7.86
C VAL B 78 6.84 -2.64 7.57
N VAL B 79 6.25 -3.62 8.26
CA VAL B 79 6.48 -5.04 8.04
C VAL B 79 5.61 -5.42 6.83
N THR B 80 6.22 -5.53 5.66
CA THR B 80 5.52 -6.12 4.52
C THR B 80 5.57 -7.63 4.70
N LEU B 81 4.44 -8.33 4.56
CA LEU B 81 4.35 -9.77 4.84
C LEU B 81 3.29 -10.46 3.98
N SER B 82 3.50 -10.46 2.66
CA SER B 82 2.71 -11.25 1.70
C SER B 82 3.43 -11.27 0.34
N GLY B 83 4.02 -10.14 -0.02
CA GLY B 83 4.60 -9.81 -1.32
C GLY B 83 4.60 -8.28 -1.43
N ASP B 84 4.92 -7.73 -2.60
CA ASP B 84 4.95 -6.29 -2.85
C ASP B 84 4.46 -6.04 -4.28
N ALA B 85 3.18 -6.38 -4.53
CA ALA B 85 2.52 -6.30 -5.81
C ALA B 85 1.01 -6.23 -5.61
N ALA B 86 0.35 -7.38 -5.32
CA ALA B 86 -1.11 -7.45 -5.20
C ALA B 86 -1.62 -6.58 -4.05
N ASP B 87 -0.80 -6.36 -3.02
CA ASP B 87 -1.03 -5.44 -1.91
C ASP B 87 -1.00 -3.94 -2.32
N LYS B 88 -1.08 -3.64 -3.62
CA LYS B 88 -1.10 -2.30 -4.24
C LYS B 88 0.30 -1.68 -4.30
N CYS B 89 1.34 -2.53 -4.41
CA CYS B 89 2.77 -2.17 -4.46
C CYS B 89 3.08 -0.89 -3.66
N PRO B 90 2.75 -0.83 -2.35
CA PRO B 90 2.87 0.39 -1.56
C PRO B 90 4.28 0.94 -1.65
N MET B 91 4.41 2.24 -1.91
CA MET B 91 5.74 2.81 -2.14
C MET B 91 6.45 3.25 -0.86
N THR B 92 5.80 3.06 0.30
CA THR B 92 6.34 3.27 1.65
C THR B 92 7.11 4.60 1.81
N PRO B 93 6.41 5.69 2.20
CA PRO B 93 6.96 7.02 2.17
C PRO B 93 8.13 7.10 3.18
N PRO B 94 9.17 7.91 2.92
CA PRO B 94 10.42 7.91 3.69
C PRO B 94 10.29 8.31 5.17
N HIS B 95 9.07 8.62 5.65
CA HIS B 95 8.78 8.81 7.06
C HIS B 95 8.98 7.51 7.86
N VAL B 96 9.04 6.33 7.20
CA VAL B 96 9.08 5.03 7.86
C VAL B 96 10.18 4.12 7.33
N LYS B 97 10.65 3.23 8.20
CA LYS B 97 11.53 2.12 7.83
C LYS B 97 10.62 1.04 7.25
N ARG B 98 11.14 0.16 6.40
CA ARG B 98 10.39 -0.98 5.87
C ARG B 98 11.31 -2.18 5.83
N GLU B 99 10.75 -3.36 6.06
CA GLU B 99 11.40 -4.64 5.86
C GLU B 99 10.31 -5.59 5.37
N HIS B 100 10.68 -6.57 4.55
CA HIS B 100 9.79 -7.61 4.05
C HIS B 100 10.12 -8.90 4.79
N TRP B 101 9.08 -9.60 5.26
CA TRP B 101 9.20 -10.76 6.15
C TRP B 101 8.33 -11.93 5.65
N GLY B 102 7.53 -11.77 4.60
CA GLY B 102 6.66 -12.83 4.09
C GLY B 102 6.38 -12.59 2.60
N PHE B 103 6.23 -13.69 1.86
CA PHE B 103 6.18 -13.73 0.40
C PHE B 103 5.19 -14.81 -0.09
N ASP B 104 4.21 -15.15 0.75
CA ASP B 104 3.20 -16.20 0.54
C ASP B 104 1.97 -15.77 1.35
N ASP B 105 0.78 -16.34 1.11
CA ASP B 105 -0.46 -15.90 1.74
C ASP B 105 -1.36 -17.13 1.93
N PRO B 106 -1.78 -17.47 3.16
CA PRO B 106 -2.46 -18.72 3.45
C PRO B 106 -3.91 -18.73 2.95
N ALA B 107 -4.55 -17.58 2.75
CA ALA B 107 -5.89 -17.49 2.18
C ALA B 107 -5.93 -17.96 0.71
N ARG B 108 -4.76 -18.25 0.12
CA ARG B 108 -4.62 -18.65 -1.29
C ARG B 108 -4.38 -20.16 -1.43
N ALA B 109 -4.59 -20.91 -0.34
CA ALA B 109 -4.40 -22.35 -0.29
C ALA B 109 -5.01 -23.07 -1.49
N GLN B 110 -4.40 -24.19 -1.87
CA GLN B 110 -4.74 -24.89 -3.10
C GLN B 110 -6.19 -25.35 -3.07
N GLY B 111 -6.66 -25.81 -1.89
CA GLY B 111 -8.07 -26.07 -1.68
C GLY B 111 -8.42 -27.42 -1.07
N THR B 112 -7.51 -28.39 -1.18
CA THR B 112 -7.73 -29.71 -0.61
C THR B 112 -7.67 -29.62 0.91
N GLU B 113 -8.17 -30.65 1.59
CA GLU B 113 -8.24 -30.64 3.04
C GLU B 113 -6.84 -30.49 3.64
N GLU B 114 -5.87 -31.16 3.03
CA GLU B 114 -4.48 -31.10 3.40
C GLU B 114 -3.90 -29.77 2.98
N GLU B 115 -4.14 -29.25 1.77
CA GLU B 115 -3.44 -28.07 1.32
C GLU B 115 -3.95 -26.83 2.04
N LYS B 116 -5.23 -26.81 2.45
CA LYS B 116 -5.77 -25.77 3.32
C LYS B 116 -4.97 -25.72 4.61
N TRP B 117 -4.97 -26.80 5.39
CA TRP B 117 -4.28 -26.80 6.66
C TRP B 117 -2.78 -26.54 6.42
N ALA B 118 -2.20 -27.14 5.38
CA ALA B 118 -0.79 -27.01 5.07
C ALA B 118 -0.39 -25.57 4.80
N PHE B 119 -1.18 -24.81 4.04
CA PHE B 119 -0.87 -23.41 3.78
C PHE B 119 -0.96 -22.63 5.09
N PHE B 120 -2.01 -22.83 5.88
CA PHE B 120 -2.18 -22.07 7.11
C PHE B 120 -1.02 -22.37 8.06
N GLN B 121 -0.66 -23.65 8.20
CA GLN B 121 0.39 -24.10 9.10
C GLN B 121 1.77 -23.62 8.66
N ARG B 122 2.05 -23.67 7.35
CA ARG B 122 3.33 -23.20 6.83
C ARG B 122 3.50 -21.72 7.20
N VAL B 123 2.48 -20.92 6.92
CA VAL B 123 2.53 -19.51 7.25
C VAL B 123 2.56 -19.33 8.77
N ARG B 124 1.83 -20.11 9.57
CA ARG B 124 1.88 -20.03 11.03
C ARG B 124 3.31 -20.19 11.55
N ASP B 125 4.04 -21.18 11.06
CA ASP B 125 5.42 -21.40 11.48
C ASP B 125 6.31 -20.21 11.11
N GLU B 126 6.14 -19.70 9.88
CA GLU B 126 6.91 -18.57 9.37
C GLU B 126 6.60 -17.31 10.18
N ILE B 127 5.35 -16.86 10.18
CA ILE B 127 4.90 -15.60 10.76
C ILE B 127 5.29 -15.51 12.25
N GLY B 128 5.18 -16.62 12.99
CA GLY B 128 5.55 -16.63 14.39
C GLY B 128 7.05 -16.48 14.54
N ASN B 129 7.88 -17.18 13.75
CA ASN B 129 9.32 -16.98 13.78
C ASN B 129 9.67 -15.54 13.41
N ARG B 130 9.07 -14.99 12.36
CA ARG B 130 9.34 -13.62 11.91
C ARG B 130 9.06 -12.65 13.05
N LEU B 131 7.90 -12.74 13.69
CA LEU B 131 7.56 -11.80 14.76
C LEU B 131 8.39 -12.03 16.01
N LYS B 132 8.70 -13.29 16.35
CA LYS B 132 9.55 -13.62 17.47
C LYS B 132 10.93 -13.01 17.24
N GLU B 133 11.48 -13.08 16.02
CA GLU B 133 12.72 -12.39 15.72
C GLU B 133 12.55 -10.89 15.82
N PHE B 134 11.48 -10.27 15.36
CA PHE B 134 11.35 -8.82 15.52
C PHE B 134 11.43 -8.41 17.00
N ALA B 135 10.84 -9.21 17.89
CA ALA B 135 10.92 -8.98 19.33
C ALA B 135 12.36 -9.05 19.86
N GLU B 136 13.21 -9.86 19.22
CA GLU B 136 14.59 -10.14 19.61
C GLU B 136 15.56 -9.14 18.99
N THR B 137 15.37 -8.92 17.69
CA THR B 137 16.24 -8.14 16.81
C THR B 137 15.96 -6.65 17.03
N GLY B 138 14.73 -6.29 17.43
CA GLY B 138 14.25 -4.92 17.47
C GLY B 138 14.59 -4.25 16.15
N LYS B 139 14.36 -4.97 15.05
CA LYS B 139 14.85 -4.61 13.72
C LYS B 139 14.72 -3.13 13.40
N MET A 1 0.40 19.11 -22.78
CA MET A 1 1.64 19.66 -23.37
C MET A 1 2.78 18.61 -23.34
N ALA A 2 3.19 18.15 -22.15
CA ALA A 2 4.15 17.08 -21.96
C ALA A 2 3.88 16.43 -20.61
N ILE A 3 4.53 15.28 -20.36
CA ILE A 3 4.57 14.65 -19.05
C ILE A 3 5.72 15.37 -18.33
N VAL A 4 5.36 16.31 -17.46
CA VAL A 4 6.26 17.11 -16.63
C VAL A 4 6.70 16.26 -15.42
N LYS A 5 7.72 16.72 -14.71
CA LYS A 5 8.31 16.07 -13.55
C LYS A 5 8.19 17.01 -12.36
N ALA A 6 7.37 16.64 -11.38
CA ALA A 6 7.21 17.36 -10.12
C ALA A 6 8.36 17.00 -9.17
N THR A 7 8.43 17.72 -8.04
CA THR A 7 9.26 17.44 -6.87
C THR A 7 8.58 18.12 -5.67
N ASP A 8 9.20 18.04 -4.48
CA ASP A 8 8.69 18.40 -3.15
C ASP A 8 7.81 19.65 -3.08
N GLN A 9 8.13 20.70 -3.83
CA GLN A 9 7.42 21.96 -3.83
C GLN A 9 7.03 22.39 -5.25
N SER A 10 7.85 22.03 -6.25
CA SER A 10 7.52 22.29 -7.65
C SER A 10 6.24 21.58 -8.10
N PHE A 11 5.79 20.50 -7.42
CA PHE A 11 4.48 19.92 -7.67
C PHE A 11 3.41 21.01 -7.66
N SER A 12 3.37 21.85 -6.62
CA SER A 12 2.37 22.90 -6.53
C SER A 12 2.57 23.91 -7.65
N ALA A 13 3.82 24.32 -7.89
CA ALA A 13 4.09 25.35 -8.87
C ALA A 13 3.65 24.92 -10.28
N GLU A 14 3.85 23.64 -10.60
CA GLU A 14 3.48 23.05 -11.88
C GLU A 14 1.98 22.83 -12.02
N THR A 15 1.20 22.88 -10.92
CA THR A 15 -0.22 22.52 -10.90
C THR A 15 -1.12 23.71 -10.55
N SER A 16 -0.53 24.88 -10.26
CA SER A 16 -1.26 26.06 -9.79
C SER A 16 -2.11 26.73 -10.88
N GLU A 17 -1.95 26.36 -12.14
CA GLU A 17 -2.64 27.00 -13.26
C GLU A 17 -3.06 25.95 -14.30
N GLY A 18 -4.22 26.18 -14.92
CA GLY A 18 -4.85 25.25 -15.86
C GLY A 18 -5.35 23.99 -15.16
N VAL A 19 -5.84 23.04 -15.94
CA VAL A 19 -6.16 21.70 -15.46
C VAL A 19 -4.90 20.86 -15.63
N VAL A 20 -4.50 20.17 -14.56
CA VAL A 20 -3.23 19.49 -14.46
C VAL A 20 -3.46 18.16 -13.75
N LEU A 21 -3.20 17.09 -14.47
CA LEU A 21 -3.18 15.73 -13.94
C LEU A 21 -1.84 15.52 -13.23
N ALA A 22 -1.81 14.88 -12.06
CA ALA A 22 -0.59 14.57 -11.34
C ALA A 22 -0.59 13.09 -10.94
N ASP A 23 0.34 12.33 -11.49
CA ASP A 23 0.42 10.88 -11.35
C ASP A 23 1.65 10.50 -10.53
N PHE A 24 1.54 9.42 -9.77
CA PHE A 24 2.51 9.01 -8.77
C PHE A 24 2.83 7.55 -9.09
N TRP A 25 4.05 7.33 -9.57
CA TRP A 25 4.53 6.06 -10.14
C TRP A 25 5.87 5.73 -9.46
N ALA A 26 6.25 4.46 -9.35
CA ALA A 26 7.59 4.05 -8.92
C ALA A 26 7.77 2.54 -9.12
N PRO A 27 9.01 2.02 -9.15
CA PRO A 27 9.30 0.64 -9.46
C PRO A 27 8.56 -0.43 -8.65
N TRP A 28 8.01 -0.10 -7.47
CA TRP A 28 7.34 -1.03 -6.56
C TRP A 28 6.21 -1.85 -7.21
N CYS A 29 5.51 -1.31 -8.23
CA CYS A 29 4.29 -1.93 -8.73
C CYS A 29 4.26 -2.04 -10.25
N GLY A 30 3.40 -2.92 -10.76
CA GLY A 30 3.16 -3.11 -12.18
C GLY A 30 2.49 -1.91 -12.84
N PRO A 31 1.39 -1.34 -12.28
CA PRO A 31 0.74 -0.15 -12.82
C PRO A 31 1.68 1.02 -13.10
N SER A 32 2.78 1.16 -12.39
CA SER A 32 3.78 2.19 -12.65
C SER A 32 4.37 2.13 -14.06
N LYS A 33 4.26 0.98 -14.73
CA LYS A 33 4.72 0.79 -16.11
C LYS A 33 3.53 0.59 -17.06
N MET A 34 2.30 0.88 -16.63
CA MET A 34 1.10 0.80 -17.45
C MET A 34 0.38 2.14 -17.45
N ILE A 35 0.21 2.78 -16.29
CA ILE A 35 -0.27 4.16 -16.18
C ILE A 35 0.71 5.09 -16.91
N ALA A 36 2.02 4.79 -16.85
CA ALA A 36 3.07 5.57 -17.51
C ALA A 36 2.83 5.69 -19.03
N PRO A 37 2.78 4.59 -19.79
CA PRO A 37 2.43 4.65 -21.21
C PRO A 37 1.05 5.24 -21.44
N VAL A 38 0.07 4.91 -20.60
CA VAL A 38 -1.28 5.45 -20.71
C VAL A 38 -1.25 6.97 -20.66
N LEU A 39 -0.40 7.58 -19.83
CA LEU A 39 -0.32 9.03 -19.74
C LEU A 39 0.35 9.63 -20.95
N GLU A 40 1.41 9.01 -21.50
CA GLU A 40 2.02 9.52 -22.71
C GLU A 40 1.04 9.38 -23.90
N GLU A 41 0.22 8.33 -23.90
CA GLU A 41 -0.85 8.10 -24.87
C GLU A 41 -2.03 9.03 -24.64
N LEU A 42 -2.19 9.57 -23.42
CA LEU A 42 -3.19 10.55 -23.08
C LEU A 42 -2.70 11.93 -23.51
N ASP A 43 -1.45 12.30 -23.25
CA ASP A 43 -1.01 13.66 -23.51
C ASP A 43 -0.92 13.94 -25.00
N GLN A 44 -0.58 12.94 -25.81
CA GLN A 44 -0.60 13.10 -27.26
C GLN A 44 -2.02 13.29 -27.82
N GLU A 45 -3.06 13.15 -27.00
CA GLU A 45 -4.47 13.24 -27.34
C GLU A 45 -5.06 14.52 -26.71
N MET A 46 -4.78 14.77 -25.43
CA MET A 46 -5.38 15.82 -24.60
C MET A 46 -4.47 16.99 -24.39
N GLY A 47 -3.20 16.84 -24.72
CA GLY A 47 -2.19 17.83 -24.40
C GLY A 47 -2.44 19.19 -25.03
N ASP A 48 -3.44 19.24 -25.90
CA ASP A 48 -4.03 20.43 -26.48
C ASP A 48 -4.78 21.27 -25.45
N LYS A 49 -5.26 20.63 -24.38
CA LYS A 49 -6.14 21.21 -23.39
C LYS A 49 -5.64 21.00 -21.97
N LEU A 50 -4.76 20.01 -21.78
CA LEU A 50 -4.37 19.46 -20.49
C LEU A 50 -2.85 19.40 -20.32
N LYS A 51 -2.41 19.39 -19.06
CA LYS A 51 -1.01 19.21 -18.67
C LYS A 51 -0.92 18.01 -17.73
N ILE A 52 0.19 17.29 -17.75
CA ILE A 52 0.38 16.09 -16.95
C ILE A 52 1.71 16.30 -16.22
N VAL A 53 1.80 15.82 -14.99
CA VAL A 53 2.99 15.89 -14.17
C VAL A 53 3.12 14.51 -13.50
N LYS A 54 4.34 14.03 -13.27
CA LYS A 54 4.59 12.80 -12.53
C LYS A 54 5.46 13.06 -11.31
N ILE A 55 5.32 12.22 -10.29
CA ILE A 55 6.13 12.16 -9.08
C ILE A 55 6.68 10.73 -9.09
N ASP A 56 7.99 10.57 -8.96
CA ASP A 56 8.61 9.26 -8.73
C ASP A 56 8.53 8.99 -7.24
N VAL A 57 7.66 8.08 -6.81
CA VAL A 57 7.45 7.77 -5.41
C VAL A 57 8.51 6.83 -4.79
N ASP A 58 9.77 7.16 -5.00
CA ASP A 58 10.91 6.56 -4.31
C ASP A 58 12.07 7.56 -4.31
N GLU A 59 12.34 8.24 -5.43
CA GLU A 59 13.35 9.25 -5.57
C GLU A 59 12.81 10.61 -5.08
N ASN A 60 11.56 10.90 -5.42
CA ASN A 60 10.91 12.20 -5.29
C ASN A 60 9.58 12.07 -4.55
N GLN A 61 9.50 11.08 -3.66
CA GLN A 61 8.26 10.72 -2.98
C GLN A 61 7.86 11.73 -1.90
N GLU A 62 8.68 12.76 -1.68
CA GLU A 62 8.52 13.77 -0.65
C GLU A 62 7.16 14.46 -0.77
N THR A 63 6.75 14.86 -1.98
CA THR A 63 5.42 15.41 -2.23
C THR A 63 4.35 14.44 -1.77
N ALA A 64 4.52 13.16 -2.10
CA ALA A 64 3.51 12.14 -1.93
C ALA A 64 3.28 11.92 -0.43
N GLY A 65 4.31 11.45 0.26
CA GLY A 65 4.31 11.30 1.72
C GLY A 65 3.77 12.53 2.45
N LYS A 66 4.21 13.73 2.07
CA LYS A 66 3.73 14.98 2.68
C LYS A 66 2.23 15.18 2.44
N TYR A 67 1.74 14.92 1.22
CA TYR A 67 0.34 15.10 0.89
C TYR A 67 -0.53 14.05 1.61
N GLY A 68 0.07 12.96 2.08
CA GLY A 68 -0.63 11.80 2.61
C GLY A 68 -1.03 10.93 1.43
N VAL A 69 -0.02 10.37 0.75
CA VAL A 69 -0.12 9.55 -0.43
C VAL A 69 0.98 8.54 -0.13
N MET A 70 0.66 7.27 -0.26
CA MET A 70 1.58 6.20 0.09
C MET A 70 1.33 5.01 -0.83
N SER A 71 0.71 5.21 -1.99
CA SER A 71 0.18 4.15 -2.83
C SER A 71 0.52 4.31 -4.31
N ILE A 72 0.42 3.22 -5.07
CA ILE A 72 0.72 3.21 -6.51
C ILE A 72 -0.46 2.56 -7.26
N PRO A 73 -0.92 3.11 -8.40
CA PRO A 73 -0.59 4.42 -8.92
C PRO A 73 -1.55 5.41 -8.24
N THR A 74 -1.04 6.48 -7.65
CA THR A 74 -1.92 7.55 -7.15
C THR A 74 -2.07 8.59 -8.26
N LEU A 75 -3.28 9.11 -8.43
CA LEU A 75 -3.64 10.02 -9.51
C LEU A 75 -4.47 11.12 -8.90
N LEU A 76 -3.79 12.20 -8.52
CA LEU A 76 -4.43 13.43 -8.12
C LEU A 76 -4.80 14.14 -9.43
N VAL A 77 -6.03 14.61 -9.54
CA VAL A 77 -6.49 15.42 -10.67
C VAL A 77 -6.78 16.81 -10.10
N LEU A 78 -6.10 17.85 -10.62
CA LEU A 78 -6.11 19.19 -10.06
C LEU A 78 -6.46 20.20 -11.14
N LYS A 79 -6.94 21.36 -10.74
CA LYS A 79 -7.13 22.50 -11.61
C LYS A 79 -6.96 23.76 -10.79
N ASP A 80 -6.37 24.78 -11.41
CA ASP A 80 -6.13 26.11 -10.84
C ASP A 80 -5.55 26.08 -9.40
N GLY A 81 -4.78 25.03 -9.08
CA GLY A 81 -4.05 24.88 -7.83
C GLY A 81 -4.77 24.11 -6.73
N GLU A 82 -5.88 23.44 -7.04
CA GLU A 82 -6.63 22.63 -6.10
C GLU A 82 -7.01 21.28 -6.71
N VAL A 83 -7.11 20.24 -5.88
CA VAL A 83 -7.54 18.92 -6.28
C VAL A 83 -9.06 18.94 -6.47
N VAL A 84 -9.52 18.22 -7.49
CA VAL A 84 -10.91 18.09 -7.86
C VAL A 84 -11.30 16.62 -8.01
N GLU A 85 -10.33 15.73 -8.22
CA GLU A 85 -10.51 14.28 -8.15
C GLU A 85 -9.25 13.65 -7.59
N THR A 86 -9.42 12.50 -6.96
CA THR A 86 -8.37 11.75 -6.31
C THR A 86 -8.71 10.28 -6.51
N SER A 87 -7.85 9.55 -7.22
CA SER A 87 -8.07 8.15 -7.55
C SER A 87 -6.77 7.41 -7.33
N VAL A 88 -6.87 6.14 -6.93
CA VAL A 88 -5.73 5.33 -6.54
C VAL A 88 -6.00 3.93 -7.09
N GLY A 89 -5.46 3.64 -8.27
CA GLY A 89 -5.65 2.38 -8.97
C GLY A 89 -5.42 2.54 -10.46
N PHE A 90 -5.07 1.46 -11.16
CA PHE A 90 -4.86 1.51 -12.60
C PHE A 90 -6.17 1.84 -13.33
N LYS A 91 -6.07 2.63 -14.41
CA LYS A 91 -7.16 2.87 -15.35
C LYS A 91 -6.58 2.77 -16.77
N PRO A 92 -7.29 2.17 -17.74
CA PRO A 92 -6.90 2.22 -19.14
C PRO A 92 -7.06 3.64 -19.69
N LYS A 93 -6.49 3.88 -20.88
CA LYS A 93 -6.47 5.18 -21.56
C LYS A 93 -7.84 5.85 -21.58
N GLU A 94 -8.90 5.12 -21.91
CA GLU A 94 -10.22 5.74 -22.04
C GLU A 94 -10.76 6.17 -20.69
N ALA A 95 -10.64 5.31 -19.66
CA ALA A 95 -11.09 5.65 -18.32
C ALA A 95 -10.28 6.82 -17.76
N LEU A 96 -8.99 6.88 -18.09
CA LEU A 96 -8.11 7.96 -17.69
C LEU A 96 -8.58 9.26 -18.32
N GLN A 97 -8.78 9.26 -19.64
CA GLN A 97 -9.16 10.46 -20.36
C GLN A 97 -10.54 10.93 -19.90
N GLU A 98 -11.45 10.00 -19.60
CA GLU A 98 -12.75 10.34 -19.03
C GLU A 98 -12.60 11.04 -17.68
N LEU A 99 -11.79 10.48 -16.79
CA LEU A 99 -11.63 10.95 -15.43
C LEU A 99 -11.11 12.39 -15.40
N VAL A 100 -10.18 12.74 -16.28
CA VAL A 100 -9.68 14.11 -16.35
C VAL A 100 -10.65 14.99 -17.13
N ASN A 101 -11.24 14.51 -18.23
CA ASN A 101 -12.24 15.24 -19.03
C ASN A 101 -13.43 15.73 -18.18
N LYS A 102 -13.78 14.99 -17.13
CA LYS A 102 -14.83 15.35 -16.18
C LYS A 102 -14.59 16.69 -15.48
N HIS A 103 -13.35 17.20 -15.46
CA HIS A 103 -13.00 18.45 -14.77
C HIS A 103 -12.18 19.41 -15.65
N LEU A 104 -11.51 18.87 -16.68
CA LEU A 104 -10.86 19.60 -17.74
C LEU A 104 -11.93 20.35 -18.53
N MET B 1 11.18 3.16 25.12
CA MET B 1 9.86 3.79 24.92
C MET B 1 8.77 2.71 25.02
N GLU B 2 7.75 2.94 25.85
CA GLU B 2 6.75 1.91 26.21
C GLU B 2 5.58 1.85 25.23
N ASN B 3 5.79 2.30 23.99
CA ASN B 3 4.94 2.18 22.83
C ASN B 3 5.95 2.31 21.70
N LYS B 4 5.79 1.40 20.76
CA LYS B 4 6.54 1.21 19.54
C LYS B 4 5.51 0.79 18.52
N ILE B 5 5.30 1.56 17.46
CA ILE B 5 4.26 1.27 16.51
C ILE B 5 4.92 0.55 15.33
N ILE B 6 4.32 -0.57 14.94
CA ILE B 6 4.76 -1.42 13.86
C ILE B 6 3.52 -1.75 13.03
N TYR B 7 3.68 -1.76 11.71
CA TYR B 7 2.58 -1.84 10.75
C TYR B 7 2.84 -2.98 9.79
N PHE B 8 1.81 -3.72 9.39
CA PHE B 8 1.93 -4.94 8.58
C PHE B 8 1.04 -4.79 7.35
N LEU B 9 1.66 -4.60 6.19
CA LEU B 9 0.94 -4.38 4.93
C LEU B 9 0.80 -5.72 4.23
N SER B 10 -0.42 -6.09 3.84
CA SER B 10 -0.63 -7.25 2.97
C SER B 10 -1.90 -7.08 2.13
N THR B 11 -2.04 -7.87 1.06
CA THR B 11 -3.18 -7.86 0.15
C THR B 11 -4.48 -7.96 0.96
N GLY B 12 -5.30 -6.91 0.90
CA GLY B 12 -6.60 -6.77 1.54
C GLY B 12 -6.66 -7.20 3.01
N ASN B 13 -5.51 -7.27 3.71
CA ASN B 13 -5.35 -7.88 5.03
C ASN B 13 -6.14 -9.21 5.13
N SER B 14 -6.26 -9.95 4.02
CA SER B 14 -7.14 -11.10 3.93
C SER B 14 -6.49 -12.40 4.41
N ALA B 15 -5.41 -12.34 5.19
CA ALA B 15 -4.83 -13.47 5.91
C ALA B 15 -3.59 -13.06 6.70
N ARG B 16 -2.51 -12.71 5.99
CA ARG B 16 -1.19 -12.55 6.57
C ARG B 16 -1.14 -11.59 7.76
N SER B 17 -1.58 -10.34 7.59
CA SER B 17 -1.32 -9.37 8.66
C SER B 17 -2.17 -9.69 9.90
N GLN B 18 -3.38 -10.23 9.74
CA GLN B 18 -4.20 -10.75 10.85
C GLN B 18 -3.41 -11.72 11.71
N MET B 19 -2.78 -12.68 11.03
CA MET B 19 -2.04 -13.77 11.63
C MET B 19 -0.80 -13.19 12.32
N ALA B 20 -0.06 -12.31 11.64
CA ALA B 20 1.14 -11.68 12.15
C ALA B 20 0.82 -10.84 13.38
N GLU B 21 -0.25 -10.05 13.38
CA GLU B 21 -0.55 -9.17 14.49
C GLU B 21 -0.98 -9.99 15.73
N GLY B 22 -1.63 -11.14 15.51
CA GLY B 22 -1.92 -12.09 16.59
C GLY B 22 -0.63 -12.70 17.13
N TRP B 23 0.24 -13.19 16.25
CA TRP B 23 1.55 -13.71 16.61
C TRP B 23 2.39 -12.69 17.36
N ALA B 24 2.31 -11.43 16.94
CA ALA B 24 3.13 -10.38 17.48
C ALA B 24 2.80 -10.19 18.94
N LYS B 25 1.51 -10.02 19.28
CA LYS B 25 1.14 -9.59 20.63
C LYS B 25 1.52 -10.57 21.74
N GLN B 26 1.72 -11.85 21.41
CA GLN B 26 2.17 -12.83 22.41
C GLN B 26 3.64 -12.61 22.84
N TYR B 27 4.41 -11.77 22.15
CA TYR B 27 5.81 -11.44 22.47
C TYR B 27 6.03 -9.91 22.50
N LEU B 28 5.51 -9.20 21.50
CA LEU B 28 5.52 -7.75 21.36
C LEU B 28 4.37 -7.24 22.24
N GLY B 29 4.64 -7.27 23.55
CA GLY B 29 3.73 -6.94 24.63
C GLY B 29 3.26 -5.48 24.61
N ASP B 30 2.79 -4.97 25.74
CA ASP B 30 2.27 -3.60 25.89
C ASP B 30 3.27 -2.52 25.47
N GLU B 31 4.56 -2.87 25.45
CA GLU B 31 5.67 -2.09 24.89
C GLU B 31 5.46 -1.73 23.41
N TRP B 32 4.59 -2.43 22.68
CA TRP B 32 4.36 -2.24 21.26
C TRP B 32 2.86 -2.09 20.98
N LYS B 33 2.55 -1.53 19.80
CA LYS B 33 1.22 -1.47 19.22
C LYS B 33 1.39 -1.96 17.79
N VAL B 34 0.46 -2.80 17.35
CA VAL B 34 0.59 -3.54 16.11
C VAL B 34 -0.69 -3.30 15.32
N TYR B 35 -0.54 -3.05 14.01
CA TYR B 35 -1.64 -2.71 13.12
C TYR B 35 -1.43 -3.40 11.78
N SER B 36 -2.52 -3.58 11.03
CA SER B 36 -2.58 -4.35 9.81
C SER B 36 -3.44 -3.60 8.80
N ALA B 37 -3.04 -3.60 7.52
CA ALA B 37 -3.69 -2.82 6.49
C ALA B 37 -3.41 -3.40 5.10
N GLY B 38 -4.08 -2.85 4.08
CA GLY B 38 -3.93 -3.27 2.70
C GLY B 38 -4.80 -2.42 1.77
N ILE B 39 -4.88 -2.83 0.51
CA ILE B 39 -5.51 -2.11 -0.60
C ILE B 39 -6.96 -1.66 -0.32
N GLU B 40 -7.82 -2.62 0.01
CA GLU B 40 -9.26 -2.46 0.26
C GLU B 40 -9.61 -3.26 1.52
N ALA B 41 -8.63 -3.35 2.42
CA ALA B 41 -8.60 -4.19 3.58
C ALA B 41 -9.70 -3.90 4.60
N HIS B 42 -10.39 -4.96 5.01
CA HIS B 42 -11.34 -5.00 6.14
C HIS B 42 -11.77 -6.45 6.46
N GLY B 43 -11.14 -7.47 5.86
CA GLY B 43 -11.61 -8.84 5.91
C GLY B 43 -10.80 -9.68 6.90
N LEU B 44 -11.40 -10.01 8.04
CA LEU B 44 -10.82 -10.99 8.97
C LEU B 44 -11.11 -12.38 8.41
N ASN B 45 -10.23 -12.87 7.53
CA ASN B 45 -10.41 -14.16 6.87
C ASN B 45 -10.42 -15.27 7.92
N PRO B 46 -11.45 -16.14 7.97
CA PRO B 46 -11.49 -17.24 8.92
C PRO B 46 -10.31 -18.21 8.77
N ASN B 47 -9.62 -18.24 7.63
CA ASN B 47 -8.39 -19.00 7.47
C ASN B 47 -7.32 -18.51 8.45
N ALA B 48 -7.21 -17.20 8.68
CA ALA B 48 -6.21 -16.64 9.58
C ALA B 48 -6.66 -16.87 11.01
N VAL B 49 -7.97 -16.81 11.26
CA VAL B 49 -8.51 -17.15 12.57
C VAL B 49 -8.10 -18.60 12.89
N LYS B 50 -8.34 -19.54 11.97
CA LYS B 50 -7.93 -20.94 12.12
C LYS B 50 -6.42 -21.02 12.34
N ALA B 51 -5.63 -20.30 11.54
CA ALA B 51 -4.17 -20.29 11.64
C ALA B 51 -3.70 -19.90 13.05
N MET B 52 -4.42 -19.03 13.77
CA MET B 52 -4.03 -18.58 15.09
C MET B 52 -4.63 -19.46 16.18
N LYS B 53 -5.80 -20.05 15.95
CA LYS B 53 -6.35 -21.08 16.84
C LYS B 53 -5.43 -22.30 16.88
N GLU B 54 -4.61 -22.56 15.85
CA GLU B 54 -3.64 -23.66 15.88
C GLU B 54 -2.66 -23.49 17.05
N VAL B 55 -2.36 -22.25 17.44
CA VAL B 55 -1.43 -21.90 18.51
C VAL B 55 -2.19 -21.24 19.68
N GLY B 56 -3.52 -21.36 19.71
CA GLY B 56 -4.36 -20.90 20.79
C GLY B 56 -4.29 -19.39 20.99
N ILE B 57 -4.25 -18.60 19.91
CA ILE B 57 -4.35 -17.14 20.00
C ILE B 57 -5.69 -16.82 19.36
N ASP B 58 -6.69 -16.43 20.16
CA ASP B 58 -7.94 -15.95 19.59
C ASP B 58 -7.66 -14.63 18.87
N ILE B 59 -8.17 -14.52 17.65
CA ILE B 59 -8.19 -13.27 16.91
C ILE B 59 -9.58 -12.93 16.40
N SER B 60 -10.62 -13.64 16.84
CA SER B 60 -11.99 -13.29 16.47
C SER B 60 -12.33 -11.85 16.90
N ASN B 61 -11.56 -11.32 17.86
CA ASN B 61 -11.61 -9.97 18.40
C ASN B 61 -10.97 -8.91 17.49
N GLN B 62 -10.19 -9.28 16.45
CA GLN B 62 -9.51 -8.32 15.60
C GLN B 62 -10.47 -7.40 14.82
N THR B 63 -9.88 -6.31 14.36
CA THR B 63 -10.46 -5.29 13.48
C THR B 63 -9.54 -5.10 12.27
N SER B 64 -9.95 -4.34 11.25
CA SER B 64 -9.16 -4.10 10.03
C SER B 64 -9.63 -2.82 9.33
N ASP B 65 -8.80 -2.30 8.43
CA ASP B 65 -8.96 -1.05 7.69
C ASP B 65 -7.92 -1.01 6.56
N ILE B 66 -8.10 -0.12 5.59
CA ILE B 66 -7.15 0.14 4.51
C ILE B 66 -5.88 0.81 5.04
N ILE B 67 -4.87 1.01 4.16
CA ILE B 67 -3.71 1.83 4.46
C ILE B 67 -4.20 3.17 5.04
N ASP B 68 -3.59 3.61 6.13
CA ASP B 68 -3.96 4.85 6.80
C ASP B 68 -2.71 5.52 7.33
N SER B 69 -2.30 6.57 6.63
CA SER B 69 -1.19 7.45 6.94
C SER B 69 -1.16 7.91 8.40
N ASP B 70 -2.30 8.01 9.08
CA ASP B 70 -2.37 8.47 10.47
C ASP B 70 -1.66 7.52 11.42
N ILE B 71 -1.38 6.29 10.97
CA ILE B 71 -0.72 5.26 11.76
C ILE B 71 0.46 4.69 10.97
N LEU B 72 0.35 4.51 9.64
CA LEU B 72 1.46 3.99 8.84
C LEU B 72 2.60 5.01 8.86
N ASN B 73 2.37 6.25 8.40
CA ASN B 73 3.39 7.30 8.41
C ASN B 73 3.84 7.61 9.85
N ASN B 74 2.98 7.31 10.84
CA ASN B 74 3.23 7.49 12.27
C ASN B 74 4.10 6.39 12.87
N ALA B 75 4.09 5.19 12.27
CA ALA B 75 4.81 4.01 12.73
C ALA B 75 6.32 4.24 12.75
N ASP B 76 7.02 3.28 13.36
CA ASP B 76 8.48 3.19 13.29
C ASP B 76 8.90 2.30 12.12
N LEU B 77 8.08 1.29 11.77
CA LEU B 77 8.43 0.25 10.81
C LEU B 77 7.20 -0.21 10.04
N VAL B 78 7.33 -0.44 8.74
CA VAL B 78 6.34 -1.09 7.88
C VAL B 78 6.94 -2.40 7.42
N VAL B 79 6.43 -3.48 7.99
CA VAL B 79 6.73 -4.82 7.55
C VAL B 79 5.84 -5.09 6.35
N THR B 80 6.42 -5.25 5.17
CA THR B 80 5.65 -5.75 4.03
C THR B 80 5.51 -7.26 4.26
N LEU B 81 4.29 -7.78 4.19
CA LEU B 81 3.95 -9.13 4.63
C LEU B 81 3.14 -9.87 3.55
N SER B 82 3.67 -9.97 2.34
CA SER B 82 3.12 -10.79 1.27
C SER B 82 4.25 -11.18 0.31
N GLY B 83 3.93 -12.06 -0.64
CA GLY B 83 4.75 -12.42 -1.80
C GLY B 83 3.86 -12.24 -3.03
N ASP B 84 3.14 -11.11 -3.05
CA ASP B 84 2.07 -10.77 -3.97
C ASP B 84 2.02 -9.25 -4.10
N ALA B 85 1.37 -8.72 -5.14
CA ALA B 85 1.41 -7.31 -5.52
C ALA B 85 0.01 -6.68 -5.62
N ALA B 86 -1.05 -7.43 -5.33
CA ALA B 86 -2.41 -6.89 -5.26
C ALA B 86 -2.56 -5.88 -4.10
N ASP B 87 -1.64 -5.87 -3.14
CA ASP B 87 -1.60 -5.00 -1.96
C ASP B 87 -1.49 -3.49 -2.21
N LYS B 88 -1.42 -3.01 -3.46
CA LYS B 88 -1.29 -1.60 -3.89
C LYS B 88 0.20 -1.16 -3.92
N CYS B 89 1.13 -2.10 -3.73
CA CYS B 89 2.57 -1.89 -3.52
C CYS B 89 2.91 -0.60 -2.77
N PRO B 90 2.27 -0.29 -1.62
CA PRO B 90 2.39 1.01 -0.98
C PRO B 90 3.84 1.43 -0.82
N MET B 91 4.18 2.69 -1.16
CA MET B 91 5.57 3.13 -1.18
C MET B 91 6.14 3.58 0.17
N THR B 92 5.35 3.54 1.26
CA THR B 92 5.80 3.75 2.64
C THR B 92 6.70 5.00 2.81
N PRO B 93 6.10 6.19 3.07
CA PRO B 93 6.84 7.45 3.03
C PRO B 93 8.04 7.40 3.98
N PRO B 94 9.17 8.07 3.66
CA PRO B 94 10.46 7.95 4.33
C PRO B 94 10.52 8.36 5.81
N HIS B 95 9.39 8.75 6.41
CA HIS B 95 9.27 8.95 7.85
C HIS B 95 9.37 7.62 8.64
N VAL B 96 9.43 6.46 7.96
CA VAL B 96 9.30 5.14 8.56
C VAL B 96 10.38 4.19 8.01
N LYS B 97 10.86 3.25 8.82
CA LYS B 97 11.71 2.15 8.37
C LYS B 97 10.82 1.17 7.59
N ARG B 98 11.38 0.35 6.70
CA ARG B 98 10.60 -0.66 5.98
C ARG B 98 11.53 -1.80 5.63
N GLU B 99 11.02 -3.02 5.77
CA GLU B 99 11.65 -4.23 5.29
C GLU B 99 10.51 -5.19 4.95
N HIS B 100 10.68 -6.00 3.91
CA HIS B 100 9.78 -7.10 3.60
C HIS B 100 10.17 -8.31 4.47
N TRP B 101 9.17 -8.98 5.03
CA TRP B 101 9.33 -10.20 5.81
C TRP B 101 8.32 -11.28 5.40
N GLY B 102 7.30 -10.94 4.61
CA GLY B 102 6.43 -11.93 4.00
C GLY B 102 7.09 -12.52 2.74
N PHE B 103 6.52 -13.61 2.23
CA PHE B 103 7.09 -14.37 1.11
C PHE B 103 6.02 -15.11 0.29
N ASP B 104 4.75 -15.13 0.75
CA ASP B 104 3.66 -15.90 0.16
C ASP B 104 2.34 -15.30 0.66
N ASP B 105 1.20 -15.85 0.25
CA ASP B 105 -0.13 -15.55 0.77
C ASP B 105 -0.89 -16.87 0.96
N PRO B 106 -1.22 -17.28 2.20
CA PRO B 106 -1.87 -18.54 2.48
C PRO B 106 -3.36 -18.56 2.07
N ALA B 107 -4.01 -17.40 1.87
CA ALA B 107 -5.35 -17.31 1.32
C ALA B 107 -5.43 -17.82 -0.13
N ARG B 108 -4.28 -18.13 -0.75
CA ARG B 108 -4.15 -18.56 -2.15
C ARG B 108 -3.97 -20.08 -2.24
N ALA B 109 -4.18 -20.80 -1.13
CA ALA B 109 -4.07 -22.25 -1.06
C ALA B 109 -4.76 -22.92 -2.25
N GLN B 110 -4.20 -24.06 -2.66
CA GLN B 110 -4.63 -24.78 -3.86
C GLN B 110 -6.13 -25.04 -3.80
N GLY B 111 -6.61 -25.51 -2.64
CA GLY B 111 -8.03 -25.57 -2.41
C GLY B 111 -8.51 -26.81 -1.68
N THR B 112 -7.71 -27.87 -1.71
CA THR B 112 -8.03 -29.12 -1.05
C THR B 112 -7.97 -28.91 0.45
N GLU B 113 -8.53 -29.84 1.21
CA GLU B 113 -8.57 -29.73 2.66
C GLU B 113 -7.15 -29.67 3.23
N GLU B 114 -6.28 -30.51 2.67
CA GLU B 114 -4.89 -30.61 3.03
C GLU B 114 -4.16 -29.38 2.55
N GLU B 115 -4.37 -28.88 1.32
CA GLU B 115 -3.54 -27.79 0.83
C GLU B 115 -3.92 -26.49 1.52
N LYS B 116 -5.20 -26.32 1.87
CA LYS B 116 -5.66 -25.24 2.71
C LYS B 116 -4.89 -25.27 4.03
N TRP B 117 -5.05 -26.34 4.80
CA TRP B 117 -4.42 -26.40 6.12
C TRP B 117 -2.90 -26.27 5.97
N ALA B 118 -2.31 -26.89 4.95
CA ALA B 118 -0.89 -26.88 4.70
C ALA B 118 -0.36 -25.48 4.42
N PHE B 119 -1.06 -24.69 3.58
CA PHE B 119 -0.65 -23.33 3.30
C PHE B 119 -0.72 -22.50 4.57
N PHE B 120 -1.81 -22.63 5.34
CA PHE B 120 -1.98 -21.87 6.57
C PHE B 120 -0.84 -22.21 7.53
N GLN B 121 -0.62 -23.50 7.77
CA GLN B 121 0.31 -23.99 8.78
C GLN B 121 1.75 -23.58 8.45
N ARG B 122 2.19 -23.77 7.21
CA ARG B 122 3.56 -23.48 6.84
C ARG B 122 3.83 -21.98 6.95
N VAL B 123 2.95 -21.15 6.38
CA VAL B 123 3.14 -19.72 6.45
C VAL B 123 3.05 -19.26 7.90
N ARG B 124 2.14 -19.80 8.71
CA ARG B 124 2.02 -19.46 10.13
C ARG B 124 3.30 -19.72 10.90
N ASP B 125 3.92 -20.89 10.71
CA ASP B 125 5.16 -21.22 11.40
C ASP B 125 6.24 -20.18 11.12
N GLU B 126 6.36 -19.76 9.85
CA GLU B 126 7.37 -18.79 9.45
C GLU B 126 6.99 -17.37 9.90
N ILE B 127 5.71 -16.99 9.82
CA ILE B 127 5.19 -15.71 10.31
C ILE B 127 5.52 -15.57 11.79
N GLY B 128 5.24 -16.59 12.60
CA GLY B 128 5.49 -16.53 14.03
C GLY B 128 6.97 -16.44 14.34
N ASN B 129 7.82 -17.20 13.63
CA ASN B 129 9.27 -17.10 13.76
C ASN B 129 9.75 -15.68 13.50
N ARG B 130 9.33 -15.10 12.37
CA ARG B 130 9.79 -13.76 12.00
C ARG B 130 9.29 -12.75 13.02
N LEU B 131 8.03 -12.86 13.48
CA LEU B 131 7.50 -11.94 14.49
C LEU B 131 8.22 -12.06 15.82
N LYS B 132 8.55 -13.29 16.26
CA LYS B 132 9.24 -13.51 17.52
C LYS B 132 10.59 -12.80 17.53
N GLU B 133 11.29 -12.80 16.40
CA GLU B 133 12.56 -12.08 16.30
C GLU B 133 12.41 -10.61 16.52
N PHE B 134 11.35 -9.92 16.13
CA PHE B 134 11.27 -8.47 16.43
C PHE B 134 11.32 -8.22 17.92
N ALA B 135 10.75 -9.13 18.71
CA ALA B 135 10.80 -9.07 20.16
C ALA B 135 12.23 -9.15 20.68
N GLU B 136 13.08 -9.90 19.96
CA GLU B 136 14.46 -10.21 20.33
C GLU B 136 15.42 -9.14 19.82
N THR B 137 15.23 -8.76 18.57
CA THR B 137 16.11 -7.91 17.76
C THR B 137 15.79 -6.42 17.97
N GLY B 138 14.61 -6.10 18.54
CA GLY B 138 14.16 -4.72 18.76
C GLY B 138 14.12 -3.95 17.44
N LYS B 139 13.68 -4.61 16.37
CA LYS B 139 13.77 -4.09 15.00
C LYS B 139 13.12 -2.72 14.86
N MET A 1 0.68 19.33 -22.51
CA MET A 1 1.80 19.26 -23.47
C MET A 1 3.03 18.69 -22.75
N ALA A 2 3.50 17.53 -23.22
CA ALA A 2 4.52 16.67 -22.63
C ALA A 2 4.12 16.10 -21.27
N ILE A 3 4.77 14.99 -20.91
CA ILE A 3 4.68 14.35 -19.60
C ILE A 3 5.83 14.97 -18.80
N VAL A 4 5.49 15.94 -17.95
CA VAL A 4 6.39 16.63 -17.05
C VAL A 4 6.72 15.68 -15.89
N LYS A 5 7.76 16.00 -15.11
CA LYS A 5 8.11 15.28 -13.88
C LYS A 5 8.19 16.27 -12.74
N ALA A 6 7.32 16.09 -11.76
CA ALA A 6 7.24 16.87 -10.53
C ALA A 6 8.37 16.45 -9.57
N THR A 7 8.52 17.20 -8.47
CA THR A 7 9.35 16.89 -7.32
C THR A 7 8.78 17.65 -6.12
N ASP A 8 9.45 17.56 -4.98
CA ASP A 8 9.08 17.98 -3.62
C ASP A 8 8.30 19.29 -3.49
N GLN A 9 8.60 20.28 -4.32
CA GLN A 9 7.94 21.58 -4.35
C GLN A 9 7.58 22.00 -5.77
N SER A 10 8.36 21.58 -6.78
CA SER A 10 8.03 21.85 -8.17
C SER A 10 6.69 21.24 -8.60
N PHE A 11 6.18 20.22 -7.90
CA PHE A 11 4.81 19.73 -8.10
C PHE A 11 3.85 20.91 -8.03
N SER A 12 3.92 21.71 -6.97
CA SER A 12 3.04 22.85 -6.80
C SER A 12 3.25 23.85 -7.92
N ALA A 13 4.52 24.13 -8.25
CA ALA A 13 4.83 25.15 -9.24
C ALA A 13 4.26 24.78 -10.61
N GLU A 14 4.25 23.49 -10.95
CA GLU A 14 3.71 22.95 -12.19
C GLU A 14 2.18 22.83 -12.16
N THR A 15 1.51 22.98 -11.01
CA THR A 15 0.08 22.68 -10.84
C THR A 15 -0.73 23.87 -10.33
N SER A 16 -0.10 25.01 -10.04
CA SER A 16 -0.74 26.16 -9.40
C SER A 16 -1.71 26.91 -10.31
N GLU A 17 -1.72 26.60 -11.61
CA GLU A 17 -2.52 27.29 -12.60
C GLU A 17 -3.06 26.29 -13.62
N GLY A 18 -4.15 26.65 -14.30
CA GLY A 18 -4.83 25.83 -15.28
C GLY A 18 -5.36 24.55 -14.64
N VAL A 19 -5.44 23.50 -15.45
CA VAL A 19 -5.78 22.16 -15.01
C VAL A 19 -4.61 21.26 -15.37
N VAL A 20 -4.20 20.46 -14.40
CA VAL A 20 -2.97 19.70 -14.43
C VAL A 20 -3.24 18.34 -13.77
N LEU A 21 -3.12 17.29 -14.56
CA LEU A 21 -3.20 15.91 -14.12
C LEU A 21 -1.83 15.57 -13.48
N ALA A 22 -1.79 15.14 -12.23
CA ALA A 22 -0.57 14.59 -11.63
C ALA A 22 -0.79 13.10 -11.39
N ASP A 23 0.25 12.31 -11.64
CA ASP A 23 0.24 10.85 -11.61
C ASP A 23 1.47 10.37 -10.85
N PHE A 24 1.37 9.21 -10.23
CA PHE A 24 2.35 8.70 -9.28
C PHE A 24 2.64 7.26 -9.69
N TRP A 25 3.89 7.00 -10.06
CA TRP A 25 4.35 5.76 -10.69
C TRP A 25 5.71 5.38 -10.08
N ALA A 26 6.05 4.08 -10.09
CA ALA A 26 7.39 3.59 -9.77
C ALA A 26 7.48 2.12 -10.18
N PRO A 27 8.68 1.56 -10.41
CA PRO A 27 8.87 0.19 -10.88
C PRO A 27 8.18 -0.93 -10.08
N TRP A 28 7.71 -0.67 -8.86
CA TRP A 28 7.13 -1.68 -7.96
C TRP A 28 5.90 -2.40 -8.52
N CYS A 29 5.15 -1.79 -9.45
CA CYS A 29 3.85 -2.31 -9.87
C CYS A 29 3.69 -2.36 -11.39
N GLY A 30 2.75 -3.18 -11.85
CA GLY A 30 2.39 -3.31 -13.25
C GLY A 30 1.75 -2.04 -13.81
N PRO A 31 0.74 -1.45 -13.15
CA PRO A 31 0.12 -0.20 -13.59
C PRO A 31 1.09 0.94 -13.86
N SER A 32 2.25 0.98 -13.21
CA SER A 32 3.30 1.96 -13.48
C SER A 32 3.83 1.93 -14.91
N LYS A 33 3.55 0.85 -15.64
CA LYS A 33 3.90 0.70 -17.06
C LYS A 33 2.64 0.56 -17.94
N MET A 34 1.46 0.89 -17.43
CA MET A 34 0.20 0.89 -18.17
C MET A 34 -0.45 2.27 -18.08
N ILE A 35 -0.49 2.88 -16.89
CA ILE A 35 -0.88 4.26 -16.71
C ILE A 35 0.10 5.19 -17.45
N ALA A 36 1.40 4.82 -17.47
CA ALA A 36 2.45 5.58 -18.12
C ALA A 36 2.17 5.77 -19.63
N PRO A 37 2.00 4.70 -20.44
CA PRO A 37 1.61 4.85 -21.83
C PRO A 37 0.27 5.56 -21.96
N VAL A 38 -0.70 5.27 -21.09
CA VAL A 38 -2.00 5.91 -21.11
C VAL A 38 -1.85 7.44 -21.02
N LEU A 39 -0.91 7.93 -20.21
CA LEU A 39 -0.68 9.37 -20.09
C LEU A 39 -0.05 9.94 -21.35
N GLU A 40 0.92 9.26 -21.96
CA GLU A 40 1.51 9.74 -23.20
C GLU A 40 0.44 9.72 -24.32
N GLU A 41 -0.46 8.74 -24.30
CA GLU A 41 -1.62 8.63 -25.17
C GLU A 41 -2.71 9.64 -24.83
N LEU A 42 -2.68 10.24 -23.65
CA LEU A 42 -3.60 11.29 -23.22
C LEU A 42 -3.05 12.63 -23.68
N ASP A 43 -1.76 12.86 -23.53
CA ASP A 43 -1.17 14.15 -23.82
C ASP A 43 -1.11 14.39 -25.33
N GLN A 44 -0.84 13.35 -26.12
CA GLN A 44 -0.89 13.46 -27.57
C GLN A 44 -2.31 13.69 -28.10
N GLU A 45 -3.34 13.49 -27.25
CA GLU A 45 -4.73 13.55 -27.62
C GLU A 45 -5.34 14.89 -27.23
N MET A 46 -5.02 15.40 -26.04
CA MET A 46 -5.64 16.59 -25.47
C MET A 46 -4.65 17.41 -24.66
N GLY A 47 -3.36 17.20 -24.86
CA GLY A 47 -2.33 18.00 -24.20
C GLY A 47 -2.28 19.45 -24.66
N ASP A 48 -3.13 19.80 -25.61
CA ASP A 48 -3.38 21.17 -26.03
C ASP A 48 -4.12 21.95 -24.95
N LYS A 49 -4.86 21.24 -24.08
CA LYS A 49 -5.70 21.84 -23.05
C LYS A 49 -5.22 21.52 -21.64
N LEU A 50 -4.39 20.49 -21.50
CA LEU A 50 -4.02 19.90 -20.22
C LEU A 50 -2.52 19.74 -20.10
N LYS A 51 -2.00 19.86 -18.87
CA LYS A 51 -0.62 19.51 -18.56
C LYS A 51 -0.70 18.22 -17.75
N ILE A 52 0.29 17.35 -17.92
CA ILE A 52 0.37 16.07 -17.25
C ILE A 52 1.74 16.07 -16.59
N VAL A 53 1.81 15.59 -15.35
CA VAL A 53 3.01 15.59 -14.54
C VAL A 53 3.07 14.22 -13.86
N LYS A 54 4.25 13.64 -13.72
CA LYS A 54 4.44 12.39 -13.01
C LYS A 54 5.33 12.62 -11.79
N ILE A 55 5.16 11.81 -10.75
CA ILE A 55 6.00 11.74 -9.57
C ILE A 55 6.55 10.32 -9.62
N ASP A 56 7.88 10.19 -9.65
CA ASP A 56 8.53 8.90 -9.46
C ASP A 56 8.54 8.67 -7.95
N VAL A 57 7.75 7.73 -7.45
CA VAL A 57 7.56 7.52 -6.01
C VAL A 57 8.73 6.77 -5.33
N ASP A 58 9.96 6.97 -5.79
CA ASP A 58 11.17 6.52 -5.11
C ASP A 58 12.27 7.57 -5.26
N GLU A 59 12.44 8.16 -6.45
CA GLU A 59 13.40 9.22 -6.71
C GLU A 59 12.86 10.57 -6.21
N ASN A 60 11.55 10.80 -6.35
CA ASN A 60 10.88 12.08 -6.14
C ASN A 60 9.62 11.88 -5.30
N GLN A 61 9.66 10.91 -4.39
CA GLN A 61 8.47 10.46 -3.67
C GLN A 61 7.98 11.50 -2.67
N GLU A 62 8.79 12.49 -2.34
CA GLU A 62 8.57 13.43 -1.26
C GLU A 62 7.17 14.04 -1.32
N THR A 63 6.71 14.47 -2.49
CA THR A 63 5.36 15.00 -2.67
C THR A 63 4.28 13.96 -2.30
N ALA A 64 4.52 12.70 -2.65
CA ALA A 64 3.59 11.60 -2.45
C ALA A 64 3.42 11.35 -0.96
N GLY A 65 4.49 10.88 -0.32
CA GLY A 65 4.61 10.77 1.13
C GLY A 65 4.05 11.98 1.89
N LYS A 66 4.36 13.20 1.45
CA LYS A 66 3.88 14.43 2.08
C LYS A 66 2.37 14.58 1.98
N TYR A 67 1.78 14.31 0.80
CA TYR A 67 0.35 14.47 0.61
C TYR A 67 -0.42 13.40 1.38
N GLY A 68 0.18 12.21 1.54
CA GLY A 68 -0.48 11.03 2.07
C GLY A 68 -0.77 10.11 0.91
N VAL A 69 0.29 9.56 0.30
CA VAL A 69 0.25 8.68 -0.85
C VAL A 69 1.36 7.72 -0.50
N MET A 70 1.08 6.42 -0.63
CA MET A 70 2.02 5.37 -0.27
C MET A 70 1.77 4.14 -1.15
N SER A 71 1.07 4.29 -2.27
CA SER A 71 0.53 3.24 -3.13
C SER A 71 0.72 3.58 -4.61
N ILE A 72 0.59 2.59 -5.50
CA ILE A 72 0.67 2.78 -6.95
C ILE A 72 -0.58 2.14 -7.61
N PRO A 73 -1.15 2.71 -8.67
CA PRO A 73 -0.85 4.04 -9.20
C PRO A 73 -1.75 5.04 -8.44
N THR A 74 -1.28 6.26 -8.27
CA THR A 74 -2.11 7.33 -7.71
C THR A 74 -2.26 8.45 -8.74
N LEU A 75 -3.41 9.12 -8.74
CA LEU A 75 -3.68 10.34 -9.49
C LEU A 75 -4.16 11.39 -8.52
N LEU A 76 -3.72 12.63 -8.73
CA LEU A 76 -4.22 13.83 -8.09
C LEU A 76 -4.51 14.74 -9.27
N VAL A 77 -5.78 14.96 -9.61
CA VAL A 77 -6.17 15.92 -10.62
C VAL A 77 -6.18 17.27 -9.91
N LEU A 78 -5.35 18.22 -10.34
CA LEU A 78 -5.26 19.55 -9.75
C LEU A 78 -5.81 20.57 -10.74
N LYS A 79 -6.39 21.63 -10.20
CA LYS A 79 -6.95 22.74 -10.94
C LYS A 79 -6.78 23.97 -10.09
N ASP A 80 -6.30 25.03 -10.73
CA ASP A 80 -5.96 26.32 -10.13
C ASP A 80 -5.21 26.21 -8.78
N GLY A 81 -4.41 25.15 -8.60
CA GLY A 81 -3.52 24.96 -7.46
C GLY A 81 -4.08 24.13 -6.31
N GLU A 82 -5.21 23.47 -6.50
CA GLU A 82 -5.81 22.56 -5.53
C GLU A 82 -6.25 21.27 -6.20
N VAL A 83 -6.28 20.16 -5.45
CA VAL A 83 -6.81 18.88 -5.93
C VAL A 83 -8.32 19.02 -6.05
N VAL A 84 -8.85 18.58 -7.18
CA VAL A 84 -10.27 18.59 -7.51
C VAL A 84 -10.78 17.17 -7.78
N GLU A 85 -9.90 16.22 -8.12
CA GLU A 85 -10.21 14.80 -8.18
C GLU A 85 -8.99 13.97 -7.79
N THR A 86 -9.23 12.70 -7.48
CA THR A 86 -8.24 11.81 -6.87
C THR A 86 -8.56 10.39 -7.33
N SER A 87 -7.55 9.52 -7.44
CA SER A 87 -7.72 8.09 -7.65
C SER A 87 -6.50 7.36 -7.10
N VAL A 88 -6.70 6.12 -6.67
CA VAL A 88 -5.64 5.25 -6.15
C VAL A 88 -5.86 3.87 -6.77
N GLY A 89 -5.66 3.79 -8.08
CA GLY A 89 -5.99 2.63 -8.91
C GLY A 89 -5.90 3.01 -10.38
N PHE A 90 -5.68 2.01 -11.25
CA PHE A 90 -5.50 2.22 -12.67
C PHE A 90 -6.84 2.59 -13.34
N LYS A 91 -6.78 3.22 -14.51
CA LYS A 91 -7.92 3.54 -15.35
C LYS A 91 -7.46 3.43 -16.82
N PRO A 92 -8.30 2.94 -17.77
CA PRO A 92 -7.97 2.96 -19.18
C PRO A 92 -7.98 4.40 -19.73
N LYS A 93 -7.46 4.60 -20.94
CA LYS A 93 -7.23 5.92 -21.52
C LYS A 93 -8.49 6.79 -21.51
N GLU A 94 -9.63 6.21 -21.89
CA GLU A 94 -10.87 6.96 -21.98
C GLU A 94 -11.33 7.40 -20.59
N ALA A 95 -11.25 6.51 -19.61
CA ALA A 95 -11.65 6.82 -18.25
C ALA A 95 -10.70 7.86 -17.63
N LEU A 96 -9.41 7.80 -17.99
CA LEU A 96 -8.42 8.77 -17.58
C LEU A 96 -8.79 10.14 -18.11
N GLN A 97 -9.03 10.23 -19.42
CA GLN A 97 -9.33 11.48 -20.08
C GLN A 97 -10.65 12.03 -19.56
N GLU A 98 -11.64 11.17 -19.29
CA GLU A 98 -12.90 11.58 -18.69
C GLU A 98 -12.68 12.17 -17.30
N LEU A 99 -11.88 11.51 -16.46
CA LEU A 99 -11.68 11.89 -15.06
C LEU A 99 -11.13 13.31 -14.96
N VAL A 100 -10.22 13.69 -15.86
CA VAL A 100 -9.68 15.04 -15.87
C VAL A 100 -10.62 15.98 -16.64
N ASN A 101 -11.23 15.56 -17.75
CA ASN A 101 -12.17 16.35 -18.54
C ASN A 101 -13.36 16.84 -17.72
N LYS A 102 -13.74 16.10 -16.65
CA LYS A 102 -14.78 16.51 -15.71
C LYS A 102 -14.50 17.86 -15.05
N HIS A 103 -13.24 18.32 -15.01
CA HIS A 103 -12.83 19.54 -14.33
C HIS A 103 -12.03 20.49 -15.24
N LEU A 104 -11.36 19.93 -16.26
CA LEU A 104 -10.70 20.66 -17.32
C LEU A 104 -11.77 21.40 -18.12
N MET B 1 9.68 4.68 26.76
CA MET B 1 8.54 5.29 26.04
C MET B 1 7.54 4.19 25.68
N GLU B 2 6.34 4.23 26.24
CA GLU B 2 5.29 3.25 25.99
C GLU B 2 4.65 3.53 24.62
N ASN B 3 4.32 2.44 23.89
CA ASN B 3 3.84 2.39 22.52
C ASN B 3 4.95 2.74 21.54
N LYS B 4 5.14 1.81 20.63
CA LYS B 4 5.96 1.89 19.43
C LYS B 4 5.09 1.26 18.37
N ILE B 5 4.86 1.92 17.25
CA ILE B 5 3.86 1.49 16.30
C ILE B 5 4.55 0.61 15.25
N ILE B 6 3.92 -0.50 14.91
CA ILE B 6 4.42 -1.49 13.95
C ILE B 6 3.21 -1.91 13.10
N TYR B 7 3.43 -2.10 11.80
CA TYR B 7 2.35 -2.27 10.84
C TYR B 7 2.62 -3.48 9.95
N PHE B 8 1.58 -4.25 9.64
CA PHE B 8 1.61 -5.31 8.63
C PHE B 8 0.95 -4.76 7.37
N LEU B 9 1.49 -5.09 6.21
CA LEU B 9 1.00 -4.59 4.93
C LEU B 9 1.13 -5.70 3.90
N SER B 10 0.00 -6.12 3.32
CA SER B 10 -0.09 -7.23 2.39
C SER B 10 -1.52 -7.23 1.82
N THR B 11 -1.69 -7.81 0.62
CA THR B 11 -2.90 -7.75 -0.20
C THR B 11 -4.18 -7.85 0.63
N GLY B 12 -4.82 -6.70 0.85
CA GLY B 12 -6.15 -6.61 1.45
C GLY B 12 -6.23 -7.23 2.85
N ASN B 13 -5.08 -7.35 3.53
CA ASN B 13 -4.78 -7.77 4.92
C ASN B 13 -5.63 -8.85 5.62
N SER B 14 -6.61 -9.45 4.97
CA SER B 14 -7.62 -10.29 5.60
C SER B 14 -7.12 -11.63 6.11
N ALA B 15 -5.88 -12.05 5.87
CA ALA B 15 -5.35 -13.34 6.27
C ALA B 15 -4.12 -13.19 7.17
N ARG B 16 -2.92 -13.26 6.60
CA ARG B 16 -1.66 -13.31 7.35
C ARG B 16 -1.54 -12.16 8.34
N SER B 17 -1.99 -10.96 7.99
CA SER B 17 -1.91 -9.81 8.87
C SER B 17 -2.68 -10.07 10.16
N GLN B 18 -3.90 -10.63 10.06
CA GLN B 18 -4.73 -10.99 11.20
C GLN B 18 -3.98 -11.92 12.14
N MET B 19 -3.39 -12.97 11.56
CA MET B 19 -2.70 -13.99 12.32
C MET B 19 -1.47 -13.35 12.99
N ALA B 20 -0.73 -12.51 12.27
CA ALA B 20 0.44 -11.82 12.79
C ALA B 20 0.08 -10.84 13.90
N GLU B 21 -1.12 -10.24 13.90
CA GLU B 21 -1.56 -9.39 15.01
C GLU B 21 -1.64 -10.23 16.30
N GLY B 22 -2.29 -11.39 16.20
CA GLY B 22 -2.44 -12.31 17.32
C GLY B 22 -1.08 -12.80 17.81
N TRP B 23 -0.20 -13.22 16.88
CA TRP B 23 1.16 -13.63 17.19
C TRP B 23 1.94 -12.53 17.87
N ALA B 24 1.81 -11.29 17.39
CA ALA B 24 2.57 -10.19 17.94
C ALA B 24 2.17 -9.98 19.39
N LYS B 25 0.87 -9.80 19.65
CA LYS B 25 0.45 -9.38 20.98
C LYS B 25 0.71 -10.45 22.03
N GLN B 26 0.80 -11.74 21.66
CA GLN B 26 1.18 -12.75 22.63
C GLN B 26 2.65 -12.64 23.10
N TYR B 27 3.53 -11.99 22.33
CA TYR B 27 4.95 -11.84 22.66
C TYR B 27 5.36 -10.38 22.91
N LEU B 28 4.53 -9.42 22.50
CA LEU B 28 4.72 -8.00 22.74
C LEU B 28 3.82 -7.67 23.94
N GLY B 29 2.98 -6.66 23.79
CA GLY B 29 2.02 -6.17 24.78
C GLY B 29 1.58 -4.78 24.31
N ASP B 30 0.78 -4.07 25.12
CA ASP B 30 0.42 -2.66 24.86
C ASP B 30 1.65 -1.73 24.87
N GLU B 31 2.78 -2.24 25.38
CA GLU B 31 4.09 -1.62 25.28
C GLU B 31 4.44 -1.31 23.81
N TRP B 32 3.87 -2.07 22.87
CA TRP B 32 4.00 -1.93 21.43
C TRP B 32 2.59 -1.77 20.86
N LYS B 33 2.45 -1.40 19.59
CA LYS B 33 1.15 -1.09 19.01
C LYS B 33 1.09 -1.66 17.61
N VAL B 34 0.33 -2.74 17.48
CA VAL B 34 0.29 -3.56 16.29
C VAL B 34 -0.95 -3.14 15.49
N TYR B 35 -0.77 -2.93 14.18
CA TYR B 35 -1.80 -2.54 13.24
C TYR B 35 -1.57 -3.30 11.92
N SER B 36 -2.57 -3.27 11.04
CA SER B 36 -2.52 -3.88 9.72
C SER B 36 -3.35 -3.04 8.75
N ALA B 37 -3.00 -3.04 7.46
CA ALA B 37 -3.78 -2.43 6.40
C ALA B 37 -3.44 -3.09 5.05
N GLY B 38 -4.13 -2.68 4.00
CA GLY B 38 -3.96 -3.17 2.63
C GLY B 38 -5.01 -2.54 1.72
N ILE B 39 -5.05 -2.95 0.45
CA ILE B 39 -5.91 -2.38 -0.60
C ILE B 39 -7.38 -2.34 -0.21
N GLU B 40 -7.92 -3.49 0.17
CA GLU B 40 -9.34 -3.72 0.42
C GLU B 40 -9.50 -4.35 1.81
N ALA B 41 -8.54 -3.99 2.69
CA ALA B 41 -8.34 -4.51 4.02
C ALA B 41 -9.51 -4.17 4.94
N HIS B 42 -10.14 -5.21 5.49
CA HIS B 42 -11.17 -5.13 6.53
C HIS B 42 -11.57 -6.53 7.02
N GLY B 43 -11.30 -7.56 6.23
CA GLY B 43 -11.81 -8.90 6.42
C GLY B 43 -11.05 -9.72 7.46
N LEU B 44 -11.53 -10.95 7.66
CA LEU B 44 -10.95 -11.93 8.56
C LEU B 44 -11.19 -13.31 7.95
N ASN B 45 -10.21 -13.78 7.18
CA ASN B 45 -10.22 -15.07 6.52
C ASN B 45 -10.21 -16.16 7.60
N PRO B 46 -11.12 -17.14 7.56
CA PRO B 46 -11.12 -18.23 8.53
C PRO B 46 -9.81 -19.03 8.53
N ASN B 47 -9.00 -18.99 7.47
CA ASN B 47 -7.67 -19.58 7.49
C ASN B 47 -6.79 -18.94 8.55
N ALA B 48 -6.88 -17.62 8.73
CA ALA B 48 -6.08 -16.90 9.71
C ALA B 48 -6.60 -17.21 11.10
N VAL B 49 -7.92 -17.31 11.24
CA VAL B 49 -8.53 -17.73 12.51
C VAL B 49 -7.99 -19.11 12.87
N LYS B 50 -8.09 -20.07 11.95
CA LYS B 50 -7.60 -21.44 12.16
C LYS B 50 -6.10 -21.42 12.49
N ALA B 51 -5.31 -20.63 11.77
CA ALA B 51 -3.89 -20.47 11.99
C ALA B 51 -3.59 -20.12 13.45
N MET B 52 -4.42 -19.29 14.10
CA MET B 52 -4.20 -18.90 15.49
C MET B 52 -4.71 -19.96 16.45
N LYS B 53 -5.75 -20.72 16.11
CA LYS B 53 -6.16 -21.87 16.93
C LYS B 53 -5.05 -22.91 17.01
N GLU B 54 -4.13 -22.99 16.03
CA GLU B 54 -2.99 -23.92 16.08
C GLU B 54 -2.04 -23.59 17.24
N VAL B 55 -2.06 -22.36 17.74
CA VAL B 55 -1.23 -21.86 18.84
C VAL B 55 -2.14 -21.46 20.03
N GLY B 56 -3.43 -21.79 19.98
CA GLY B 56 -4.40 -21.53 21.03
C GLY B 56 -4.60 -20.02 21.25
N ILE B 57 -4.61 -19.23 20.17
CA ILE B 57 -4.91 -17.81 20.23
C ILE B 57 -6.23 -17.64 19.48
N ASP B 58 -7.11 -16.79 19.98
CA ASP B 58 -8.37 -16.45 19.32
C ASP B 58 -8.25 -15.06 18.72
N ILE B 59 -8.75 -14.93 17.49
CA ILE B 59 -8.85 -13.65 16.78
C ILE B 59 -10.21 -13.53 16.09
N SER B 60 -11.21 -14.35 16.44
CA SER B 60 -12.48 -14.39 15.71
C SER B 60 -13.23 -13.04 15.71
N ASN B 61 -12.81 -12.09 16.56
CA ASN B 61 -13.36 -10.74 16.66
C ASN B 61 -12.62 -9.72 15.77
N GLN B 62 -11.43 -10.03 15.23
CA GLN B 62 -10.58 -9.07 14.55
C GLN B 62 -11.26 -8.43 13.34
N THR B 63 -10.99 -7.14 13.17
CA THR B 63 -11.42 -6.26 12.08
C THR B 63 -10.18 -5.53 11.54
N SER B 64 -10.32 -4.77 10.45
CA SER B 64 -9.20 -4.08 9.79
C SER B 64 -9.71 -2.86 9.00
N ASP B 65 -8.81 -2.20 8.27
CA ASP B 65 -9.06 -0.96 7.52
C ASP B 65 -8.04 -0.84 6.39
N ILE B 66 -8.32 -0.05 5.36
CA ILE B 66 -7.47 0.14 4.20
C ILE B 66 -6.22 0.97 4.53
N ILE B 67 -5.26 1.03 3.58
CA ILE B 67 -4.01 1.78 3.75
C ILE B 67 -4.36 3.19 4.23
N ASP B 68 -3.73 3.62 5.33
CA ASP B 68 -3.97 4.92 5.93
C ASP B 68 -2.68 5.45 6.52
N SER B 69 -2.04 6.29 5.74
CA SER B 69 -0.82 7.02 6.07
C SER B 69 -0.84 7.68 7.46
N ASP B 70 -2.00 8.04 8.01
CA ASP B 70 -2.09 8.71 9.31
C ASP B 70 -1.58 7.84 10.45
N ILE B 71 -1.46 6.53 10.23
CA ILE B 71 -0.93 5.59 11.20
C ILE B 71 0.17 4.75 10.54
N LEU B 72 0.05 4.41 9.23
CA LEU B 72 1.08 3.65 8.52
C LEU B 72 2.36 4.47 8.40
N ASN B 73 2.29 5.69 7.85
CA ASN B 73 3.45 6.58 7.76
C ASN B 73 3.93 6.98 9.17
N ASN B 74 3.02 6.91 10.15
CA ASN B 74 3.27 7.20 11.56
C ASN B 74 4.01 6.07 12.28
N ALA B 75 3.97 4.85 11.73
CA ALA B 75 4.64 3.68 12.27
C ALA B 75 6.15 3.86 12.36
N ASP B 76 6.79 2.94 13.08
CA ASP B 76 8.24 2.80 13.12
C ASP B 76 8.71 1.78 12.07
N LEU B 77 7.87 0.80 11.72
CA LEU B 77 8.22 -0.30 10.83
C LEU B 77 7.01 -0.73 10.00
N VAL B 78 7.20 -0.88 8.69
CA VAL B 78 6.25 -1.50 7.77
C VAL B 78 6.78 -2.90 7.49
N VAL B 79 6.20 -3.88 8.16
CA VAL B 79 6.49 -5.27 7.94
C VAL B 79 5.65 -5.70 6.73
N THR B 80 6.27 -5.82 5.56
CA THR B 80 5.58 -6.44 4.44
C THR B 80 5.40 -7.91 4.84
N LEU B 81 4.21 -8.47 4.59
CA LEU B 81 3.83 -9.78 5.14
C LEU B 81 3.40 -10.77 4.06
N SER B 82 4.13 -10.81 2.95
CA SER B 82 3.93 -11.77 1.86
C SER B 82 5.18 -11.96 0.99
N GLY B 83 6.17 -11.04 1.05
CA GLY B 83 7.41 -11.13 0.30
C GLY B 83 7.25 -10.40 -1.04
N ASP B 84 6.11 -10.63 -1.68
CA ASP B 84 5.59 -9.93 -2.84
C ASP B 84 4.07 -9.94 -2.69
N ALA B 85 3.39 -8.88 -3.11
CA ALA B 85 1.97 -8.68 -2.89
C ALA B 85 1.36 -7.89 -4.04
N ALA B 86 0.09 -8.16 -4.33
CA ALA B 86 -0.69 -7.35 -5.26
C ALA B 86 -0.88 -5.97 -4.65
N ASP B 87 -1.42 -5.99 -3.42
CA ASP B 87 -1.96 -4.92 -2.59
C ASP B 87 -2.27 -3.69 -3.45
N LYS B 88 -1.26 -2.86 -3.56
CA LYS B 88 -1.12 -1.69 -4.46
C LYS B 88 0.38 -1.42 -4.64
N CYS B 89 1.20 -2.48 -4.62
CA CYS B 89 2.66 -2.45 -4.54
C CYS B 89 3.18 -1.25 -3.72
N PRO B 90 2.71 -1.04 -2.46
CA PRO B 90 2.96 0.18 -1.69
C PRO B 90 4.41 0.66 -1.73
N MET B 91 4.62 1.95 -1.99
CA MET B 91 5.98 2.51 -2.07
C MET B 91 6.55 2.93 -0.70
N THR B 92 5.77 2.79 0.38
CA THR B 92 6.19 2.99 1.78
C THR B 92 7.03 4.26 2.02
N PRO B 93 6.42 5.41 2.37
CA PRO B 93 7.13 6.67 2.50
C PRO B 93 8.31 6.51 3.48
N PRO B 94 9.52 7.02 3.17
CA PRO B 94 10.76 6.73 3.89
C PRO B 94 10.84 7.27 5.34
N HIS B 95 9.74 7.79 5.89
CA HIS B 95 9.62 8.14 7.30
C HIS B 95 9.63 6.88 8.21
N VAL B 96 9.62 5.66 7.63
CA VAL B 96 9.41 4.41 8.34
C VAL B 96 10.45 3.38 7.87
N LYS B 97 10.90 2.48 8.76
CA LYS B 97 11.71 1.33 8.37
C LYS B 97 10.82 0.37 7.59
N ARG B 98 11.37 -0.49 6.73
CA ARG B 98 10.61 -1.53 6.07
C ARG B 98 11.49 -2.75 5.94
N GLU B 99 10.90 -3.92 6.10
CA GLU B 99 11.49 -5.22 5.81
C GLU B 99 10.30 -6.14 5.55
N HIS B 100 10.51 -7.20 4.76
CA HIS B 100 9.49 -8.24 4.62
C HIS B 100 9.80 -9.39 5.58
N TRP B 101 8.82 -9.77 6.40
CA TRP B 101 8.92 -10.91 7.30
C TRP B 101 8.01 -12.05 6.83
N GLY B 102 7.24 -11.83 5.75
CA GLY B 102 6.50 -12.86 5.06
C GLY B 102 7.22 -13.14 3.74
N PHE B 103 6.90 -14.29 3.13
CA PHE B 103 7.63 -14.85 1.98
C PHE B 103 6.68 -15.59 1.03
N ASP B 104 5.43 -15.81 1.44
CA ASP B 104 4.35 -16.44 0.69
C ASP B 104 3.04 -15.93 1.33
N ASP B 105 1.89 -16.16 0.70
CA ASP B 105 0.59 -15.68 1.17
C ASP B 105 -0.37 -16.88 1.29
N PRO B 106 -0.78 -17.27 2.50
CA PRO B 106 -1.53 -18.49 2.76
C PRO B 106 -2.96 -18.45 2.21
N ALA B 107 -3.54 -17.25 1.99
CA ALA B 107 -4.81 -17.09 1.31
C ALA B 107 -4.80 -17.60 -0.13
N ARG B 108 -3.60 -17.91 -0.67
CA ARG B 108 -3.40 -18.34 -2.06
C ARG B 108 -3.32 -19.86 -2.19
N ALA B 109 -3.59 -20.60 -1.10
CA ALA B 109 -3.48 -22.04 -1.05
C ALA B 109 -4.10 -22.71 -2.27
N GLN B 110 -3.46 -23.80 -2.71
CA GLN B 110 -3.84 -24.52 -3.93
C GLN B 110 -5.30 -24.97 -3.84
N GLY B 111 -5.67 -25.57 -2.70
CA GLY B 111 -7.06 -25.86 -2.43
C GLY B 111 -7.34 -27.25 -1.89
N THR B 112 -6.40 -28.17 -2.04
CA THR B 112 -6.52 -29.52 -1.50
C THR B 112 -6.43 -29.43 0.02
N GLU B 113 -6.92 -30.45 0.72
CA GLU B 113 -6.98 -30.43 2.16
C GLU B 113 -5.58 -30.26 2.76
N GLU B 114 -4.61 -30.93 2.14
CA GLU B 114 -3.23 -30.88 2.50
C GLU B 114 -2.64 -29.53 2.10
N GLU B 115 -2.92 -28.99 0.90
CA GLU B 115 -2.21 -27.81 0.47
C GLU B 115 -2.75 -26.58 1.21
N LYS B 116 -4.03 -26.57 1.58
CA LYS B 116 -4.58 -25.53 2.44
C LYS B 116 -3.86 -25.53 3.76
N TRP B 117 -3.84 -26.66 4.49
CA TRP B 117 -3.16 -26.67 5.77
C TRP B 117 -1.68 -26.37 5.55
N ALA B 118 -1.04 -26.92 4.53
CA ALA B 118 0.38 -26.74 4.25
C ALA B 118 0.76 -25.26 4.08
N PHE B 119 -0.03 -24.50 3.33
CA PHE B 119 0.20 -23.08 3.15
C PHE B 119 0.09 -22.37 4.50
N PHE B 120 -0.97 -22.65 5.26
CA PHE B 120 -1.21 -21.97 6.54
C PHE B 120 -0.08 -22.30 7.52
N GLN B 121 0.32 -23.57 7.58
CA GLN B 121 1.27 -24.12 8.52
C GLN B 121 2.61 -23.41 8.37
N ARG B 122 3.14 -23.37 7.15
CA ARG B 122 4.47 -22.84 6.91
C ARG B 122 4.49 -21.35 7.22
N VAL B 123 3.52 -20.58 6.70
CA VAL B 123 3.55 -19.14 6.87
C VAL B 123 3.32 -18.78 8.33
N ARG B 124 2.39 -19.44 9.04
CA ARG B 124 2.18 -19.18 10.47
C ARG B 124 3.44 -19.41 11.27
N ASP B 125 4.14 -20.53 11.06
CA ASP B 125 5.36 -20.84 11.79
C ASP B 125 6.41 -19.73 11.60
N GLU B 126 6.57 -19.26 10.36
CA GLU B 126 7.49 -18.18 10.04
C GLU B 126 7.04 -16.88 10.72
N ILE B 127 5.76 -16.52 10.60
CA ILE B 127 5.16 -15.32 11.17
C ILE B 127 5.42 -15.27 12.68
N GLY B 128 5.11 -16.35 13.40
CA GLY B 128 5.25 -16.38 14.84
C GLY B 128 6.70 -16.27 15.24
N ASN B 129 7.62 -16.94 14.54
CA ASN B 129 9.03 -16.82 14.82
C ASN B 129 9.53 -15.39 14.60
N ARG B 130 9.11 -14.72 13.54
CA ARG B 130 9.56 -13.35 13.29
C ARG B 130 8.96 -12.38 14.31
N LEU B 131 7.73 -12.59 14.78
CA LEU B 131 7.18 -11.72 15.81
C LEU B 131 7.80 -11.99 17.16
N LYS B 132 8.10 -13.24 17.51
CA LYS B 132 8.81 -13.51 18.75
C LYS B 132 10.23 -12.98 18.69
N GLU B 133 10.88 -13.08 17.52
CA GLU B 133 12.15 -12.41 17.28
C GLU B 133 11.98 -10.92 17.46
N PHE B 134 10.91 -10.27 17.01
CA PHE B 134 10.79 -8.82 17.18
C PHE B 134 10.82 -8.44 18.67
N ALA B 135 10.18 -9.25 19.52
CA ALA B 135 10.22 -9.07 20.96
C ALA B 135 11.65 -9.18 21.52
N GLU B 136 12.50 -9.98 20.87
CA GLU B 136 13.87 -10.27 21.30
C GLU B 136 14.86 -9.24 20.74
N THR B 137 14.73 -8.97 19.44
CA THR B 137 15.66 -8.19 18.62
C THR B 137 15.37 -6.69 18.75
N GLY B 138 14.14 -6.30 19.14
CA GLY B 138 13.67 -4.93 19.10
C GLY B 138 13.95 -4.32 17.71
N LYS B 139 13.70 -5.13 16.67
CA LYS B 139 14.09 -4.87 15.30
C LYS B 139 13.79 -3.44 14.84
N MET A 1 0.70 19.33 -22.66
CA MET A 1 1.91 19.98 -23.20
C MET A 1 3.07 18.99 -23.21
N ALA A 2 3.46 18.45 -22.05
CA ALA A 2 4.39 17.33 -21.91
C ALA A 2 4.07 16.61 -20.61
N ILE A 3 4.69 15.44 -20.41
CA ILE A 3 4.67 14.73 -19.15
C ILE A 3 5.81 15.39 -18.36
N VAL A 4 5.44 16.34 -17.51
CA VAL A 4 6.34 17.09 -16.62
C VAL A 4 6.69 16.19 -15.43
N LYS A 5 7.69 16.59 -14.66
CA LYS A 5 8.13 15.92 -13.45
C LYS A 5 8.06 16.91 -12.30
N ALA A 6 7.27 16.57 -11.30
CA ALA A 6 7.12 17.34 -10.08
C ALA A 6 8.26 16.98 -9.11
N THR A 7 8.40 17.76 -8.04
CA THR A 7 9.25 17.49 -6.90
C THR A 7 8.44 17.75 -5.63
N ASP A 8 9.16 17.80 -4.50
CA ASP A 8 8.69 18.24 -3.18
C ASP A 8 7.92 19.58 -3.20
N GLN A 9 8.21 20.44 -4.19
CA GLN A 9 7.63 21.77 -4.31
C GLN A 9 7.23 22.09 -5.75
N SER A 10 7.93 21.55 -6.75
CA SER A 10 7.57 21.78 -8.15
C SER A 10 6.19 21.21 -8.49
N PHE A 11 5.67 20.26 -7.70
CA PHE A 11 4.28 19.82 -7.83
C PHE A 11 3.36 21.05 -7.79
N SER A 12 3.41 21.82 -6.70
CA SER A 12 2.52 22.96 -6.54
C SER A 12 2.76 23.98 -7.64
N ALA A 13 4.04 24.25 -7.94
CA ALA A 13 4.40 25.29 -8.89
C ALA A 13 3.84 24.99 -10.29
N GLU A 14 3.83 23.71 -10.68
CA GLU A 14 3.32 23.24 -11.96
C GLU A 14 1.79 23.10 -11.97
N THR A 15 1.12 23.08 -10.81
CA THR A 15 -0.28 22.71 -10.72
C THR A 15 -1.19 23.87 -10.27
N SER A 16 -0.62 25.02 -9.93
CA SER A 16 -1.37 26.17 -9.41
C SER A 16 -2.19 26.88 -10.48
N GLU A 17 -2.08 26.49 -11.76
CA GLU A 17 -2.76 27.10 -12.88
C GLU A 17 -3.19 26.01 -13.87
N GLY A 18 -4.21 26.32 -14.69
CA GLY A 18 -4.75 25.45 -15.71
C GLY A 18 -5.44 24.23 -15.11
N VAL A 19 -5.65 23.23 -15.95
CA VAL A 19 -6.09 21.90 -15.55
C VAL A 19 -4.94 20.96 -15.84
N VAL A 20 -4.67 20.11 -14.86
CA VAL A 20 -3.50 19.30 -14.81
C VAL A 20 -3.86 17.96 -14.18
N LEU A 21 -3.13 16.96 -14.64
CA LEU A 21 -3.25 15.57 -14.22
C LEU A 21 -1.92 15.15 -13.61
N ALA A 22 -1.84 15.11 -12.28
CA ALA A 22 -0.65 14.63 -11.59
C ALA A 22 -0.80 13.14 -11.34
N ASP A 23 0.31 12.42 -11.42
CA ASP A 23 0.39 10.97 -11.36
C ASP A 23 1.60 10.59 -10.51
N PHE A 24 1.51 9.46 -9.82
CA PHE A 24 2.44 9.02 -8.81
C PHE A 24 2.78 7.58 -9.14
N TRP A 25 3.99 7.38 -9.69
CA TRP A 25 4.47 6.14 -10.28
C TRP A 25 5.76 5.74 -9.56
N ALA A 26 6.08 4.46 -9.48
CA ALA A 26 7.36 3.99 -8.94
C ALA A 26 7.59 2.51 -9.27
N PRO A 27 8.84 2.01 -9.15
CA PRO A 27 9.22 0.65 -9.50
C PRO A 27 8.48 -0.48 -8.75
N TRP A 28 7.69 -0.17 -7.70
CA TRP A 28 6.98 -1.16 -6.88
C TRP A 28 6.17 -2.15 -7.71
N CYS A 29 5.36 -1.68 -8.67
CA CYS A 29 4.46 -2.58 -9.41
C CYS A 29 4.11 -2.10 -10.81
N GLY A 30 3.50 -3.03 -11.56
CA GLY A 30 3.09 -2.95 -12.95
C GLY A 30 2.48 -1.62 -13.38
N PRO A 31 1.42 -1.09 -12.72
CA PRO A 31 0.73 0.11 -13.19
C PRO A 31 1.64 1.32 -13.46
N SER A 32 2.76 1.47 -12.74
CA SER A 32 3.73 2.52 -13.00
C SER A 32 4.35 2.46 -14.40
N LYS A 33 4.20 1.34 -15.10
CA LYS A 33 4.68 1.12 -16.46
C LYS A 33 3.52 0.98 -17.45
N MET A 34 2.28 1.25 -17.01
CA MET A 34 1.07 1.08 -17.80
C MET A 34 0.31 2.40 -17.82
N ILE A 35 0.17 3.05 -16.66
CA ILE A 35 -0.32 4.42 -16.57
C ILE A 35 0.66 5.35 -17.29
N ALA A 36 1.97 5.05 -17.21
CA ALA A 36 3.03 5.82 -17.86
C ALA A 36 2.79 5.97 -19.38
N PRO A 37 2.69 4.88 -20.17
CA PRO A 37 2.37 4.98 -21.58
C PRO A 37 1.01 5.64 -21.79
N VAL A 38 0.01 5.31 -20.97
CA VAL A 38 -1.32 5.90 -21.06
C VAL A 38 -1.25 7.43 -20.98
N LEU A 39 -0.39 7.99 -20.12
CA LEU A 39 -0.25 9.43 -20.00
C LEU A 39 0.39 10.01 -21.25
N GLU A 40 1.44 9.38 -21.79
CA GLU A 40 2.07 9.87 -23.00
C GLU A 40 1.10 9.77 -24.19
N GLU A 41 0.26 8.73 -24.22
CA GLU A 41 -0.82 8.53 -25.19
C GLU A 41 -1.99 9.50 -24.99
N LEU A 42 -2.09 10.13 -23.81
CA LEU A 42 -3.11 11.11 -23.49
C LEU A 42 -2.60 12.48 -23.92
N ASP A 43 -1.35 12.80 -23.62
CA ASP A 43 -0.79 14.11 -23.90
C ASP A 43 -0.62 14.32 -25.39
N GLN A 44 -0.24 13.27 -26.12
CA GLN A 44 -0.14 13.36 -27.57
C GLN A 44 -1.52 13.50 -28.25
N GLU A 45 -2.62 13.35 -27.50
CA GLU A 45 -3.97 13.45 -28.01
C GLU A 45 -4.63 14.78 -27.59
N MET A 46 -4.52 15.14 -26.31
CA MET A 46 -5.23 16.28 -25.72
C MET A 46 -4.33 17.14 -24.84
N GLY A 47 -3.02 16.97 -24.96
CA GLY A 47 -2.05 17.86 -24.33
C GLY A 47 -2.11 19.30 -24.83
N ASP A 48 -2.94 19.57 -25.84
CA ASP A 48 -3.26 20.92 -26.29
C ASP A 48 -4.03 21.68 -25.20
N LYS A 49 -4.70 20.96 -24.30
CA LYS A 49 -5.57 21.52 -23.29
C LYS A 49 -5.13 21.13 -21.87
N LEU A 50 -4.26 20.14 -21.74
CA LEU A 50 -3.92 19.49 -20.47
C LEU A 50 -2.42 19.44 -20.25
N LYS A 51 -2.03 19.64 -19.00
CA LYS A 51 -0.66 19.40 -18.52
C LYS A 51 -0.71 18.08 -17.77
N ILE A 52 0.37 17.30 -17.81
CA ILE A 52 0.50 16.08 -17.01
C ILE A 52 1.77 16.27 -16.20
N VAL A 53 1.79 15.77 -14.98
CA VAL A 53 2.98 15.83 -14.13
C VAL A 53 3.13 14.47 -13.46
N LYS A 54 4.35 13.97 -13.28
CA LYS A 54 4.61 12.73 -12.54
C LYS A 54 5.47 13.00 -11.32
N ILE A 55 5.30 12.21 -10.26
CA ILE A 55 6.13 12.15 -9.09
C ILE A 55 6.67 10.72 -9.09
N ASP A 56 7.99 10.55 -9.01
CA ASP A 56 8.60 9.25 -8.78
C ASP A 56 8.52 9.00 -7.27
N VAL A 57 7.61 8.11 -6.85
CA VAL A 57 7.36 7.84 -5.44
C VAL A 57 8.38 6.89 -4.80
N ASP A 58 9.66 7.15 -5.04
CA ASP A 58 10.78 6.54 -4.36
C ASP A 58 11.98 7.50 -4.37
N GLU A 59 12.21 8.21 -5.48
CA GLU A 59 13.26 9.18 -5.63
C GLU A 59 12.87 10.49 -4.95
N ASN A 60 11.68 11.00 -5.30
CA ASN A 60 11.19 12.31 -4.90
C ASN A 60 9.74 12.21 -4.44
N GLN A 61 9.48 11.20 -3.62
CA GLN A 61 8.17 10.84 -3.10
C GLN A 61 7.65 11.82 -2.05
N GLU A 62 8.39 12.89 -1.78
CA GLU A 62 8.16 13.80 -0.67
C GLU A 62 6.76 14.43 -0.77
N THR A 63 6.33 14.89 -1.94
CA THR A 63 4.96 15.39 -2.15
C THR A 63 3.93 14.30 -1.85
N ALA A 64 4.25 13.06 -2.19
CA ALA A 64 3.33 11.94 -2.07
C ALA A 64 3.09 11.63 -0.59
N GLY A 65 4.17 11.34 0.13
CA GLY A 65 4.17 11.23 1.60
C GLY A 65 3.57 12.45 2.30
N LYS A 66 3.81 13.68 1.82
CA LYS A 66 3.25 14.91 2.38
C LYS A 66 1.73 14.91 2.24
N TYR A 67 1.20 14.50 1.08
CA TYR A 67 -0.23 14.34 0.87
C TYR A 67 -0.76 13.07 1.56
N GLY A 68 0.12 12.18 2.03
CA GLY A 68 -0.23 10.96 2.74
C GLY A 68 -0.91 9.98 1.78
N VAL A 69 -0.26 9.65 0.66
CA VAL A 69 -0.90 8.92 -0.43
C VAL A 69 -0.52 7.45 -0.34
N MET A 70 0.77 7.21 -0.16
CA MET A 70 1.42 5.96 0.18
C MET A 70 1.07 4.83 -0.79
N SER A 71 0.49 5.10 -1.95
CA SER A 71 -0.09 4.09 -2.81
C SER A 71 0.27 4.27 -4.28
N ILE A 72 0.09 3.22 -5.10
CA ILE A 72 0.45 3.21 -6.52
C ILE A 72 -0.70 2.60 -7.35
N PRO A 73 -1.05 3.17 -8.52
CA PRO A 73 -0.63 4.47 -9.01
C PRO A 73 -1.58 5.48 -8.35
N THR A 74 -1.05 6.50 -7.65
CA THR A 74 -1.93 7.57 -7.20
C THR A 74 -2.08 8.58 -8.34
N LEU A 75 -3.25 9.21 -8.46
CA LEU A 75 -3.59 10.17 -9.50
C LEU A 75 -4.34 11.29 -8.79
N LEU A 76 -3.87 12.53 -8.95
CA LEU A 76 -4.49 13.73 -8.42
C LEU A 76 -4.78 14.61 -9.63
N VAL A 77 -6.05 14.74 -9.99
CA VAL A 77 -6.46 15.73 -10.99
C VAL A 77 -6.60 17.05 -10.23
N LEU A 78 -6.00 18.12 -10.72
CA LEU A 78 -6.11 19.44 -10.11
C LEU A 78 -6.54 20.45 -11.18
N LYS A 79 -7.16 21.54 -10.74
CA LYS A 79 -7.44 22.69 -11.58
C LYS A 79 -7.22 23.93 -10.73
N ASP A 80 -6.61 24.94 -11.33
CA ASP A 80 -6.31 26.26 -10.74
C ASP A 80 -5.74 26.20 -9.31
N GLY A 81 -5.05 25.11 -8.95
CA GLY A 81 -4.36 24.94 -7.69
C GLY A 81 -5.12 24.18 -6.60
N GLU A 82 -6.20 23.48 -6.96
CA GLU A 82 -6.96 22.61 -6.06
C GLU A 82 -7.18 21.24 -6.70
N VAL A 83 -7.15 20.18 -5.90
CA VAL A 83 -7.54 18.83 -6.32
C VAL A 83 -9.05 18.89 -6.60
N VAL A 84 -9.45 18.30 -7.72
CA VAL A 84 -10.82 18.29 -8.20
C VAL A 84 -11.28 16.86 -8.47
N GLU A 85 -10.34 15.93 -8.70
CA GLU A 85 -10.59 14.50 -8.76
C GLU A 85 -9.37 13.74 -8.25
N THR A 86 -9.57 12.48 -7.90
CA THR A 86 -8.56 11.65 -7.24
C THR A 86 -8.80 10.21 -7.67
N SER A 87 -7.74 9.41 -7.73
CA SER A 87 -7.81 7.96 -7.91
C SER A 87 -6.55 7.33 -7.33
N VAL A 88 -6.66 6.06 -6.96
CA VAL A 88 -5.57 5.26 -6.43
C VAL A 88 -5.72 3.85 -7.03
N GLY A 89 -5.41 3.76 -8.32
CA GLY A 89 -5.65 2.57 -9.13
C GLY A 89 -5.46 2.87 -10.62
N PHE A 90 -5.13 1.83 -11.40
CA PHE A 90 -4.97 1.94 -12.84
C PHE A 90 -6.30 2.30 -13.51
N LYS A 91 -6.24 3.03 -14.63
CA LYS A 91 -7.38 3.28 -15.52
C LYS A 91 -6.84 3.23 -16.95
N PRO A 92 -7.56 2.65 -17.93
CA PRO A 92 -7.15 2.66 -19.34
C PRO A 92 -7.24 4.07 -19.91
N LYS A 93 -6.68 4.26 -21.11
CA LYS A 93 -6.51 5.58 -21.73
C LYS A 93 -7.82 6.36 -21.78
N GLU A 94 -8.91 5.71 -22.20
CA GLU A 94 -10.18 6.39 -22.34
C GLU A 94 -10.75 6.79 -20.99
N ALA A 95 -10.67 5.91 -19.99
CA ALA A 95 -11.19 6.21 -18.67
C ALA A 95 -10.37 7.34 -18.03
N LEU A 96 -9.06 7.36 -18.29
CA LEU A 96 -8.18 8.39 -17.76
C LEU A 96 -8.48 9.73 -18.40
N GLN A 97 -8.62 9.76 -19.73
CA GLN A 97 -8.95 10.98 -20.43
C GLN A 97 -10.32 11.47 -19.99
N GLU A 98 -11.28 10.57 -19.76
CA GLU A 98 -12.60 10.95 -19.27
C GLU A 98 -12.52 11.59 -17.89
N LEU A 99 -11.74 10.99 -16.99
CA LEU A 99 -11.60 11.39 -15.60
C LEU A 99 -11.10 12.83 -15.48
N VAL A 100 -10.21 13.26 -16.37
CA VAL A 100 -9.77 14.65 -16.40
C VAL A 100 -10.70 15.51 -17.27
N ASN A 101 -11.14 15.01 -18.44
CA ASN A 101 -11.93 15.78 -19.40
C ASN A 101 -13.20 16.34 -18.78
N LYS A 102 -13.81 15.60 -17.85
CA LYS A 102 -15.04 16.00 -17.18
C LYS A 102 -14.87 17.21 -16.24
N HIS A 103 -13.63 17.68 -15.99
CA HIS A 103 -13.33 18.87 -15.19
C HIS A 103 -12.44 19.88 -15.93
N LEU A 104 -11.70 19.41 -16.94
CA LEU A 104 -10.95 20.20 -17.91
C LEU A 104 -11.90 21.12 -18.66
N MET B 1 9.87 4.45 26.44
CA MET B 1 8.89 5.22 25.64
C MET B 1 7.70 4.32 25.34
N GLU B 2 6.48 4.74 25.70
CA GLU B 2 5.26 3.97 25.49
C GLU B 2 5.01 3.75 23.99
N ASN B 3 4.57 2.53 23.66
CA ASN B 3 4.27 2.01 22.33
C ASN B 3 5.04 2.51 21.13
N LYS B 4 5.95 1.65 20.74
CA LYS B 4 6.69 1.72 19.50
C LYS B 4 5.72 1.20 18.44
N ILE B 5 5.37 1.99 17.45
CA ILE B 5 4.29 1.62 16.55
C ILE B 5 4.89 0.83 15.39
N ILE B 6 4.20 -0.21 14.97
CA ILE B 6 4.65 -1.14 13.94
C ILE B 6 3.41 -1.61 13.18
N TYR B 7 3.55 -1.85 11.87
CA TYR B 7 2.44 -2.05 10.96
C TYR B 7 2.67 -3.30 10.11
N PHE B 8 1.60 -3.98 9.68
CA PHE B 8 1.63 -5.04 8.69
C PHE B 8 0.87 -4.55 7.46
N LEU B 9 1.32 -4.92 6.26
CA LEU B 9 0.82 -4.33 5.03
C LEU B 9 0.81 -5.39 3.93
N SER B 10 -0.39 -5.86 3.54
CA SER B 10 -0.57 -6.90 2.54
C SER B 10 -2.05 -6.94 2.09
N THR B 11 -2.31 -7.41 0.87
CA THR B 11 -3.59 -7.35 0.15
C THR B 11 -4.80 -7.60 1.04
N GLY B 12 -5.66 -6.58 1.17
CA GLY B 12 -6.95 -6.69 1.84
C GLY B 12 -6.84 -6.98 3.35
N ASN B 13 -5.61 -6.94 3.90
CA ASN B 13 -5.29 -7.40 5.25
C ASN B 13 -5.75 -8.85 5.49
N SER B 14 -5.98 -9.61 4.42
CA SER B 14 -6.54 -10.94 4.50
C SER B 14 -5.55 -11.88 5.17
N ALA B 15 -6.07 -12.67 6.11
CA ALA B 15 -5.37 -13.79 6.74
C ALA B 15 -4.04 -13.47 7.42
N ARG B 16 -2.92 -13.46 6.69
CA ARG B 16 -1.57 -13.38 7.27
C ARG B 16 -1.41 -12.18 8.20
N SER B 17 -1.98 -11.05 7.80
CA SER B 17 -1.88 -9.80 8.54
C SER B 17 -2.57 -9.91 9.92
N GLN B 18 -3.64 -10.69 9.99
CA GLN B 18 -4.39 -11.00 11.20
C GLN B 18 -3.53 -11.88 12.10
N MET B 19 -3.00 -12.99 11.53
CA MET B 19 -2.27 -13.93 12.36
C MET B 19 -0.99 -13.27 12.88
N ALA B 20 -0.33 -12.44 12.07
CA ALA B 20 0.93 -11.82 12.44
C ALA B 20 0.72 -10.82 13.57
N GLU B 21 -0.40 -10.10 13.57
CA GLU B 21 -0.69 -9.19 14.66
C GLU B 21 -0.99 -9.94 15.97
N GLY B 22 -1.52 -11.17 15.92
CA GLY B 22 -1.70 -12.00 17.10
C GLY B 22 -0.37 -12.61 17.56
N TRP B 23 0.40 -13.18 16.63
CA TRP B 23 1.74 -13.70 16.86
C TRP B 23 2.64 -12.64 17.49
N ALA B 24 2.58 -11.41 17.01
CA ALA B 24 3.37 -10.33 17.56
C ALA B 24 2.96 -10.07 19.00
N LYS B 25 1.66 -9.92 19.26
CA LYS B 25 1.20 -9.49 20.57
C LYS B 25 1.57 -10.48 21.66
N GLN B 26 1.70 -11.79 21.34
CA GLN B 26 2.11 -12.77 22.33
C GLN B 26 3.59 -12.65 22.74
N TYR B 27 4.43 -11.93 21.99
CA TYR B 27 5.88 -11.86 22.22
C TYR B 27 6.43 -10.44 22.33
N LEU B 28 5.70 -9.42 21.87
CA LEU B 28 6.07 -8.02 22.04
C LEU B 28 5.54 -7.61 23.42
N GLY B 29 4.72 -6.56 23.49
CA GLY B 29 4.11 -6.10 24.73
C GLY B 29 3.58 -4.69 24.58
N ASP B 30 3.21 -4.05 25.70
CA ASP B 30 2.82 -2.63 25.78
C ASP B 30 3.94 -1.69 25.30
N GLU B 31 5.18 -2.21 25.26
CA GLU B 31 6.33 -1.58 24.63
C GLU B 31 6.05 -1.24 23.15
N TRP B 32 5.06 -1.89 22.51
CA TRP B 32 4.71 -1.71 21.11
C TRP B 32 3.20 -1.57 20.93
N LYS B 33 2.80 -1.16 19.72
CA LYS B 33 1.41 -1.17 19.27
C LYS B 33 1.48 -1.69 17.84
N VAL B 34 0.71 -2.74 17.56
CA VAL B 34 0.80 -3.49 16.33
C VAL B 34 -0.55 -3.39 15.65
N TYR B 35 -0.58 -2.92 14.41
CA TYR B 35 -1.78 -2.81 13.60
C TYR B 35 -1.49 -3.34 12.19
N SER B 36 -2.52 -3.51 11.37
CA SER B 36 -2.42 -4.18 10.08
C SER B 36 -3.42 -3.54 9.12
N ALA B 37 -3.05 -3.34 7.85
CA ALA B 37 -3.87 -2.69 6.85
C ALA B 37 -3.60 -3.23 5.43
N GLY B 38 -4.35 -2.73 4.44
CA GLY B 38 -4.19 -3.07 3.03
C GLY B 38 -5.17 -2.31 2.13
N ILE B 39 -5.18 -2.61 0.82
CA ILE B 39 -5.89 -1.88 -0.25
C ILE B 39 -7.30 -1.41 0.12
N GLU B 40 -8.20 -2.35 0.38
CA GLU B 40 -9.63 -2.16 0.71
C GLU B 40 -9.90 -3.02 1.96
N ALA B 41 -8.87 -3.14 2.79
CA ALA B 41 -8.75 -4.05 3.90
C ALA B 41 -9.87 -4.01 4.94
N HIS B 42 -10.24 -5.22 5.34
CA HIS B 42 -11.12 -5.59 6.45
C HIS B 42 -11.18 -7.15 6.52
N GLY B 43 -10.18 -7.84 5.98
CA GLY B 43 -10.18 -9.28 5.73
C GLY B 43 -9.88 -10.18 6.92
N LEU B 44 -10.64 -10.12 8.02
CA LEU B 44 -10.49 -11.17 9.04
C LEU B 44 -11.01 -12.48 8.43
N ASN B 45 -10.10 -13.45 8.25
CA ASN B 45 -10.37 -14.70 7.57
C ASN B 45 -10.35 -15.82 8.62
N PRO B 46 -11.37 -16.70 8.68
CA PRO B 46 -11.38 -17.81 9.63
C PRO B 46 -10.17 -18.74 9.48
N ASN B 47 -9.49 -18.76 8.33
CA ASN B 47 -8.24 -19.50 8.18
C ASN B 47 -7.16 -18.95 9.12
N ALA B 48 -7.11 -17.64 9.36
CA ALA B 48 -6.12 -17.05 10.24
C ALA B 48 -6.51 -17.27 11.68
N VAL B 49 -7.82 -17.29 11.95
CA VAL B 49 -8.32 -17.72 13.26
C VAL B 49 -7.82 -19.16 13.51
N LYS B 50 -8.00 -20.09 12.56
CA LYS B 50 -7.50 -21.46 12.66
C LYS B 50 -5.99 -21.47 12.82
N ALA B 51 -5.27 -20.69 12.02
CA ALA B 51 -3.81 -20.60 12.04
C ALA B 51 -3.30 -20.21 13.44
N MET B 52 -4.03 -19.35 14.15
CA MET B 52 -3.71 -18.94 15.51
C MET B 52 -4.08 -20.04 16.49
N LYS B 53 -5.23 -20.69 16.30
CA LYS B 53 -5.65 -21.78 17.17
C LYS B 53 -4.68 -22.96 17.11
N GLU B 54 -3.94 -23.17 16.00
CA GLU B 54 -2.90 -24.18 15.93
C GLU B 54 -1.84 -24.00 17.03
N VAL B 55 -1.61 -22.75 17.46
CA VAL B 55 -0.65 -22.37 18.49
C VAL B 55 -1.36 -21.80 19.73
N GLY B 56 -2.68 -22.04 19.84
CA GLY B 56 -3.47 -21.67 21.01
C GLY B 56 -3.64 -20.17 21.18
N ILE B 57 -3.62 -19.37 20.11
CA ILE B 57 -3.99 -17.96 20.19
C ILE B 57 -5.39 -17.87 19.58
N ASP B 58 -6.19 -16.89 20.01
CA ASP B 58 -7.50 -16.59 19.47
C ASP B 58 -7.49 -15.13 19.03
N ILE B 59 -8.12 -14.86 17.88
CA ILE B 59 -8.23 -13.54 17.28
C ILE B 59 -9.65 -13.29 16.77
N SER B 60 -10.63 -14.06 17.23
CA SER B 60 -12.01 -13.88 16.79
C SER B 60 -12.53 -12.46 17.13
N ASN B 61 -11.85 -11.75 18.03
CA ASN B 61 -12.10 -10.37 18.41
C ASN B 61 -11.57 -9.34 17.41
N GLN B 62 -10.66 -9.71 16.51
CA GLN B 62 -9.99 -8.77 15.61
C GLN B 62 -10.96 -8.13 14.60
N THR B 63 -10.45 -7.10 13.96
CA THR B 63 -11.03 -6.41 12.82
C THR B 63 -9.86 -5.78 12.03
N SER B 64 -10.14 -5.18 10.88
CA SER B 64 -9.12 -4.55 10.04
C SER B 64 -9.75 -3.37 9.25
N ASP B 65 -8.90 -2.63 8.53
CA ASP B 65 -9.22 -1.36 7.90
C ASP B 65 -8.18 -1.06 6.82
N ILE B 66 -8.46 -0.12 5.91
CA ILE B 66 -7.57 0.29 4.84
C ILE B 66 -6.26 0.89 5.34
N ILE B 67 -5.26 1.01 4.44
CA ILE B 67 -4.04 1.74 4.72
C ILE B 67 -4.43 3.12 5.25
N ASP B 68 -3.86 3.49 6.40
CA ASP B 68 -4.20 4.74 7.07
C ASP B 68 -2.91 5.42 7.50
N SER B 69 -2.53 6.39 6.69
CA SER B 69 -1.38 7.25 6.84
C SER B 69 -1.24 7.83 8.24
N ASP B 70 -2.33 8.04 8.99
CA ASP B 70 -2.28 8.62 10.33
C ASP B 70 -1.49 7.74 11.29
N ILE B 71 -1.43 6.44 11.01
CA ILE B 71 -0.73 5.48 11.84
C ILE B 71 0.50 4.99 11.07
N LEU B 72 0.39 4.72 9.76
CA LEU B 72 1.53 4.20 9.02
C LEU B 72 2.68 5.21 9.06
N ASN B 73 2.44 6.50 8.74
CA ASN B 73 3.51 7.50 8.74
C ASN B 73 4.13 7.66 10.14
N ASN B 74 3.35 7.38 11.20
CA ASN B 74 3.77 7.47 12.59
C ASN B 74 4.47 6.20 13.08
N ALA B 75 4.27 5.06 12.40
CA ALA B 75 4.96 3.83 12.71
C ALA B 75 6.46 4.00 12.60
N ASP B 76 7.17 3.13 13.30
CA ASP B 76 8.62 2.96 13.17
C ASP B 76 8.96 1.99 12.05
N LEU B 77 8.12 0.97 11.81
CA LEU B 77 8.43 -0.15 10.92
C LEU B 77 7.16 -0.64 10.22
N VAL B 78 7.27 -0.88 8.90
CA VAL B 78 6.26 -1.50 8.05
C VAL B 78 6.78 -2.87 7.64
N VAL B 79 6.06 -3.89 8.08
CA VAL B 79 6.25 -5.25 7.66
C VAL B 79 5.40 -5.50 6.43
N THR B 80 6.01 -5.56 5.25
CA THR B 80 5.25 -6.05 4.11
C THR B 80 5.10 -7.56 4.38
N LEU B 81 3.90 -8.12 4.20
CA LEU B 81 3.59 -9.47 4.67
C LEU B 81 2.90 -10.37 3.64
N SER B 82 3.30 -10.28 2.38
CA SER B 82 2.87 -11.22 1.34
C SER B 82 3.72 -11.01 0.08
N GLY B 83 3.98 -9.74 -0.23
CA GLY B 83 4.62 -9.30 -1.46
C GLY B 83 3.59 -9.24 -2.58
N ASP B 84 2.29 -9.37 -2.27
CA ASP B 84 1.24 -9.54 -3.25
C ASP B 84 0.93 -8.21 -3.94
N ALA B 85 0.75 -8.24 -5.27
CA ALA B 85 0.66 -7.04 -6.09
C ALA B 85 -0.68 -6.29 -5.93
N ALA B 86 -1.73 -6.92 -5.40
CA ALA B 86 -3.06 -6.30 -5.37
C ALA B 86 -3.16 -5.22 -4.28
N ASP B 87 -2.21 -5.12 -3.34
CA ASP B 87 -2.34 -4.28 -2.14
C ASP B 87 -2.20 -2.75 -2.39
N LYS B 88 -2.05 -2.31 -3.64
CA LYS B 88 -1.68 -0.95 -4.10
C LYS B 88 -0.15 -0.81 -4.17
N CYS B 89 0.60 -1.89 -3.94
CA CYS B 89 2.07 -1.94 -3.75
C CYS B 89 2.58 -0.67 -3.05
N PRO B 90 2.01 -0.33 -1.87
CA PRO B 90 2.21 0.95 -1.21
C PRO B 90 3.66 1.38 -1.11
N MET B 91 3.93 2.68 -1.30
CA MET B 91 5.30 3.20 -1.38
C MET B 91 5.89 3.66 -0.05
N THR B 92 5.18 3.48 1.09
CA THR B 92 5.69 3.66 2.46
C THR B 92 6.52 4.94 2.63
N PRO B 93 5.89 6.10 2.91
CA PRO B 93 6.58 7.39 2.93
C PRO B 93 7.79 7.32 3.89
N PRO B 94 8.93 7.96 3.56
CA PRO B 94 10.24 7.81 4.23
C PRO B 94 10.32 8.18 5.72
N HIS B 95 9.21 8.52 6.36
CA HIS B 95 9.13 8.68 7.80
C HIS B 95 9.26 7.33 8.55
N VAL B 96 9.31 6.19 7.82
CA VAL B 96 9.19 4.85 8.38
C VAL B 96 10.28 3.93 7.79
N LYS B 97 10.75 2.95 8.57
CA LYS B 97 11.61 1.87 8.08
C LYS B 97 10.71 0.78 7.51
N ARG B 98 11.21 -0.08 6.61
CA ARG B 98 10.39 -1.15 6.03
C ARG B 98 11.26 -2.39 5.82
N GLU B 99 10.65 -3.56 5.93
CA GLU B 99 11.24 -4.84 5.55
C GLU B 99 10.09 -5.77 5.18
N HIS B 100 10.33 -6.73 4.28
CA HIS B 100 9.34 -7.74 3.91
C HIS B 100 9.61 -9.00 4.73
N TRP B 101 8.59 -9.49 5.42
CA TRP B 101 8.65 -10.72 6.23
C TRP B 101 7.67 -11.78 5.72
N GLY B 102 6.87 -11.46 4.69
CA GLY B 102 5.97 -12.40 4.04
C GLY B 102 6.16 -12.30 2.54
N PHE B 103 6.09 -13.45 1.89
CA PHE B 103 6.43 -13.70 0.48
C PHE B 103 5.48 -14.76 -0.12
N ASP B 104 4.40 -15.08 0.60
CA ASP B 104 3.42 -16.11 0.34
C ASP B 104 2.12 -15.66 1.02
N ASP B 105 0.97 -16.24 0.68
CA ASP B 105 -0.33 -15.77 1.14
C ASP B 105 -1.30 -16.95 1.31
N PRO B 106 -1.68 -17.33 2.54
CA PRO B 106 -2.45 -18.52 2.84
C PRO B 106 -3.92 -18.38 2.42
N ALA B 107 -4.45 -17.17 2.25
CA ALA B 107 -5.75 -16.89 1.65
C ALA B 107 -5.81 -17.30 0.17
N ARG B 108 -4.74 -17.88 -0.36
CA ARG B 108 -4.61 -18.29 -1.77
C ARG B 108 -4.28 -19.78 -1.89
N ALA B 109 -4.44 -20.53 -0.79
CA ALA B 109 -4.22 -21.97 -0.75
C ALA B 109 -4.90 -22.66 -1.92
N GLN B 110 -4.29 -23.76 -2.38
CA GLN B 110 -4.70 -24.48 -3.58
C GLN B 110 -6.17 -24.87 -3.46
N GLY B 111 -6.56 -25.45 -2.33
CA GLY B 111 -7.96 -25.67 -2.03
C GLY B 111 -8.31 -27.06 -1.51
N THR B 112 -7.39 -28.01 -1.68
CA THR B 112 -7.57 -29.35 -1.14
C THR B 112 -7.48 -29.27 0.37
N GLU B 113 -8.03 -30.25 1.07
CA GLU B 113 -8.10 -30.20 2.52
C GLU B 113 -6.71 -30.10 3.14
N GLU B 114 -5.76 -30.81 2.53
CA GLU B 114 -4.37 -30.80 2.90
C GLU B 114 -3.72 -29.50 2.48
N GLU B 115 -3.97 -28.96 1.27
CA GLU B 115 -3.21 -27.80 0.84
C GLU B 115 -3.70 -26.55 1.57
N LYS B 116 -4.97 -26.50 1.97
CA LYS B 116 -5.47 -25.44 2.83
C LYS B 116 -4.71 -25.45 4.15
N TRP B 117 -4.76 -26.56 4.89
CA TRP B 117 -4.07 -26.60 6.18
C TRP B 117 -2.58 -26.38 5.97
N ALA B 118 -1.99 -26.95 4.91
CA ALA B 118 -0.57 -26.84 4.62
C ALA B 118 -0.14 -25.38 4.39
N PHE B 119 -0.92 -24.61 3.63
CA PHE B 119 -0.62 -23.20 3.41
C PHE B 119 -0.71 -22.45 4.74
N PHE B 120 -1.77 -22.68 5.52
CA PHE B 120 -1.95 -21.94 6.78
C PHE B 120 -0.79 -22.27 7.73
N GLN B 121 -0.45 -23.56 7.84
CA GLN B 121 0.58 -24.05 8.75
C GLN B 121 1.95 -23.50 8.37
N ARG B 122 2.30 -23.56 7.08
CA ARG B 122 3.57 -23.06 6.61
C ARG B 122 3.71 -21.58 6.95
N VAL B 123 2.68 -20.79 6.63
CA VAL B 123 2.73 -19.36 6.82
C VAL B 123 2.76 -19.02 8.32
N ARG B 124 1.97 -19.68 9.18
CA ARG B 124 1.99 -19.33 10.60
C ARG B 124 3.32 -19.68 11.25
N ASP B 125 3.94 -20.79 10.85
CA ASP B 125 5.26 -21.16 11.34
C ASP B 125 6.29 -20.09 10.97
N GLU B 126 6.27 -19.62 9.72
CA GLU B 126 7.21 -18.61 9.24
C GLU B 126 6.98 -17.26 9.95
N ILE B 127 5.72 -16.80 9.97
CA ILE B 127 5.34 -15.53 10.58
C ILE B 127 5.72 -15.52 12.06
N GLY B 128 5.36 -16.57 12.81
CA GLY B 128 5.58 -16.59 14.24
C GLY B 128 7.06 -16.59 14.59
N ASN B 129 7.89 -17.37 13.86
CA ASN B 129 9.32 -17.37 14.10
C ASN B 129 9.92 -15.99 13.87
N ARG B 130 9.54 -15.34 12.76
CA ARG B 130 10.04 -14.00 12.44
C ARG B 130 9.57 -12.98 13.48
N LEU B 131 8.32 -13.07 13.95
CA LEU B 131 7.82 -12.13 14.96
C LEU B 131 8.47 -12.37 16.31
N LYS B 132 8.79 -13.62 16.66
CA LYS B 132 9.51 -13.92 17.87
C LYS B 132 10.92 -13.34 17.78
N GLU B 133 11.60 -13.46 16.62
CA GLU B 133 12.86 -12.73 16.43
C GLU B 133 12.65 -11.24 16.51
N PHE B 134 11.57 -10.66 16.00
CA PHE B 134 11.39 -9.21 16.11
C PHE B 134 11.39 -8.76 17.57
N ALA B 135 10.78 -9.55 18.45
CA ALA B 135 10.83 -9.31 19.89
C ALA B 135 12.26 -9.29 20.45
N GLU B 136 13.16 -10.12 19.90
CA GLU B 136 14.54 -10.25 20.36
C GLU B 136 15.44 -9.19 19.73
N THR B 137 15.30 -9.03 18.42
CA THR B 137 16.17 -8.26 17.55
C THR B 137 15.80 -6.77 17.55
N GLY B 138 14.51 -6.46 17.81
CA GLY B 138 13.95 -5.13 17.63
C GLY B 138 14.14 -4.66 16.19
N LYS B 139 14.25 -5.61 15.26
CA LYS B 139 14.65 -5.44 13.87
C LYS B 139 15.67 -4.31 13.68
#